data_7VCT
#
_entry.id   7VCT
#
_cell.length_a   1.00
_cell.length_b   1.00
_cell.length_c   1.00
_cell.angle_alpha   90.00
_cell.angle_beta   90.00
_cell.angle_gamma   90.00
#
_symmetry.space_group_name_H-M   'P 1'
#
loop_
_entity.id
_entity.type
_entity.pdbx_description
1 polymer 'Transitional endoplasmic reticulum ATPase'
2 non-polymer 'PHOSPHOTHIOPHOSPHORIC ACID-ADENYLATE ESTER'
3 non-polymer 'MAGNESIUM ION'
4 non-polymer "ADENOSINE-5'-DIPHOSPHATE"
#
_entity_poly.entity_id   1
_entity_poly.type   'polypeptide(L)'
_entity_poly.pdbx_seq_one_letter_code
;MASGADSKGDDLSTAILKQKNRPNRLIVDEAINEDNSVVSLSQPKMDELQLFRGDTVLLKGKKRREAVCIVLSDDTCSDE
KIRMNRVVRNNLRVRLGDVISIQPCPDVKYGKRIHVLPIDDTVEGITGNLFEVYLKPYFLEAYRPIRKGDIFLVRGGMRA
VEFKVVETDPSPYCIVAPDTVIHCEGEPIKREDEEESLNEVGYDDIGGCRKQLAQIKEMVELPLRHPALFKAIGVKPPRG
ILLYGPPGTGKTLIARAVANETGAFFFLINGPEIMSKLAGESESNLRKAFEEAEKNAPAIIFIDELDAIAPKREKTHGEV
ERRIVSQLLTLMDGLKQRAHVIVMAATNRPNSIDPALRRFGRFDREVDIGIPDATGRLEILQIHTKNMKLADDVDLEQVA
NETHGHVGADLAALCSEAALQAIRKKMDLIDLEDETIDAEVMNSLAVTMDDFRWALSQSNPSALRETVVEVPQVTWEDIG
GLEDVKRELQELVQYPVEHPDKFLKFGMTPSKGVLFYGPPGCGKTLLAKAIANECQANFISIKGPELLTMWFGESEANVR
EIFDKARQAAPCVLFFDELDSIAKARGGNIGDGGGAADRVINQILTEMDGMSTKKNVFIIGATNRPDIIDPAILRPGRLD
QLIYIPLPDEKSRVAILKANLRKSPVAKDVDLEFLAKMTNGFSGADLTEICQRACKLAIRESIESEIRRERERQTNPSAM
EVEEDDPVPEIRRDHFEEAMRFARRSVSDNDIRKYEMFAQTLQQSRGFGSFRFPSGNQGGAGPSQGSGGGTGGSVYTEDN
DDDLYGHHHHHH
;
_entity_poly.pdbx_strand_id   A,B,C,D,E,F
#
loop_
_chem_comp.id
_chem_comp.type
_chem_comp.name
_chem_comp.formula
ADP non-polymer ADENOSINE-5'-DIPHOSPHATE 'C10 H15 N5 O10 P2'
AGS non-polymer 'PHOSPHOTHIOPHOSPHORIC ACID-ADENYLATE ESTER' 'C10 H16 N5 O12 P3 S'
MG non-polymer 'MAGNESIUM ION' 'Mg 2'
#
# COMPACT_ATOMS: atom_id res chain seq x y z
N ASN A 21 -68.74 17.72 18.17
CA ASN A 21 -70.17 17.88 18.43
C ASN A 21 -70.57 17.29 19.78
N ARG A 22 -70.27 16.01 19.97
CA ARG A 22 -70.68 15.32 21.19
C ARG A 22 -69.47 14.96 22.04
N PRO A 23 -69.57 15.12 23.37
CA PRO A 23 -68.40 14.90 24.24
C PRO A 23 -68.05 13.45 24.48
N ASN A 24 -68.85 12.49 24.01
CA ASN A 24 -68.51 11.08 24.16
C ASN A 24 -67.66 10.55 23.02
N ARG A 25 -67.44 11.32 21.97
CA ARG A 25 -66.59 10.89 20.87
C ARG A 25 -65.13 10.95 21.28
N LEU A 26 -64.41 9.84 21.08
CA LEU A 26 -63.06 9.69 21.60
C LEU A 26 -62.16 9.06 20.53
N ILE A 27 -60.85 9.19 20.75
CA ILE A 27 -59.81 8.64 19.87
C ILE A 27 -58.99 7.66 20.70
N VAL A 28 -58.50 6.59 20.07
CA VAL A 28 -57.86 5.51 20.80
C VAL A 28 -56.41 5.87 21.13
N ASP A 29 -56.03 5.69 22.39
CA ASP A 29 -54.65 5.85 22.84
C ASP A 29 -54.12 4.47 23.24
N GLU A 30 -52.86 4.42 23.69
CA GLU A 30 -52.19 3.17 24.02
C GLU A 30 -52.71 2.61 25.34
N ALA A 31 -52.27 1.40 25.67
CA ALA A 31 -52.70 0.71 26.88
C ALA A 31 -51.61 0.79 27.93
N ILE A 32 -51.99 1.05 29.18
CA ILE A 32 -51.09 1.04 30.31
C ILE A 32 -51.48 -0.03 31.32
N ASN A 33 -52.75 -0.07 31.70
CA ASN A 33 -53.25 -1.14 32.57
C ASN A 33 -53.35 -2.43 31.76
N GLU A 34 -52.62 -3.45 32.18
CA GLU A 34 -52.41 -4.66 31.39
C GLU A 34 -53.52 -5.69 31.57
N ASP A 35 -54.70 -5.28 32.03
CA ASP A 35 -55.85 -6.16 32.07
C ASP A 35 -56.61 -6.05 30.75
N ASN A 36 -57.26 -7.15 30.36
CA ASN A 36 -57.85 -7.22 29.03
C ASN A 36 -59.15 -6.44 28.97
N SER A 37 -60.02 -6.61 29.96
CA SER A 37 -61.36 -6.04 29.95
C SER A 37 -61.44 -4.69 30.66
N VAL A 38 -60.37 -3.90 30.62
CA VAL A 38 -60.31 -2.61 31.31
C VAL A 38 -59.98 -1.53 30.31
N VAL A 39 -60.87 -0.54 30.21
CA VAL A 39 -60.59 0.69 29.49
C VAL A 39 -60.29 1.78 30.52
N SER A 40 -59.80 2.92 30.04
CA SER A 40 -59.42 4.00 30.94
C SER A 40 -59.86 5.34 30.37
N LEU A 41 -60.19 6.26 31.28
CA LEU A 41 -60.55 7.62 30.93
C LEU A 41 -59.87 8.57 31.92
N SER A 42 -59.92 9.86 31.59
CA SER A 42 -59.34 10.88 32.45
C SER A 42 -60.35 11.32 33.51
N GLN A 43 -59.86 12.14 34.45
CA GLN A 43 -60.71 12.58 35.56
C GLN A 43 -61.80 13.57 35.15
N PRO A 44 -61.54 14.69 34.43
CA PRO A 44 -62.67 15.58 34.11
C PRO A 44 -63.64 15.02 33.08
N LYS A 45 -63.21 14.10 32.23
CA LYS A 45 -64.16 13.47 31.32
C LYS A 45 -65.11 12.54 32.05
N MET A 46 -64.61 11.78 33.03
CA MET A 46 -65.49 10.95 33.86
C MET A 46 -66.35 11.80 34.77
N ASP A 47 -65.87 12.97 35.20
CA ASP A 47 -66.71 13.85 35.99
C ASP A 47 -67.73 14.58 35.12
N GLU A 48 -67.46 14.69 33.82
CA GLU A 48 -68.41 15.27 32.89
C GLU A 48 -69.49 14.26 32.49
N LEU A 49 -69.13 12.98 32.46
CA LEU A 49 -70.07 11.93 32.11
C LEU A 49 -70.71 11.29 33.35
N GLN A 50 -70.19 11.60 34.54
CA GLN A 50 -70.68 11.11 35.85
C GLN A 50 -70.63 9.59 35.93
N LEU A 51 -69.41 9.07 35.91
CA LEU A 51 -69.17 7.64 36.03
C LEU A 51 -68.53 7.31 37.38
N PHE A 52 -68.14 6.05 37.55
CA PHE A 52 -67.56 5.55 38.78
C PHE A 52 -66.51 4.51 38.43
N ARG A 53 -65.65 4.19 39.39
CA ARG A 53 -64.55 3.24 39.23
C ARG A 53 -64.99 1.77 39.29
N GLY A 54 -66.28 1.48 39.14
CA GLY A 54 -66.73 0.10 39.03
C GLY A 54 -67.86 -0.09 38.04
N ASP A 55 -67.99 0.86 37.11
CA ASP A 55 -69.13 0.87 36.20
C ASP A 55 -68.90 -0.09 35.04
N THR A 56 -69.79 -0.02 34.05
CA THR A 56 -69.75 -0.90 32.88
C THR A 56 -70.29 -0.10 31.69
N VAL A 57 -69.41 0.22 30.75
CA VAL A 57 -69.77 1.03 29.61
C VAL A 57 -69.74 0.18 28.34
N LEU A 58 -70.16 0.76 27.23
CA LEU A 58 -70.19 0.09 25.94
C LEU A 58 -69.55 1.00 24.90
N LEU A 59 -68.74 0.41 24.02
CA LEU A 59 -68.00 1.14 23.01
C LEU A 59 -68.48 0.71 21.65
N LYS A 60 -68.84 1.68 20.80
CA LYS A 60 -69.24 1.39 19.44
C LYS A 60 -68.07 1.62 18.50
N GLY A 61 -67.87 0.69 17.57
CA GLY A 61 -66.78 0.79 16.64
C GLY A 61 -67.21 0.67 15.20
N LYS A 62 -66.30 0.26 14.32
CA LYS A 62 -66.59 0.13 12.90
C LYS A 62 -67.15 -1.26 12.61
N LYS A 63 -67.73 -1.39 11.39
CA LYS A 63 -68.35 -2.61 10.86
C LYS A 63 -69.49 -3.11 11.77
N ARG A 64 -70.20 -2.16 12.40
CA ARG A 64 -71.42 -2.41 13.19
C ARG A 64 -71.17 -3.36 14.36
N ARG A 65 -70.00 -3.24 14.98
CA ARG A 65 -69.61 -4.11 16.08
C ARG A 65 -69.24 -3.28 17.30
N GLU A 66 -69.54 -3.83 18.47
CA GLU A 66 -69.39 -3.11 19.73
C GLU A 66 -68.57 -3.95 20.70
N ALA A 67 -68.25 -3.36 21.85
CA ALA A 67 -67.50 -4.08 22.88
C ALA A 67 -67.86 -3.54 24.26
N VAL A 68 -68.04 -4.46 25.21
CA VAL A 68 -68.37 -4.11 26.58
C VAL A 68 -67.12 -4.31 27.45
N CYS A 69 -66.89 -3.37 28.36
CA CYS A 69 -65.68 -3.38 29.18
C CYS A 69 -66.04 -2.88 30.57
N ILE A 70 -65.02 -2.55 31.36
CA ILE A 70 -65.15 -1.93 32.67
C ILE A 70 -64.33 -0.65 32.65
N VAL A 71 -64.98 0.48 32.90
CA VAL A 71 -64.28 1.76 32.87
C VAL A 71 -63.59 2.01 34.21
N LEU A 72 -62.36 2.49 34.15
CA LEU A 72 -61.65 2.93 35.35
C LEU A 72 -61.14 4.34 35.15
N SER A 73 -60.33 4.83 36.08
CA SER A 73 -59.81 6.19 36.03
C SER A 73 -58.30 6.16 35.80
N ASP A 74 -57.79 7.27 35.27
CA ASP A 74 -56.36 7.43 35.03
C ASP A 74 -56.04 8.92 35.01
N ASP A 75 -54.96 9.28 35.69
CA ASP A 75 -54.50 10.66 35.74
C ASP A 75 -53.56 11.04 34.61
N THR A 76 -52.86 10.07 34.03
CA THR A 76 -51.97 10.33 32.90
C THR A 76 -52.71 10.36 31.58
N CYS A 77 -54.03 10.13 31.57
CA CYS A 77 -54.79 10.16 30.34
C CYS A 77 -54.93 11.60 29.83
N SER A 78 -55.13 11.72 28.52
CA SER A 78 -55.28 13.01 27.89
C SER A 78 -56.74 13.46 27.95
N ASP A 79 -57.07 14.50 27.18
CA ASP A 79 -58.39 15.12 27.32
C ASP A 79 -59.47 14.36 26.56
N GLU A 80 -59.36 14.27 25.23
CA GLU A 80 -60.40 13.65 24.42
C GLU A 80 -59.99 12.28 23.86
N LYS A 81 -59.31 11.45 24.66
CA LYS A 81 -58.91 10.14 24.20
C LYS A 81 -59.28 9.07 25.23
N ILE A 82 -59.15 7.82 24.79
CA ILE A 82 -59.46 6.65 25.60
C ILE A 82 -58.32 5.65 25.48
N ARG A 83 -58.00 4.98 26.59
CA ARG A 83 -56.91 4.01 26.64
C ARG A 83 -57.50 2.60 26.73
N MET A 84 -57.08 1.72 25.81
CA MET A 84 -57.62 0.37 25.80
C MET A 84 -56.56 -0.60 25.28
N ASN A 85 -56.77 -1.87 25.62
CA ASN A 85 -55.86 -2.95 25.25
C ASN A 85 -56.00 -3.26 23.76
N ARG A 86 -55.02 -4.00 23.22
CA ARG A 86 -55.06 -4.43 21.83
C ARG A 86 -56.16 -5.45 21.56
N VAL A 87 -56.61 -6.17 22.59
CA VAL A 87 -57.69 -7.13 22.44
C VAL A 87 -59.01 -6.41 22.15
N VAL A 88 -59.36 -5.43 22.98
CA VAL A 88 -60.55 -4.61 22.77
C VAL A 88 -60.44 -3.82 21.48
N ARG A 89 -59.23 -3.38 21.16
CA ARG A 89 -58.99 -2.60 19.95
C ARG A 89 -59.23 -3.43 18.69
N ASN A 90 -58.80 -4.69 18.69
CA ASN A 90 -59.04 -5.55 17.54
C ASN A 90 -60.44 -6.12 17.51
N ASN A 91 -61.14 -6.18 18.65
CA ASN A 91 -62.52 -6.63 18.64
C ASN A 91 -63.50 -5.59 18.12
N LEU A 92 -63.05 -4.37 17.88
CA LEU A 92 -63.90 -3.29 17.40
C LEU A 92 -63.66 -2.93 15.94
N ARG A 93 -62.74 -3.63 15.26
CA ARG A 93 -62.23 -3.28 13.92
C ARG A 93 -61.73 -1.84 13.89
N VAL A 94 -60.89 -1.50 14.86
CA VAL A 94 -60.40 -0.15 15.09
C VAL A 94 -58.88 -0.20 15.20
N ARG A 95 -58.21 0.77 14.59
CA ARG A 95 -56.76 0.93 14.71
C ARG A 95 -56.46 2.20 15.49
N LEU A 96 -55.17 2.50 15.65
CA LEU A 96 -54.74 3.67 16.42
C LEU A 96 -55.05 4.94 15.63
N GLY A 97 -55.87 5.81 16.22
CA GLY A 97 -56.24 7.06 15.60
C GLY A 97 -57.66 7.12 15.07
N ASP A 98 -58.47 6.09 15.30
CA ASP A 98 -59.85 6.08 14.84
C ASP A 98 -60.76 6.79 15.83
N VAL A 99 -62.07 6.67 15.65
CA VAL A 99 -63.05 7.34 16.48
C VAL A 99 -64.01 6.30 17.06
N ILE A 100 -64.39 6.50 18.33
CA ILE A 100 -65.27 5.60 19.05
C ILE A 100 -66.26 6.41 19.88
N SER A 101 -67.54 6.07 19.81
CA SER A 101 -68.56 6.63 20.67
C SER A 101 -68.80 5.69 21.85
N ILE A 102 -68.84 6.25 23.05
CA ILE A 102 -69.03 5.51 24.28
C ILE A 102 -70.43 5.80 24.82
N GLN A 103 -71.10 4.78 25.37
CA GLN A 103 -72.38 4.98 26.01
C GLN A 103 -72.50 4.15 27.28
N PRO A 104 -73.23 4.64 28.28
CA PRO A 104 -73.42 3.85 29.50
C PRO A 104 -74.45 2.75 29.32
N CYS A 105 -74.23 1.65 30.03
CA CYS A 105 -75.14 0.51 30.03
C CYS A 105 -75.30 -0.03 31.44
N PRO A 106 -76.36 0.39 32.15
CA PRO A 106 -76.62 -0.15 33.49
C PRO A 106 -77.28 -1.53 33.49
N ASP A 107 -77.45 -2.17 32.33
CA ASP A 107 -78.10 -3.47 32.23
C ASP A 107 -77.15 -4.56 32.74
N VAL A 108 -77.10 -4.70 34.06
CA VAL A 108 -76.25 -5.68 34.73
C VAL A 108 -77.02 -6.99 34.75
N LYS A 109 -76.68 -7.89 33.84
CA LYS A 109 -77.32 -9.19 33.73
C LYS A 109 -76.30 -10.30 33.99
N TYR A 110 -76.63 -11.19 34.92
CA TYR A 110 -75.75 -12.31 35.22
C TYR A 110 -75.97 -13.42 34.19
N GLY A 111 -74.87 -14.05 33.78
CA GLY A 111 -74.96 -15.10 32.79
C GLY A 111 -75.51 -16.39 33.36
N LYS A 112 -75.88 -17.29 32.46
CA LYS A 112 -76.34 -18.62 32.86
C LYS A 112 -75.51 -19.74 32.25
N ARG A 113 -75.27 -19.72 30.95
CA ARG A 113 -74.50 -20.74 30.25
C ARG A 113 -73.55 -20.06 29.28
N ILE A 114 -72.27 -20.46 29.32
CA ILE A 114 -71.24 -19.87 28.48
C ILE A 114 -70.63 -20.98 27.63
N HIS A 115 -70.80 -20.88 26.31
CA HIS A 115 -70.27 -21.87 25.37
C HIS A 115 -69.17 -21.19 24.57
N VAL A 116 -67.92 -21.65 24.77
CA VAL A 116 -66.75 -21.10 24.09
C VAL A 116 -66.03 -22.22 23.36
N LEU A 117 -65.19 -21.84 22.39
CA LEU A 117 -64.44 -22.79 21.58
C LEU A 117 -63.00 -22.30 21.43
N PRO A 118 -62.01 -23.18 21.48
CA PRO A 118 -60.63 -22.77 21.20
C PRO A 118 -60.38 -22.64 19.70
N ILE A 119 -59.24 -22.05 19.37
CA ILE A 119 -58.83 -21.85 17.99
C ILE A 119 -57.64 -22.77 17.71
N ASP A 120 -57.64 -23.40 16.53
CA ASP A 120 -56.79 -24.56 16.27
C ASP A 120 -55.31 -24.21 16.16
N ASP A 121 -54.98 -23.01 15.68
CA ASP A 121 -53.57 -22.67 15.50
C ASP A 121 -52.88 -22.30 16.81
N THR A 122 -53.63 -22.13 17.90
CA THR A 122 -53.06 -21.84 19.20
C THR A 122 -53.20 -22.98 20.20
N VAL A 123 -53.77 -24.12 19.80
CA VAL A 123 -53.91 -25.27 20.67
C VAL A 123 -53.18 -26.48 20.09
N GLU A 124 -52.30 -26.28 19.11
CA GLU A 124 -51.71 -27.40 18.38
C GLU A 124 -50.56 -28.08 19.12
N GLY A 125 -50.36 -27.78 20.41
CA GLY A 125 -49.38 -28.50 21.20
C GLY A 125 -49.96 -29.04 22.48
N ILE A 126 -51.11 -28.52 22.88
CA ILE A 126 -51.75 -28.86 24.14
C ILE A 126 -52.99 -29.70 23.85
N THR A 127 -53.35 -30.57 24.79
CA THR A 127 -54.53 -31.42 24.66
C THR A 127 -55.04 -31.78 26.04
N GLY A 128 -56.24 -32.33 26.09
CA GLY A 128 -56.82 -32.82 27.34
C GLY A 128 -57.67 -31.74 28.02
N ASN A 129 -57.24 -31.32 29.21
CA ASN A 129 -57.99 -30.38 30.01
C ASN A 129 -57.54 -28.95 29.72
N LEU A 130 -58.52 -28.05 29.60
CA LEU A 130 -58.25 -26.62 29.48
C LEU A 130 -58.99 -25.78 30.51
N PHE A 131 -59.99 -26.34 31.21
CA PHE A 131 -60.82 -25.55 32.10
C PHE A 131 -60.08 -25.23 33.39
N GLU A 132 -59.33 -26.19 33.93
CA GLU A 132 -58.69 -26.00 35.24
C GLU A 132 -57.46 -25.12 35.15
N VAL A 133 -56.74 -25.16 34.03
CA VAL A 133 -55.48 -24.43 33.93
C VAL A 133 -55.72 -22.99 33.47
N TYR A 134 -56.36 -22.83 32.31
CA TYR A 134 -56.51 -21.53 31.69
C TYR A 134 -57.66 -20.72 32.27
N LEU A 135 -58.85 -21.31 32.31
CA LEU A 135 -60.06 -20.56 32.56
C LEU A 135 -60.42 -20.46 34.04
N LYS A 136 -59.99 -21.41 34.87
CA LYS A 136 -60.36 -21.45 36.29
C LYS A 136 -59.78 -20.28 37.11
N PRO A 137 -58.53 -19.83 36.96
CA PRO A 137 -58.16 -18.56 37.60
C PRO A 137 -58.48 -17.34 36.76
N TYR A 138 -59.04 -17.51 35.58
CA TYR A 138 -59.31 -16.39 34.68
C TYR A 138 -60.58 -15.64 35.07
N PHE A 139 -61.67 -16.38 35.28
CA PHE A 139 -62.93 -15.76 35.66
C PHE A 139 -63.09 -15.59 37.16
N LEU A 140 -62.23 -16.24 37.96
CA LEU A 140 -62.35 -16.16 39.41
C LEU A 140 -61.85 -14.81 39.89
N GLU A 141 -62.69 -14.13 40.68
CA GLU A 141 -62.45 -12.78 41.23
C GLU A 141 -62.19 -11.78 40.10
N ALA A 142 -62.95 -11.93 39.01
CA ALA A 142 -62.80 -11.06 37.84
C ALA A 142 -64.08 -10.31 37.51
N TYR A 143 -65.22 -11.00 37.42
CA TYR A 143 -66.52 -10.47 36.99
C TYR A 143 -66.40 -9.77 35.63
N ARG A 144 -65.93 -10.53 34.65
CA ARG A 144 -65.63 -9.98 33.33
C ARG A 144 -66.90 -9.86 32.50
N PRO A 145 -67.26 -8.67 32.03
CA PRO A 145 -68.40 -8.55 31.11
C PRO A 145 -68.07 -9.06 29.71
N ILE A 146 -68.62 -10.20 29.33
CA ILE A 146 -68.35 -10.78 28.03
C ILE A 146 -69.59 -10.58 27.15
N ARG A 147 -69.42 -10.87 25.86
CA ARG A 147 -70.46 -10.66 24.87
C ARG A 147 -70.21 -11.60 23.71
N LYS A 148 -71.29 -12.05 23.06
CA LYS A 148 -71.17 -12.83 21.85
C LYS A 148 -70.55 -12.00 20.73
N GLY A 149 -69.36 -12.39 20.30
CA GLY A 149 -68.64 -11.63 19.29
C GLY A 149 -67.29 -11.16 19.80
N ASP A 150 -66.88 -11.68 20.95
CA ASP A 150 -65.61 -11.31 21.57
C ASP A 150 -64.62 -12.48 21.48
N ILE A 151 -63.35 -12.12 21.27
CA ILE A 151 -62.23 -13.06 21.36
C ILE A 151 -61.31 -12.56 22.44
N PHE A 152 -61.02 -13.40 23.43
CA PHE A 152 -60.12 -13.02 24.51
C PHE A 152 -58.90 -13.93 24.53
N LEU A 153 -57.87 -13.43 25.21
CA LEU A 153 -56.53 -14.03 25.19
C LEU A 153 -56.15 -14.43 26.60
N VAL A 154 -55.75 -15.69 26.77
CA VAL A 154 -55.31 -16.21 28.06
C VAL A 154 -53.86 -16.66 27.92
N ARG A 155 -53.00 -16.13 28.78
CA ARG A 155 -51.59 -16.52 28.82
C ARG A 155 -51.33 -17.39 30.04
N GLY A 156 -50.32 -18.24 29.92
CA GLY A 156 -49.96 -19.14 31.01
C GLY A 156 -49.57 -20.51 30.50
N GLY A 157 -48.70 -21.20 31.22
CA GLY A 157 -48.21 -22.47 30.76
C GLY A 157 -47.27 -22.38 29.58
N MET A 158 -46.50 -21.28 29.50
CA MET A 158 -45.54 -20.99 28.42
C MET A 158 -46.23 -20.96 27.05
N ARG A 159 -47.47 -20.45 27.02
CA ARG A 159 -48.28 -20.48 25.82
C ARG A 159 -49.39 -19.45 25.93
N ALA A 160 -49.67 -18.76 24.84
CA ALA A 160 -50.80 -17.85 24.73
C ALA A 160 -51.87 -18.48 23.86
N VAL A 161 -53.12 -18.43 24.32
CA VAL A 161 -54.21 -19.12 23.66
C VAL A 161 -55.39 -18.16 23.52
N GLU A 162 -56.12 -18.29 22.41
CA GLU A 162 -57.23 -17.40 22.09
C GLU A 162 -58.53 -18.18 22.16
N PHE A 163 -59.50 -17.68 22.92
CA PHE A 163 -60.83 -18.27 22.98
C PHE A 163 -61.86 -17.29 22.42
N LYS A 164 -62.93 -17.84 21.87
CA LYS A 164 -64.03 -17.04 21.32
C LYS A 164 -65.32 -17.39 22.05
N VAL A 165 -66.02 -16.37 22.52
CA VAL A 165 -67.33 -16.56 23.15
C VAL A 165 -68.33 -16.87 22.04
N VAL A 166 -68.77 -18.12 21.96
CA VAL A 166 -69.64 -18.55 20.87
C VAL A 166 -71.12 -18.34 21.23
N GLU A 167 -71.53 -18.72 22.44
CA GLU A 167 -72.93 -18.65 22.79
C GLU A 167 -73.13 -18.27 24.25
N THR A 168 -74.01 -17.31 24.48
CA THR A 168 -74.48 -16.95 25.81
C THR A 168 -76.00 -16.91 25.82
N ASP A 169 -76.60 -17.18 26.98
CA ASP A 169 -78.05 -17.12 27.12
C ASP A 169 -78.52 -15.68 27.34
N PRO A 170 -77.88 -14.82 28.20
CA PRO A 170 -78.28 -13.40 28.16
C PRO A 170 -77.64 -12.66 27.00
N SER A 171 -78.25 -12.74 25.83
CA SER A 171 -77.71 -12.05 24.67
C SER A 171 -78.01 -10.55 24.75
N PRO A 172 -77.09 -9.68 24.31
CA PRO A 172 -75.76 -10.01 23.78
C PRO A 172 -74.67 -10.13 24.83
N TYR A 173 -74.72 -9.32 25.90
CA TYR A 173 -73.64 -9.26 26.86
C TYR A 173 -74.12 -9.63 28.26
N CYS A 174 -73.19 -10.11 29.07
CA CYS A 174 -73.49 -10.56 30.42
C CYS A 174 -72.21 -10.54 31.25
N ILE A 175 -72.39 -10.31 32.56
CA ILE A 175 -71.28 -10.37 33.49
C ILE A 175 -71.18 -11.78 34.05
N VAL A 176 -69.98 -12.34 34.02
CA VAL A 176 -69.77 -13.72 34.46
C VAL A 176 -69.86 -13.78 35.99
N ALA A 177 -70.78 -14.60 36.48
CA ALA A 177 -71.06 -14.83 37.88
C ALA A 177 -70.57 -16.21 38.30
N PRO A 178 -70.44 -16.47 39.60
CA PRO A 178 -70.26 -17.86 40.06
C PRO A 178 -71.47 -18.75 39.81
N ASP A 179 -72.64 -18.19 39.52
CA ASP A 179 -73.81 -18.95 39.13
C ASP A 179 -73.66 -19.58 37.75
N THR A 180 -72.74 -19.08 36.92
CA THR A 180 -72.62 -19.51 35.54
C THR A 180 -72.00 -20.90 35.45
N VAL A 181 -72.32 -21.59 34.35
CA VAL A 181 -71.67 -22.84 33.97
C VAL A 181 -71.06 -22.64 32.59
N ILE A 182 -69.85 -23.17 32.40
CA ILE A 182 -69.10 -22.98 31.18
C ILE A 182 -68.92 -24.34 30.52
N HIS A 183 -69.52 -24.51 29.34
CA HIS A 183 -69.44 -25.75 28.59
C HIS A 183 -68.30 -25.62 27.59
N CYS A 184 -67.10 -26.03 28.02
CA CYS A 184 -65.90 -25.92 27.20
C CYS A 184 -65.66 -27.16 26.33
N GLU A 185 -66.71 -27.94 26.06
CA GLU A 185 -66.57 -29.04 25.12
C GLU A 185 -66.68 -28.52 23.68
N GLY A 186 -66.39 -29.41 22.74
CA GLY A 186 -66.51 -29.09 21.33
C GLY A 186 -65.16 -29.14 20.62
N GLU A 187 -65.24 -29.02 19.30
CA GLU A 187 -64.08 -29.07 18.44
C GLU A 187 -63.52 -27.67 18.18
N PRO A 188 -62.21 -27.53 18.04
CA PRO A 188 -61.64 -26.22 17.71
C PRO A 188 -61.91 -25.85 16.27
N ILE A 189 -62.28 -24.60 16.04
CA ILE A 189 -62.60 -24.11 14.72
C ILE A 189 -61.49 -23.18 14.24
N LYS A 190 -61.56 -22.81 12.96
CA LYS A 190 -60.54 -21.97 12.34
C LYS A 190 -60.84 -20.50 12.62
N ARG A 191 -60.09 -19.62 11.95
CA ARG A 191 -60.24 -18.19 12.09
C ARG A 191 -61.09 -17.64 10.97
N GLU A 192 -61.89 -16.61 11.29
CA GLU A 192 -62.55 -15.83 10.27
C GLU A 192 -61.50 -15.11 9.42
N ASP A 193 -61.82 -14.92 8.13
CA ASP A 193 -60.83 -14.45 7.16
C ASP A 193 -60.34 -13.03 7.44
N GLU A 194 -61.09 -12.25 8.21
CA GLU A 194 -60.74 -10.87 8.51
C GLU A 194 -60.21 -10.67 9.92
N GLU A 195 -60.27 -11.69 10.77
CA GLU A 195 -59.82 -11.56 12.16
C GLU A 195 -58.29 -11.66 12.21
N GLU A 196 -57.64 -10.56 12.57
CA GLU A 196 -56.19 -10.53 12.66
C GLU A 196 -55.73 -11.29 13.90
N SER A 197 -54.50 -11.78 13.84
CA SER A 197 -53.95 -12.60 14.90
C SER A 197 -53.24 -11.76 15.94
N LEU A 198 -53.34 -12.20 17.19
CA LEU A 198 -52.59 -11.61 18.29
C LEU A 198 -51.21 -12.24 18.46
N ASN A 199 -50.84 -13.16 17.57
CA ASN A 199 -49.47 -13.64 17.50
C ASN A 199 -48.56 -12.63 16.83
N GLU A 200 -49.08 -11.82 15.92
CA GLU A 200 -48.28 -10.86 15.19
C GLU A 200 -47.99 -9.64 16.08
N VAL A 201 -47.13 -8.77 15.58
CA VAL A 201 -46.41 -7.79 16.40
C VAL A 201 -47.17 -6.47 16.42
N GLY A 202 -47.34 -5.90 17.61
CA GLY A 202 -47.90 -4.58 17.77
C GLY A 202 -46.93 -3.71 18.54
N TYR A 203 -47.40 -2.61 19.15
CA TYR A 203 -46.49 -1.77 19.91
C TYR A 203 -46.15 -2.35 21.27
N ASP A 204 -46.88 -3.39 21.69
CA ASP A 204 -46.67 -3.92 23.03
C ASP A 204 -45.40 -4.76 23.12
N ASP A 205 -44.97 -5.33 21.98
CA ASP A 205 -43.82 -6.22 22.02
C ASP A 205 -42.51 -5.45 22.02
N ILE A 206 -42.57 -4.14 21.85
CA ILE A 206 -41.36 -3.32 21.82
C ILE A 206 -41.16 -2.65 23.17
N GLY A 207 -39.96 -2.80 23.73
CA GLY A 207 -39.64 -2.17 24.99
C GLY A 207 -38.30 -1.47 24.93
N GLY A 208 -38.18 -0.43 25.75
CA GLY A 208 -36.90 0.22 25.96
C GLY A 208 -36.57 1.36 25.03
N CYS A 209 -37.37 1.59 24.00
CA CYS A 209 -37.09 2.64 23.01
C CYS A 209 -38.38 3.42 22.75
N ARG A 210 -38.99 3.90 23.84
CA ARG A 210 -40.23 4.66 23.77
C ARG A 210 -40.07 5.97 22.99
N LYS A 211 -38.94 6.64 23.15
CA LYS A 211 -38.74 7.94 22.50
C LYS A 211 -38.58 7.80 21.00
N GLN A 212 -37.78 6.83 20.56
CA GLN A 212 -37.56 6.63 19.13
C GLN A 212 -38.82 6.11 18.45
N LEU A 213 -39.59 5.30 19.16
CA LEU A 213 -40.85 4.81 18.60
C LEU A 213 -41.86 5.95 18.49
N ALA A 214 -41.86 6.87 19.46
CA ALA A 214 -42.72 8.05 19.37
C ALA A 214 -42.30 8.96 18.22
N GLN A 215 -40.99 9.09 17.99
CA GLN A 215 -40.49 9.92 16.91
C GLN A 215 -40.85 9.32 15.54
N ILE A 216 -40.75 8.00 15.40
CA ILE A 216 -41.15 7.34 14.16
C ILE A 216 -42.66 7.47 13.95
N LYS A 217 -43.45 7.39 15.02
CA LYS A 217 -44.90 7.59 14.88
C LYS A 217 -45.24 9.01 14.44
N GLU A 218 -44.53 10.01 15.00
CA GLU A 218 -44.74 11.39 14.58
C GLU A 218 -44.33 11.62 13.13
N MET A 219 -43.32 10.89 12.65
CA MET A 219 -42.93 11.05 11.26
C MET A 219 -43.92 10.39 10.32
N VAL A 220 -44.39 9.19 10.64
CA VAL A 220 -44.99 8.32 9.63
C VAL A 220 -46.51 8.21 9.76
N GLU A 221 -47.08 8.38 10.95
CA GLU A 221 -48.50 8.07 11.16
C GLU A 221 -49.42 9.03 10.41
N LEU A 222 -49.03 10.28 10.25
CA LEU A 222 -49.91 11.23 9.57
C LEU A 222 -49.94 11.08 8.04
N PRO A 223 -48.84 10.79 7.32
CA PRO A 223 -49.01 10.49 5.89
C PRO A 223 -49.60 9.12 5.58
N LEU A 224 -49.85 8.27 6.57
CA LEU A 224 -50.48 6.98 6.30
C LEU A 224 -51.96 6.97 6.66
N ARG A 225 -52.33 7.52 7.82
CA ARG A 225 -53.71 7.46 8.25
C ARG A 225 -54.59 8.43 7.48
N HIS A 226 -54.00 9.53 7.01
CA HIS A 226 -54.73 10.54 6.24
C HIS A 226 -54.01 10.84 4.94
N PRO A 227 -54.10 9.92 3.95
CA PRO A 227 -53.38 10.15 2.68
C PRO A 227 -53.91 11.31 1.86
N ALA A 228 -55.20 11.31 1.55
CA ALA A 228 -55.77 12.32 0.67
C ALA A 228 -55.92 13.66 1.35
N LEU A 229 -56.13 13.67 2.67
CA LEU A 229 -56.15 14.92 3.41
C LEU A 229 -54.78 15.57 3.45
N PHE A 230 -53.71 14.79 3.42
CA PHE A 230 -52.37 15.34 3.36
C PHE A 230 -51.97 15.69 1.93
N LYS A 231 -52.59 15.04 0.95
CA LYS A 231 -52.32 15.32 -0.46
C LYS A 231 -52.72 16.73 -0.84
N ALA A 232 -53.79 17.24 -0.23
CA ALA A 232 -54.31 18.56 -0.58
C ALA A 232 -53.69 19.69 0.22
N ILE A 233 -52.61 19.45 0.95
CA ILE A 233 -52.02 20.51 1.78
C ILE A 233 -51.03 21.34 0.98
N GLY A 234 -49.97 20.69 0.48
CA GLY A 234 -48.88 21.40 -0.15
C GLY A 234 -47.58 21.22 0.61
N VAL A 235 -47.57 20.24 1.50
CA VAL A 235 -46.41 19.91 2.31
C VAL A 235 -45.81 18.61 1.80
N LYS A 236 -44.50 18.60 1.56
CA LYS A 236 -43.92 17.33 1.16
C LYS A 236 -43.69 16.43 2.38
N PRO A 237 -43.99 15.15 2.27
CA PRO A 237 -43.71 14.21 3.36
C PRO A 237 -42.27 13.75 3.32
N PRO A 238 -41.79 13.04 4.35
CA PRO A 238 -40.56 12.29 4.19
C PRO A 238 -40.77 11.10 3.28
N ARG A 239 -39.68 10.66 2.66
CA ARG A 239 -39.76 9.56 1.71
C ARG A 239 -38.63 8.55 1.88
N GLY A 240 -37.87 8.62 2.97
CA GLY A 240 -36.89 7.62 3.27
C GLY A 240 -36.34 7.79 4.66
N ILE A 241 -36.37 6.73 5.46
CA ILE A 241 -35.93 6.77 6.85
C ILE A 241 -34.89 5.70 7.05
N LEU A 242 -33.80 6.03 7.74
CA LEU A 242 -32.68 5.13 7.94
C LEU A 242 -32.56 4.83 9.42
N LEU A 243 -32.91 3.62 9.82
CA LEU A 243 -32.73 3.14 11.18
C LEU A 243 -31.32 2.58 11.32
N TYR A 244 -30.66 2.91 12.41
CA TYR A 244 -29.35 2.30 12.63
C TYR A 244 -29.10 2.05 14.11
N GLY A 245 -28.23 1.10 14.38
CA GLY A 245 -27.90 0.70 15.72
C GLY A 245 -27.07 -0.56 15.71
N PRO A 246 -26.69 -1.06 16.88
CA PRO A 246 -25.92 -2.30 16.94
C PRO A 246 -26.80 -3.49 16.56
N PRO A 247 -26.19 -4.62 16.18
CA PRO A 247 -27.00 -5.79 15.83
C PRO A 247 -27.70 -6.39 17.03
N GLY A 248 -28.99 -6.65 16.85
CA GLY A 248 -29.80 -7.24 17.89
C GLY A 248 -30.71 -6.31 18.63
N THR A 249 -30.74 -5.03 18.26
CA THR A 249 -31.53 -4.05 18.98
C THR A 249 -32.97 -3.94 18.48
N GLY A 250 -33.41 -4.85 17.63
CA GLY A 250 -34.82 -4.86 17.23
C GLY A 250 -35.19 -3.76 16.27
N LYS A 251 -34.68 -3.81 15.05
CA LYS A 251 -35.07 -2.82 14.03
C LYS A 251 -36.14 -3.39 13.11
N THR A 252 -36.01 -4.67 12.77
CA THR A 252 -37.05 -5.35 11.98
C THR A 252 -38.35 -5.42 12.76
N LEU A 253 -38.24 -5.58 14.07
CA LEU A 253 -39.40 -5.58 14.96
C LEU A 253 -40.14 -4.25 14.92
N ILE A 254 -39.41 -3.13 14.99
CA ILE A 254 -40.01 -1.80 14.97
C ILE A 254 -40.65 -1.53 13.62
N ALA A 255 -39.99 -1.92 12.54
CA ALA A 255 -40.55 -1.73 11.21
C ALA A 255 -41.84 -2.52 11.02
N ARG A 256 -41.85 -3.78 11.45
CA ARG A 256 -43.04 -4.61 11.30
C ARG A 256 -44.18 -4.14 12.21
N ALA A 257 -43.87 -3.61 13.39
CA ALA A 257 -44.91 -3.15 14.28
C ALA A 257 -45.55 -1.85 13.80
N VAL A 258 -44.73 -0.93 13.26
CA VAL A 258 -45.30 0.28 12.67
C VAL A 258 -46.05 -0.05 11.39
N ALA A 259 -45.67 -1.13 10.70
CA ALA A 259 -46.43 -1.58 9.54
C ALA A 259 -47.80 -2.10 9.92
N ASN A 260 -47.87 -3.06 10.84
CA ASN A 260 -49.13 -3.74 11.13
C ASN A 260 -50.12 -2.86 11.88
N GLU A 261 -49.65 -1.92 12.70
CA GLU A 261 -50.54 -1.11 13.51
C GLU A 261 -51.04 0.13 12.79
N THR A 262 -50.83 0.22 11.47
CA THR A 262 -51.40 1.28 10.67
C THR A 262 -52.17 0.77 9.45
N GLY A 263 -52.15 -0.54 9.19
CA GLY A 263 -52.88 -1.07 8.05
C GLY A 263 -52.22 -0.85 6.71
N ALA A 264 -50.97 -0.42 6.69
CA ALA A 264 -50.28 -0.18 5.44
C ALA A 264 -49.77 -1.49 4.85
N PHE A 265 -49.79 -1.57 3.53
CA PHE A 265 -49.25 -2.73 2.83
C PHE A 265 -47.74 -2.79 2.98
N PHE A 266 -47.26 -3.85 3.61
CA PHE A 266 -45.85 -3.98 3.97
C PHE A 266 -45.16 -4.97 3.05
N PHE A 267 -44.19 -4.50 2.29
CA PHE A 267 -43.37 -5.35 1.44
C PHE A 267 -41.98 -5.42 2.05
N LEU A 268 -41.38 -6.61 2.02
CA LEU A 268 -40.06 -6.83 2.60
C LEU A 268 -39.05 -7.10 1.50
N ILE A 269 -37.92 -6.41 1.57
CA ILE A 269 -36.77 -6.68 0.72
C ILE A 269 -35.61 -7.09 1.62
N ASN A 270 -35.04 -8.26 1.34
CA ASN A 270 -33.92 -8.78 2.10
C ASN A 270 -32.68 -8.66 1.24
N GLY A 271 -31.59 -8.16 1.83
CA GLY A 271 -30.36 -7.91 1.12
C GLY A 271 -29.69 -9.12 0.50
N PRO A 272 -29.32 -10.14 1.28
CA PRO A 272 -28.73 -11.35 0.68
C PRO A 272 -29.64 -12.12 -0.25
N GLU A 273 -30.96 -11.97 -0.14
CA GLU A 273 -31.86 -12.64 -1.06
C GLU A 273 -31.76 -12.05 -2.45
N ILE A 274 -31.47 -10.75 -2.54
CA ILE A 274 -31.27 -10.13 -3.85
C ILE A 274 -29.84 -10.34 -4.32
N MET A 275 -28.88 -10.26 -3.41
CA MET A 275 -27.48 -10.40 -3.84
C MET A 275 -27.10 -11.85 -4.08
N SER A 276 -27.99 -12.80 -3.77
CA SER A 276 -27.70 -14.20 -4.06
C SER A 276 -28.19 -14.63 -5.43
N LYS A 277 -28.97 -13.78 -6.10
CA LYS A 277 -29.49 -14.11 -7.41
C LYS A 277 -28.43 -13.93 -8.48
N LEU A 278 -28.83 -14.14 -9.74
CA LEU A 278 -27.90 -14.00 -10.84
C LEU A 278 -27.65 -12.54 -11.19
N ALA A 279 -26.98 -12.32 -12.32
CA ALA A 279 -26.57 -10.99 -12.73
C ALA A 279 -27.74 -10.12 -13.16
N GLY A 280 -28.72 -10.71 -13.82
CA GLY A 280 -29.82 -9.94 -14.36
C GLY A 280 -31.13 -10.12 -13.63
N GLU A 281 -31.13 -10.96 -12.60
CA GLU A 281 -32.35 -11.24 -11.86
C GLU A 281 -32.48 -10.35 -10.62
N SER A 282 -31.45 -9.59 -10.27
CA SER A 282 -31.52 -8.72 -9.11
C SER A 282 -32.30 -7.44 -9.41
N GLU A 283 -31.98 -6.80 -10.53
CA GLU A 283 -32.61 -5.53 -10.88
C GLU A 283 -34.09 -5.72 -11.22
N SER A 284 -34.43 -6.89 -11.79
CA SER A 284 -35.82 -7.18 -12.08
C SER A 284 -36.62 -7.34 -10.79
N ASN A 285 -36.01 -7.90 -9.75
CA ASN A 285 -36.71 -8.06 -8.48
C ASN A 285 -36.88 -6.73 -7.77
N LEU A 286 -35.87 -5.84 -7.87
CA LEU A 286 -36.04 -4.49 -7.33
C LEU A 286 -37.15 -3.71 -8.05
N ARG A 287 -37.20 -3.82 -9.39
CA ARG A 287 -38.24 -3.15 -10.15
C ARG A 287 -39.61 -3.71 -9.82
N LYS A 288 -39.72 -5.03 -9.64
CA LYS A 288 -41.00 -5.63 -9.26
C LYS A 288 -41.42 -5.19 -7.86
N ALA A 289 -40.46 -4.99 -6.96
CA ALA A 289 -40.78 -4.54 -5.60
C ALA A 289 -41.36 -3.13 -5.61
N PHE A 290 -40.68 -2.19 -6.28
CA PHE A 290 -41.18 -0.82 -6.30
C PHE A 290 -42.47 -0.68 -7.11
N GLU A 291 -42.58 -1.40 -8.24
CA GLU A 291 -43.81 -1.32 -9.03
C GLU A 291 -44.98 -1.98 -8.34
N GLU A 292 -44.75 -3.03 -7.56
CA GLU A 292 -45.84 -3.65 -6.82
C GLU A 292 -46.26 -2.79 -5.63
N ALA A 293 -45.31 -2.09 -5.00
CA ALA A 293 -45.71 -1.20 -3.93
C ALA A 293 -46.30 0.12 -4.44
N GLU A 294 -46.20 0.41 -5.74
CA GLU A 294 -46.99 1.50 -6.30
C GLU A 294 -48.47 1.26 -6.18
N LYS A 295 -48.94 0.07 -6.56
CA LYS A 295 -50.36 -0.18 -6.76
C LYS A 295 -51.15 -0.28 -5.46
N ASN A 296 -50.47 -0.44 -4.33
CA ASN A 296 -51.13 -0.58 -3.03
C ASN A 296 -50.83 0.60 -2.13
N ALA A 297 -50.88 1.81 -2.68
CA ALA A 297 -50.63 3.01 -1.89
C ALA A 297 -51.77 3.24 -0.90
N PRO A 298 -51.48 3.51 0.38
CA PRO A 298 -50.15 3.68 0.99
C PRO A 298 -49.42 2.38 1.32
N ALA A 299 -48.12 2.34 1.07
CA ALA A 299 -47.31 1.15 1.27
C ALA A 299 -46.05 1.51 2.02
N ILE A 300 -45.37 0.50 2.53
CA ILE A 300 -44.10 0.64 3.22
C ILE A 300 -43.14 -0.39 2.64
N ILE A 301 -41.99 0.06 2.16
CA ILE A 301 -40.95 -0.82 1.66
C ILE A 301 -39.82 -0.83 2.68
N PHE A 302 -39.51 -2.00 3.22
CA PHE A 302 -38.44 -2.13 4.20
C PHE A 302 -37.29 -2.90 3.57
N ILE A 303 -36.18 -2.21 3.34
CA ILE A 303 -34.97 -2.80 2.79
C ILE A 303 -34.07 -3.19 3.94
N ASP A 304 -33.96 -4.48 4.21
CA ASP A 304 -33.22 -4.99 5.34
C ASP A 304 -31.78 -5.24 4.92
N GLU A 305 -30.84 -4.86 5.79
CA GLU A 305 -29.40 -4.97 5.58
C GLU A 305 -28.96 -4.23 4.32
N LEU A 306 -29.04 -2.89 4.38
CA LEU A 306 -28.63 -2.05 3.26
C LEU A 306 -27.12 -2.04 3.07
N ASP A 307 -26.36 -2.55 4.04
CA ASP A 307 -24.92 -2.68 3.88
C ASP A 307 -24.56 -3.73 2.84
N ALA A 308 -25.44 -4.71 2.64
CA ALA A 308 -25.17 -5.77 1.67
C ALA A 308 -25.40 -5.30 0.26
N ILE A 309 -26.44 -4.51 0.02
CA ILE A 309 -26.80 -4.11 -1.34
C ILE A 309 -25.87 -3.01 -1.83
N ALA A 310 -25.78 -1.91 -1.10
CA ALA A 310 -25.04 -0.73 -1.54
C ALA A 310 -23.98 -0.32 -0.53
N PRO A 311 -22.82 -0.97 -0.55
CA PRO A 311 -21.72 -0.56 0.33
C PRO A 311 -20.98 0.65 -0.24
N LYS A 312 -19.84 0.95 0.39
CA LYS A 312 -18.96 2.01 -0.09
C LYS A 312 -18.45 1.69 -1.49
N ARG A 313 -18.08 2.75 -2.23
CA ARG A 313 -17.71 2.58 -3.64
C ARG A 313 -16.37 1.86 -3.78
N GLU A 314 -15.47 2.05 -2.82
CA GLU A 314 -14.19 1.36 -2.89
C GLU A 314 -14.33 -0.13 -2.55
N LYS A 315 -15.40 -0.50 -1.85
CA LYS A 315 -15.59 -1.89 -1.50
C LYS A 315 -16.37 -2.63 -2.58
N THR A 316 -16.86 -1.90 -3.58
CA THR A 316 -17.46 -2.54 -4.74
C THR A 316 -16.42 -2.79 -5.81
N HIS A 317 -16.12 -4.05 -6.06
CA HIS A 317 -15.28 -4.46 -7.17
C HIS A 317 -16.13 -5.23 -8.16
N GLY A 318 -16.21 -4.74 -9.38
CA GLY A 318 -17.10 -5.31 -10.37
C GLY A 318 -18.05 -4.29 -10.97
N GLU A 319 -18.92 -4.77 -11.84
CA GLU A 319 -19.84 -3.87 -12.52
C GLU A 319 -21.28 -4.17 -12.14
N VAL A 320 -21.56 -5.41 -11.71
CA VAL A 320 -22.91 -5.80 -11.34
C VAL A 320 -23.34 -5.09 -10.06
N GLU A 321 -22.41 -4.96 -9.11
CA GLU A 321 -22.72 -4.29 -7.85
C GLU A 321 -22.98 -2.81 -8.07
N ARG A 322 -22.21 -2.18 -8.97
CA ARG A 322 -22.43 -0.77 -9.25
C ARG A 322 -23.71 -0.55 -10.05
N ARG A 323 -24.11 -1.53 -10.87
CA ARG A 323 -25.41 -1.41 -11.54
C ARG A 323 -26.55 -1.54 -10.56
N ILE A 324 -26.40 -2.37 -9.53
CA ILE A 324 -27.45 -2.49 -8.51
C ILE A 324 -27.56 -1.20 -7.69
N VAL A 325 -26.43 -0.60 -7.35
CA VAL A 325 -26.45 0.67 -6.60
C VAL A 325 -27.09 1.78 -7.43
N SER A 326 -26.74 1.87 -8.72
CA SER A 326 -27.32 2.91 -9.57
C SER A 326 -28.80 2.68 -9.83
N GLN A 327 -29.22 1.41 -9.87
CA GLN A 327 -30.64 1.09 -10.02
C GLN A 327 -31.43 1.53 -8.79
N LEU A 328 -30.87 1.33 -7.60
CA LEU A 328 -31.54 1.77 -6.38
C LEU A 328 -31.63 3.29 -6.31
N LEU A 329 -30.56 3.98 -6.73
CA LEU A 329 -30.59 5.45 -6.77
C LEU A 329 -31.66 5.96 -7.74
N THR A 330 -31.77 5.33 -8.90
CA THR A 330 -32.76 5.75 -9.90
C THR A 330 -34.18 5.55 -9.38
N LEU A 331 -34.45 4.44 -8.70
CA LEU A 331 -35.79 4.21 -8.15
C LEU A 331 -36.11 5.17 -7.00
N MET A 332 -35.13 5.46 -6.15
CA MET A 332 -35.36 6.41 -5.05
C MET A 332 -35.59 7.83 -5.56
N ASP A 333 -35.01 8.17 -6.72
CA ASP A 333 -35.37 9.43 -7.36
C ASP A 333 -36.75 9.34 -8.02
N GLY A 334 -37.11 8.16 -8.50
CA GLY A 334 -38.42 7.99 -9.12
C GLY A 334 -39.57 7.98 -8.14
N LEU A 335 -39.29 7.89 -6.84
CA LEU A 335 -40.36 8.00 -5.83
C LEU A 335 -40.99 9.38 -5.81
N LYS A 336 -40.26 10.42 -6.24
CA LYS A 336 -40.76 11.79 -6.12
C LYS A 336 -41.96 12.04 -7.04
N GLN A 337 -42.01 11.33 -8.17
CA GLN A 337 -43.17 11.38 -9.04
C GLN A 337 -44.30 10.45 -8.59
N ARG A 338 -44.08 9.67 -7.55
CA ARG A 338 -45.07 8.72 -7.06
C ARG A 338 -45.86 9.32 -5.90
N ALA A 339 -46.74 8.52 -5.33
CA ALA A 339 -47.64 9.01 -4.29
C ALA A 339 -47.81 7.95 -3.20
N HIS A 340 -47.55 8.38 -1.96
CA HIS A 340 -47.81 7.61 -0.74
C HIS A 340 -47.03 6.30 -0.70
N VAL A 341 -45.71 6.41 -0.78
CA VAL A 341 -44.79 5.29 -0.60
C VAL A 341 -43.68 5.75 0.33
N ILE A 342 -43.51 5.04 1.44
CA ILE A 342 -42.47 5.35 2.41
C ILE A 342 -41.45 4.21 2.37
N VAL A 343 -40.18 4.56 2.29
CA VAL A 343 -39.10 3.59 2.20
C VAL A 343 -38.28 3.67 3.48
N MET A 344 -38.20 2.55 4.19
CA MET A 344 -37.38 2.44 5.40
C MET A 344 -36.20 1.52 5.11
N ALA A 345 -35.11 1.74 5.84
CA ALA A 345 -33.96 0.88 5.68
C ALA A 345 -33.27 0.76 7.03
N ALA A 346 -32.45 -0.28 7.18
CA ALA A 346 -31.84 -0.58 8.45
C ALA A 346 -30.40 -0.98 8.23
N THR A 347 -29.48 -0.30 8.91
CA THR A 347 -28.06 -0.60 8.80
C THR A 347 -27.52 -0.97 10.17
N ASN A 348 -26.20 -1.11 10.25
CA ASN A 348 -25.53 -1.33 11.52
C ASN A 348 -24.70 -0.14 11.97
N ARG A 349 -24.29 0.72 11.04
CA ARG A 349 -23.65 1.99 11.34
C ARG A 349 -23.80 2.86 10.10
N PRO A 350 -23.79 4.19 10.24
CA PRO A 350 -23.99 5.04 9.05
C PRO A 350 -22.83 5.00 8.07
N ASN A 351 -21.61 4.79 8.54
CA ASN A 351 -20.42 5.01 7.75
C ASN A 351 -20.09 3.88 6.79
N SER A 352 -20.99 2.91 6.62
CA SER A 352 -20.79 1.82 5.67
C SER A 352 -21.69 1.94 4.45
N ILE A 353 -22.35 3.07 4.28
CA ILE A 353 -23.29 3.31 3.20
C ILE A 353 -22.63 4.24 2.19
N ASP A 354 -22.85 3.96 0.91
CA ASP A 354 -22.53 4.88 -0.18
C ASP A 354 -23.14 6.25 0.11
N PRO A 355 -22.34 7.32 0.19
CA PRO A 355 -22.87 8.61 0.64
C PRO A 355 -23.79 9.30 -0.36
N ALA A 356 -24.02 8.73 -1.54
CA ALA A 356 -25.02 9.28 -2.43
C ALA A 356 -26.43 8.89 -1.99
N LEU A 357 -26.53 7.90 -1.09
CA LEU A 357 -27.83 7.49 -0.58
C LEU A 357 -28.26 8.30 0.63
N ARG A 358 -27.56 9.39 0.92
CA ARG A 358 -27.88 10.14 2.13
C ARG A 358 -28.26 11.58 1.81
N ARG A 359 -28.22 11.97 0.54
CA ARG A 359 -28.54 13.33 0.17
C ARG A 359 -30.03 13.57 0.20
N PHE A 360 -30.43 14.77 -0.18
CA PHE A 360 -31.82 15.17 -0.04
C PHE A 360 -32.68 14.50 -1.10
N GLY A 361 -33.77 13.88 -0.64
CA GLY A 361 -34.60 13.06 -1.49
C GLY A 361 -34.30 11.58 -1.40
N ARG A 362 -33.23 11.18 -0.74
CA ARG A 362 -32.87 9.77 -0.57
C ARG A 362 -32.38 9.60 0.86
N PHE A 363 -33.24 9.09 1.75
CA PHE A 363 -32.90 8.74 3.13
C PHE A 363 -32.33 9.92 3.90
N ASP A 364 -33.09 11.02 3.94
CA ASP A 364 -32.59 12.23 4.59
C ASP A 364 -32.78 12.17 6.11
N ARG A 365 -33.70 11.35 6.59
CA ARG A 365 -33.97 11.25 8.02
C ARG A 365 -33.32 10.01 8.62
N GLU A 366 -32.65 10.17 9.75
CA GLU A 366 -31.92 9.11 10.41
C GLU A 366 -32.37 8.96 11.84
N VAL A 367 -32.64 7.73 12.25
CA VAL A 367 -33.06 7.40 13.61
C VAL A 367 -32.03 6.46 14.21
N ASP A 368 -31.64 6.74 15.46
CA ASP A 368 -30.63 5.97 16.17
C ASP A 368 -31.32 5.14 17.24
N ILE A 369 -31.12 3.83 17.18
CA ILE A 369 -31.69 2.93 18.19
C ILE A 369 -30.56 2.32 18.99
N GLY A 370 -30.23 2.92 20.13
CA GLY A 370 -29.09 2.49 20.91
C GLY A 370 -29.40 1.30 21.80
N ILE A 371 -28.42 0.94 22.60
CA ILE A 371 -28.55 -0.17 23.55
C ILE A 371 -29.44 0.29 24.71
N PRO A 372 -30.19 -0.59 25.36
CA PRO A 372 -31.16 -0.12 26.35
C PRO A 372 -30.50 0.22 27.67
N ASP A 373 -31.23 0.96 28.51
CA ASP A 373 -30.86 1.22 29.88
C ASP A 373 -31.59 0.25 30.82
N ALA A 374 -31.49 0.51 32.12
CA ALA A 374 -31.95 -0.45 33.12
C ALA A 374 -33.47 -0.55 33.15
N THR A 375 -34.16 0.59 32.99
CA THR A 375 -35.61 0.57 32.83
C THR A 375 -35.98 -0.15 31.54
N GLY A 376 -35.22 0.09 30.48
CA GLY A 376 -35.43 -0.61 29.23
C GLY A 376 -35.22 -2.11 29.35
N ARG A 377 -34.15 -2.53 30.03
CA ARG A 377 -33.88 -3.95 30.17
C ARG A 377 -34.92 -4.64 31.05
N LEU A 378 -35.43 -3.94 32.06
CA LEU A 378 -36.54 -4.47 32.85
C LEU A 378 -37.79 -4.63 31.99
N GLU A 379 -38.03 -3.70 31.07
CA GLU A 379 -39.19 -3.82 30.19
C GLU A 379 -39.03 -4.96 29.20
N ILE A 380 -37.80 -5.21 28.74
CA ILE A 380 -37.53 -6.37 27.86
C ILE A 380 -37.79 -7.67 28.60
N LEU A 381 -37.29 -7.77 29.84
CA LEU A 381 -37.46 -9.00 30.62
C LEU A 381 -38.91 -9.23 30.99
N GLN A 382 -39.68 -8.15 31.15
CA GLN A 382 -41.11 -8.34 31.40
C GLN A 382 -41.85 -8.76 30.13
N ILE A 383 -41.38 -8.33 28.97
CA ILE A 383 -42.02 -8.74 27.72
C ILE A 383 -41.76 -10.21 27.43
N HIS A 384 -40.51 -10.66 27.61
CA HIS A 384 -40.20 -12.03 27.20
C HIS A 384 -40.66 -13.07 28.20
N THR A 385 -41.03 -12.65 29.42
CA THR A 385 -41.55 -13.57 30.41
C THR A 385 -43.06 -13.42 30.61
N LYS A 386 -43.81 -13.13 29.55
CA LYS A 386 -45.27 -13.11 29.66
C LYS A 386 -45.82 -14.51 29.87
N ASN A 387 -45.45 -15.43 28.99
CA ASN A 387 -46.07 -16.75 29.01
C ASN A 387 -45.44 -17.65 30.07
N MET A 388 -44.16 -17.43 30.39
CA MET A 388 -43.51 -18.26 31.38
C MET A 388 -44.04 -17.97 32.77
N LYS A 389 -43.92 -18.96 33.65
CA LYS A 389 -44.49 -18.92 34.99
C LYS A 389 -43.34 -18.91 36.00
N LEU A 390 -43.13 -17.76 36.63
CA LEU A 390 -41.99 -17.59 37.51
C LEU A 390 -42.34 -18.04 38.92
N ALA A 391 -41.31 -18.33 39.70
CA ALA A 391 -41.49 -18.65 41.11
C ALA A 391 -41.60 -17.39 41.94
N ASP A 392 -41.54 -17.57 43.27
CA ASP A 392 -41.85 -16.46 44.17
C ASP A 392 -40.63 -15.59 44.44
N ASP A 393 -39.44 -16.17 44.36
CA ASP A 393 -38.23 -15.43 44.72
C ASP A 393 -37.66 -14.66 43.54
N VAL A 394 -38.20 -14.88 42.34
CA VAL A 394 -37.63 -14.27 41.15
C VAL A 394 -37.96 -12.79 41.11
N ASP A 395 -36.93 -11.96 41.19
CA ASP A 395 -37.07 -10.52 41.16
C ASP A 395 -36.39 -10.02 39.89
N LEU A 396 -37.19 -9.57 38.92
CA LEU A 396 -36.63 -9.20 37.62
C LEU A 396 -35.88 -7.88 37.68
N GLU A 397 -36.09 -7.09 38.74
CA GLU A 397 -35.41 -5.81 38.84
C GLU A 397 -33.93 -5.98 39.13
N GLN A 398 -33.57 -7.01 39.92
CA GLN A 398 -32.15 -7.26 40.16
C GLN A 398 -31.47 -7.84 38.94
N VAL A 399 -32.19 -8.67 38.17
CA VAL A 399 -31.65 -9.21 36.94
C VAL A 399 -31.44 -8.10 35.92
N ALA A 400 -32.38 -7.15 35.84
CA ALA A 400 -32.21 -6.01 34.96
C ALA A 400 -31.10 -5.08 35.42
N ASN A 401 -30.88 -4.95 36.73
CA ASN A 401 -29.78 -4.15 37.22
C ASN A 401 -28.44 -4.82 37.01
N GLU A 402 -28.41 -6.15 36.89
CA GLU A 402 -27.15 -6.87 36.75
C GLU A 402 -26.64 -6.91 35.32
N THR A 403 -27.54 -7.14 34.36
CA THR A 403 -27.21 -7.22 32.94
C THR A 403 -26.72 -5.87 32.45
N HIS A 404 -25.45 -5.80 32.07
CA HIS A 404 -24.84 -4.58 31.53
C HIS A 404 -24.12 -4.93 30.24
N GLY A 405 -24.48 -4.28 29.15
CA GLY A 405 -23.95 -4.59 27.85
C GLY A 405 -24.84 -5.49 27.03
N HIS A 406 -26.00 -5.87 27.54
CA HIS A 406 -26.90 -6.77 26.83
C HIS A 406 -27.89 -6.00 25.98
N VAL A 407 -27.94 -6.33 24.68
CA VAL A 407 -29.00 -5.90 23.79
C VAL A 407 -30.18 -6.84 23.97
N GLY A 408 -31.32 -6.53 23.33
CA GLY A 408 -32.55 -7.26 23.59
C GLY A 408 -32.51 -8.72 23.19
N ALA A 409 -31.73 -9.06 22.16
CA ALA A 409 -31.61 -10.46 21.74
C ALA A 409 -30.84 -11.27 22.76
N ASP A 410 -29.88 -10.65 23.45
CA ASP A 410 -29.19 -11.30 24.54
C ASP A 410 -30.13 -11.59 25.70
N LEU A 411 -31.08 -10.69 25.95
CA LEU A 411 -32.01 -10.90 27.05
C LEU A 411 -33.02 -11.99 26.70
N ALA A 412 -33.42 -12.07 25.44
CA ALA A 412 -34.29 -13.16 25.01
C ALA A 412 -33.58 -14.51 25.11
N ALA A 413 -32.28 -14.54 24.75
CA ALA A 413 -31.50 -15.76 24.87
C ALA A 413 -31.29 -16.14 26.33
N LEU A 414 -31.15 -15.14 27.21
CA LEU A 414 -31.00 -15.40 28.64
C LEU A 414 -32.25 -16.03 29.24
N CYS A 415 -33.42 -15.49 28.90
CA CYS A 415 -34.68 -16.05 29.38
C CYS A 415 -34.89 -17.47 28.87
N SER A 416 -34.62 -17.71 27.58
CA SER A 416 -34.79 -19.05 27.03
C SER A 416 -33.80 -20.05 27.62
N GLU A 417 -32.59 -19.60 27.93
CA GLU A 417 -31.58 -20.51 28.45
C GLU A 417 -31.86 -20.87 29.90
N ALA A 418 -32.38 -19.91 30.68
CA ALA A 418 -32.77 -20.21 32.06
C ALA A 418 -33.98 -21.14 32.09
N ALA A 419 -34.90 -20.97 31.15
CA ALA A 419 -36.05 -21.89 31.08
C ALA A 419 -35.60 -23.30 30.68
N LEU A 420 -34.59 -23.41 29.83
CA LEU A 420 -34.09 -24.73 29.49
C LEU A 420 -33.35 -25.38 30.66
N GLN A 421 -32.67 -24.59 31.50
CA GLN A 421 -32.08 -25.19 32.70
C GLN A 421 -33.16 -25.65 33.67
N ALA A 422 -34.25 -24.88 33.79
CA ALA A 422 -35.35 -25.28 34.66
C ALA A 422 -36.03 -26.55 34.17
N ILE A 423 -36.07 -26.75 32.86
CA ILE A 423 -36.57 -28.03 32.35
C ILE A 423 -35.55 -29.14 32.60
N ARG A 424 -34.26 -28.88 32.41
CA ARG A 424 -33.27 -29.96 32.52
C ARG A 424 -32.86 -30.21 33.96
N LYS A 425 -33.47 -29.54 34.93
CA LYS A 425 -33.30 -29.97 36.32
C LYS A 425 -34.15 -31.19 36.64
N LYS A 426 -35.38 -31.22 36.12
CA LYS A 426 -36.28 -32.35 36.31
C LYS A 426 -36.67 -32.97 34.97
N MET A 427 -36.03 -34.09 34.63
CA MET A 427 -36.39 -34.88 33.45
C MET A 427 -36.83 -36.25 33.98
N ASP A 428 -37.64 -36.22 35.03
CA ASP A 428 -38.13 -37.42 35.70
C ASP A 428 -39.62 -37.60 35.49
N LEU A 429 -40.42 -36.59 35.82
CA LEU A 429 -41.86 -36.67 35.60
C LEU A 429 -42.24 -36.19 34.21
N ILE A 430 -41.31 -35.48 33.55
CA ILE A 430 -41.58 -34.97 32.21
C ILE A 430 -41.58 -36.11 31.20
N ASP A 431 -40.60 -37.02 31.32
CA ASP A 431 -40.33 -37.97 30.26
C ASP A 431 -41.37 -39.09 30.23
N LEU A 432 -41.95 -39.41 31.38
CA LEU A 432 -42.84 -40.57 31.47
C LEU A 432 -44.18 -40.30 30.77
N GLU A 433 -44.56 -39.03 30.64
CA GLU A 433 -45.71 -38.67 29.82
C GLU A 433 -45.22 -38.16 28.45
N ASP A 434 -45.07 -39.12 27.53
CA ASP A 434 -44.30 -38.85 26.32
C ASP A 434 -45.21 -38.47 25.15
N GLU A 435 -46.40 -39.08 25.06
CA GLU A 435 -47.21 -38.91 23.87
C GLU A 435 -47.94 -37.58 23.86
N THR A 436 -48.62 -37.25 24.96
CA THR A 436 -49.36 -36.01 25.10
C THR A 436 -48.69 -35.14 26.14
N ILE A 437 -48.95 -33.83 26.08
CA ILE A 437 -48.49 -32.92 27.12
C ILE A 437 -49.69 -32.27 27.78
N ASP A 438 -49.81 -32.44 29.10
CA ASP A 438 -50.85 -31.80 29.88
C ASP A 438 -50.29 -30.50 30.45
N ALA A 439 -51.17 -29.52 30.66
CA ALA A 439 -50.69 -28.19 31.06
C ALA A 439 -50.30 -28.14 32.53
N GLU A 440 -50.84 -29.07 33.35
CA GLU A 440 -50.50 -29.11 34.77
C GLU A 440 -49.06 -29.54 34.97
N VAL A 441 -48.55 -30.40 34.08
CA VAL A 441 -47.17 -30.87 34.17
C VAL A 441 -46.21 -29.72 33.91
N MET A 442 -46.58 -28.80 33.02
CA MET A 442 -45.76 -27.61 32.82
C MET A 442 -46.09 -26.52 33.83
N ASN A 443 -47.20 -26.69 34.56
CA ASN A 443 -47.45 -25.80 35.71
C ASN A 443 -46.59 -26.21 36.90
N SER A 444 -46.20 -27.48 36.95
CA SER A 444 -45.20 -27.91 37.94
C SER A 444 -43.85 -27.29 37.63
N LEU A 445 -43.58 -27.01 36.36
CA LEU A 445 -42.38 -26.29 35.96
C LEU A 445 -42.47 -24.83 36.40
N ALA A 446 -41.56 -24.42 37.27
CA ALA A 446 -41.46 -23.05 37.73
C ALA A 446 -40.00 -22.66 37.77
N VAL A 447 -39.68 -21.49 37.21
CA VAL A 447 -38.30 -21.06 37.08
C VAL A 447 -37.88 -20.32 38.34
N THR A 448 -36.72 -20.68 38.89
CA THR A 448 -36.24 -20.11 40.14
C THR A 448 -35.17 -19.06 39.86
N MET A 449 -34.68 -18.45 40.93
CA MET A 449 -33.68 -17.40 40.79
C MET A 449 -32.29 -17.98 40.51
N ASP A 450 -32.08 -19.25 40.87
CA ASP A 450 -30.80 -19.88 40.59
C ASP A 450 -30.63 -20.14 39.10
N ASP A 451 -31.74 -20.35 38.39
CA ASP A 451 -31.71 -20.48 36.94
C ASP A 451 -31.21 -19.20 36.29
N PHE A 452 -31.75 -18.04 36.69
CA PHE A 452 -31.28 -16.77 36.15
C PHE A 452 -29.87 -16.46 36.62
N ARG A 453 -29.48 -16.95 37.80
CA ARG A 453 -28.11 -16.76 38.26
C ARG A 453 -27.11 -17.51 37.40
N TRP A 454 -27.43 -18.77 37.05
CA TRP A 454 -26.55 -19.52 36.18
C TRP A 454 -26.56 -18.96 34.77
N ALA A 455 -27.71 -18.47 34.31
CA ALA A 455 -27.79 -17.88 32.97
C ALA A 455 -27.01 -16.57 32.90
N LEU A 456 -26.95 -15.82 34.00
CA LEU A 456 -26.08 -14.67 34.06
C LEU A 456 -24.61 -15.08 34.09
N SER A 457 -24.31 -16.20 34.74
CA SER A 457 -22.92 -16.60 34.86
C SER A 457 -22.39 -17.20 33.56
N GLN A 458 -23.27 -17.68 32.70
CA GLN A 458 -22.81 -18.31 31.46
C GLN A 458 -22.78 -17.35 30.29
N SER A 459 -23.70 -16.39 30.26
CA SER A 459 -23.88 -15.58 29.05
C SER A 459 -22.77 -14.54 28.91
N ASN A 460 -22.46 -14.20 27.66
CA ASN A 460 -21.50 -13.16 27.34
C ASN A 460 -22.15 -12.11 26.44
N PRO A 461 -22.27 -10.87 26.88
CA PRO A 461 -22.95 -9.85 26.06
C PRO A 461 -22.09 -9.44 24.89
N SER A 462 -22.70 -8.68 23.97
CA SER A 462 -22.07 -8.32 22.72
C SER A 462 -21.79 -6.83 22.59
N ALA A 463 -22.37 -6.00 23.44
CA ALA A 463 -22.22 -4.55 23.35
C ALA A 463 -21.37 -3.99 24.48
N LEU A 464 -20.31 -4.67 24.88
CA LEU A 464 -19.45 -4.15 25.94
C LEU A 464 -18.52 -3.07 25.42
N ARG A 465 -18.16 -3.13 24.14
CA ARG A 465 -17.20 -2.18 23.59
C ARG A 465 -17.87 -0.87 23.21
N GLU A 466 -19.21 -0.85 23.16
CA GLU A 466 -19.92 0.34 22.75
C GLU A 466 -19.95 1.38 23.86
N THR A 467 -20.08 2.64 23.48
CA THR A 467 -20.18 3.72 24.45
C THR A 467 -21.59 3.80 25.02
N VAL A 468 -21.68 4.21 26.28
CA VAL A 468 -22.94 4.21 27.03
C VAL A 468 -23.45 5.64 27.11
N VAL A 469 -24.63 5.87 26.56
CA VAL A 469 -25.29 7.17 26.60
C VAL A 469 -26.58 7.00 27.39
N GLU A 470 -26.59 7.51 28.62
CA GLU A 470 -27.75 7.32 29.48
C GLU A 470 -27.76 8.38 30.56
N VAL A 471 -28.90 8.53 31.21
CA VAL A 471 -29.04 9.48 32.32
C VAL A 471 -28.41 8.86 33.56
N PRO A 472 -27.58 9.59 34.32
CA PRO A 472 -26.97 9.02 35.52
C PRO A 472 -28.00 8.86 36.64
N GLN A 473 -27.61 8.11 37.67
CA GLN A 473 -28.47 7.89 38.82
C GLN A 473 -27.95 8.53 40.09
N VAL A 474 -26.79 9.20 40.02
CA VAL A 474 -26.25 9.87 41.19
C VAL A 474 -27.00 11.18 41.42
N THR A 475 -27.45 11.40 42.65
CA THR A 475 -28.14 12.62 43.02
C THR A 475 -27.20 13.51 43.80
N TRP A 476 -27.73 14.64 44.30
CA TRP A 476 -26.90 15.57 45.04
C TRP A 476 -26.57 15.05 46.43
N GLU A 477 -27.33 14.08 46.92
CA GLU A 477 -27.16 13.65 48.31
C GLU A 477 -26.05 12.62 48.45
N ASP A 478 -25.48 12.18 47.34
CA ASP A 478 -24.28 11.34 47.42
C ASP A 478 -23.03 12.19 47.60
N ILE A 479 -23.16 13.50 47.46
CA ILE A 479 -22.01 14.38 47.53
C ILE A 479 -22.10 15.23 48.78
N GLY A 480 -21.00 15.30 49.53
CA GLY A 480 -20.95 16.00 50.80
C GLY A 480 -20.48 17.44 50.62
N GLY A 481 -21.39 18.36 50.90
CA GLY A 481 -21.01 19.77 50.93
C GLY A 481 -20.90 20.32 49.53
N LEU A 482 -19.91 21.21 49.36
CA LEU A 482 -19.64 21.92 48.11
C LEU A 482 -20.87 22.67 47.61
N GLU A 483 -21.35 23.63 48.40
CA GLU A 483 -22.66 24.20 48.12
C GLU A 483 -22.58 25.30 47.06
N ASP A 484 -21.58 26.17 47.16
CA ASP A 484 -21.43 27.22 46.16
C ASP A 484 -21.05 26.66 44.79
N VAL A 485 -20.39 25.49 44.77
CA VAL A 485 -20.12 24.80 43.52
C VAL A 485 -21.41 24.30 42.89
N LYS A 486 -22.32 23.79 43.72
CA LYS A 486 -23.65 23.38 43.23
C LYS A 486 -24.43 24.57 42.70
N ARG A 487 -24.32 25.71 43.38
CA ARG A 487 -25.01 26.91 42.93
C ARG A 487 -24.46 27.42 41.60
N GLU A 488 -23.14 27.38 41.45
CA GLU A 488 -22.51 27.85 40.22
C GLU A 488 -22.80 26.92 39.05
N LEU A 489 -22.83 25.61 39.30
CA LEU A 489 -23.17 24.67 38.23
C LEU A 489 -24.65 24.77 37.84
N GLN A 490 -25.53 25.06 38.79
CA GLN A 490 -26.92 25.30 38.41
C GLN A 490 -27.07 26.60 37.63
N GLU A 491 -26.24 27.61 37.92
CA GLU A 491 -26.27 28.83 37.11
C GLU A 491 -25.78 28.58 35.70
N LEU A 492 -24.74 27.75 35.54
CA LEU A 492 -24.14 27.59 34.22
C LEU A 492 -24.91 26.60 33.34
N VAL A 493 -25.34 25.47 33.89
CA VAL A 493 -25.95 24.43 33.07
C VAL A 493 -27.44 24.67 32.89
N GLN A 494 -28.15 25.00 33.96
CA GLN A 494 -29.60 24.85 33.99
C GLN A 494 -30.36 26.09 33.53
N TYR A 495 -29.86 27.28 33.82
CA TYR A 495 -30.54 28.51 33.44
C TYR A 495 -30.69 28.76 31.93
N PRO A 496 -29.72 28.44 31.05
CA PRO A 496 -30.01 28.56 29.62
C PRO A 496 -31.00 27.55 29.07
N VAL A 497 -31.35 26.51 29.83
CA VAL A 497 -32.35 25.55 29.36
C VAL A 497 -33.75 25.93 29.83
N GLU A 498 -33.89 26.23 31.12
CA GLU A 498 -35.21 26.56 31.66
C GLU A 498 -35.68 27.95 31.29
N HIS A 499 -34.80 28.93 31.19
CA HIS A 499 -35.19 30.31 30.92
C HIS A 499 -34.37 30.89 29.77
N PRO A 500 -34.69 30.52 28.53
CA PRO A 500 -33.97 31.12 27.39
C PRO A 500 -34.36 32.57 27.15
N ASP A 501 -35.55 32.97 27.62
CA ASP A 501 -36.07 34.29 27.31
C ASP A 501 -35.29 35.37 28.03
N LYS A 502 -34.73 35.05 29.20
CA LYS A 502 -33.95 36.04 29.94
C LYS A 502 -32.64 36.33 29.23
N PHE A 503 -32.01 35.28 28.69
CA PHE A 503 -30.80 35.47 27.90
C PHE A 503 -31.10 36.15 26.57
N LEU A 504 -32.32 35.96 26.03
CA LEU A 504 -32.70 36.70 24.83
C LEU A 504 -32.90 38.19 25.13
N LYS A 505 -33.57 38.50 26.24
CA LYS A 505 -33.91 39.89 26.54
C LYS A 505 -32.68 40.69 26.97
N PHE A 506 -31.90 40.15 27.91
CA PHE A 506 -30.73 40.89 28.36
C PHE A 506 -29.58 40.85 27.36
N GLY A 507 -29.63 39.96 26.38
CA GLY A 507 -28.65 39.95 25.31
C GLY A 507 -27.29 39.43 25.75
N MET A 508 -27.24 38.18 26.17
CA MET A 508 -26.00 37.54 26.60
C MET A 508 -25.83 36.22 25.86
N THR A 509 -24.61 35.98 25.37
CA THR A 509 -24.24 34.67 24.86
C THR A 509 -23.92 33.76 26.04
N PRO A 510 -24.53 32.59 26.16
CA PRO A 510 -24.24 31.72 27.31
C PRO A 510 -22.88 31.06 27.16
N SER A 511 -22.23 30.82 28.29
CA SER A 511 -20.95 30.13 28.27
C SER A 511 -21.16 28.66 27.98
N LYS A 512 -20.07 27.99 27.59
CA LYS A 512 -20.17 26.68 26.96
C LYS A 512 -19.34 25.62 27.67
N GLY A 513 -18.34 26.00 28.45
CA GLY A 513 -17.49 25.01 29.08
C GLY A 513 -17.08 25.38 30.48
N VAL A 514 -16.67 24.36 31.23
CA VAL A 514 -16.20 24.48 32.62
C VAL A 514 -14.99 23.57 32.75
N LEU A 515 -13.96 24.05 33.46
CA LEU A 515 -12.84 23.18 33.84
C LEU A 515 -12.79 23.07 35.35
N PHE A 516 -12.97 21.86 35.87
CA PHE A 516 -12.75 21.58 37.28
C PHE A 516 -11.27 21.28 37.45
N TYR A 517 -10.71 21.63 38.61
CA TYR A 517 -9.38 21.15 38.96
C TYR A 517 -9.30 20.99 40.46
N GLY A 518 -8.29 20.26 40.92
CA GLY A 518 -8.13 19.98 42.33
C GLY A 518 -7.36 18.71 42.59
N PRO A 519 -7.34 18.29 43.85
CA PRO A 519 -6.60 17.06 44.19
C PRO A 519 -7.35 15.84 43.69
N PRO A 520 -6.68 14.70 43.60
CA PRO A 520 -7.37 13.48 43.15
C PRO A 520 -8.27 12.91 44.23
N GLY A 521 -9.37 12.31 43.79
CA GLY A 521 -10.30 11.67 44.70
C GLY A 521 -11.29 12.59 45.37
N CYS A 522 -11.39 13.84 44.93
CA CYS A 522 -12.24 14.81 45.60
C CYS A 522 -13.61 14.98 44.96
N GLY A 523 -14.03 14.05 44.12
CA GLY A 523 -15.40 14.05 43.66
C GLY A 523 -15.71 14.95 42.47
N LYS A 524 -14.98 14.82 41.37
CA LYS A 524 -15.31 15.61 40.19
C LYS A 524 -16.26 14.87 39.27
N THR A 525 -16.07 13.55 39.13
CA THR A 525 -16.96 12.73 38.33
C THR A 525 -18.36 12.67 38.94
N LEU A 526 -18.43 12.70 40.28
CA LEU A 526 -19.72 12.70 40.94
C LEU A 526 -20.47 14.00 40.72
N LEU A 527 -19.76 15.13 40.71
CA LEU A 527 -20.42 16.40 40.41
C LEU A 527 -20.89 16.47 38.98
N ALA A 528 -20.11 15.90 38.05
CA ALA A 528 -20.55 15.87 36.65
C ALA A 528 -21.79 15.02 36.48
N LYS A 529 -21.84 13.85 37.11
CA LYS A 529 -23.02 13.00 37.01
C LYS A 529 -24.22 13.61 37.72
N ALA A 530 -23.98 14.33 38.82
CA ALA A 530 -25.07 14.94 39.56
C ALA A 530 -25.70 16.08 38.79
N ILE A 531 -24.89 16.92 38.13
CA ILE A 531 -25.46 17.99 37.34
C ILE A 531 -26.05 17.46 36.04
N ALA A 532 -25.61 16.30 35.55
CA ALA A 532 -26.33 15.67 34.46
C ALA A 532 -27.65 15.06 34.92
N ASN A 533 -27.77 14.73 36.20
CA ASN A 533 -29.01 14.18 36.73
C ASN A 533 -30.03 15.26 37.07
N GLU A 534 -29.56 16.43 37.53
CA GLU A 534 -30.47 17.49 37.93
C GLU A 534 -31.23 18.06 36.75
N CYS A 535 -30.59 18.18 35.59
CA CYS A 535 -31.22 18.70 34.39
C CYS A 535 -31.88 17.64 33.55
N GLN A 536 -31.78 16.36 33.95
CA GLN A 536 -32.29 15.20 33.22
C GLN A 536 -31.75 15.15 31.79
N ALA A 537 -30.44 15.24 31.67
CA ALA A 537 -29.75 15.20 30.39
C ALA A 537 -28.96 13.90 30.29
N ASN A 538 -28.51 13.59 29.09
CA ASN A 538 -27.66 12.43 28.91
C ASN A 538 -26.24 12.72 29.40
N PHE A 539 -25.40 11.70 29.39
CA PHE A 539 -24.06 11.81 29.93
C PHE A 539 -23.12 10.89 29.14
N ILE A 540 -22.10 11.47 28.53
CA ILE A 540 -21.09 10.74 27.80
C ILE A 540 -19.77 10.98 28.49
N SER A 541 -19.09 9.89 28.89
CA SER A 541 -17.86 9.99 29.65
C SER A 541 -16.71 9.42 28.83
N ILE A 542 -15.60 10.14 28.82
CA ILE A 542 -14.42 9.80 28.03
C ILE A 542 -13.21 9.80 28.94
N LYS A 543 -12.59 8.64 29.10
CA LYS A 543 -11.51 8.51 30.06
C LYS A 543 -10.19 8.96 29.46
N GLY A 544 -9.14 8.91 30.29
CA GLY A 544 -7.78 9.16 29.86
C GLY A 544 -7.17 8.16 28.90
N PRO A 545 -7.30 6.85 29.16
CA PRO A 545 -6.85 5.87 28.15
C PRO A 545 -7.53 5.96 26.79
N GLU A 546 -8.76 6.48 26.70
CA GLU A 546 -9.34 6.64 25.37
C GLU A 546 -8.71 7.81 24.62
N LEU A 547 -8.07 8.72 25.34
CA LEU A 547 -7.31 9.78 24.67
C LEU A 547 -5.92 9.31 24.32
N LEU A 548 -5.30 8.52 25.20
CA LEU A 548 -3.96 8.02 24.90
C LEU A 548 -3.98 6.98 23.79
N THR A 549 -5.11 6.28 23.61
CA THR A 549 -5.23 5.38 22.47
C THR A 549 -5.24 6.16 21.16
N MET A 550 -5.87 7.33 21.15
CA MET A 550 -5.84 8.19 19.97
C MET A 550 -4.46 8.82 19.80
N TRP A 551 -3.72 8.97 20.90
CA TRP A 551 -2.39 9.56 20.82
C TRP A 551 -1.38 8.59 20.21
N PHE A 552 -1.34 7.35 20.71
CA PHE A 552 -0.34 6.41 20.22
C PHE A 552 -0.69 5.89 18.84
N GLY A 553 -1.88 5.34 18.68
CA GLY A 553 -2.32 4.96 17.35
C GLY A 553 -3.03 6.12 16.70
N GLU A 554 -2.32 6.80 15.81
CA GLU A 554 -2.68 8.15 15.38
C GLU A 554 -3.97 8.15 14.58
N SER A 555 -5.05 8.55 15.23
CA SER A 555 -6.39 8.47 14.67
C SER A 555 -7.24 9.60 15.22
N GLU A 556 -7.85 10.40 14.34
CA GLU A 556 -8.45 11.66 14.80
C GLU A 556 -9.88 11.80 14.29
N ALA A 557 -10.36 10.85 13.50
CA ALA A 557 -11.77 10.88 13.11
C ALA A 557 -12.66 10.49 14.27
N ASN A 558 -12.10 9.82 15.27
CA ASN A 558 -12.87 9.37 16.41
C ASN A 558 -13.32 10.55 17.27
N VAL A 559 -12.55 11.65 17.26
CA VAL A 559 -12.95 12.85 17.98
C VAL A 559 -14.17 13.49 17.32
N ARG A 560 -14.23 13.43 15.99
CA ARG A 560 -15.41 13.93 15.29
C ARG A 560 -16.62 13.03 15.54
N GLU A 561 -16.40 11.73 15.63
CA GLU A 561 -17.50 10.81 15.90
C GLU A 561 -18.05 10.99 17.32
N ILE A 562 -17.19 11.36 18.26
CA ILE A 562 -17.62 11.67 19.63
C ILE A 562 -18.58 12.86 19.65
N PHE A 563 -18.23 13.95 18.97
CA PHE A 563 -19.11 15.11 18.97
C PHE A 563 -20.36 14.87 18.13
N ASP A 564 -20.31 13.95 17.18
CA ASP A 564 -21.53 13.54 16.50
C ASP A 564 -22.47 12.79 17.44
N LYS A 565 -21.94 11.87 18.24
CA LYS A 565 -22.76 11.19 19.26
C LYS A 565 -23.31 12.18 20.27
N ALA A 566 -22.54 13.23 20.60
CA ALA A 566 -23.01 14.23 21.54
C ALA A 566 -24.10 15.12 20.95
N ARG A 567 -24.08 15.39 19.65
CA ARG A 567 -25.11 16.20 19.05
C ARG A 567 -26.39 15.43 18.74
N GLN A 568 -26.29 14.13 18.45
CA GLN A 568 -27.51 13.38 18.17
C GLN A 568 -28.33 13.09 19.42
N ALA A 569 -27.78 13.28 20.61
CA ALA A 569 -28.46 12.99 21.85
C ALA A 569 -28.56 14.22 22.75
N ALA A 570 -28.71 15.39 22.15
CA ALA A 570 -28.80 16.62 22.92
C ALA A 570 -30.17 16.73 23.59
N PRO A 571 -30.25 17.33 24.80
CA PRO A 571 -29.22 17.96 25.64
C PRO A 571 -28.36 16.95 26.39
N CYS A 572 -27.06 17.21 26.47
CA CYS A 572 -26.15 16.29 27.14
C CYS A 572 -24.98 17.02 27.74
N VAL A 573 -24.33 16.32 28.67
CA VAL A 573 -23.10 16.76 29.30
C VAL A 573 -21.99 15.85 28.83
N LEU A 574 -20.96 16.41 28.23
CA LEU A 574 -19.84 15.67 27.68
C LEU A 574 -18.64 15.88 28.57
N PHE A 575 -18.15 14.81 29.19
CA PHE A 575 -17.17 14.90 30.26
C PHE A 575 -15.84 14.31 29.82
N PHE A 576 -14.82 15.16 29.74
CA PHE A 576 -13.47 14.76 29.43
C PHE A 576 -12.67 14.64 30.71
N ASP A 577 -12.49 13.42 31.17
CA ASP A 577 -11.69 13.14 32.35
C ASP A 577 -10.23 13.10 31.95
N GLU A 578 -9.37 13.71 32.79
CA GLU A 578 -7.92 13.71 32.65
C GLU A 578 -7.46 14.31 31.31
N LEU A 579 -7.67 15.63 31.16
CA LEU A 579 -7.15 16.30 29.98
C LEU A 579 -5.63 16.41 30.01
N ASP A 580 -5.02 16.28 31.19
CA ASP A 580 -3.56 16.41 31.29
C ASP A 580 -2.82 15.11 31.00
N SER A 581 -3.51 14.07 30.50
CA SER A 581 -2.89 12.76 30.39
C SER A 581 -1.86 12.72 29.26
N ILE A 582 -2.15 13.34 28.12
CA ILE A 582 -1.19 13.33 27.02
C ILE A 582 -0.02 14.24 27.32
N ALA A 583 -0.28 15.37 27.97
CA ALA A 583 0.80 16.29 28.32
C ALA A 583 1.63 15.77 29.47
N LYS A 584 1.11 14.79 30.20
CA LYS A 584 1.93 14.11 31.21
C LYS A 584 2.68 12.95 30.60
N ALA A 585 2.09 12.27 29.61
CA ALA A 585 2.75 11.13 28.99
C ALA A 585 3.87 11.57 28.06
N ARG A 586 3.78 12.78 27.54
CA ARG A 586 4.80 13.23 26.60
C ARG A 586 6.03 13.73 27.34
N GLY A 587 5.85 14.22 28.56
CA GLY A 587 6.95 14.69 29.37
C GLY A 587 6.43 15.25 30.66
N GLY A 588 7.36 15.70 31.50
CA GLY A 588 6.97 16.38 32.73
C GLY A 588 6.67 17.84 32.45
N ASN A 589 7.29 18.72 33.24
CA ASN A 589 7.27 20.17 33.01
C ASN A 589 7.96 20.42 31.67
N ILE A 590 9.06 19.75 31.36
CA ILE A 590 9.69 19.85 30.04
C ILE A 590 9.34 18.60 29.25
N GLY A 591 8.66 18.76 28.12
CA GLY A 591 8.28 17.62 27.32
C GLY A 591 9.43 17.13 26.46
N ASP A 592 9.07 16.61 25.28
CA ASP A 592 10.07 16.31 24.25
C ASP A 592 10.63 17.65 23.80
N GLY A 593 9.80 18.55 23.27
CA GLY A 593 10.22 19.91 23.01
C GLY A 593 9.03 20.83 22.87
N GLY A 594 9.01 21.95 23.59
CA GLY A 594 7.98 22.95 23.44
C GLY A 594 6.57 22.51 23.77
N GLY A 595 6.27 22.30 25.05
CA GLY A 595 5.01 21.71 25.46
C GLY A 595 3.75 22.53 25.23
N ALA A 596 3.51 22.84 23.96
CA ALA A 596 2.31 23.47 23.47
C ALA A 596 1.33 22.38 23.05
N ALA A 597 0.45 22.73 22.13
CA ALA A 597 -0.62 21.85 21.68
C ALA A 597 -0.10 20.56 21.07
N ASP A 598 -0.80 19.47 21.40
CA ASP A 598 -0.63 18.17 20.79
C ASP A 598 -1.68 17.90 19.73
N ARG A 599 -1.78 16.64 19.33
CA ARG A 599 -2.59 16.28 18.17
C ARG A 599 -4.07 16.18 18.50
N VAL A 600 -4.41 15.76 19.71
CA VAL A 600 -5.79 15.37 20.00
C VAL A 600 -6.57 16.52 20.61
N ILE A 601 -5.92 17.33 21.44
CA ILE A 601 -6.57 18.51 22.00
C ILE A 601 -6.79 19.54 20.89
N ASN A 602 -6.00 19.46 19.82
CA ASN A 602 -6.22 20.29 18.63
C ASN A 602 -7.57 19.98 17.97
N GLN A 603 -7.88 18.70 17.81
CA GLN A 603 -9.16 18.32 17.22
C GLN A 603 -10.31 18.64 18.15
N ILE A 604 -10.07 18.56 19.47
CA ILE A 604 -11.09 18.99 20.43
C ILE A 604 -11.36 20.48 20.30
N LEU A 605 -10.32 21.29 20.05
CA LEU A 605 -10.52 22.72 19.88
C LEU A 605 -11.27 23.05 18.59
N THR A 606 -10.96 22.35 17.49
CA THR A 606 -11.70 22.62 16.24
C THR A 606 -13.15 22.21 16.37
N GLU A 607 -13.44 21.12 17.07
CA GLU A 607 -14.83 20.70 17.21
C GLU A 607 -15.59 21.59 18.19
N MET A 608 -14.90 22.17 19.17
CA MET A 608 -15.56 23.14 20.04
C MET A 608 -15.86 24.42 19.29
N ASP A 609 -14.96 24.83 18.39
CA ASP A 609 -15.24 26.05 17.62
C ASP A 609 -16.33 25.82 16.59
N GLY A 610 -16.48 24.59 16.12
CA GLY A 610 -17.57 24.30 15.21
C GLY A 610 -18.88 23.93 15.86
N MET A 611 -19.15 24.39 17.08
CA MET A 611 -20.31 23.93 17.82
C MET A 611 -21.45 24.94 17.70
N SER A 612 -22.65 24.43 17.38
CA SER A 612 -23.83 25.25 17.26
C SER A 612 -24.32 25.66 18.65
N THR A 613 -24.90 26.85 18.74
CA THR A 613 -25.30 27.37 20.05
C THR A 613 -26.69 26.89 20.44
N LYS A 614 -27.49 26.44 19.47
CA LYS A 614 -28.87 26.07 19.76
C LYS A 614 -28.98 24.67 20.36
N LYS A 615 -27.95 23.84 20.26
CA LYS A 615 -28.11 22.43 20.58
C LYS A 615 -28.12 22.15 22.08
N ASN A 616 -27.52 23.04 22.88
CA ASN A 616 -27.32 22.87 24.32
C ASN A 616 -26.57 21.58 24.65
N VAL A 617 -25.34 21.51 24.16
CA VAL A 617 -24.38 20.49 24.54
C VAL A 617 -23.35 21.16 25.43
N PHE A 618 -23.19 20.65 26.65
CA PHE A 618 -22.37 21.31 27.65
C PHE A 618 -21.14 20.47 27.94
N ILE A 619 -19.97 21.08 27.85
CA ILE A 619 -18.69 20.37 27.88
C ILE A 619 -18.00 20.65 29.20
N ILE A 620 -17.58 19.60 29.90
CA ILE A 620 -16.85 19.70 31.15
C ILE A 620 -15.53 18.96 30.99
N GLY A 621 -14.43 19.57 31.41
CA GLY A 621 -13.17 18.86 31.47
C GLY A 621 -12.73 18.71 32.91
N ALA A 622 -11.76 17.85 33.19
CA ALA A 622 -11.26 17.70 34.55
C ALA A 622 -9.77 17.39 34.54
N THR A 623 -9.01 18.05 35.41
CA THR A 623 -7.57 17.85 35.51
C THR A 623 -7.15 17.70 36.96
N ASN A 624 -5.91 17.28 37.15
CA ASN A 624 -5.24 17.34 38.43
C ASN A 624 -4.02 18.23 38.39
N ARG A 625 -3.51 18.50 37.20
CA ARG A 625 -2.28 19.27 36.99
C ARG A 625 -2.63 20.47 36.14
N PRO A 626 -3.11 21.56 36.74
CA PRO A 626 -3.61 22.70 35.95
C PRO A 626 -2.55 23.49 35.23
N ASP A 627 -1.27 23.27 35.53
CA ASP A 627 -0.20 24.11 35.02
C ASP A 627 0.43 23.59 33.73
N ILE A 628 0.21 22.33 33.38
CA ILE A 628 0.76 21.76 32.15
C ILE A 628 -0.30 21.65 31.06
N ILE A 629 -1.46 22.25 31.27
CA ILE A 629 -2.52 22.17 30.26
C ILE A 629 -2.26 23.21 29.17
N ASP A 630 -2.80 22.92 27.98
CA ASP A 630 -2.67 23.82 26.84
C ASP A 630 -3.40 25.13 27.13
N PRO A 631 -2.71 26.27 27.06
CA PRO A 631 -3.39 27.54 27.39
C PRO A 631 -4.37 28.01 26.33
N ALA A 632 -4.42 27.36 25.17
CA ALA A 632 -5.36 27.77 24.13
C ALA A 632 -6.77 27.27 24.42
N ILE A 633 -6.93 26.47 25.47
CA ILE A 633 -8.26 25.98 25.83
C ILE A 633 -9.00 27.02 26.67
N LEU A 634 -8.25 27.80 27.44
CA LEU A 634 -8.86 28.67 28.44
C LEU A 634 -9.21 30.03 27.87
N ARG A 635 -9.07 30.17 26.54
CA ARG A 635 -9.43 31.41 25.79
C ARG A 635 -10.96 31.53 25.77
N PRO A 636 -11.56 32.74 25.85
CA PRO A 636 -13.02 32.87 25.91
C PRO A 636 -13.71 32.27 24.69
N GLY A 637 -14.71 31.46 24.96
CA GLY A 637 -15.41 30.72 23.94
C GLY A 637 -15.18 29.23 23.96
N ARG A 638 -14.18 28.74 24.70
CA ARG A 638 -13.94 27.31 24.70
C ARG A 638 -14.17 26.66 26.06
N LEU A 639 -13.37 27.03 27.06
CA LEU A 639 -13.59 26.62 28.44
C LEU A 639 -13.12 27.77 29.34
N ASP A 640 -14.02 28.70 29.65
CA ASP A 640 -13.56 29.92 30.28
C ASP A 640 -13.75 29.91 31.80
N GLN A 641 -14.71 29.15 32.29
CA GLN A 641 -14.92 29.06 33.73
C GLN A 641 -13.93 28.06 34.35
N LEU A 642 -13.32 28.46 35.45
CA LEU A 642 -12.45 27.58 36.23
C LEU A 642 -13.04 27.40 37.61
N ILE A 643 -13.10 26.15 38.08
CA ILE A 643 -13.64 25.85 39.40
C ILE A 643 -12.63 24.98 40.14
N TYR A 644 -12.30 25.38 41.36
CA TYR A 644 -11.39 24.63 42.23
C TYR A 644 -12.20 23.85 43.26
N ILE A 645 -11.96 22.55 43.33
CA ILE A 645 -12.69 21.66 44.22
C ILE A 645 -11.72 21.19 45.31
N PRO A 646 -11.88 21.64 46.54
CA PRO A 646 -10.86 21.35 47.56
C PRO A 646 -11.11 20.03 48.28
N LEU A 647 -10.20 19.69 49.19
CA LEU A 647 -10.41 18.54 50.07
C LEU A 647 -11.63 18.79 50.95
N PRO A 648 -12.43 17.76 51.23
CA PRO A 648 -13.67 17.98 52.00
C PRO A 648 -13.38 18.30 53.44
N ASP A 649 -14.24 19.14 54.01
CA ASP A 649 -14.04 19.68 55.35
C ASP A 649 -14.71 18.79 56.39
N GLU A 650 -14.84 19.30 57.61
CA GLU A 650 -15.30 18.50 58.74
C GLU A 650 -16.77 18.12 58.65
N LYS A 651 -17.59 18.91 57.95
CA LYS A 651 -19.00 18.59 57.84
C LYS A 651 -19.29 17.68 56.67
N SER A 652 -18.42 17.68 55.66
CA SER A 652 -18.69 16.94 54.43
C SER A 652 -18.49 15.44 54.62
N ARG A 653 -17.57 15.06 55.51
CA ARG A 653 -17.13 13.67 55.59
C ARG A 653 -18.21 12.78 56.18
N VAL A 654 -19.11 13.35 56.97
CA VAL A 654 -20.26 12.62 57.48
C VAL A 654 -21.17 12.22 56.33
N ALA A 655 -21.42 13.15 55.39
CA ALA A 655 -22.26 12.84 54.25
C ALA A 655 -21.54 11.95 53.25
N ILE A 656 -20.21 11.95 53.29
CA ILE A 656 -19.45 10.97 52.51
C ILE A 656 -19.67 9.57 53.06
N LEU A 657 -19.49 9.40 54.38
CA LEU A 657 -19.56 8.09 55.00
C LEU A 657 -20.97 7.52 54.98
N LYS A 658 -21.99 8.38 55.14
CA LYS A 658 -23.37 7.91 55.06
C LYS A 658 -23.72 7.46 53.65
N ALA A 659 -23.13 8.11 52.64
CA ALA A 659 -23.40 7.72 51.26
C ALA A 659 -22.68 6.44 50.91
N ASN A 660 -21.50 6.21 51.49
CA ASN A 660 -20.78 4.98 51.20
C ASN A 660 -21.36 3.79 51.93
N LEU A 661 -21.77 3.97 53.18
CA LEU A 661 -22.23 2.88 54.04
C LEU A 661 -23.71 2.59 53.93
N ARG A 662 -24.40 3.10 52.91
CA ARG A 662 -25.85 3.00 52.86
C ARG A 662 -26.31 1.61 52.44
N LYS A 663 -25.40 0.78 51.94
CA LYS A 663 -25.79 -0.57 51.54
C LYS A 663 -25.32 -1.61 52.55
N SER A 664 -24.24 -1.32 53.27
CA SER A 664 -23.74 -2.27 54.26
C SER A 664 -24.51 -2.10 55.57
N PRO A 665 -25.03 -3.18 56.15
CA PRO A 665 -25.83 -3.07 57.38
C PRO A 665 -25.00 -2.79 58.64
N VAL A 666 -24.65 -1.54 58.84
CA VAL A 666 -23.95 -1.12 60.05
C VAL A 666 -24.98 -0.93 61.16
N ALA A 667 -24.51 -0.97 62.40
CA ALA A 667 -25.39 -0.86 63.56
C ALA A 667 -24.61 -0.40 64.77
N LYS A 668 -25.32 0.29 65.67
CA LYS A 668 -24.91 0.54 67.06
C LYS A 668 -23.62 1.36 67.16
N ASP A 669 -23.43 2.30 66.25
CA ASP A 669 -22.29 3.20 66.38
C ASP A 669 -22.52 4.18 67.51
N VAL A 670 -21.44 4.58 68.16
CA VAL A 670 -21.46 5.61 69.20
C VAL A 670 -21.38 7.00 68.59
N ASP A 671 -20.30 7.29 67.87
CA ASP A 671 -20.06 8.64 67.34
C ASP A 671 -19.41 8.52 65.97
N LEU A 672 -20.24 8.50 64.92
CA LEU A 672 -19.77 8.64 63.55
C LEU A 672 -19.19 10.02 63.28
N GLU A 673 -19.69 11.03 64.00
CA GLU A 673 -19.14 12.38 63.90
C GLU A 673 -17.71 12.44 64.43
N PHE A 674 -17.38 11.61 65.43
CA PHE A 674 -15.98 11.52 65.85
C PHE A 674 -15.13 10.83 64.80
N LEU A 675 -15.70 9.84 64.10
CA LEU A 675 -14.99 9.17 63.02
C LEU A 675 -14.67 10.14 61.89
N ALA A 676 -15.60 11.03 61.57
CA ALA A 676 -15.32 12.07 60.60
C ALA A 676 -14.44 13.18 61.17
N LYS A 677 -14.41 13.34 62.49
CA LYS A 677 -13.65 14.43 63.09
C LYS A 677 -12.17 14.10 63.19
N MET A 678 -11.84 12.83 63.47
CA MET A 678 -10.44 12.47 63.66
C MET A 678 -9.67 12.48 62.34
N THR A 679 -10.34 12.20 61.23
CA THR A 679 -9.68 12.11 59.93
C THR A 679 -9.55 13.51 59.34
N ASN A 680 -8.33 14.02 59.27
CA ASN A 680 -8.07 15.35 58.71
C ASN A 680 -7.06 15.22 57.57
N GLY A 681 -7.35 15.86 56.45
CA GLY A 681 -6.53 15.71 55.26
C GLY A 681 -6.79 14.44 54.49
N PHE A 682 -8.04 13.97 54.45
CA PHE A 682 -8.41 12.74 53.79
C PHE A 682 -9.40 13.05 52.67
N SER A 683 -9.14 12.51 51.48
CA SER A 683 -10.08 12.67 50.39
C SER A 683 -11.19 11.64 50.50
N GLY A 684 -12.08 11.64 49.50
CA GLY A 684 -13.21 10.72 49.53
C GLY A 684 -12.80 9.28 49.27
N ALA A 685 -11.73 9.09 48.50
CA ALA A 685 -11.27 7.74 48.19
C ALA A 685 -10.69 7.06 49.42
N ASP A 686 -10.10 7.83 50.34
CA ASP A 686 -9.54 7.25 51.54
C ASP A 686 -10.64 6.78 52.49
N LEU A 687 -11.72 7.54 52.58
CA LEU A 687 -12.84 7.14 53.42
C LEU A 687 -13.56 5.94 52.83
N THR A 688 -13.64 5.89 51.50
CA THR A 688 -14.18 4.69 50.83
C THR A 688 -13.29 3.48 51.09
N GLU A 689 -11.97 3.68 51.14
CA GLU A 689 -11.04 2.60 51.45
C GLU A 689 -11.23 2.07 52.85
N ILE A 690 -11.45 2.98 53.81
CA ILE A 690 -11.71 2.59 55.20
C ILE A 690 -12.98 1.76 55.31
N CYS A 691 -14.05 2.18 54.61
CA CYS A 691 -15.30 1.42 54.65
C CYS A 691 -15.16 0.04 54.00
N GLN A 692 -14.38 -0.05 52.91
CA GLN A 692 -14.20 -1.33 52.26
C GLN A 692 -13.36 -2.28 53.10
N ARG A 693 -12.38 -1.75 53.84
CA ARG A 693 -11.58 -2.62 54.71
C ARG A 693 -12.39 -3.11 55.90
N ALA A 694 -13.28 -2.27 56.42
CA ALA A 694 -14.17 -2.72 57.49
C ALA A 694 -15.11 -3.83 57.00
N CYS A 695 -15.59 -3.71 55.76
CA CYS A 695 -16.42 -4.78 55.21
C CYS A 695 -15.62 -6.06 54.99
N LYS A 696 -14.33 -5.93 54.63
CA LYS A 696 -13.46 -7.10 54.52
C LYS A 696 -13.33 -7.84 55.84
N LEU A 697 -13.07 -7.11 56.92
CA LEU A 697 -12.93 -7.72 58.23
C LEU A 697 -14.22 -8.39 58.68
N ALA A 698 -15.36 -7.75 58.38
CA ALA A 698 -16.64 -8.34 58.75
C ALA A 698 -16.92 -9.64 58.00
N ILE A 699 -16.63 -9.68 56.70
CA ILE A 699 -16.86 -10.90 55.93
C ILE A 699 -15.94 -12.02 56.37
N ARG A 700 -14.68 -11.68 56.72
CA ARG A 700 -13.74 -12.69 57.18
C ARG A 700 -14.17 -13.30 58.51
N GLU A 701 -14.62 -12.46 59.45
CA GLU A 701 -15.06 -12.99 60.74
C GLU A 701 -16.34 -13.80 60.60
N SER A 702 -17.26 -13.35 59.74
CA SER A 702 -18.51 -14.09 59.56
C SER A 702 -18.33 -15.38 58.76
N ILE A 703 -17.20 -15.56 58.06
CA ILE A 703 -16.93 -16.86 57.47
C ILE A 703 -16.19 -17.78 58.44
N GLU A 704 -15.28 -17.21 59.25
CA GLU A 704 -14.58 -17.99 60.27
C GLU A 704 -15.54 -18.58 61.30
N SER A 705 -16.58 -17.81 61.68
CA SER A 705 -17.53 -18.31 62.66
C SER A 705 -18.36 -19.48 62.10
N GLU A 706 -18.75 -19.40 60.83
CA GLU A 706 -19.51 -20.49 60.20
C GLU A 706 -18.66 -21.75 60.07
N ILE A 707 -17.39 -21.59 59.69
CA ILE A 707 -16.48 -22.73 59.58
C ILE A 707 -16.27 -23.40 60.94
N ARG A 708 -16.07 -22.58 61.98
CA ARG A 708 -15.81 -23.14 63.31
C ARG A 708 -17.04 -23.81 63.88
N ARG A 709 -18.23 -23.24 63.68
CA ARG A 709 -19.45 -23.85 64.17
C ARG A 709 -19.78 -25.14 63.43
N GLU A 710 -19.51 -25.19 62.12
CA GLU A 710 -19.73 -26.43 61.38
C GLU A 710 -18.75 -27.51 61.80
N ARG A 711 -17.50 -27.14 62.09
CA ARG A 711 -16.52 -28.12 62.52
C ARG A 711 -16.84 -28.67 63.91
N GLU A 712 -17.23 -27.79 64.84
CA GLU A 712 -17.59 -28.25 66.17
C GLU A 712 -18.91 -29.01 66.17
N ARG A 713 -19.79 -28.71 65.22
CA ARG A 713 -21.05 -29.45 65.08
C ARG A 713 -20.82 -30.84 64.52
N GLN A 714 -19.96 -30.95 63.50
CA GLN A 714 -19.73 -32.25 62.87
C GLN A 714 -18.80 -33.11 63.72
N THR A 715 -18.01 -32.50 64.61
CA THR A 715 -17.13 -33.27 65.47
C THR A 715 -17.91 -34.10 66.49
N ASN A 716 -19.05 -33.59 66.95
CA ASN A 716 -19.96 -34.33 67.81
C ASN A 716 -21.23 -34.58 67.01
N PRO A 717 -21.35 -35.71 66.32
CA PRO A 717 -22.51 -35.95 65.46
C PRO A 717 -23.80 -36.12 66.25
N SER A 718 -24.92 -35.94 65.55
CA SER A 718 -26.27 -35.82 66.12
C SER A 718 -26.32 -34.75 67.21
N ALA A 719 -26.09 -33.52 66.77
CA ALA A 719 -26.15 -32.38 67.66
C ALA A 719 -27.57 -32.16 68.15
N MET A 720 -27.74 -32.14 69.47
CA MET A 720 -29.07 -32.22 70.06
C MET A 720 -29.82 -30.89 70.05
N GLU A 721 -29.12 -29.76 69.99
CA GLU A 721 -29.76 -28.44 70.04
C GLU A 721 -29.46 -27.71 68.73
N VAL A 722 -30.32 -27.92 67.74
CA VAL A 722 -30.20 -27.29 66.43
C VAL A 722 -31.02 -26.01 66.49
N GLU A 723 -30.38 -24.92 66.87
CA GLU A 723 -31.04 -23.62 67.02
C GLU A 723 -30.25 -22.62 66.18
N GLU A 724 -30.73 -22.37 64.97
CA GLU A 724 -29.98 -21.58 64.01
C GLU A 724 -29.99 -20.09 64.37
N ASP A 725 -28.87 -19.43 64.11
CA ASP A 725 -28.69 -18.03 64.45
C ASP A 725 -27.53 -17.49 63.62
N ASP A 726 -27.61 -16.21 63.28
CA ASP A 726 -26.53 -15.55 62.57
C ASP A 726 -25.54 -14.99 63.59
N PRO A 727 -24.26 -15.38 63.54
CA PRO A 727 -23.30 -14.85 64.53
C PRO A 727 -23.02 -13.38 64.37
N VAL A 728 -22.64 -12.94 63.17
CA VAL A 728 -22.34 -11.52 62.92
C VAL A 728 -23.28 -11.03 61.83
N PRO A 729 -24.43 -10.45 62.19
CA PRO A 729 -25.31 -9.89 61.15
C PRO A 729 -24.92 -8.46 60.77
N GLU A 730 -24.35 -7.71 61.71
CA GLU A 730 -24.05 -6.31 61.49
C GLU A 730 -22.58 -6.03 61.77
N ILE A 731 -22.12 -4.87 61.31
CA ILE A 731 -20.73 -4.47 61.47
C ILE A 731 -20.61 -3.62 62.73
N ARG A 732 -19.71 -3.99 63.62
CA ARG A 732 -19.57 -3.33 64.92
C ARG A 732 -18.35 -2.44 64.93
N ARG A 733 -18.12 -1.80 66.08
CA ARG A 733 -17.09 -0.78 66.20
C ARG A 733 -15.70 -1.38 66.22
N ASP A 734 -15.59 -2.69 66.48
CA ASP A 734 -14.29 -3.35 66.49
C ASP A 734 -13.68 -3.38 65.10
N HIS A 735 -14.52 -3.55 64.07
CA HIS A 735 -14.04 -3.58 62.70
C HIS A 735 -13.51 -2.23 62.25
N PHE A 736 -14.22 -1.15 62.58
CA PHE A 736 -13.74 0.18 62.25
C PHE A 736 -12.50 0.54 63.06
N GLU A 737 -12.45 0.09 64.31
CA GLU A 737 -11.32 0.41 65.17
C GLU A 737 -10.08 -0.38 64.75
N GLU A 738 -10.28 -1.51 64.07
CA GLU A 738 -9.16 -2.23 63.50
C GLU A 738 -8.75 -1.66 62.15
N ALA A 739 -9.73 -1.26 61.33
CA ALA A 739 -9.44 -0.83 59.97
C ALA A 739 -8.86 0.57 59.93
N MET A 740 -9.08 1.38 60.97
CA MET A 740 -8.49 2.72 61.02
C MET A 740 -6.98 2.67 61.20
N ARG A 741 -6.44 1.54 61.67
CA ARG A 741 -5.01 1.40 61.83
C ARG A 741 -4.30 1.33 60.47
N PHE A 742 -5.01 0.89 59.43
CA PHE A 742 -4.44 0.84 58.10
C PHE A 742 -4.73 2.08 57.25
N ALA A 743 -5.27 3.14 57.84
CA ALA A 743 -5.59 4.33 57.07
C ALA A 743 -4.33 5.11 56.72
N ARG A 744 -4.38 5.84 55.61
CA ARG A 744 -3.27 6.65 55.15
C ARG A 744 -3.78 7.89 54.41
N ARG A 745 -2.93 8.91 54.38
CA ARG A 745 -3.22 10.12 53.62
C ARG A 745 -2.66 9.97 52.21
N SER A 746 -3.47 10.28 51.21
CA SER A 746 -3.02 10.14 49.83
C SER A 746 -2.35 11.40 49.34
N VAL A 747 -2.75 12.56 49.85
CA VAL A 747 -2.29 13.85 49.36
C VAL A 747 -1.36 14.46 50.40
N SER A 748 -0.13 14.78 49.99
CA SER A 748 0.82 15.44 50.87
C SER A 748 0.47 16.92 51.01
N ASP A 749 1.19 17.60 51.90
CA ASP A 749 0.88 19.00 52.15
C ASP A 749 1.53 19.92 51.12
N ASN A 750 2.55 19.41 50.41
CA ASN A 750 3.15 20.20 49.34
C ASN A 750 2.20 20.33 48.16
N ASP A 751 1.43 19.28 47.88
CA ASP A 751 0.45 19.34 46.80
C ASP A 751 -0.69 20.29 47.15
N ILE A 752 -1.14 20.27 48.40
CA ILE A 752 -2.17 21.20 48.87
C ILE A 752 -1.65 22.63 48.80
N ARG A 753 -0.37 22.82 49.14
CA ARG A 753 0.27 24.12 49.03
C ARG A 753 0.32 24.60 47.58
N LYS A 754 0.55 23.69 46.64
CA LYS A 754 0.59 24.06 45.24
C LYS A 754 -0.78 24.43 44.70
N TYR A 755 -1.82 23.69 45.10
CA TYR A 755 -3.17 24.05 44.65
C TYR A 755 -3.63 25.36 45.28
N GLU A 756 -3.25 25.61 46.54
CA GLU A 756 -3.60 26.89 47.16
C GLU A 756 -2.87 28.05 46.49
N MET A 757 -1.61 27.84 46.08
CA MET A 757 -0.89 28.92 45.41
C MET A 757 -1.43 29.18 44.01
N PHE A 758 -1.86 28.13 43.31
CA PHE A 758 -2.50 28.35 42.02
C PHE A 758 -3.83 29.07 42.18
N ALA A 759 -4.56 28.77 43.26
CA ALA A 759 -5.83 29.44 43.49
C ALA A 759 -5.65 30.90 43.91
N GLN A 760 -4.57 31.19 44.64
CA GLN A 760 -4.29 32.57 45.02
C GLN A 760 -3.82 33.39 43.82
N THR A 761 -2.85 32.88 43.07
CA THR A 761 -2.31 33.66 41.96
C THR A 761 -3.22 33.65 40.75
N LEU A 762 -4.26 32.81 40.75
CA LEU A 762 -5.28 32.90 39.72
C LEU A 762 -6.17 34.11 39.94
N GLN A 763 -6.47 34.43 41.19
CA GLN A 763 -7.43 35.47 41.53
C GLN A 763 -6.72 36.80 41.74
N GLN A 764 -7.17 37.82 41.01
CA GLN A 764 -6.74 39.20 41.22
C GLN A 764 -7.99 40.08 41.29
N SER A 765 -7.91 41.13 42.10
CA SER A 765 -9.08 41.93 42.46
C SER A 765 -8.71 43.41 42.53
N ARG A 766 -9.68 44.26 42.19
CA ARG A 766 -9.50 45.69 42.43
C ARG A 766 -10.03 46.08 43.81
N GLY A 767 -11.22 45.59 44.17
CA GLY A 767 -11.80 45.84 45.47
C GLY A 767 -12.18 47.28 45.75
N PHE A 768 -12.29 48.11 44.71
CA PHE A 768 -12.56 49.53 44.88
C PHE A 768 -13.98 49.82 44.45
N GLY A 769 -14.74 50.49 45.32
CA GLY A 769 -16.09 50.91 45.03
C GLY A 769 -16.08 52.08 44.06
N SER A 770 -16.63 51.85 42.88
CA SER A 770 -16.72 52.91 41.87
C SER A 770 -17.68 54.00 42.31
N PHE A 771 -18.70 53.64 43.08
CA PHE A 771 -19.66 54.60 43.58
C PHE A 771 -19.84 54.46 45.08
N ASN B 21 -36.51 54.22 -33.12
CA ASN B 21 -37.39 55.15 -33.83
C ASN B 21 -38.34 55.86 -32.87
N ARG B 22 -39.11 55.07 -32.11
CA ARG B 22 -40.11 55.63 -31.23
C ARG B 22 -39.73 55.42 -29.77
N PRO B 23 -39.94 56.42 -28.91
CA PRO B 23 -39.48 56.32 -27.51
C PRO B 23 -40.34 55.44 -26.63
N ASN B 24 -41.47 54.93 -27.11
CA ASN B 24 -42.29 54.02 -26.32
C ASN B 24 -41.90 52.57 -26.46
N ARG B 25 -40.98 52.25 -27.38
CA ARG B 25 -40.51 50.88 -27.54
C ARG B 25 -39.58 50.50 -26.39
N LEU B 26 -39.86 49.38 -25.75
CA LEU B 26 -39.17 49.00 -24.52
C LEU B 26 -38.83 47.51 -24.55
N ILE B 27 -37.90 47.12 -23.67
CA ILE B 27 -37.44 45.75 -23.52
C ILE B 27 -37.75 45.31 -22.09
N VAL B 28 -38.07 44.04 -21.89
CA VAL B 28 -38.57 43.57 -20.61
C VAL B 28 -37.41 43.33 -19.64
N ASP B 29 -37.53 43.87 -18.43
CA ASP B 29 -36.59 43.62 -17.34
C ASP B 29 -37.31 42.81 -16.27
N GLU B 30 -36.58 42.49 -15.18
CA GLU B 30 -37.11 41.64 -14.12
C GLU B 30 -38.12 42.41 -13.26
N ALA B 31 -38.76 41.70 -12.35
CA ALA B 31 -39.78 42.27 -11.47
C ALA B 31 -39.20 42.49 -10.09
N ILE B 32 -39.51 43.64 -9.49
CA ILE B 32 -39.14 43.96 -8.12
C ILE B 32 -40.37 44.15 -7.24
N ASN B 33 -41.32 44.96 -7.70
CA ASN B 33 -42.58 45.11 -7.00
C ASN B 33 -43.42 43.85 -7.21
N GLU B 34 -43.75 43.18 -6.11
CA GLU B 34 -44.34 41.84 -6.15
C GLU B 34 -45.86 41.85 -6.31
N ASP B 35 -46.42 42.94 -6.82
CA ASP B 35 -47.84 42.97 -7.16
C ASP B 35 -48.00 42.52 -8.61
N ASN B 36 -49.15 41.90 -8.89
CA ASN B 36 -49.34 41.27 -10.19
C ASN B 36 -49.63 42.31 -11.27
N SER B 37 -50.53 43.25 -10.99
CA SER B 37 -51.00 44.20 -11.99
C SER B 37 -50.22 45.51 -11.97
N VAL B 38 -48.93 45.47 -11.65
CA VAL B 38 -48.10 46.67 -11.55
C VAL B 38 -46.90 46.51 -12.47
N VAL B 39 -46.76 47.45 -13.40
CA VAL B 39 -45.55 47.59 -14.18
C VAL B 39 -44.76 48.78 -13.63
N SER B 40 -43.52 48.93 -14.09
CA SER B 40 -42.67 49.98 -13.57
C SER B 40 -41.89 50.63 -14.71
N LEU B 41 -41.62 51.93 -14.55
CA LEU B 41 -40.81 52.68 -15.49
C LEU B 41 -39.86 53.59 -14.70
N SER B 42 -38.91 54.17 -15.41
CA SER B 42 -37.96 55.08 -14.78
C SER B 42 -38.52 56.50 -14.75
N GLN B 43 -37.77 57.38 -14.07
CA GLN B 43 -38.24 58.76 -13.90
C GLN B 43 -38.17 59.60 -15.19
N PRO B 44 -37.05 59.67 -15.94
CA PRO B 44 -37.09 60.53 -17.15
C PRO B 44 -37.94 59.96 -18.27
N LYS B 45 -38.17 58.66 -18.33
CA LYS B 45 -39.07 58.12 -19.34
C LYS B 45 -40.52 58.49 -19.04
N MET B 46 -40.92 58.42 -17.76
CA MET B 46 -42.25 58.88 -17.39
C MET B 46 -42.40 60.38 -17.52
N ASP B 47 -41.32 61.14 -17.33
CA ASP B 47 -41.40 62.58 -17.54
C ASP B 47 -41.39 62.91 -19.03
N GLU B 48 -40.88 62.00 -19.86
CA GLU B 48 -40.91 62.19 -21.30
C GLU B 48 -42.27 61.82 -21.87
N LEU B 49 -42.95 60.86 -21.25
CA LEU B 49 -44.27 60.44 -21.70
C LEU B 49 -45.40 61.15 -20.94
N GLN B 50 -45.06 61.88 -19.87
CA GLN B 50 -45.99 62.67 -19.04
C GLN B 50 -47.07 61.78 -18.42
N LEU B 51 -46.62 60.89 -17.54
CA LEU B 51 -47.52 59.99 -16.81
C LEU B 51 -47.60 60.38 -15.34
N PHE B 52 -48.27 59.55 -14.56
CA PHE B 52 -48.50 59.80 -13.14
C PHE B 52 -48.47 58.44 -12.42
N ARG B 53 -48.32 58.48 -11.10
CA ARG B 53 -48.25 57.31 -10.25
C ARG B 53 -49.61 56.67 -9.96
N GLY B 54 -50.64 56.98 -10.72
CA GLY B 54 -51.92 56.29 -10.59
C GLY B 54 -52.61 56.06 -11.92
N ASP B 55 -51.84 56.07 -13.00
CA ASP B 55 -52.41 56.02 -14.35
C ASP B 55 -52.73 54.58 -14.72
N THR B 56 -53.07 54.38 -16.00
CA THR B 56 -53.46 53.08 -16.53
C THR B 56 -53.00 53.02 -17.99
N VAL B 57 -52.01 52.20 -18.28
CA VAL B 57 -51.43 52.11 -19.61
C VAL B 57 -51.79 50.76 -20.22
N LEU B 58 -51.43 50.58 -21.49
CA LEU B 58 -51.68 49.35 -22.21
C LEU B 58 -50.40 48.93 -22.91
N LEU B 59 -50.12 47.63 -22.88
CA LEU B 59 -48.90 47.06 -23.43
C LEU B 59 -49.26 46.13 -24.57
N LYS B 60 -48.63 46.32 -25.73
CA LYS B 60 -48.85 45.46 -26.87
C LYS B 60 -47.72 44.44 -26.95
N GLY B 61 -48.09 43.18 -27.19
CA GLY B 61 -47.10 42.13 -27.26
C GLY B 61 -47.20 41.32 -28.54
N LYS B 62 -46.71 40.08 -28.50
CA LYS B 62 -46.72 39.21 -29.67
C LYS B 62 -48.04 38.44 -29.74
N LYS B 63 -48.28 37.83 -30.92
CA LYS B 63 -49.47 37.04 -31.26
C LYS B 63 -50.76 37.86 -31.09
N ARG B 64 -50.68 39.17 -31.37
CA ARG B 64 -51.81 40.10 -31.42
C ARG B 64 -52.57 40.17 -30.08
N ARG B 65 -51.82 40.11 -28.99
CA ARG B 65 -52.40 40.12 -27.66
C ARG B 65 -51.80 41.25 -26.83
N GLU B 66 -52.62 41.82 -25.96
CA GLU B 66 -52.25 43.01 -25.19
C GLU B 66 -52.51 42.76 -23.71
N ALA B 67 -52.08 43.71 -22.88
CA ALA B 67 -52.30 43.60 -21.44
C ALA B 67 -52.41 44.99 -20.83
N VAL B 68 -53.38 45.14 -19.92
CA VAL B 68 -53.63 46.40 -19.23
C VAL B 68 -53.10 46.27 -17.80
N CYS B 69 -52.45 47.31 -17.31
CA CYS B 69 -51.80 47.29 -16.00
C CYS B 69 -51.96 48.67 -15.36
N ILE B 70 -51.20 48.90 -14.30
CA ILE B 70 -51.10 50.19 -13.63
C ILE B 70 -49.62 50.58 -13.60
N VAL B 71 -49.29 51.71 -14.19
CA VAL B 71 -47.90 52.15 -14.25
C VAL B 71 -47.52 52.85 -12.94
N LEU B 72 -46.33 52.53 -12.43
CA LEU B 72 -45.79 53.25 -11.28
C LEU B 72 -44.38 53.73 -11.62
N SER B 73 -43.68 54.26 -10.63
CA SER B 73 -42.34 54.81 -10.82
C SER B 73 -41.31 53.95 -10.10
N ASP B 74 -40.07 54.03 -10.57
CA ASP B 74 -38.96 53.32 -9.96
C ASP B 74 -37.67 54.05 -10.30
N ASP B 75 -36.82 54.20 -9.29
CA ASP B 75 -35.53 54.87 -9.47
C ASP B 75 -34.41 53.92 -9.87
N THR B 76 -34.54 52.63 -9.54
CA THR B 76 -33.53 51.65 -9.94
C THR B 76 -33.75 51.14 -11.36
N CYS B 77 -34.78 51.60 -12.05
CA CYS B 77 -35.03 51.17 -13.42
C CYS B 77 -33.99 51.76 -14.37
N SER B 78 -33.78 51.08 -15.48
CA SER B 78 -32.82 51.51 -16.49
C SER B 78 -33.49 52.50 -17.45
N ASP B 79 -32.81 52.78 -18.57
CA ASP B 79 -33.26 53.85 -19.45
C ASP B 79 -34.39 53.39 -20.38
N GLU B 80 -34.12 52.42 -21.26
CA GLU B 80 -35.09 51.99 -22.25
C GLU B 80 -35.70 50.63 -21.95
N LYS B 81 -36.00 50.33 -20.68
CA LYS B 81 -36.60 49.06 -20.33
C LYS B 81 -37.80 49.25 -19.43
N ILE B 82 -38.55 48.15 -19.23
CA ILE B 82 -39.75 48.13 -18.42
C ILE B 82 -39.69 46.91 -17.49
N ARG B 83 -40.17 47.08 -16.27
CA ARG B 83 -40.16 46.03 -15.26
C ARG B 83 -41.58 45.52 -15.05
N MET B 84 -41.76 44.20 -15.18
CA MET B 84 -43.09 43.62 -15.04
C MET B 84 -42.98 42.22 -14.46
N ASN B 85 -44.10 41.76 -13.89
CA ASN B 85 -44.21 40.46 -13.26
C ASN B 85 -44.23 39.36 -14.33
N ARG B 86 -44.01 38.11 -13.89
CA ARG B 86 -44.07 36.97 -14.79
C ARG B 86 -45.49 36.69 -15.29
N VAL B 87 -46.51 37.13 -14.54
CA VAL B 87 -47.89 36.96 -14.96
C VAL B 87 -48.19 37.80 -16.19
N VAL B 88 -47.88 39.10 -16.12
CA VAL B 88 -48.05 40.01 -17.26
C VAL B 88 -47.15 39.59 -18.41
N ARG B 89 -45.95 39.09 -18.09
CA ARG B 89 -45.01 38.66 -19.11
C ARG B 89 -45.51 37.44 -19.88
N ASN B 90 -46.14 36.49 -19.19
CA ASN B 90 -46.69 35.33 -19.88
C ASN B 90 -48.03 35.61 -20.53
N ASN B 91 -48.76 36.64 -20.09
CA ASN B 91 -50.01 37.01 -20.75
C ASN B 91 -49.81 37.74 -22.06
N LEU B 92 -48.58 38.12 -22.40
CA LEU B 92 -48.28 38.84 -23.62
C LEU B 92 -47.56 37.99 -24.67
N ARG B 93 -47.33 36.71 -24.39
CA ARG B 93 -46.47 35.81 -25.19
C ARG B 93 -45.10 36.42 -25.42
N VAL B 94 -44.48 36.87 -24.33
CA VAL B 94 -43.23 37.61 -24.33
C VAL B 94 -42.28 36.95 -23.35
N ARG B 95 -41.01 36.83 -23.74
CA ARG B 95 -39.96 36.34 -22.85
C ARG B 95 -38.99 37.47 -22.54
N LEU B 96 -37.95 37.15 -21.77
CA LEU B 96 -36.97 38.17 -21.36
C LEU B 96 -36.11 38.56 -22.55
N GLY B 97 -36.14 39.85 -22.91
CA GLY B 97 -35.37 40.36 -24.00
C GLY B 97 -36.16 40.71 -25.24
N ASP B 98 -37.49 40.61 -25.19
CA ASP B 98 -38.32 40.93 -26.34
C ASP B 98 -38.60 42.44 -26.40
N VAL B 99 -39.54 42.85 -27.26
CA VAL B 99 -39.87 44.24 -27.45
C VAL B 99 -41.36 44.45 -27.23
N ILE B 100 -41.72 45.56 -26.60
CA ILE B 100 -43.11 45.90 -26.27
C ILE B 100 -43.33 47.38 -26.52
N SER B 101 -44.41 47.72 -27.21
CA SER B 101 -44.87 49.10 -27.37
C SER B 101 -45.93 49.41 -26.32
N ILE B 102 -45.78 50.55 -25.67
CA ILE B 102 -46.69 50.99 -24.61
C ILE B 102 -47.51 52.15 -25.14
N GLN B 103 -48.79 52.21 -24.78
CA GLN B 103 -49.62 53.35 -25.14
C GLN B 103 -50.55 53.73 -23.98
N PRO B 104 -50.88 55.01 -23.85
CA PRO B 104 -51.81 55.42 -22.79
C PRO B 104 -53.26 55.12 -23.15
N CYS B 105 -54.04 54.81 -22.12
CA CYS B 105 -55.47 54.55 -22.27
C CYS B 105 -56.23 55.23 -21.15
N PRO B 106 -56.78 56.42 -21.39
CA PRO B 106 -57.61 57.08 -20.37
C PRO B 106 -59.03 56.56 -20.29
N ASP B 107 -59.38 55.50 -21.01
CA ASP B 107 -60.74 54.95 -21.01
C ASP B 107 -60.99 54.19 -19.71
N VAL B 108 -61.31 54.96 -18.67
CA VAL B 108 -61.59 54.41 -17.34
C VAL B 108 -63.04 53.98 -17.33
N LYS B 109 -63.29 52.69 -17.48
CA LYS B 109 -64.63 52.13 -17.49
C LYS B 109 -64.80 51.16 -16.33
N TYR B 110 -65.83 51.39 -15.53
CA TYR B 110 -66.11 50.50 -14.42
C TYR B 110 -66.87 49.27 -14.91
N GLY B 111 -66.51 48.11 -14.35
CA GLY B 111 -67.14 46.87 -14.76
C GLY B 111 -68.54 46.73 -14.23
N LYS B 112 -69.26 45.76 -14.79
CA LYS B 112 -70.60 45.43 -14.31
C LYS B 112 -70.75 43.97 -13.88
N ARG B 113 -70.31 43.03 -14.71
CA ARG B 113 -70.40 41.61 -14.41
C ARG B 113 -69.08 40.94 -14.80
N ILE B 114 -68.53 40.15 -13.89
CA ILE B 114 -67.26 39.47 -14.11
C ILE B 114 -67.50 37.97 -13.98
N HIS B 115 -67.27 37.24 -15.08
CA HIS B 115 -67.45 35.80 -15.12
C HIS B 115 -66.07 35.17 -15.30
N VAL B 116 -65.62 34.45 -14.26
CA VAL B 116 -64.31 33.81 -14.26
C VAL B 116 -64.49 32.32 -13.98
N LEU B 117 -63.48 31.53 -14.33
CA LEU B 117 -63.50 30.08 -14.16
C LEU B 117 -62.16 29.62 -13.59
N PRO B 118 -62.15 28.66 -12.68
CA PRO B 118 -60.88 28.09 -12.21
C PRO B 118 -60.33 27.08 -13.20
N ILE B 119 -59.08 26.69 -12.97
CA ILE B 119 -58.40 25.72 -13.82
C ILE B 119 -58.21 24.43 -13.01
N ASP B 120 -58.43 23.29 -13.67
CA ASP B 120 -58.65 22.03 -12.96
C ASP B 120 -57.40 21.49 -12.29
N ASP B 121 -56.21 21.75 -12.86
CA ASP B 121 -55.00 21.18 -12.27
C ASP B 121 -54.52 21.93 -11.04
N THR B 122 -55.11 23.09 -10.75
CA THR B 122 -54.78 23.86 -9.55
C THR B 122 -55.88 23.88 -8.51
N VAL B 123 -57.01 23.20 -8.75
CA VAL B 123 -58.10 23.14 -7.79
C VAL B 123 -58.37 21.70 -7.37
N GLU B 124 -57.46 20.77 -7.65
CA GLU B 124 -57.72 19.35 -7.45
C GLU B 124 -57.61 18.90 -5.99
N GLY B 125 -57.50 19.81 -5.03
CA GLY B 125 -57.52 19.45 -3.63
C GLY B 125 -58.54 20.23 -2.85
N ILE B 126 -59.01 21.34 -3.42
CA ILE B 126 -59.92 22.25 -2.75
C ILE B 126 -61.30 22.12 -3.40
N THR B 127 -62.35 22.38 -2.62
CA THR B 127 -63.72 22.33 -3.13
C THR B 127 -64.59 23.24 -2.27
N GLY B 128 -65.79 23.50 -2.77
CA GLY B 128 -66.77 24.29 -2.02
C GLY B 128 -66.70 25.78 -2.39
N ASN B 129 -66.34 26.60 -1.40
CA ASN B 129 -66.32 28.04 -1.59
C ASN B 129 -64.92 28.50 -2.02
N LEU B 130 -64.91 29.42 -3.00
CA LEU B 130 -63.68 30.07 -3.42
C LEU B 130 -63.76 31.59 -3.39
N PHE B 131 -64.96 32.17 -3.27
CA PHE B 131 -65.12 33.60 -3.37
C PHE B 131 -64.65 34.31 -2.11
N GLU B 132 -64.95 33.73 -0.93
CA GLU B 132 -64.64 34.41 0.32
C GLU B 132 -63.17 34.32 0.69
N VAL B 133 -62.50 33.23 0.30
CA VAL B 133 -61.12 33.02 0.70
C VAL B 133 -60.15 33.69 -0.26
N TYR B 134 -60.24 33.33 -1.54
CA TYR B 134 -59.27 33.77 -2.53
C TYR B 134 -59.56 35.17 -3.06
N LEU B 135 -60.80 35.40 -3.52
CA LEU B 135 -61.12 36.58 -4.31
C LEU B 135 -61.57 37.76 -3.47
N LYS B 136 -62.12 37.52 -2.29
CA LYS B 136 -62.67 38.60 -1.45
C LYS B 136 -61.62 39.58 -0.91
N PRO B 137 -60.43 39.16 -0.43
CA PRO B 137 -59.39 40.17 -0.19
C PRO B 137 -58.56 40.52 -1.41
N TYR B 138 -58.81 39.89 -2.55
CA TYR B 138 -58.02 40.11 -3.75
C TYR B 138 -58.40 41.40 -4.47
N PHE B 139 -59.70 41.59 -4.71
CA PHE B 139 -60.16 42.80 -5.38
C PHE B 139 -60.44 43.95 -4.43
N LEU B 140 -60.50 43.68 -3.12
CA LEU B 140 -60.79 44.73 -2.15
C LEU B 140 -59.58 45.63 -1.96
N GLU B 141 -59.81 46.94 -2.11
CA GLU B 141 -58.78 48.00 -2.04
C GLU B 141 -57.67 47.74 -3.05
N ALA B 142 -58.07 47.29 -4.25
CA ALA B 142 -57.12 46.98 -5.31
C ALA B 142 -57.36 47.82 -6.57
N TYR B 143 -58.61 47.87 -7.07
CA TYR B 143 -58.99 48.50 -8.33
C TYR B 143 -58.14 47.99 -9.50
N ARG B 144 -58.20 46.67 -9.68
CA ARG B 144 -57.35 46.00 -10.66
C ARG B 144 -57.94 46.12 -12.06
N PRO B 145 -57.22 46.69 -13.02
CA PRO B 145 -57.73 46.69 -14.40
C PRO B 145 -57.59 45.32 -15.05
N ILE B 146 -58.71 44.64 -15.26
CA ILE B 146 -58.70 43.32 -15.86
C ILE B 146 -59.21 43.43 -17.30
N ARG B 147 -59.05 42.34 -18.04
CA ARG B 147 -59.40 42.31 -19.45
C ARG B 147 -59.69 40.87 -19.84
N LYS B 148 -60.60 40.68 -20.79
CA LYS B 148 -60.85 39.35 -21.33
C LYS B 148 -59.62 38.85 -22.08
N GLY B 149 -59.03 37.78 -21.57
CA GLY B 149 -57.81 37.25 -22.14
C GLY B 149 -56.67 37.24 -21.14
N ASP B 150 -56.99 37.48 -19.87
CA ASP B 150 -56.00 37.52 -18.80
C ASP B 150 -56.17 36.31 -17.89
N ILE B 151 -55.03 35.81 -17.42
CA ILE B 151 -54.97 34.78 -16.37
C ILE B 151 -54.20 35.36 -15.21
N PHE B 152 -54.81 35.36 -14.02
CA PHE B 152 -54.16 35.88 -12.84
C PHE B 152 -54.00 34.79 -11.80
N LEU B 153 -53.08 35.05 -10.86
CA LEU B 153 -52.62 34.07 -9.89
C LEU B 153 -52.93 34.57 -8.49
N VAL B 154 -53.61 33.73 -7.69
CA VAL B 154 -53.94 34.05 -6.31
C VAL B 154 -53.27 33.03 -5.42
N ARG B 155 -52.49 33.51 -4.46
CA ARG B 155 -51.84 32.65 -3.47
C ARG B 155 -52.53 32.80 -2.12
N GLY B 156 -52.45 31.75 -1.32
CA GLY B 156 -53.07 31.75 -0.01
C GLY B 156 -53.69 30.42 0.32
N GLY B 157 -53.76 30.07 1.59
CA GLY B 157 -54.25 28.77 1.99
C GLY B 157 -53.33 27.63 1.63
N MET B 158 -52.02 27.88 1.65
CA MET B 158 -50.95 26.91 1.32
C MET B 158 -51.13 26.35 -0.10
N ARG B 159 -51.58 27.20 -1.01
CA ARG B 159 -51.90 26.78 -2.36
C ARG B 159 -51.92 27.99 -3.28
N ALA B 160 -51.39 27.82 -4.49
CA ALA B 160 -51.46 28.82 -5.55
C ALA B 160 -52.48 28.37 -6.59
N VAL B 161 -53.35 29.27 -7.01
CA VAL B 161 -54.44 28.93 -7.90
C VAL B 161 -54.52 29.97 -9.02
N GLU B 162 -54.88 29.50 -10.22
CA GLU B 162 -54.91 30.34 -11.41
C GLU B 162 -56.36 30.50 -11.86
N PHE B 163 -56.79 31.76 -12.04
CA PHE B 163 -58.11 32.05 -12.58
C PHE B 163 -57.98 32.75 -13.92
N LYS B 164 -58.99 32.56 -14.77
CA LYS B 164 -59.04 33.18 -16.08
C LYS B 164 -60.28 34.04 -16.19
N VAL B 165 -60.11 35.29 -16.61
CA VAL B 165 -61.23 36.19 -16.85
C VAL B 165 -61.90 35.74 -18.15
N VAL B 166 -63.08 35.14 -18.03
CA VAL B 166 -63.77 34.58 -19.19
C VAL B 166 -64.67 35.61 -19.86
N GLU B 167 -65.45 36.36 -19.09
CA GLU B 167 -66.40 37.28 -19.68
C GLU B 167 -66.54 38.55 -18.85
N THR B 168 -66.48 39.70 -19.54
CA THR B 168 -66.79 40.99 -18.96
C THR B 168 -67.77 41.73 -19.87
N ASP B 169 -68.60 42.58 -19.27
CA ASP B 169 -69.54 43.37 -20.04
C ASP B 169 -68.87 44.61 -20.65
N PRO B 170 -67.99 45.39 -19.94
CA PRO B 170 -67.22 46.41 -20.69
C PRO B 170 -66.04 45.81 -21.42
N SER B 171 -66.27 45.27 -22.61
CA SER B 171 -65.19 44.69 -23.38
C SER B 171 -64.33 45.78 -24.01
N PRO B 172 -63.00 45.59 -24.10
CA PRO B 172 -62.25 44.43 -23.60
C PRO B 172 -61.82 44.54 -22.13
N TYR B 173 -61.48 45.75 -21.66
CA TYR B 173 -60.89 45.91 -20.34
C TYR B 173 -61.75 46.82 -19.48
N CYS B 174 -61.64 46.63 -18.17
CA CYS B 174 -62.42 47.39 -17.20
C CYS B 174 -61.72 47.35 -15.85
N ILE B 175 -61.92 48.42 -15.08
CA ILE B 175 -61.41 48.48 -13.72
C ILE B 175 -62.47 47.95 -12.77
N VAL B 176 -62.07 47.04 -11.88
CA VAL B 176 -63.01 46.40 -10.96
C VAL B 176 -63.41 47.39 -9.88
N ALA B 177 -64.71 47.66 -9.78
CA ALA B 177 -65.34 48.56 -8.84
C ALA B 177 -66.09 47.77 -7.77
N PRO B 178 -66.44 48.41 -6.65
CA PRO B 178 -67.41 47.78 -5.73
C PRO B 178 -68.81 47.64 -6.31
N ASP B 179 -69.12 48.33 -7.42
CA ASP B 179 -70.38 48.16 -8.11
C ASP B 179 -70.46 46.80 -8.82
N THR B 180 -69.33 46.15 -9.07
CA THR B 180 -69.30 44.93 -9.86
C THR B 180 -69.86 43.74 -9.08
N VAL B 181 -70.36 42.77 -9.83
CA VAL B 181 -70.75 41.47 -9.30
C VAL B 181 -69.93 40.41 -10.03
N ILE B 182 -69.48 39.41 -9.28
CA ILE B 182 -68.59 38.37 -9.79
C ILE B 182 -69.33 37.05 -9.70
N HIS B 183 -69.62 36.45 -10.86
CA HIS B 183 -70.32 35.17 -10.94
C HIS B 183 -69.27 34.08 -11.04
N CYS B 184 -68.86 33.56 -9.89
CA CYS B 184 -67.82 32.54 -9.83
C CYS B 184 -68.38 31.12 -9.90
N GLU B 185 -69.59 30.95 -10.44
CA GLU B 185 -70.11 29.61 -10.66
C GLU B 185 -69.53 29.04 -11.96
N GLY B 186 -69.79 27.75 -12.18
CA GLY B 186 -69.37 27.08 -13.39
C GLY B 186 -68.38 25.97 -13.10
N GLU B 187 -68.09 25.22 -14.16
CA GLU B 187 -67.18 24.09 -14.09
C GLU B 187 -65.75 24.52 -14.43
N PRO B 188 -64.74 23.90 -13.81
CA PRO B 188 -63.36 24.21 -14.18
C PRO B 188 -62.99 23.60 -15.51
N ILE B 189 -62.29 24.39 -16.33
CA ILE B 189 -61.89 23.97 -17.66
C ILE B 189 -60.39 23.70 -17.68
N LYS B 190 -59.92 23.13 -18.78
CA LYS B 190 -58.52 22.76 -18.92
C LYS B 190 -57.71 23.96 -19.40
N ARG B 191 -56.45 23.71 -19.76
CA ARG B 191 -55.54 24.73 -20.23
C ARG B 191 -55.49 24.73 -21.75
N GLU B 192 -55.35 25.91 -22.33
CA GLU B 192 -55.02 26.03 -23.74
C GLU B 192 -53.65 25.42 -23.98
N ASP B 193 -53.46 24.84 -25.19
CA ASP B 193 -52.28 24.04 -25.48
C ASP B 193 -50.99 24.85 -25.48
N GLU B 194 -51.07 26.16 -25.62
CA GLU B 194 -49.90 27.02 -25.67
C GLU B 194 -49.69 27.83 -24.40
N GLU B 195 -50.63 27.80 -23.45
CA GLU B 195 -50.50 28.57 -22.21
C GLU B 195 -49.57 27.83 -21.25
N GLU B 196 -48.41 28.44 -20.99
CA GLU B 196 -47.45 27.84 -20.07
C GLU B 196 -47.91 27.98 -18.64
N SER B 197 -47.44 27.07 -17.79
CA SER B 197 -47.88 27.02 -16.41
C SER B 197 -46.99 27.87 -15.52
N LEU B 198 -47.62 28.47 -14.50
CA LEU B 198 -46.91 29.20 -13.46
C LEU B 198 -46.48 28.30 -12.32
N ASN B 199 -46.74 26.99 -12.43
CA ASN B 199 -46.16 26.03 -11.51
C ASN B 199 -44.68 25.78 -11.82
N GLU B 200 -44.27 25.90 -13.07
CA GLU B 200 -42.90 25.64 -13.46
C GLU B 200 -42.01 26.82 -13.06
N VAL B 201 -40.71 26.63 -13.23
CA VAL B 201 -39.69 27.42 -12.53
C VAL B 201 -39.24 28.57 -13.42
N GLY B 202 -39.18 29.76 -12.85
CA GLY B 202 -38.62 30.92 -13.51
C GLY B 202 -37.49 31.50 -12.68
N TYR B 203 -37.15 32.78 -12.88
CA TYR B 203 -36.07 33.36 -12.08
C TYR B 203 -36.54 33.75 -10.68
N ASP B 204 -37.85 33.73 -10.45
CA ASP B 204 -38.36 34.18 -9.16
C ASP B 204 -38.14 33.15 -8.06
N ASP B 205 -38.04 31.87 -8.44
CA ASP B 205 -37.92 30.82 -7.44
C ASP B 205 -36.49 30.69 -6.93
N ILE B 206 -35.56 31.40 -7.55
CA ILE B 206 -34.16 31.31 -7.14
C ILE B 206 -33.80 32.49 -6.26
N GLY B 207 -33.23 32.21 -5.09
CA GLY B 207 -32.80 33.28 -4.21
C GLY B 207 -31.40 33.04 -3.70
N GLY B 208 -30.72 34.14 -3.38
CA GLY B 208 -29.45 34.09 -2.71
C GLY B 208 -28.22 34.01 -3.58
N CYS B 209 -28.38 33.84 -4.89
CA CYS B 209 -27.25 33.71 -5.81
C CYS B 209 -27.50 34.60 -7.03
N ARG B 210 -27.77 35.88 -6.75
CA ARG B 210 -28.03 36.86 -7.80
C ARG B 210 -26.83 37.07 -8.73
N LYS B 211 -25.62 37.05 -8.17
CA LYS B 211 -24.44 37.32 -8.98
C LYS B 211 -24.12 36.18 -9.94
N GLN B 212 -24.21 34.94 -9.45
CA GLN B 212 -23.93 33.79 -10.31
C GLN B 212 -25.01 33.61 -11.36
N LEU B 213 -26.25 33.94 -11.02
CA LEU B 213 -27.33 33.87 -11.99
C LEU B 213 -27.17 34.95 -13.06
N ALA B 214 -26.68 36.13 -12.68
CA ALA B 214 -26.39 37.17 -13.65
C ALA B 214 -25.23 36.78 -14.56
N GLN B 215 -24.22 36.11 -14.00
CA GLN B 215 -23.08 35.66 -14.78
C GLN B 215 -23.48 34.59 -15.80
N ILE B 216 -24.34 33.65 -15.38
CA ILE B 216 -24.84 32.64 -16.31
C ILE B 216 -25.71 33.27 -17.38
N LYS B 217 -26.51 34.29 -17.04
CA LYS B 217 -27.29 34.98 -18.06
C LYS B 217 -26.41 35.70 -19.07
N GLU B 218 -25.34 36.35 -18.59
CA GLU B 218 -24.39 37.00 -19.50
C GLU B 218 -23.68 36.01 -20.40
N MET B 219 -23.43 34.79 -19.90
CA MET B 219 -22.79 33.79 -20.75
C MET B 219 -23.74 33.25 -21.80
N VAL B 220 -24.98 32.94 -21.42
CA VAL B 220 -25.81 32.04 -22.20
C VAL B 220 -26.93 32.75 -22.96
N GLU B 221 -27.42 33.90 -22.49
CA GLU B 221 -28.62 34.51 -23.06
C GLU B 221 -28.40 35.02 -24.49
N LEU B 222 -27.21 35.49 -24.80
CA LEU B 222 -26.98 36.03 -26.14
C LEU B 222 -26.81 34.95 -27.23
N PRO B 223 -26.15 33.80 -27.01
CA PRO B 223 -26.19 32.77 -28.06
C PRO B 223 -27.51 32.01 -28.16
N LEU B 224 -28.49 32.26 -27.29
CA LEU B 224 -29.79 31.60 -27.41
C LEU B 224 -30.85 32.51 -28.01
N ARG B 225 -30.92 33.77 -27.57
CA ARG B 225 -31.97 34.66 -28.04
C ARG B 225 -31.70 35.13 -29.45
N HIS B 226 -30.42 35.22 -29.84
CA HIS B 226 -30.03 35.66 -31.18
C HIS B 226 -29.09 34.65 -31.81
N PRO B 227 -29.61 33.50 -32.27
CA PRO B 227 -28.73 32.47 -32.86
C PRO B 227 -28.07 32.88 -34.17
N ALA B 228 -28.89 33.28 -35.16
CA ALA B 228 -28.36 33.58 -36.48
C ALA B 228 -27.62 34.90 -36.53
N LEU B 229 -28.01 35.86 -35.70
CA LEU B 229 -27.27 37.11 -35.59
C LEU B 229 -25.89 36.89 -34.98
N PHE B 230 -25.75 35.90 -34.10
CA PHE B 230 -24.45 35.57 -33.54
C PHE B 230 -23.64 34.67 -34.49
N LYS B 231 -24.34 33.93 -35.35
CA LYS B 231 -23.68 33.04 -36.31
C LYS B 231 -22.86 33.84 -37.31
N ALA B 232 -23.32 35.04 -37.68
CA ALA B 232 -22.65 35.85 -38.69
C ALA B 232 -21.58 36.76 -38.13
N ILE B 233 -21.17 36.59 -36.87
CA ILE B 233 -20.18 37.50 -36.29
C ILE B 233 -18.76 37.01 -36.57
N GLY B 234 -18.43 35.82 -36.10
CA GLY B 234 -17.07 35.33 -36.17
C GLY B 234 -16.47 35.12 -34.79
N VAL B 235 -17.35 35.10 -33.79
CA VAL B 235 -16.98 34.89 -32.39
C VAL B 235 -17.42 33.51 -31.97
N LYS B 236 -16.51 32.74 -31.37
CA LYS B 236 -16.96 31.44 -30.89
C LYS B 236 -17.69 31.59 -29.55
N PRO B 237 -18.80 30.88 -29.36
CA PRO B 237 -19.50 30.91 -28.08
C PRO B 237 -18.87 29.94 -27.11
N PRO B 238 -19.25 29.97 -25.83
CA PRO B 238 -18.95 28.84 -24.96
C PRO B 238 -19.77 27.63 -25.34
N ARG B 239 -19.23 26.45 -25.01
CA ARG B 239 -19.89 25.21 -25.37
C ARG B 239 -19.90 24.19 -24.24
N GLY B 240 -19.56 24.60 -23.02
CA GLY B 240 -19.69 23.73 -21.87
C GLY B 240 -19.47 24.49 -20.59
N ILE B 241 -20.41 24.38 -19.66
CA ILE B 241 -20.36 25.12 -18.40
C ILE B 241 -20.48 24.11 -17.26
N LEU B 242 -19.65 24.27 -16.24
CA LEU B 242 -19.59 23.33 -15.13
C LEU B 242 -20.01 24.07 -13.87
N LEU B 243 -21.20 23.76 -13.36
CA LEU B 243 -21.68 24.28 -12.10
C LEU B 243 -21.19 23.38 -10.97
N TYR B 244 -20.71 23.99 -9.90
CA TYR B 244 -20.33 23.16 -8.76
C TYR B 244 -20.63 23.86 -7.45
N GLY B 245 -20.79 23.06 -6.40
CA GLY B 245 -21.12 23.54 -5.10
C GLY B 245 -21.47 22.39 -4.18
N PRO B 246 -21.80 22.68 -2.93
CA PRO B 246 -22.19 21.62 -2.01
C PRO B 246 -23.56 21.06 -2.39
N PRO B 247 -23.90 19.85 -1.92
CA PRO B 247 -25.20 19.29 -2.26
C PRO B 247 -26.34 20.04 -1.59
N GLY B 248 -27.36 20.36 -2.38
CA GLY B 248 -28.53 21.05 -1.88
C GLY B 248 -28.60 22.52 -2.21
N THR B 249 -27.63 23.07 -2.93
CA THR B 249 -27.58 24.49 -3.21
C THR B 249 -28.37 24.89 -4.45
N GLY B 250 -29.16 23.99 -5.02
CA GLY B 250 -30.02 24.37 -6.13
C GLY B 250 -29.30 24.58 -7.44
N LYS B 251 -28.74 23.52 -8.02
CA LYS B 251 -28.10 23.64 -9.33
C LYS B 251 -29.04 23.18 -10.44
N THR B 252 -29.81 22.13 -10.17
CA THR B 252 -30.83 21.68 -11.12
C THR B 252 -31.91 22.75 -11.29
N LEU B 253 -32.20 23.46 -10.21
CA LEU B 253 -33.14 24.58 -10.24
C LEU B 253 -32.67 25.68 -11.17
N ILE B 254 -31.40 26.07 -11.06
CA ILE B 254 -30.83 27.14 -11.89
C ILE B 254 -30.80 26.72 -13.35
N ALA B 255 -30.43 25.46 -13.62
CA ALA B 255 -30.41 24.97 -14.99
C ALA B 255 -31.80 24.98 -15.61
N ARG B 256 -32.79 24.50 -14.87
CA ARG B 256 -34.16 24.46 -15.39
C ARG B 256 -34.75 25.85 -15.56
N ALA B 257 -34.40 26.79 -14.69
CA ALA B 257 -34.93 28.13 -14.81
C ALA B 257 -34.32 28.89 -15.98
N VAL B 258 -33.01 28.72 -16.21
CA VAL B 258 -32.41 29.33 -17.39
C VAL B 258 -32.89 28.64 -18.66
N ALA B 259 -33.28 27.36 -18.57
CA ALA B 259 -33.88 26.68 -19.71
C ALA B 259 -35.25 27.25 -20.06
N ASN B 260 -36.17 27.30 -19.09
CA ASN B 260 -37.55 27.67 -19.39
C ASN B 260 -37.72 29.15 -19.72
N GLU B 261 -36.90 30.02 -19.16
CA GLU B 261 -37.05 31.45 -19.37
C GLU B 261 -36.34 31.95 -20.63
N THR B 262 -35.89 31.06 -21.50
CA THR B 262 -35.35 31.44 -22.79
C THR B 262 -35.99 30.69 -23.95
N GLY B 263 -36.87 29.73 -23.69
CA GLY B 263 -37.52 29.00 -24.76
C GLY B 263 -36.67 27.95 -25.43
N ALA B 264 -35.52 27.62 -24.86
CA ALA B 264 -34.64 26.63 -25.45
C ALA B 264 -35.13 25.23 -25.14
N PHE B 265 -34.95 24.33 -26.10
CA PHE B 265 -35.29 22.92 -25.89
C PHE B 265 -34.36 22.30 -24.87
N PHE B 266 -34.92 21.83 -23.76
CA PHE B 266 -34.15 21.35 -22.63
C PHE B 266 -34.23 19.84 -22.56
N PHE B 267 -33.08 19.17 -22.71
CA PHE B 267 -33.00 17.73 -22.56
C PHE B 267 -32.24 17.43 -21.27
N LEU B 268 -32.69 16.43 -20.52
CA LEU B 268 -32.08 16.07 -19.26
C LEU B 268 -31.39 14.72 -19.37
N ILE B 269 -30.15 14.65 -18.90
CA ILE B 269 -29.41 13.41 -18.75
C ILE B 269 -29.13 13.22 -17.27
N ASN B 270 -29.53 12.07 -16.74
CA ASN B 270 -29.31 11.74 -15.34
C ASN B 270 -28.23 10.67 -15.29
N GLY B 271 -27.25 10.86 -14.39
CA GLY B 271 -26.12 9.97 -14.28
C GLY B 271 -26.42 8.54 -13.92
N PRO B 272 -27.07 8.26 -12.78
CA PRO B 272 -27.43 6.87 -12.45
C PRO B 272 -28.40 6.21 -13.41
N GLU B 273 -29.20 6.99 -14.15
CA GLU B 273 -30.10 6.40 -15.12
C GLU B 273 -29.34 5.80 -16.29
N ILE B 274 -28.19 6.39 -16.63
CA ILE B 274 -27.37 5.81 -17.68
C ILE B 274 -26.47 4.72 -17.12
N MET B 275 -25.95 4.92 -15.92
CA MET B 275 -25.03 3.91 -15.36
C MET B 275 -25.78 2.70 -14.81
N SER B 276 -27.12 2.75 -14.78
CA SER B 276 -27.89 1.59 -14.34
C SER B 276 -28.25 0.67 -15.49
N LYS B 277 -28.02 1.09 -16.72
CA LYS B 277 -28.36 0.29 -17.89
C LYS B 277 -27.30 -0.80 -18.11
N LEU B 278 -27.48 -1.56 -19.19
CA LEU B 278 -26.55 -2.62 -19.51
C LEU B 278 -25.26 -2.08 -20.11
N ALA B 279 -24.44 -3.00 -20.62
CA ALA B 279 -23.12 -2.66 -21.14
C ALA B 279 -23.19 -1.87 -22.44
N GLY B 280 -24.15 -2.20 -23.31
CA GLY B 280 -24.21 -1.58 -24.61
C GLY B 280 -25.36 -0.61 -24.78
N GLU B 281 -26.16 -0.45 -23.73
CA GLU B 281 -27.32 0.43 -23.81
C GLU B 281 -27.01 1.84 -23.28
N SER B 282 -25.84 2.04 -22.69
CA SER B 282 -25.49 3.36 -22.17
C SER B 282 -25.03 4.29 -23.29
N GLU B 283 -24.13 3.79 -24.15
CA GLU B 283 -23.58 4.63 -25.21
C GLU B 283 -24.63 4.96 -26.26
N SER B 284 -25.58 4.05 -26.48
CA SER B 284 -26.66 4.33 -27.41
C SER B 284 -27.56 5.45 -26.88
N ASN B 285 -27.75 5.50 -25.56
CA ASN B 285 -28.59 6.56 -24.99
C ASN B 285 -27.88 7.90 -25.02
N LEU B 286 -26.56 7.91 -24.81
CA LEU B 286 -25.78 9.14 -24.98
C LEU B 286 -25.83 9.66 -26.43
N ARG B 287 -25.69 8.74 -27.39
CA ARG B 287 -25.74 9.14 -28.79
C ARG B 287 -27.13 9.64 -29.17
N LYS B 288 -28.19 9.01 -28.65
CA LYS B 288 -29.54 9.49 -28.91
C LYS B 288 -29.76 10.86 -28.29
N ALA B 289 -29.16 11.12 -27.12
CA ALA B 289 -29.31 12.42 -26.48
C ALA B 289 -28.68 13.54 -27.31
N PHE B 290 -27.44 13.36 -27.73
CA PHE B 290 -26.77 14.40 -28.51
C PHE B 290 -27.37 14.54 -29.90
N GLU B 291 -27.75 13.44 -30.55
CA GLU B 291 -28.35 13.53 -31.88
C GLU B 291 -29.74 14.13 -31.83
N GLU B 292 -30.49 13.89 -30.76
CA GLU B 292 -31.80 14.50 -30.65
C GLU B 292 -31.69 15.99 -30.31
N ALA B 293 -30.69 16.39 -29.54
CA ALA B 293 -30.52 17.81 -29.30
C ALA B 293 -29.86 18.53 -30.47
N GLU B 294 -29.33 17.81 -31.46
CA GLU B 294 -28.95 18.47 -32.71
C GLU B 294 -30.15 19.10 -33.41
N LYS B 295 -31.24 18.34 -33.55
CA LYS B 295 -32.33 18.73 -34.45
C LYS B 295 -33.18 19.87 -33.91
N ASN B 296 -33.06 20.20 -32.64
CA ASN B 296 -33.85 21.25 -32.02
C ASN B 296 -32.98 22.43 -31.60
N ALA B 297 -32.04 22.82 -32.44
CA ALA B 297 -31.16 23.94 -32.14
C ALA B 297 -31.94 25.24 -32.16
N PRO B 298 -31.79 26.11 -31.15
CA PRO B 298 -30.91 26.00 -29.97
C PRO B 298 -31.44 25.09 -28.86
N ALA B 299 -30.54 24.31 -28.26
CA ALA B 299 -30.89 23.34 -27.24
C ALA B 299 -29.95 23.47 -26.07
N ILE B 300 -30.33 22.88 -24.95
CA ILE B 300 -29.51 22.83 -23.74
C ILE B 300 -29.50 21.39 -23.25
N ILE B 301 -28.32 20.82 -23.08
CA ILE B 301 -28.16 19.48 -22.53
C ILE B 301 -27.61 19.62 -21.13
N PHE B 302 -28.35 19.13 -20.14
CA PHE B 302 -27.93 19.19 -18.76
C PHE B 302 -27.59 17.79 -18.27
N ILE B 303 -26.32 17.54 -18.02
CA ILE B 303 -25.84 16.27 -17.52
C ILE B 303 -25.74 16.37 -16.01
N ASP B 304 -26.64 15.71 -15.31
CA ASP B 304 -26.74 15.80 -13.87
C ASP B 304 -25.87 14.71 -13.25
N GLU B 305 -25.16 15.09 -12.18
CA GLU B 305 -24.23 14.21 -11.46
C GLU B 305 -23.15 13.63 -12.38
N LEU B 306 -22.26 14.51 -12.83
CA LEU B 306 -21.16 14.10 -13.71
C LEU B 306 -20.12 13.28 -12.96
N ASP B 307 -20.16 13.26 -11.63
CA ASP B 307 -19.26 12.41 -10.86
C ASP B 307 -19.58 10.94 -11.06
N ALA B 308 -20.83 10.62 -11.38
CA ALA B 308 -21.23 9.22 -11.55
C ALA B 308 -20.77 8.69 -12.90
N ILE B 309 -20.85 9.51 -13.95
CA ILE B 309 -20.53 9.03 -15.29
C ILE B 309 -19.03 8.93 -15.49
N ALA B 310 -18.32 10.02 -15.27
CA ALA B 310 -16.89 10.11 -15.58
C ALA B 310 -16.08 10.52 -14.35
N PRO B 311 -15.78 9.59 -13.46
CA PRO B 311 -14.92 9.91 -12.31
C PRO B 311 -13.45 9.91 -12.71
N LYS B 312 -12.60 9.98 -11.68
CA LYS B 312 -11.15 9.89 -11.88
C LYS B 312 -10.76 8.56 -12.51
N ARG B 313 -9.61 8.54 -13.19
CA ARG B 313 -9.22 7.35 -13.94
C ARG B 313 -8.82 6.21 -13.02
N GLU B 314 -8.27 6.53 -11.84
CA GLU B 314 -7.90 5.48 -10.91
C GLU B 314 -9.13 4.87 -10.23
N LYS B 315 -10.24 5.60 -10.23
CA LYS B 315 -11.45 5.07 -9.60
C LYS B 315 -12.29 4.29 -10.60
N THR B 316 -11.89 4.30 -11.86
CA THR B 316 -12.54 3.44 -12.85
C THR B 316 -11.80 2.11 -12.94
N HIS B 317 -12.47 1.04 -12.51
CA HIS B 317 -11.98 -0.31 -12.70
C HIS B 317 -12.92 -1.02 -13.65
N GLY B 318 -12.38 -1.48 -14.76
CA GLY B 318 -13.18 -2.07 -15.81
C GLY B 318 -12.97 -1.40 -17.16
N GLU B 319 -13.72 -1.86 -18.15
CA GLU B 319 -13.56 -1.33 -19.50
C GLU B 319 -14.82 -0.60 -19.95
N VAL B 320 -15.97 -0.95 -19.38
CA VAL B 320 -17.22 -0.31 -19.76
C VAL B 320 -17.24 1.14 -19.32
N GLU B 321 -16.72 1.41 -18.12
CA GLU B 321 -16.68 2.78 -17.60
C GLU B 321 -15.74 3.64 -18.43
N ARG B 322 -14.61 3.08 -18.86
CA ARG B 322 -13.69 3.86 -19.68
C ARG B 322 -14.22 4.06 -21.09
N ARG B 323 -15.03 3.12 -21.59
CA ARG B 323 -15.68 3.35 -22.89
C ARG B 323 -16.73 4.44 -22.80
N ILE B 324 -17.42 4.53 -21.66
CA ILE B 324 -18.40 5.62 -21.49
C ILE B 324 -17.71 6.97 -21.40
N VAL B 325 -16.58 7.03 -20.69
CA VAL B 325 -15.83 8.30 -20.59
C VAL B 325 -15.29 8.72 -21.96
N SER B 326 -14.75 7.77 -22.72
CA SER B 326 -14.22 8.11 -24.04
C SER B 326 -15.33 8.48 -25.02
N GLN B 327 -16.51 7.89 -24.86
CA GLN B 327 -17.65 8.26 -25.70
C GLN B 327 -18.10 9.69 -25.42
N LEU B 328 -18.11 10.08 -24.14
CA LEU B 328 -18.47 11.45 -23.80
C LEU B 328 -17.45 12.45 -24.32
N LEU B 329 -16.15 12.10 -24.24
CA LEU B 329 -15.11 12.97 -24.79
C LEU B 329 -15.25 13.15 -26.31
N THR B 330 -15.57 12.06 -27.00
CA THR B 330 -15.73 12.12 -28.46
C THR B 330 -16.92 13.00 -28.85
N LEU B 331 -18.04 12.89 -28.11
CA LEU B 331 -19.19 13.73 -28.43
C LEU B 331 -18.93 15.20 -28.11
N MET B 332 -18.24 15.48 -27.00
CA MET B 332 -17.93 16.87 -26.66
C MET B 332 -16.96 17.50 -27.66
N ASP B 333 -16.10 16.69 -28.28
CA ASP B 333 -15.31 17.19 -29.40
C ASP B 333 -16.16 17.34 -30.66
N GLY B 334 -17.16 16.49 -30.82
CA GLY B 334 -18.04 16.59 -31.98
C GLY B 334 -19.01 17.75 -31.93
N LEU B 335 -19.13 18.41 -30.78
CA LEU B 335 -19.95 19.63 -30.72
C LEU B 335 -19.38 20.77 -31.55
N LYS B 336 -18.06 20.78 -31.79
CA LYS B 336 -17.44 21.91 -32.47
C LYS B 336 -17.88 22.01 -33.93
N GLN B 337 -18.20 20.88 -34.54
CA GLN B 337 -18.76 20.87 -35.88
C GLN B 337 -20.27 21.12 -35.90
N ARG B 338 -20.90 21.23 -34.73
CA ARG B 338 -22.33 21.43 -34.62
C ARG B 338 -22.65 22.91 -34.44
N ALA B 339 -23.93 23.21 -34.27
CA ALA B 339 -24.37 24.60 -34.21
C ALA B 339 -25.45 24.75 -33.15
N HIS B 340 -25.22 25.70 -32.23
CA HIS B 340 -26.18 26.15 -31.22
C HIS B 340 -26.61 25.03 -30.29
N VAL B 341 -25.64 24.44 -29.60
CA VAL B 341 -25.88 23.46 -28.55
C VAL B 341 -24.99 23.83 -27.38
N ILE B 342 -25.60 24.05 -26.22
CA ILE B 342 -24.87 24.38 -25.00
C ILE B 342 -25.00 23.20 -24.05
N VAL B 343 -23.89 22.77 -23.47
CA VAL B 343 -23.86 21.64 -22.57
C VAL B 343 -23.51 22.14 -21.18
N MET B 344 -24.40 21.89 -20.22
CA MET B 344 -24.16 22.23 -18.82
C MET B 344 -23.99 20.95 -18.02
N ALA B 345 -23.26 21.06 -16.92
CA ALA B 345 -23.07 19.90 -16.07
C ALA B 345 -22.96 20.39 -14.63
N ALA B 346 -23.19 19.48 -13.69
CA ALA B 346 -23.25 19.85 -12.29
C ALA B 346 -22.53 18.79 -11.47
N THR B 347 -21.57 19.22 -10.67
CA THR B 347 -20.82 18.32 -9.81
C THR B 347 -20.99 18.74 -8.37
N ASN B 348 -20.23 18.10 -7.48
CA ASN B 348 -20.19 18.49 -6.08
C ASN B 348 -18.86 19.12 -5.67
N ARG B 349 -17.79 18.84 -6.41
CA ARG B 349 -16.51 19.50 -6.26
C ARG B 349 -15.73 19.28 -7.55
N PRO B 350 -14.80 20.17 -7.90
CA PRO B 350 -14.09 20.00 -9.18
C PRO B 350 -13.16 18.81 -9.20
N ASN B 351 -12.59 18.42 -8.07
CA ASN B 351 -11.48 17.48 -8.03
C ASN B 351 -11.90 16.03 -8.15
N SER B 352 -13.16 15.75 -8.47
CA SER B 352 -13.62 14.38 -8.67
C SER B 352 -13.90 14.07 -10.14
N ILE B 353 -13.49 14.96 -11.04
CA ILE B 353 -13.73 14.82 -12.46
C ILE B 353 -12.43 14.42 -13.13
N ASP B 354 -12.52 13.51 -14.11
CA ASP B 354 -11.44 13.21 -15.03
C ASP B 354 -10.91 14.51 -15.65
N PRO B 355 -9.63 14.83 -15.49
CA PRO B 355 -9.13 16.15 -15.93
C PRO B 355 -9.06 16.34 -17.43
N ALA B 356 -9.39 15.32 -18.22
CA ALA B 356 -9.49 15.54 -19.66
C ALA B 356 -10.79 16.24 -20.02
N LEU B 357 -11.74 16.29 -19.09
CA LEU B 357 -13.01 16.97 -19.34
C LEU B 357 -12.94 18.44 -18.98
N ARG B 358 -11.75 18.96 -18.73
CA ARG B 358 -11.65 20.35 -18.29
C ARG B 358 -10.81 21.19 -19.25
N ARG B 359 -10.26 20.57 -20.29
CA ARG B 359 -9.41 21.29 -21.21
C ARG B 359 -10.25 22.16 -22.15
N PHE B 360 -9.57 22.81 -23.08
CA PHE B 360 -10.23 23.78 -23.93
C PHE B 360 -11.09 23.08 -24.97
N GLY B 361 -12.34 23.51 -25.06
CA GLY B 361 -13.32 22.85 -25.89
C GLY B 361 -14.20 21.88 -25.15
N ARG B 362 -13.92 21.57 -23.89
CA ARG B 362 -14.72 20.67 -23.07
C ARG B 362 -14.80 21.28 -21.67
N PHE B 363 -15.90 21.95 -21.36
CA PHE B 363 -16.21 22.48 -20.02
C PHE B 363 -15.12 23.43 -19.53
N ASP B 364 -14.84 24.46 -20.32
CA ASP B 364 -13.77 25.39 -19.97
C ASP B 364 -14.22 26.43 -18.96
N ARG B 365 -15.53 26.66 -18.85
CA ARG B 365 -16.05 27.67 -17.93
C ARG B 365 -16.63 27.01 -16.68
N GLU B 366 -16.29 27.55 -15.52
CA GLU B 366 -16.69 26.99 -14.24
C GLU B 366 -17.39 28.05 -13.41
N VAL B 367 -18.53 27.69 -12.83
CA VAL B 367 -19.31 28.58 -11.97
C VAL B 367 -19.42 27.94 -10.61
N ASP B 368 -19.20 28.73 -9.56
CA ASP B 368 -19.22 28.27 -8.18
C ASP B 368 -20.49 28.78 -7.51
N ILE B 369 -21.29 27.87 -6.99
CA ILE B 369 -22.51 28.24 -6.28
C ILE B 369 -22.35 27.87 -4.81
N GLY B 370 -21.92 28.82 -4.00
CA GLY B 370 -21.62 28.55 -2.60
C GLY B 370 -22.86 28.56 -1.73
N ILE B 371 -22.63 28.41 -0.43
CA ILE B 371 -23.70 28.42 0.56
C ILE B 371 -24.18 29.86 0.73
N PRO B 372 -25.45 30.10 1.07
CA PRO B 372 -25.95 31.48 1.07
C PRO B 372 -25.51 32.25 2.30
N ASP B 373 -25.62 33.57 2.23
CA ASP B 373 -25.47 34.46 3.37
C ASP B 373 -26.83 34.82 3.96
N ALA B 374 -26.82 35.77 4.89
CA ALA B 374 -28.03 36.07 5.68
C ALA B 374 -29.11 36.72 4.84
N THR B 375 -28.72 37.63 3.93
CA THR B 375 -29.66 38.17 2.97
C THR B 375 -30.18 37.08 2.04
N GLY B 376 -29.30 36.17 1.64
CA GLY B 376 -29.70 35.03 0.84
C GLY B 376 -30.66 34.12 1.57
N ARG B 377 -30.38 33.81 2.84
CA ARG B 377 -31.26 32.92 3.60
C ARG B 377 -32.61 33.56 3.86
N LEU B 378 -32.65 34.88 4.06
CA LEU B 378 -33.91 35.58 4.16
C LEU B 378 -34.71 35.50 2.86
N GLU B 379 -34.01 35.58 1.72
CA GLU B 379 -34.70 35.47 0.44
C GLU B 379 -35.22 34.05 0.21
N ILE B 380 -34.49 33.03 0.68
CA ILE B 380 -34.98 31.65 0.58
C ILE B 380 -36.24 31.47 1.42
N LEU B 381 -36.21 31.98 2.66
CA LEU B 381 -37.36 31.83 3.55
C LEU B 381 -38.57 32.61 3.05
N GLN B 382 -38.34 33.72 2.35
CA GLN B 382 -39.47 34.43 1.75
C GLN B 382 -40.02 33.68 0.54
N ILE B 383 -39.16 32.96 -0.19
CA ILE B 383 -39.65 32.20 -1.34
C ILE B 383 -40.48 31.00 -0.89
N HIS B 384 -40.02 30.28 0.13
CA HIS B 384 -40.71 29.04 0.48
C HIS B 384 -41.97 29.28 1.31
N THR B 385 -42.13 30.49 1.83
CA THR B 385 -43.34 30.84 2.57
C THR B 385 -44.27 31.75 1.78
N LYS B 386 -44.36 31.58 0.46
CA LYS B 386 -45.34 32.34 -0.32
C LYS B 386 -46.75 31.88 -0.01
N ASN B 387 -47.00 30.58 -0.11
CA ASN B 387 -48.36 30.08 -0.01
C ASN B 387 -48.79 29.94 1.44
N MET B 388 -47.86 29.70 2.35
CA MET B 388 -48.22 29.54 3.75
C MET B 388 -48.63 30.87 4.36
N LYS B 389 -49.43 30.79 5.41
CA LYS B 389 -50.03 31.95 6.05
C LYS B 389 -49.46 32.09 7.45
N LEU B 390 -48.61 33.09 7.64
CA LEU B 390 -47.91 33.24 8.90
C LEU B 390 -48.75 34.06 9.89
N ALA B 391 -48.41 33.92 11.16
CA ALA B 391 -49.05 34.71 12.20
C ALA B 391 -48.37 36.08 12.31
N ASP B 392 -48.71 36.80 13.38
CA ASP B 392 -48.30 38.20 13.47
C ASP B 392 -46.92 38.34 14.09
N ASP B 393 -46.52 37.38 14.93
CA ASP B 393 -45.25 37.52 15.65
C ASP B 393 -44.09 36.94 14.85
N VAL B 394 -44.37 36.27 13.73
CA VAL B 394 -43.32 35.60 12.98
C VAL B 394 -42.47 36.62 12.26
N ASP B 395 -41.20 36.70 12.63
CA ASP B 395 -40.24 37.61 12.02
C ASP B 395 -39.19 36.77 11.33
N LEU B 396 -39.21 36.77 9.99
CA LEU B 396 -38.32 35.89 9.24
C LEU B 396 -36.88 36.38 9.27
N GLU B 397 -36.65 37.64 9.65
CA GLU B 397 -35.30 38.17 9.68
C GLU B 397 -34.50 37.57 10.83
N GLN B 398 -35.15 37.30 11.96
CA GLN B 398 -34.43 36.65 13.06
C GLN B 398 -34.16 35.19 12.76
N VAL B 399 -35.08 34.52 12.06
CA VAL B 399 -34.87 33.14 11.67
C VAL B 399 -33.73 33.05 10.66
N ALA B 400 -33.66 34.00 9.73
CA ALA B 400 -32.56 34.04 8.78
C ALA B 400 -31.24 34.39 9.45
N ASN B 401 -31.26 35.22 10.50
CA ASN B 401 -30.04 35.51 11.22
C ASN B 401 -29.59 34.34 12.10
N GLU B 402 -30.51 33.46 12.48
CA GLU B 402 -30.16 32.36 13.36
C GLU B 402 -29.57 31.16 12.62
N THR B 403 -30.16 30.81 11.47
CA THR B 403 -29.70 29.69 10.65
C THR B 403 -28.31 29.95 10.12
N HIS B 404 -27.34 29.16 10.56
CA HIS B 404 -25.97 29.27 10.11
C HIS B 404 -25.48 27.88 9.71
N GLY B 405 -25.04 27.73 8.46
CA GLY B 405 -24.65 26.45 7.93
C GLY B 405 -25.74 25.78 7.12
N HIS B 406 -26.88 26.43 6.94
CA HIS B 406 -27.99 25.83 6.20
C HIS B 406 -27.93 26.20 4.73
N VAL B 407 -27.95 25.18 3.87
CA VAL B 407 -28.18 25.34 2.44
C VAL B 407 -29.67 25.43 2.21
N GLY B 408 -30.08 25.73 0.96
CA GLY B 408 -31.48 26.02 0.69
C GLY B 408 -32.43 24.86 0.92
N ALA B 409 -31.95 23.64 0.73
CA ALA B 409 -32.80 22.47 0.97
C ALA B 409 -33.07 22.29 2.46
N ASP B 410 -32.11 22.66 3.31
CA ASP B 410 -32.34 22.66 4.75
C ASP B 410 -33.40 23.68 5.14
N LEU B 411 -33.43 24.83 4.46
CA LEU B 411 -34.42 25.85 4.80
C LEU B 411 -35.81 25.43 4.32
N ALA B 412 -35.88 24.75 3.18
CA ALA B 412 -37.16 24.20 2.74
C ALA B 412 -37.67 23.13 3.69
N ALA B 413 -36.77 22.29 4.19
CA ALA B 413 -37.16 21.27 5.16
C ALA B 413 -37.57 21.89 6.49
N LEU B 414 -36.93 23.00 6.87
CA LEU B 414 -37.29 23.71 8.10
C LEU B 414 -38.70 24.29 8.02
N CYS B 415 -39.02 24.94 6.89
CA CYS B 415 -40.35 25.50 6.70
C CYS B 415 -41.42 24.41 6.69
N SER B 416 -41.16 23.29 6.00
CA SER B 416 -42.13 22.21 5.95
C SER B 416 -42.31 21.54 7.30
N GLU B 417 -41.24 21.45 8.09
CA GLU B 417 -41.32 20.78 9.37
C GLU B 417 -42.05 21.63 10.40
N ALA B 418 -41.86 22.96 10.33
CA ALA B 418 -42.60 23.86 11.21
C ALA B 418 -44.08 23.88 10.85
N ALA B 419 -44.39 23.79 9.56
CA ALA B 419 -45.80 23.72 9.15
C ALA B 419 -46.45 22.42 9.61
N LEU B 420 -45.68 21.32 9.61
CA LEU B 420 -46.25 20.07 10.12
C LEU B 420 -46.44 20.10 11.63
N GLN B 421 -45.58 20.82 12.37
CA GLN B 421 -45.86 20.97 13.80
C GLN B 421 -47.10 21.81 14.04
N ALA B 422 -47.28 22.86 13.23
CA ALA B 422 -48.48 23.70 13.36
C ALA B 422 -49.75 22.93 13.03
N ILE B 423 -49.66 21.96 12.12
CA ILE B 423 -50.81 21.09 11.89
C ILE B 423 -51.00 20.12 13.06
N ARG B 424 -49.91 19.56 13.58
CA ARG B 424 -50.05 18.53 14.62
C ARG B 424 -50.24 19.12 16.01
N LYS B 425 -50.36 20.44 16.13
CA LYS B 425 -50.82 21.01 17.39
C LYS B 425 -52.32 20.88 17.54
N LYS B 426 -53.06 21.09 16.44
CA LYS B 426 -54.51 20.95 16.45
C LYS B 426 -54.95 19.87 15.45
N MET B 427 -55.28 18.68 15.97
CA MET B 427 -55.85 17.60 15.17
C MET B 427 -57.24 17.32 15.77
N ASP B 428 -57.96 18.41 16.05
CA ASP B 428 -59.27 18.35 16.66
C ASP B 428 -60.36 18.80 15.70
N LEU B 429 -60.23 19.99 15.12
CA LEU B 429 -61.20 20.47 14.15
C LEU B 429 -60.84 20.01 12.74
N ILE B 430 -59.58 19.59 12.55
CA ILE B 430 -59.13 19.14 11.24
C ILE B 430 -59.76 17.79 10.90
N ASP B 431 -59.78 16.88 11.86
CA ASP B 431 -60.09 15.48 11.58
C ASP B 431 -61.58 15.27 11.33
N LEU B 432 -62.42 16.11 11.94
CA LEU B 432 -63.87 15.87 11.88
C LEU B 432 -64.43 16.19 10.50
N GLU B 433 -63.73 17.04 9.73
CA GLU B 433 -64.08 17.26 8.33
C GLU B 433 -63.13 16.45 7.45
N ASP B 434 -63.54 15.21 7.19
CA ASP B 434 -62.60 14.21 6.66
C ASP B 434 -62.70 14.11 5.15
N GLU B 435 -63.91 14.23 4.59
CA GLU B 435 -64.10 13.93 3.18
C GLU B 435 -63.62 15.06 2.29
N THR B 436 -64.06 16.29 2.58
CA THR B 436 -63.68 17.47 1.82
C THR B 436 -62.81 18.36 2.68
N ILE B 437 -62.03 19.22 2.03
CA ILE B 437 -61.26 20.24 2.75
C ILE B 437 -61.72 21.62 2.30
N ASP B 438 -62.18 22.43 3.25
CA ASP B 438 -62.56 23.81 2.99
C ASP B 438 -61.36 24.70 3.30
N ALA B 439 -61.28 25.83 2.60
CA ALA B 439 -60.09 26.67 2.72
C ALA B 439 -60.08 27.48 4.00
N GLU B 440 -61.26 27.71 4.60
CA GLU B 440 -61.34 28.45 5.86
C GLU B 440 -60.74 27.65 7.01
N VAL B 441 -60.84 26.33 6.95
CA VAL B 441 -60.28 25.47 7.98
C VAL B 441 -58.76 25.55 7.96
N MET B 442 -58.17 25.69 6.77
CA MET B 442 -56.72 25.89 6.70
C MET B 442 -56.36 27.36 6.87
N ASN B 443 -57.36 28.25 6.82
CA ASN B 443 -57.10 29.64 7.21
C ASN B 443 -57.07 29.78 8.72
N SER B 444 -57.73 28.87 9.43
CA SER B 444 -57.56 28.80 10.87
C SER B 444 -56.15 28.34 11.23
N LEU B 445 -55.53 27.57 10.36
CA LEU B 445 -54.14 27.18 10.53
C LEU B 445 -53.23 28.38 10.30
N ALA B 446 -52.51 28.78 11.33
CA ALA B 446 -51.53 29.86 11.24
C ALA B 446 -50.29 29.45 12.01
N VAL B 447 -49.13 29.64 11.37
CA VAL B 447 -47.87 29.17 11.94
C VAL B 447 -47.30 30.24 12.86
N THR B 448 -46.90 29.85 14.07
CA THR B 448 -46.41 30.79 15.06
C THR B 448 -44.89 30.74 15.13
N MET B 449 -44.33 31.58 16.00
CA MET B 449 -42.88 31.66 16.12
C MET B 449 -42.32 30.49 16.93
N ASP B 450 -43.16 29.86 17.74
CA ASP B 450 -42.71 28.70 18.51
C ASP B 450 -42.50 27.50 17.62
N ASP B 451 -43.25 27.43 16.51
CA ASP B 451 -43.04 26.39 15.51
C ASP B 451 -41.65 26.50 14.88
N PHE B 452 -41.26 27.71 14.47
CA PHE B 452 -39.94 27.91 13.91
C PHE B 452 -38.86 27.75 14.97
N ARG B 453 -39.18 28.05 16.23
CA ARG B 453 -38.23 27.83 17.31
C ARG B 453 -37.93 26.35 17.53
N TRP B 454 -38.98 25.53 17.51
CA TRP B 454 -38.77 24.09 17.65
C TRP B 454 -38.09 23.51 16.42
N ALA B 455 -38.42 24.05 15.23
CA ALA B 455 -37.79 23.55 14.01
C ALA B 455 -36.31 23.94 13.96
N LEU B 456 -35.95 25.08 14.54
CA LEU B 456 -34.54 25.41 14.71
C LEU B 456 -33.88 24.51 15.73
N SER B 457 -34.61 24.12 16.77
CA SER B 457 -33.99 23.31 17.81
C SER B 457 -33.81 21.86 17.38
N GLN B 458 -34.58 21.42 16.39
CA GLN B 458 -34.49 20.01 15.98
C GLN B 458 -33.54 19.82 14.80
N SER B 459 -33.46 20.80 13.90
CA SER B 459 -32.76 20.58 12.64
C SER B 459 -31.26 20.61 12.83
N ASN B 460 -30.56 19.86 11.98
CA ASN B 460 -29.10 19.83 11.94
C ASN B 460 -28.61 20.18 10.54
N PRO B 461 -27.88 21.27 10.37
CA PRO B 461 -27.44 21.65 9.02
C PRO B 461 -26.33 20.74 8.52
N SER B 462 -26.02 20.88 7.23
CA SER B 462 -25.10 19.99 6.57
C SER B 462 -23.81 20.67 6.12
N ALA B 463 -23.76 22.00 6.11
CA ALA B 463 -22.60 22.72 5.65
C ALA B 463 -21.85 23.43 6.76
N LEU B 464 -21.72 22.78 7.92
CA LEU B 464 -20.98 23.39 9.02
C LEU B 464 -19.48 23.27 8.82
N ARG B 465 -19.04 22.24 8.11
CA ARG B 465 -17.61 22.00 7.95
C ARG B 465 -17.04 22.85 6.82
N GLU B 466 -17.89 23.44 6.00
CA GLU B 466 -17.42 24.22 4.86
C GLU B 466 -16.92 25.59 5.30
N THR B 467 -16.02 26.16 4.51
CA THR B 467 -15.51 27.49 4.80
C THR B 467 -16.49 28.55 4.36
N VAL B 468 -16.50 29.67 5.09
CA VAL B 468 -17.47 30.73 4.90
C VAL B 468 -16.81 31.89 4.17
N VAL B 469 -17.32 32.22 2.98
CA VAL B 469 -16.83 33.32 2.19
C VAL B 469 -17.96 34.33 2.06
N GLU B 470 -17.85 35.45 2.78
CA GLU B 470 -18.92 36.42 2.81
C GLU B 470 -18.37 37.78 3.22
N VAL B 471 -19.16 38.81 2.98
CA VAL B 471 -18.78 40.17 3.39
C VAL B 471 -19.05 40.33 4.88
N PRO B 472 -18.11 40.87 5.66
CA PRO B 472 -18.36 41.03 7.10
C PRO B 472 -19.37 42.14 7.37
N GLN B 473 -19.85 42.17 8.61
CA GLN B 473 -20.81 43.19 9.03
C GLN B 473 -20.24 44.17 10.04
N VAL B 474 -18.98 43.99 10.44
CA VAL B 474 -18.36 44.90 11.38
C VAL B 474 -17.96 46.19 10.66
N THR B 475 -18.34 47.33 11.23
CA THR B 475 -17.99 48.63 10.66
C THR B 475 -16.88 49.24 11.49
N TRP B 476 -16.52 50.48 11.15
CA TRP B 476 -15.42 51.15 11.86
C TRP B 476 -15.85 51.58 13.25
N GLU B 477 -17.16 51.67 13.51
CA GLU B 477 -17.63 52.25 14.76
C GLU B 477 -17.66 51.21 15.87
N ASP B 478 -17.38 49.94 15.55
CA ASP B 478 -17.20 48.94 16.60
C ASP B 478 -15.80 48.99 17.18
N ILE B 479 -14.90 49.75 16.54
CA ILE B 479 -13.52 49.79 16.97
C ILE B 479 -13.21 51.17 17.54
N GLY B 480 -12.57 51.18 18.71
CA GLY B 480 -12.28 52.41 19.42
C GLY B 480 -10.91 52.95 19.08
N GLY B 481 -10.89 54.10 18.44
CA GLY B 481 -9.62 54.79 18.19
C GLY B 481 -8.88 54.17 17.04
N LEU B 482 -7.55 54.13 17.19
CA LEU B 482 -6.61 53.61 16.18
C LEU B 482 -6.80 54.31 14.85
N GLU B 483 -6.59 55.63 14.81
CA GLU B 483 -6.99 56.40 13.64
C GLU B 483 -5.94 56.33 12.54
N ASP B 484 -4.67 56.45 12.89
CA ASP B 484 -3.61 56.36 11.88
C ASP B 484 -3.50 54.95 11.30
N VAL B 485 -3.90 53.94 12.07
CA VAL B 485 -3.97 52.57 11.55
C VAL B 485 -5.07 52.47 10.50
N LYS B 486 -6.21 53.12 10.75
CA LYS B 486 -7.29 53.16 9.76
C LYS B 486 -6.85 53.89 8.50
N ARG B 487 -6.08 54.98 8.66
CA ARG B 487 -5.59 55.73 7.52
C ARG B 487 -4.60 54.90 6.70
N GLU B 488 -3.72 54.18 7.38
CA GLU B 488 -2.73 53.36 6.68
C GLU B 488 -3.36 52.18 5.98
N LEU B 489 -4.38 51.57 6.59
CA LEU B 489 -5.07 50.47 5.93
C LEU B 489 -5.90 50.95 4.74
N GLN B 490 -6.46 52.15 4.82
CA GLN B 490 -7.13 52.68 3.64
C GLN B 490 -6.15 53.03 2.53
N GLU B 491 -4.93 53.44 2.89
CA GLU B 491 -3.91 53.66 1.86
C GLU B 491 -3.50 52.36 1.20
N LEU B 492 -3.37 51.29 1.98
CA LEU B 492 -2.83 50.05 1.42
C LEU B 492 -3.89 49.25 0.66
N VAL B 493 -5.09 49.11 1.20
CA VAL B 493 -6.09 48.23 0.60
C VAL B 493 -6.87 48.95 -0.49
N GLN B 494 -7.32 50.17 -0.23
CA GLN B 494 -8.39 50.77 -1.01
C GLN B 494 -7.91 51.57 -2.22
N TYR B 495 -6.78 52.24 -2.13
CA TYR B 495 -6.27 53.05 -3.23
C TYR B 495 -5.89 52.28 -4.51
N PRO B 496 -5.32 51.07 -4.47
CA PRO B 496 -5.14 50.34 -5.74
C PRO B 496 -6.43 49.83 -6.37
N VAL B 497 -7.55 49.87 -5.66
CA VAL B 497 -8.82 49.44 -6.26
C VAL B 497 -9.56 50.62 -6.87
N GLU B 498 -9.69 51.71 -6.12
CA GLU B 498 -10.44 52.86 -6.60
C GLU B 498 -9.68 53.68 -7.64
N HIS B 499 -8.37 53.80 -7.52
CA HIS B 499 -7.58 54.64 -8.43
C HIS B 499 -6.40 53.85 -8.98
N PRO B 500 -6.63 52.96 -9.95
CA PRO B 500 -5.49 52.26 -10.58
C PRO B 500 -4.67 53.15 -11.48
N ASP B 501 -5.25 54.24 -11.97
CA ASP B 501 -4.60 55.09 -12.96
C ASP B 501 -3.44 55.84 -12.34
N LYS B 502 -3.52 56.15 -11.05
CA LYS B 502 -2.43 56.87 -10.39
C LYS B 502 -1.21 55.97 -10.24
N PHE B 503 -1.44 54.70 -9.90
CA PHE B 503 -0.35 53.73 -9.83
C PHE B 503 0.19 53.42 -11.23
N LEU B 504 -0.65 53.52 -12.27
CA LEU B 504 -0.13 53.36 -13.62
C LEU B 504 0.74 54.54 -14.03
N LYS B 505 0.31 55.77 -13.73
CA LYS B 505 1.04 56.96 -14.19
C LYS B 505 2.34 57.14 -13.42
N PHE B 506 2.29 57.08 -12.09
CA PHE B 506 3.51 57.27 -11.32
C PHE B 506 4.45 56.07 -11.38
N GLY B 507 3.96 54.91 -11.81
CA GLY B 507 4.80 53.76 -12.01
C GLY B 507 5.27 53.11 -10.73
N MET B 508 4.31 52.60 -9.95
CA MET B 508 4.59 51.93 -8.69
C MET B 508 3.90 50.58 -8.68
N THR B 509 4.62 49.55 -8.24
CA THR B 509 4.03 48.25 -7.94
C THR B 509 3.36 48.32 -6.57
N PRO B 510 2.08 47.99 -6.44
CA PRO B 510 1.43 48.08 -5.14
C PRO B 510 1.88 46.95 -4.22
N SER B 511 1.93 47.25 -2.92
CA SER B 511 2.29 46.23 -1.95
C SER B 511 1.14 45.24 -1.77
N LYS B 512 1.46 44.09 -1.19
CA LYS B 512 0.57 42.93 -1.26
C LYS B 512 0.22 42.38 0.11
N GLY B 513 1.01 42.66 1.13
CA GLY B 513 0.73 42.07 2.44
C GLY B 513 1.00 43.02 3.58
N VAL B 514 0.39 42.70 4.73
CA VAL B 514 0.53 43.47 5.97
C VAL B 514 0.65 42.45 7.09
N LEU B 515 1.54 42.72 8.06
CA LEU B 515 1.59 41.94 9.28
C LEU B 515 1.25 42.83 10.46
N PHE B 516 0.16 42.53 11.15
CA PHE B 516 -0.17 43.17 12.41
C PHE B 516 0.55 42.42 13.51
N TYR B 517 0.96 43.13 14.57
CA TYR B 517 1.43 42.46 15.76
C TYR B 517 1.07 43.29 16.98
N GLY B 518 1.13 42.69 18.15
CA GLY B 518 0.77 43.38 19.37
C GLY B 518 0.31 42.42 20.45
N PRO B 519 -0.22 42.97 21.54
CA PRO B 519 -0.68 42.13 22.63
C PRO B 519 -1.96 41.41 22.25
N PRO B 520 -2.32 40.35 22.98
CA PRO B 520 -3.57 39.64 22.66
C PRO B 520 -4.79 40.42 23.11
N GLY B 521 -5.87 40.29 22.35
CA GLY B 521 -7.12 40.91 22.69
C GLY B 521 -7.26 42.36 22.29
N CYS B 522 -6.34 42.88 21.48
CA CYS B 522 -6.33 44.29 21.14
C CYS B 522 -6.99 44.60 19.80
N GLY B 523 -7.79 43.69 19.26
CA GLY B 523 -8.61 44.03 18.12
C GLY B 523 -7.94 43.93 16.77
N LYS B 524 -7.32 42.80 16.43
CA LYS B 524 -6.75 42.66 15.10
C LYS B 524 -7.74 42.05 14.13
N THR B 525 -8.53 41.08 14.58
CA THR B 525 -9.56 40.48 13.75
C THR B 525 -10.65 41.49 13.41
N LEU B 526 -10.94 42.41 14.33
CA LEU B 526 -11.94 43.44 14.06
C LEU B 526 -11.44 44.42 13.01
N LEU B 527 -10.15 44.76 13.03
CA LEU B 527 -9.62 45.64 11.99
C LEU B 527 -9.61 44.96 10.64
N ALA B 528 -9.31 43.66 10.60
CA ALA B 528 -9.36 42.93 9.34
C ALA B 528 -10.77 42.87 8.78
N LYS B 529 -11.77 42.60 9.62
CA LYS B 529 -13.14 42.57 9.15
C LYS B 529 -13.64 43.96 8.75
N ALA B 530 -13.17 45.00 9.44
CA ALA B 530 -13.61 46.35 9.14
C ALA B 530 -13.04 46.83 7.80
N ILE B 531 -11.77 46.52 7.52
CA ILE B 531 -11.24 46.92 6.23
C ILE B 531 -11.76 46.03 5.11
N ALA B 532 -12.20 44.80 5.41
CA ALA B 532 -12.93 44.05 4.41
C ALA B 532 -14.33 44.58 4.18
N ASN B 533 -14.90 45.28 5.16
CA ASN B 533 -16.23 45.86 5.01
C ASN B 533 -16.19 47.21 4.29
N GLU B 534 -15.13 47.99 4.51
CA GLU B 534 -15.04 49.32 3.90
C GLU B 534 -14.90 49.24 2.38
N CYS B 535 -14.17 48.25 1.88
CA CYS B 535 -13.98 48.08 0.45
C CYS B 535 -15.02 47.19 -0.19
N GLN B 536 -15.95 46.65 0.60
CA GLN B 536 -16.99 45.70 0.16
C GLN B 536 -16.39 44.49 -0.55
N ALA B 537 -15.42 43.86 0.10
CA ALA B 537 -14.76 42.68 -0.41
C ALA B 537 -15.15 41.48 0.42
N ASN B 538 -14.83 40.29 -0.09
CA ASN B 538 -15.06 39.07 0.68
C ASN B 538 -14.02 38.93 1.76
N PHE B 539 -14.19 37.92 2.61
CA PHE B 539 -13.31 37.71 3.75
C PHE B 539 -13.20 36.23 4.04
N ILE B 540 -11.98 35.71 3.98
CA ILE B 540 -11.70 34.32 4.29
C ILE B 540 -10.79 34.30 5.51
N SER B 541 -11.18 33.59 6.55
CA SER B 541 -10.45 33.58 7.81
C SER B 541 -9.93 32.18 8.07
N ILE B 542 -8.66 32.09 8.47
CA ILE B 542 -7.99 30.82 8.71
C ILE B 542 -7.35 30.85 10.09
N LYS B 543 -7.81 29.98 10.96
CA LYS B 543 -7.37 30.03 12.35
C LYS B 543 -6.04 29.30 12.52
N GLY B 544 -5.54 29.32 13.76
CA GLY B 544 -4.37 28.57 14.16
C GLY B 544 -4.51 27.07 14.16
N PRO B 545 -5.59 26.50 14.73
CA PRO B 545 -5.80 25.05 14.59
C PRO B 545 -5.92 24.53 13.17
N GLU B 546 -6.35 25.34 12.20
CA GLU B 546 -6.37 24.85 10.83
C GLU B 546 -4.95 24.77 10.24
N LEU B 547 -4.01 25.49 10.83
CA LEU B 547 -2.61 25.35 10.42
C LEU B 547 -1.96 24.19 11.15
N LEU B 548 -2.28 24.00 12.42
CA LEU B 548 -1.69 22.89 13.16
C LEU B 548 -2.24 21.55 12.69
N THR B 549 -3.46 21.52 12.14
CA THR B 549 -3.97 20.29 11.55
C THR B 549 -3.16 19.92 10.31
N MET B 550 -2.74 20.91 9.53
CA MET B 550 -1.87 20.64 8.39
C MET B 550 -0.46 20.28 8.86
N TRP B 551 -0.07 20.75 10.05
CA TRP B 551 1.25 20.42 10.56
C TRP B 551 1.34 18.98 11.05
N PHE B 552 0.38 18.54 11.86
CA PHE B 552 0.47 17.19 12.41
C PHE B 552 0.12 16.14 11.37
N GLY B 553 -1.03 16.26 10.74
CA GLY B 553 -1.35 15.38 9.65
C GLY B 553 -0.86 15.97 8.35
N GLU B 554 0.28 15.48 7.88
CA GLU B 554 1.11 16.17 6.90
C GLU B 554 0.40 16.25 5.55
N SER B 555 -0.17 17.41 5.26
CA SER B 555 -0.99 17.61 4.08
C SER B 555 -0.86 19.05 3.60
N GLU B 556 -0.51 19.23 2.32
CA GLU B 556 -0.10 20.56 1.88
C GLU B 556 -0.85 20.98 0.61
N ALA B 557 -1.70 20.11 0.08
CA ALA B 557 -2.53 20.52 -1.05
C ALA B 557 -3.64 21.46 -0.59
N ASN B 558 -3.94 21.45 0.71
CA ASN B 558 -5.00 22.28 1.24
C ASN B 558 -4.62 23.76 1.21
N VAL B 559 -3.31 24.05 1.28
CA VAL B 559 -2.85 25.43 1.15
C VAL B 559 -3.08 25.95 -0.26
N ARG B 560 -2.90 25.07 -1.25
CA ARG B 560 -3.19 25.46 -2.63
C ARG B 560 -4.69 25.65 -2.86
N GLU B 561 -5.50 24.81 -2.21
CA GLU B 561 -6.95 24.95 -2.33
C GLU B 561 -7.46 26.22 -1.68
N ILE B 562 -6.80 26.67 -0.61
CA ILE B 562 -7.12 27.95 0.02
C ILE B 562 -6.92 29.12 -0.93
N PHE B 563 -5.76 29.18 -1.60
CA PHE B 563 -5.50 30.27 -2.51
C PHE B 563 -6.36 30.17 -3.77
N ASP B 564 -6.79 28.96 -4.13
CA ASP B 564 -7.78 28.84 -5.20
C ASP B 564 -9.12 29.43 -4.81
N LYS B 565 -9.60 29.16 -3.59
CA LYS B 565 -10.82 29.79 -3.09
C LYS B 565 -10.67 31.31 -3.02
N ALA B 566 -9.46 31.79 -2.68
CA ALA B 566 -9.24 33.22 -2.62
C ALA B 566 -9.20 33.88 -3.99
N ARG B 567 -8.75 33.18 -5.02
CA ARG B 567 -8.74 33.76 -6.36
C ARG B 567 -10.08 33.68 -7.06
N GLN B 568 -10.89 32.66 -6.77
CA GLN B 568 -12.20 32.59 -7.43
C GLN B 568 -13.19 33.61 -6.90
N ALA B 569 -12.92 34.25 -5.77
CA ALA B 569 -13.82 35.19 -5.16
C ALA B 569 -13.18 36.56 -4.98
N ALA B 570 -12.32 36.95 -5.91
CA ALA B 570 -11.65 38.23 -5.82
C ALA B 570 -12.60 39.36 -6.17
N PRO B 571 -12.45 40.55 -5.54
CA PRO B 571 -11.48 41.00 -4.54
C PRO B 571 -11.78 40.49 -3.14
N CYS B 572 -10.75 40.09 -2.40
CA CYS B 572 -10.94 39.56 -1.06
C CYS B 572 -9.75 39.85 -0.18
N VAL B 573 -10.00 39.74 1.11
CA VAL B 573 -8.98 39.85 2.14
C VAL B 573 -8.82 38.47 2.77
N LEU B 574 -7.60 37.95 2.74
CA LEU B 574 -7.29 36.63 3.25
C LEU B 574 -6.51 36.78 4.54
N PHE B 575 -7.08 36.32 5.64
CA PHE B 575 -6.57 36.62 6.97
C PHE B 575 -6.02 35.36 7.63
N PHE B 576 -4.72 35.35 7.87
CA PHE B 576 -4.04 34.27 8.58
C PHE B 576 -3.84 34.67 10.03
N ASP B 577 -4.70 34.16 10.90
CA ASP B 577 -4.59 34.40 12.32
C ASP B 577 -3.57 33.44 12.90
N GLU B 578 -2.73 33.96 13.81
CA GLU B 578 -1.73 33.19 14.56
C GLU B 578 -0.74 32.48 13.64
N LEU B 579 0.10 33.25 12.96
CA LEU B 579 1.17 32.66 12.17
C LEU B 579 2.25 32.04 13.04
N ASP B 580 2.34 32.45 14.31
CA ASP B 580 3.37 31.93 15.19
C ASP B 580 2.99 30.61 15.85
N SER B 581 1.88 29.98 15.45
CA SER B 581 1.37 28.82 16.18
C SER B 581 2.24 27.59 15.97
N ILE B 582 2.72 27.35 14.76
CA ILE B 582 3.56 26.18 14.51
C ILE B 582 4.94 26.38 15.11
N ALA B 583 5.46 27.62 15.05
CA ALA B 583 6.77 27.89 15.62
C ALA B 583 6.72 27.95 17.13
N LYS B 584 5.53 28.08 17.70
CA LYS B 584 5.39 27.95 19.15
C LYS B 584 5.17 26.49 19.55
N ALA B 585 4.48 25.73 18.70
CA ALA B 585 4.21 24.33 19.03
C ALA B 585 5.45 23.48 18.86
N ARG B 586 6.38 23.90 18.00
CA ARG B 586 7.56 23.09 17.76
C ARG B 586 8.60 23.31 18.85
N GLY B 587 8.59 24.48 19.47
CA GLY B 587 9.50 24.78 20.55
C GLY B 587 9.31 26.20 21.00
N GLY B 588 10.10 26.59 22.00
CA GLY B 588 10.08 27.98 22.44
C GLY B 588 10.99 28.82 21.56
N ASN B 589 11.88 29.58 22.20
CA ASN B 589 12.96 30.31 21.51
C ASN B 589 13.87 29.26 20.85
N ILE B 590 14.18 28.15 21.50
CA ILE B 590 14.91 27.06 20.87
C ILE B 590 13.93 25.95 20.52
N GLY B 591 13.82 25.62 19.24
CA GLY B 591 12.90 24.59 18.82
C GLY B 591 13.48 23.21 19.02
N ASP B 592 13.09 22.29 18.14
CA ASP B 592 13.74 20.97 18.07
C ASP B 592 15.17 21.23 17.60
N GLY B 593 15.38 21.81 16.42
CA GLY B 593 16.67 22.27 16.01
C GLY B 593 16.58 23.28 14.89
N GLY B 594 17.23 24.43 15.03
CA GLY B 594 17.29 25.41 13.96
C GLY B 594 15.97 26.02 13.53
N GLY B 595 15.38 26.86 14.37
CA GLY B 595 14.03 27.35 14.12
C GLY B 595 13.83 28.27 12.93
N ALA B 596 14.14 27.75 11.76
CA ALA B 596 13.89 28.36 10.48
C ALA B 596 12.54 27.88 9.98
N ALA B 597 12.38 27.91 8.65
CA ALA B 597 11.11 27.57 8.01
C ALA B 597 10.65 26.15 8.31
N ASP B 598 9.35 26.04 8.50
CA ASP B 598 8.63 24.77 8.62
C ASP B 598 7.95 24.42 7.31
N ARG B 599 7.05 23.44 7.40
CA ARG B 599 6.48 22.84 6.19
C ARG B 599 5.36 23.68 5.60
N VAL B 600 4.59 24.37 6.43
CA VAL B 600 3.34 24.96 5.97
C VAL B 600 3.53 26.41 5.56
N ILE B 601 4.39 27.14 6.27
CA ILE B 601 4.70 28.51 5.89
C ILE B 601 5.51 28.51 4.60
N ASN B 602 6.18 27.40 4.31
CA ASN B 602 6.85 27.22 3.02
C ASN B 602 5.87 27.23 1.85
N GLN B 603 4.77 26.49 1.99
CA GLN B 603 3.77 26.48 0.93
C GLN B 603 3.04 27.81 0.83
N ILE B 604 2.89 28.50 1.97
CA ILE B 604 2.34 29.86 1.93
C ILE B 604 3.26 30.80 1.15
N LEU B 605 4.58 30.65 1.32
CA LEU B 605 5.52 31.49 0.57
C LEU B 605 5.50 31.20 -0.92
N THR B 606 5.42 29.91 -1.31
CA THR B 606 5.36 29.59 -2.74
C THR B 606 4.08 30.11 -3.37
N GLU B 607 2.96 30.04 -2.65
CA GLU B 607 1.71 30.52 -3.22
C GLU B 607 1.65 32.04 -3.25
N MET B 608 2.33 32.71 -2.32
CA MET B 608 2.43 34.16 -2.41
C MET B 608 3.30 34.58 -3.58
N ASP B 609 4.37 33.84 -3.86
CA ASP B 609 5.21 34.19 -4.99
C ASP B 609 4.52 33.88 -6.31
N GLY B 610 3.63 32.90 -6.32
CA GLY B 610 2.86 32.64 -7.52
C GLY B 610 1.60 33.45 -7.70
N MET B 611 1.52 34.64 -7.11
CA MET B 611 0.27 35.39 -7.10
C MET B 611 0.26 36.45 -8.20
N SER B 612 -0.83 36.47 -8.96
CA SER B 612 -1.01 37.45 -10.03
C SER B 612 -1.31 38.82 -9.44
N THR B 613 -0.85 39.87 -10.12
CA THR B 613 -1.01 41.21 -9.58
C THR B 613 -2.36 41.83 -9.94
N LYS B 614 -3.01 41.29 -10.97
CA LYS B 614 -4.26 41.89 -11.43
C LYS B 614 -5.46 41.49 -10.58
N LYS B 615 -5.35 40.45 -9.76
CA LYS B 615 -6.54 39.88 -9.13
C LYS B 615 -7.04 40.70 -7.95
N ASN B 616 -6.16 41.48 -7.31
CA ASN B 616 -6.42 42.23 -6.08
C ASN B 616 -6.92 41.31 -4.96
N VAL B 617 -6.05 40.39 -4.58
CA VAL B 617 -6.22 39.58 -3.37
C VAL B 617 -5.22 40.08 -2.35
N PHE B 618 -5.73 40.50 -1.18
CA PHE B 618 -4.90 41.17 -0.20
C PHE B 618 -4.74 40.29 1.02
N ILE B 619 -3.50 40.05 1.44
CA ILE B 619 -3.18 39.06 2.45
C ILE B 619 -2.77 39.77 3.74
N ILE B 620 -3.38 39.40 4.85
CA ILE B 620 -3.07 39.94 6.16
C ILE B 620 -2.69 38.77 7.07
N GLY B 621 -1.60 38.91 7.82
CA GLY B 621 -1.28 37.95 8.84
C GLY B 621 -1.38 38.59 10.20
N ALA B 622 -1.41 37.81 11.28
CA ALA B 622 -1.46 38.37 12.63
C ALA B 622 -0.68 37.49 13.59
N THR B 623 0.13 38.11 14.45
CA THR B 623 0.93 37.38 15.43
C THR B 623 0.81 38.05 16.80
N ASN B 624 1.29 37.34 17.81
CA ASN B 624 1.54 37.91 19.12
C ASN B 624 3.00 37.85 19.51
N ARG B 625 3.77 37.01 18.83
CA ARG B 625 5.18 36.77 19.14
C ARG B 625 5.98 37.10 17.89
N PRO B 626 6.33 38.37 17.68
CA PRO B 626 6.96 38.76 16.42
C PRO B 626 8.39 38.29 16.24
N ASP B 627 9.02 37.75 17.28
CA ASP B 627 10.44 37.43 17.24
C ASP B 627 10.73 35.99 16.85
N ILE B 628 9.74 35.10 16.91
CA ILE B 628 9.94 33.71 16.52
C ILE B 628 9.37 33.41 15.14
N ILE B 629 8.99 34.46 14.40
CA ILE B 629 8.41 34.23 13.08
C ILE B 629 9.54 34.03 12.07
N ASP B 630 9.22 33.32 10.98
CA ASP B 630 10.17 33.07 9.90
C ASP B 630 10.58 34.38 9.23
N PRO B 631 11.87 34.70 9.19
CA PRO B 631 12.27 36.00 8.60
C PRO B 631 12.17 36.04 7.09
N ALA B 632 11.89 34.91 6.44
CA ALA B 632 11.76 34.91 4.99
C ALA B 632 10.41 35.46 4.54
N ILE B 633 9.50 35.74 5.49
CA ILE B 633 8.21 36.28 5.14
C ILE B 633 8.31 37.79 4.96
N LEU B 634 9.22 38.42 5.71
CA LEU B 634 9.24 39.88 5.78
C LEU B 634 10.10 40.49 4.68
N ARG B 635 10.55 39.64 3.74
CA ARG B 635 11.35 40.07 2.56
C ARG B 635 10.42 40.83 1.60
N PRO B 636 10.88 41.89 0.89
CA PRO B 636 10.00 42.68 0.03
C PRO B 636 9.34 41.85 -1.06
N GLY B 637 8.03 42.00 -1.17
CA GLY B 637 7.24 41.20 -2.07
C GLY B 637 6.31 40.21 -1.41
N ARG B 638 6.48 39.94 -0.11
CA ARG B 638 5.61 38.96 0.52
C ARG B 638 4.73 39.57 1.61
N LEU B 639 5.33 40.07 2.69
CA LEU B 639 4.62 40.83 3.71
C LEU B 639 5.58 41.89 4.24
N ASP B 640 5.59 43.07 3.63
CA ASP B 640 6.66 44.00 3.93
C ASP B 640 6.23 45.07 4.94
N GLN B 641 4.94 45.38 5.00
CA GLN B 641 4.46 46.36 5.96
C GLN B 641 4.28 45.71 7.34
N LEU B 642 4.77 46.38 8.37
CA LEU B 642 4.55 45.96 9.75
C LEU B 642 3.76 47.03 10.48
N ILE B 643 2.74 46.61 11.22
CA ILE B 643 1.90 47.53 11.97
C ILE B 643 1.80 47.03 13.41
N TYR B 644 2.06 47.91 14.37
CA TYR B 644 1.97 47.61 15.79
C TYR B 644 0.67 48.19 16.33
N ILE B 645 -0.13 47.34 16.96
CA ILE B 645 -1.43 47.72 17.51
C ILE B 645 -1.33 47.70 19.04
N PRO B 646 -1.35 48.84 19.69
CA PRO B 646 -1.09 48.87 21.14
C PRO B 646 -2.33 48.65 21.96
N LEU B 647 -2.16 48.63 23.29
CA LEU B 647 -3.29 48.61 24.19
C LEU B 647 -4.10 49.89 24.04
N PRO B 648 -5.43 49.82 24.14
CA PRO B 648 -6.24 51.02 23.90
C PRO B 648 -6.10 52.03 25.01
N ASP B 649 -6.17 53.30 24.63
CA ASP B 649 -5.91 54.40 25.55
C ASP B 649 -7.21 54.85 26.22
N GLU B 650 -7.16 56.02 26.86
CA GLU B 650 -8.26 56.49 27.70
C GLU B 650 -9.50 56.88 26.90
N LYS B 651 -9.33 57.27 25.64
CA LYS B 651 -10.48 57.67 24.84
C LYS B 651 -11.11 56.48 24.13
N SER B 652 -10.34 55.42 23.90
CA SER B 652 -10.81 54.30 23.09
C SER B 652 -11.79 53.43 23.86
N ARG B 653 -11.63 53.37 25.19
CA ARG B 653 -12.35 52.37 25.98
C ARG B 653 -13.83 52.72 26.09
N VAL B 654 -14.16 53.99 25.94
CA VAL B 654 -15.57 54.41 25.90
C VAL B 654 -16.23 53.84 24.65
N ALA B 655 -15.55 53.90 23.50
CA ALA B 655 -16.10 53.37 22.27
C ALA B 655 -16.07 51.85 22.28
N ILE B 656 -15.19 51.25 23.08
CA ILE B 656 -15.24 49.81 23.29
C ILE B 656 -16.51 49.43 24.05
N LEU B 657 -16.76 50.11 25.18
CA LEU B 657 -17.88 49.76 26.05
C LEU B 657 -19.22 50.05 25.40
N LYS B 658 -19.31 51.13 24.63
CA LYS B 658 -20.55 51.44 23.92
C LYS B 658 -20.83 50.41 22.82
N ALA B 659 -19.78 49.87 22.21
CA ALA B 659 -19.97 48.86 21.17
C ALA B 659 -20.34 47.53 21.78
N ASN B 660 -19.84 47.23 22.98
CA ASN B 660 -20.19 45.96 23.61
C ASN B 660 -21.58 45.99 24.22
N LEU B 661 -21.96 47.11 24.83
CA LEU B 661 -23.22 47.21 25.57
C LEU B 661 -24.39 47.65 24.72
N ARG B 662 -24.27 47.62 23.38
CA ARG B 662 -25.31 48.20 22.54
C ARG B 662 -26.53 47.30 22.43
N LYS B 663 -26.44 46.05 22.90
CA LYS B 663 -27.59 45.17 22.83
C LYS B 663 -28.22 44.97 24.20
N SER B 664 -27.43 45.12 25.26
CA SER B 664 -27.98 44.97 26.62
C SER B 664 -28.62 46.28 27.06
N PRO B 665 -29.86 46.25 27.56
CA PRO B 665 -30.55 47.49 27.95
C PRO B 665 -30.04 48.09 29.27
N VAL B 666 -28.95 48.81 29.18
CA VAL B 666 -28.42 49.53 30.34
C VAL B 666 -29.18 50.83 30.49
N ALA B 667 -29.14 51.41 31.69
CA ALA B 667 -29.87 52.64 31.97
C ALA B 667 -29.25 53.34 33.17
N LYS B 668 -29.41 54.68 33.17
CA LYS B 668 -29.22 55.54 34.34
C LYS B 668 -27.79 55.51 34.89
N ASP B 669 -26.80 55.38 34.01
CA ASP B 669 -25.43 55.49 34.46
C ASP B 669 -25.10 56.92 34.82
N VAL B 670 -24.21 57.08 35.80
CA VAL B 670 -23.68 58.39 36.19
C VAL B 670 -22.51 58.79 35.31
N ASP B 671 -21.44 58.01 35.31
CA ASP B 671 -20.21 58.36 34.60
C ASP B 671 -19.60 57.09 34.02
N LEU B 672 -19.97 56.78 32.77
CA LEU B 672 -19.28 55.75 32.00
C LEU B 672 -17.85 56.14 31.66
N GLU B 673 -17.60 57.45 31.55
CA GLU B 673 -16.24 57.94 31.34
C GLU B 673 -15.34 57.66 32.54
N PHE B 674 -15.91 57.66 33.75
CA PHE B 674 -15.13 57.24 34.91
C PHE B 674 -14.86 55.75 34.88
N LEU B 675 -15.81 54.96 34.37
CA LEU B 675 -15.61 53.52 34.23
C LEU B 675 -14.48 53.22 33.26
N ALA B 676 -14.40 53.98 32.17
CA ALA B 676 -13.26 53.84 31.27
C ALA B 676 -12.00 54.47 31.82
N LYS B 677 -12.12 55.42 32.75
CA LYS B 677 -10.95 56.12 33.27
C LYS B 677 -10.22 55.30 34.32
N MET B 678 -10.96 54.56 35.15
CA MET B 678 -10.33 53.82 36.24
C MET B 678 -9.55 52.62 35.72
N THR B 679 -9.99 52.03 34.61
CA THR B 679 -9.36 50.83 34.07
C THR B 679 -8.15 51.22 33.23
N ASN B 680 -6.95 50.92 33.72
CA ASN B 680 -5.72 51.23 33.01
C ASN B 680 -4.93 49.95 32.82
N GLY B 681 -4.43 49.74 31.60
CA GLY B 681 -3.77 48.49 31.27
C GLY B 681 -4.70 47.35 30.98
N PHE B 682 -5.86 47.62 30.39
CA PHE B 682 -6.88 46.62 30.10
C PHE B 682 -7.09 46.53 28.60
N SER B 683 -7.07 45.31 28.06
CA SER B 683 -7.36 45.12 26.65
C SER B 683 -8.87 45.09 26.44
N GLY B 684 -9.26 44.85 25.18
CA GLY B 684 -10.68 44.84 24.86
C GLY B 684 -11.41 43.62 25.41
N ALA B 685 -10.68 42.50 25.54
CA ALA B 685 -11.29 41.27 26.04
C ALA B 685 -11.63 41.40 27.52
N ASP B 686 -10.86 42.19 28.27
CA ASP B 686 -11.15 42.37 29.68
C ASP B 686 -12.39 43.20 29.90
N LEU B 687 -12.59 44.23 29.06
CA LEU B 687 -13.78 45.05 29.16
C LEU B 687 -15.01 44.27 28.72
N THR B 688 -14.84 43.40 27.71
CA THR B 688 -15.93 42.50 27.32
C THR B 688 -16.26 41.53 28.45
N GLU B 689 -15.25 41.08 29.18
CA GLU B 689 -15.47 40.20 30.33
C GLU B 689 -16.26 40.89 31.43
N ILE B 690 -15.94 42.16 31.69
CA ILE B 690 -16.66 42.95 32.69
C ILE B 690 -18.12 43.12 32.31
N CYS B 691 -18.39 43.40 31.03
CA CYS B 691 -19.78 43.54 30.58
C CYS B 691 -20.54 42.22 30.66
N GLN B 692 -19.89 41.10 30.35
CA GLN B 692 -20.56 39.82 30.42
C GLN B 692 -20.86 39.42 31.86
N ARG B 693 -19.97 39.77 32.79
CA ARG B 693 -20.22 39.43 34.19
C ARG B 693 -21.35 40.29 34.76
N ALA B 694 -21.44 41.54 34.34
CA ALA B 694 -22.57 42.39 34.75
C ALA B 694 -23.89 41.83 34.22
N CYS B 695 -23.89 41.32 32.99
CA CYS B 695 -25.10 40.69 32.47
C CYS B 695 -25.45 39.41 33.22
N LYS B 696 -24.43 38.66 33.67
CA LYS B 696 -24.68 37.48 34.51
C LYS B 696 -25.38 37.83 35.81
N LEU B 697 -24.88 38.86 36.49
CA LEU B 697 -25.48 39.28 37.75
C LEU B 697 -26.91 39.77 37.55
N ALA B 698 -27.16 40.49 36.45
CA ALA B 698 -28.50 40.97 36.16
C ALA B 698 -29.48 39.83 35.89
N ILE B 699 -29.06 38.82 35.13
CA ILE B 699 -29.95 37.68 34.85
C ILE B 699 -30.22 36.87 36.10
N ARG B 700 -29.21 36.73 36.97
CA ARG B 700 -29.41 35.99 38.21
C ARG B 700 -30.39 36.69 39.14
N GLU B 701 -30.27 38.00 39.28
CA GLU B 701 -31.19 38.74 40.15
C GLU B 701 -32.60 38.74 39.57
N SER B 702 -32.73 38.89 38.25
CA SER B 702 -34.05 38.89 37.64
C SER B 702 -34.70 37.51 37.60
N ILE B 703 -33.94 36.43 37.81
CA ILE B 703 -34.59 35.13 37.98
C ILE B 703 -34.95 34.88 39.45
N GLU B 704 -34.09 35.33 40.38
CA GLU B 704 -34.38 35.20 41.81
C GLU B 704 -35.65 35.96 42.19
N SER B 705 -35.86 37.14 41.61
CA SER B 705 -37.05 37.92 41.94
C SER B 705 -38.32 37.23 41.44
N GLU B 706 -38.28 36.64 40.25
CA GLU B 706 -39.45 35.92 39.72
C GLU B 706 -39.76 34.69 40.55
N ILE B 707 -38.73 33.95 40.97
CA ILE B 707 -38.94 32.77 41.81
C ILE B 707 -39.54 33.16 43.16
N ARG B 708 -39.01 34.24 43.77
CA ARG B 708 -39.50 34.65 45.07
C ARG B 708 -40.93 35.19 45.01
N ARG B 709 -41.25 35.95 43.96
CA ARG B 709 -42.60 36.46 43.83
C ARG B 709 -43.61 35.35 43.53
N GLU B 710 -43.21 34.34 42.75
CA GLU B 710 -44.11 33.22 42.50
C GLU B 710 -44.31 32.39 43.76
N ARG B 711 -43.27 32.22 44.57
CA ARG B 711 -43.41 31.46 45.81
C ARG B 711 -44.29 32.19 46.82
N GLU B 712 -44.10 33.50 46.97
CA GLU B 712 -44.93 34.27 47.90
C GLU B 712 -46.36 34.41 47.39
N ARG B 713 -46.54 34.37 46.06
CA ARG B 713 -47.88 34.43 45.47
C ARG B 713 -48.62 33.11 45.67
N GLN B 714 -47.94 31.98 45.48
CA GLN B 714 -48.59 30.69 45.60
C GLN B 714 -48.77 30.30 47.06
N THR B 715 -47.97 30.88 47.96
CA THR B 715 -48.10 30.57 49.38
C THR B 715 -49.42 31.09 49.96
N ASN B 716 -49.89 32.23 49.45
CA ASN B 716 -51.21 32.76 49.80
C ASN B 716 -52.08 32.68 48.55
N PRO B 717 -52.83 31.59 48.37
CA PRO B 717 -53.61 31.44 47.13
C PRO B 717 -54.75 32.44 47.02
N SER B 718 -55.22 32.61 45.78
CA SER B 718 -56.14 33.67 45.37
C SER B 718 -55.63 35.05 45.78
N ALA B 719 -54.50 35.40 45.16
CA ALA B 719 -53.89 36.69 45.39
C ALA B 719 -54.77 37.81 44.82
N MET B 720 -55.13 38.76 45.69
CA MET B 720 -56.18 39.70 45.37
C MET B 720 -55.72 40.84 44.46
N GLU B 721 -54.43 41.16 44.45
CA GLU B 721 -53.92 42.28 43.66
C GLU B 721 -52.94 41.73 42.62
N VAL B 722 -53.47 41.36 41.46
CA VAL B 722 -52.68 40.82 40.36
C VAL B 722 -52.31 42.01 39.48
N GLU B 723 -51.17 42.62 39.75
CA GLU B 723 -50.71 43.80 39.03
C GLU B 723 -49.30 43.49 38.54
N GLU B 724 -49.20 43.08 37.28
CA GLU B 724 -47.94 42.58 36.73
C GLU B 724 -46.95 43.71 36.49
N ASP B 725 -45.68 43.42 36.74
CA ASP B 725 -44.61 44.40 36.61
C ASP B 725 -43.29 43.66 36.48
N ASP B 726 -42.36 44.25 35.75
CA ASP B 726 -41.02 43.68 35.64
C ASP B 726 -40.16 44.22 36.77
N PRO B 727 -39.58 43.36 37.62
CA PRO B 727 -38.75 43.88 38.73
C PRO B 727 -37.46 44.53 38.26
N VAL B 728 -36.66 43.85 37.46
CA VAL B 728 -35.40 44.39 36.97
C VAL B 728 -35.45 44.42 35.45
N PRO B 729 -35.87 45.52 34.84
CA PRO B 729 -35.85 45.59 33.37
C PRO B 729 -34.49 46.03 32.82
N GLU B 730 -33.75 46.83 33.59
CA GLU B 730 -32.50 47.39 33.12
C GLU B 730 -31.38 47.06 34.09
N ILE B 731 -30.15 47.25 33.63
CA ILE B 731 -28.96 46.95 34.42
C ILE B 731 -28.52 48.24 35.12
N ARG B 732 -28.36 48.17 36.44
CA ARG B 732 -28.04 49.35 37.24
C ARG B 732 -26.58 49.34 37.66
N ARG B 733 -26.20 50.36 38.41
CA ARG B 733 -24.80 50.58 38.75
C ARG B 733 -24.31 49.59 39.79
N ASP B 734 -25.23 48.92 40.49
CA ASP B 734 -24.85 47.93 41.49
C ASP B 734 -24.19 46.72 40.84
N HIS B 735 -24.67 46.34 39.65
CA HIS B 735 -24.12 45.20 38.94
C HIS B 735 -22.70 45.47 38.46
N PHE B 736 -22.45 46.67 37.91
CA PHE B 736 -21.10 47.03 37.49
C PHE B 736 -20.18 47.21 38.70
N GLU B 737 -20.72 47.73 39.80
CA GLU B 737 -19.90 47.96 40.98
C GLU B 737 -19.56 46.64 41.66
N GLU B 738 -20.39 45.61 41.45
CA GLU B 738 -20.05 44.28 41.94
C GLU B 738 -19.10 43.56 40.99
N ALA B 739 -19.31 43.72 39.68
CA ALA B 739 -18.53 42.96 38.69
C ALA B 739 -17.13 43.51 38.52
N MET B 740 -16.90 44.77 38.89
CA MET B 740 -15.55 45.34 38.80
C MET B 740 -14.61 44.73 39.83
N ARG B 741 -15.17 44.11 40.89
CA ARG B 741 -14.34 43.47 41.89
C ARG B 741 -13.66 42.21 41.33
N PHE B 742 -14.24 41.60 40.31
CA PHE B 742 -13.64 40.43 39.68
C PHE B 742 -12.77 40.76 38.47
N ALA B 743 -12.48 42.03 38.22
CA ALA B 743 -11.69 42.39 37.05
C ALA B 743 -10.22 42.06 37.26
N ARG B 744 -9.51 41.80 36.17
CA ARG B 744 -8.10 41.46 36.21
C ARG B 744 -7.41 41.96 34.94
N ARG B 745 -6.10 42.17 35.06
CA ARG B 745 -5.27 42.53 33.92
C ARG B 745 -4.73 41.27 33.27
N SER B 746 -4.86 41.18 31.95
CA SER B 746 -4.39 39.99 31.26
C SER B 746 -2.93 40.11 30.85
N VAL B 747 -2.47 41.33 30.60
CA VAL B 747 -1.14 41.57 30.07
C VAL B 747 -0.28 42.19 31.16
N SER B 748 0.85 41.55 31.47
CA SER B 748 1.77 42.09 32.45
C SER B 748 2.59 43.22 31.84
N ASP B 749 3.39 43.88 32.68
CA ASP B 749 4.15 45.03 32.20
C ASP B 749 5.44 44.60 31.51
N ASN B 750 5.88 43.37 31.76
CA ASN B 750 7.06 42.87 31.06
C ASN B 750 6.76 42.62 29.59
N ASP B 751 5.54 42.16 29.29
CA ASP B 751 5.14 41.95 27.91
C ASP B 751 5.00 43.27 27.17
N ILE B 752 4.45 44.28 27.83
CA ILE B 752 4.34 45.61 27.25
C ILE B 752 5.73 46.20 27.01
N ARG B 753 6.64 45.94 27.94
CA ARG B 753 8.03 46.36 27.79
C ARG B 753 8.69 45.69 26.59
N LYS B 754 8.37 44.41 26.36
CA LYS B 754 8.94 43.70 25.22
C LYS B 754 8.40 44.21 23.89
N TYR B 755 7.09 44.51 23.82
CA TYR B 755 6.54 45.05 22.58
C TYR B 755 7.07 46.46 22.32
N GLU B 756 7.25 47.25 23.38
CA GLU B 756 7.82 48.59 23.20
C GLU B 756 9.27 48.51 22.74
N MET B 757 10.03 47.53 23.24
CA MET B 757 11.42 47.42 22.81
C MET B 757 11.52 46.91 21.38
N PHE B 758 10.62 46.02 20.97
CA PHE B 758 10.61 45.60 19.57
C PHE B 758 10.21 46.76 18.66
N ALA B 759 9.29 47.62 19.12
CA ALA B 759 8.88 48.76 18.32
C ALA B 759 9.98 49.82 18.23
N GLN B 760 10.76 49.98 19.29
CA GLN B 760 11.87 50.94 19.26
C GLN B 760 13.01 50.43 18.38
N THR B 761 13.43 49.19 18.57
CA THR B 761 14.57 48.67 17.82
C THR B 761 14.19 48.31 16.38
N LEU B 762 12.89 48.28 16.08
CA LEU B 762 12.48 48.13 14.69
C LEU B 762 12.72 49.41 13.91
N GLN B 763 12.51 50.56 14.54
CA GLN B 763 12.55 51.85 13.87
C GLN B 763 13.94 52.46 13.98
N GLN B 764 14.52 52.81 12.83
CA GLN B 764 15.76 53.58 12.76
C GLN B 764 15.54 54.72 11.78
N SER B 765 16.20 55.86 12.05
CA SER B 765 15.93 57.10 11.35
C SER B 765 17.22 57.87 11.12
N ARG B 766 17.26 58.62 10.00
CA ARG B 766 18.36 59.54 9.80
C ARG B 766 18.02 60.92 10.36
N GLY B 767 16.80 61.40 10.10
CA GLY B 767 16.35 62.68 10.62
C GLY B 767 17.08 63.90 10.11
N PHE B 768 17.80 63.78 9.00
CA PHE B 768 18.62 64.86 8.47
C PHE B 768 17.96 65.42 7.22
N GLY B 769 17.78 66.72 7.18
CA GLY B 769 17.23 67.41 6.03
C GLY B 769 18.28 67.48 4.93
N SER B 770 17.97 66.83 3.81
CA SER B 770 18.87 66.85 2.66
C SER B 770 18.93 68.24 2.04
N PHE B 771 17.84 68.99 2.14
CA PHE B 771 17.80 70.34 1.61
C PHE B 771 17.28 71.32 2.66
N ASN C 21 21.23 27.87 -64.36
CA ASN C 21 21.44 28.37 -65.71
C ASN C 21 21.14 29.87 -65.81
N ARG C 22 19.91 30.24 -65.44
CA ARG C 22 19.48 31.62 -65.57
C ARG C 22 19.29 32.27 -64.20
N PRO C 23 19.71 33.53 -64.04
CA PRO C 23 19.68 34.17 -62.72
C PRO C 23 18.29 34.61 -62.27
N ASN C 24 17.27 34.51 -63.12
CA ASN C 24 15.91 34.87 -62.71
C ASN C 24 15.15 33.70 -62.07
N ARG C 25 15.71 32.50 -62.10
CA ARG C 25 15.06 31.35 -61.47
C ARG C 25 15.19 31.44 -59.95
N LEU C 26 14.07 31.31 -59.25
CA LEU C 26 14.02 31.57 -57.82
C LEU C 26 13.18 30.50 -57.13
N ILE C 27 13.35 30.41 -55.81
CA ILE C 27 12.64 29.46 -54.96
C ILE C 27 11.84 30.28 -53.94
N VAL C 28 10.66 29.79 -53.55
CA VAL C 28 9.74 30.57 -52.73
C VAL C 28 10.16 30.52 -51.27
N ASP C 29 10.23 31.69 -50.63
CA ASP C 29 10.46 31.82 -49.20
C ASP C 29 9.19 32.37 -48.55
N GLU C 30 9.24 32.54 -47.22
CA GLU C 30 8.07 32.97 -46.46
C GLU C 30 7.78 34.45 -46.68
N ALA C 31 6.66 34.92 -46.15
CA ALA C 31 6.23 36.31 -46.31
C ALA C 31 6.51 37.07 -45.02
N ILE C 32 7.01 38.30 -45.17
CA ILE C 32 7.22 39.21 -44.05
C ILE C 32 6.37 40.46 -44.19
N ASN C 33 6.41 41.09 -45.36
CA ASN C 33 5.54 42.23 -45.65
C ASN C 33 4.12 41.72 -45.85
N GLU C 34 3.19 42.19 -45.01
CA GLU C 34 1.85 41.61 -44.93
C GLU C 34 0.88 42.22 -45.94
N ASP C 35 1.38 42.81 -47.02
CA ASP C 35 0.53 43.26 -48.11
C ASP C 35 0.38 42.12 -49.12
N ASN C 36 -0.77 42.08 -49.78
CA ASN C 36 -1.10 40.95 -50.63
C ASN C 36 -0.34 41.00 -51.95
N SER C 37 -0.31 42.17 -52.60
CA SER C 37 0.25 42.30 -53.93
C SER C 37 1.71 42.74 -53.91
N VAL C 38 2.47 42.34 -52.91
CA VAL C 38 3.87 42.74 -52.75
C VAL C 38 4.74 41.50 -52.67
N VAL C 39 5.69 41.38 -53.59
CA VAL C 39 6.75 40.41 -53.50
C VAL C 39 8.02 41.12 -53.05
N SER C 40 9.04 40.34 -52.71
CA SER C 40 10.28 40.91 -52.19
C SER C 40 11.48 40.19 -52.79
N LEU C 41 12.56 40.95 -52.96
CA LEU C 41 13.83 40.43 -53.43
C LEU C 41 14.96 41.05 -52.61
N SER C 42 16.15 40.50 -52.77
CA SER C 42 17.31 41.02 -52.07
C SER C 42 17.96 42.14 -52.86
N GLN C 43 18.96 42.78 -52.23
CA GLN C 43 19.61 43.93 -52.85
C GLN C 43 20.50 43.57 -54.04
N PRO C 44 21.45 42.61 -53.97
CA PRO C 44 22.27 42.35 -55.17
C PRO C 44 21.53 41.67 -56.30
N LYS C 45 20.44 40.95 -56.02
CA LYS C 45 19.65 40.39 -57.11
C LYS C 45 18.89 41.47 -57.86
N MET C 46 18.33 42.46 -57.15
CA MET C 46 17.69 43.58 -57.81
C MET C 46 18.71 44.47 -58.51
N ASP C 47 19.94 44.55 -57.99
CA ASP C 47 20.97 45.32 -58.69
C ASP C 47 21.50 44.54 -59.89
N GLU C 48 21.35 43.22 -59.89
CA GLU C 48 21.75 42.40 -61.03
C GLU C 48 20.68 42.44 -62.12
N LEU C 49 19.42 42.58 -61.73
CA LEU C 49 18.32 42.65 -62.69
C LEU C 49 17.94 44.09 -63.04
N GLN C 50 18.48 45.07 -62.31
CA GLN C 50 18.27 46.51 -62.51
C GLN C 50 16.79 46.88 -62.39
N LEU C 51 16.26 46.71 -61.18
CA LEU C 51 14.89 47.05 -60.86
C LEU C 51 14.83 48.29 -59.96
N PHE C 52 13.63 48.62 -59.50
CA PHE C 52 13.39 49.78 -58.67
C PHE C 52 12.29 49.43 -57.67
N ARG C 53 12.16 50.25 -56.63
CA ARG C 53 11.19 50.06 -55.55
C ARG C 53 9.78 50.49 -55.92
N GLY C 54 9.46 50.66 -57.20
CA GLY C 54 8.08 50.91 -57.60
C GLY C 54 7.71 50.23 -58.90
N ASP C 55 8.45 49.18 -59.26
CA ASP C 55 8.29 48.54 -60.55
C ASP C 55 7.12 47.56 -60.52
N THR C 56 6.99 46.77 -61.59
CA THR C 56 5.90 45.81 -61.75
C THR C 56 6.45 44.62 -62.54
N VAL C 57 6.58 43.48 -61.88
CA VAL C 57 7.14 42.30 -62.49
C VAL C 57 6.05 41.25 -62.68
N LEU C 58 6.41 40.15 -63.34
CA LEU C 58 5.50 39.05 -63.60
C LEU C 58 6.18 37.75 -63.21
N LEU C 59 5.43 36.86 -62.57
CA LEU C 59 5.94 35.60 -62.07
C LEU C 59 5.25 34.46 -62.80
N LYS C 60 6.03 33.54 -63.34
CA LYS C 60 5.48 32.37 -64.00
C LYS C 60 5.51 31.18 -63.05
N GLY C 61 4.41 30.43 -63.01
CA GLY C 61 4.32 29.30 -62.12
C GLY C 61 3.91 28.03 -62.83
N LYS C 62 3.35 27.08 -62.10
CA LYS C 62 2.94 25.81 -62.67
C LYS C 62 1.52 25.90 -63.22
N LYS C 63 1.14 24.88 -64.01
CA LYS C 63 -0.14 24.73 -64.69
C LYS C 63 -0.44 25.93 -65.61
N ARG C 64 0.61 26.50 -66.21
CA ARG C 64 0.53 27.55 -67.24
C ARG C 64 -0.17 28.81 -66.73
N ARG C 65 0.06 29.14 -65.46
CA ARG C 65 -0.58 30.28 -64.83
C ARG C 65 0.48 31.22 -64.26
N GLU C 66 0.18 32.51 -64.30
CA GLU C 66 1.13 33.56 -63.93
C GLU C 66 0.48 34.49 -62.91
N ALA C 67 1.29 35.41 -62.38
CA ALA C 67 0.79 36.39 -61.41
C ALA C 67 1.59 37.67 -61.51
N VAL C 68 0.89 38.79 -61.47
CA VAL C 68 1.50 40.12 -61.53
C VAL C 68 1.47 40.73 -60.13
N CYS C 69 2.57 41.38 -59.75
CA CYS C 69 2.73 41.92 -58.41
C CYS C 69 3.49 43.24 -58.51
N ILE C 70 3.96 43.72 -57.36
CA ILE C 70 4.83 44.89 -57.25
C ILE C 70 6.07 44.45 -56.49
N VAL C 71 7.23 44.60 -57.12
CA VAL C 71 8.49 44.18 -56.49
C VAL C 71 8.99 45.28 -55.56
N LEU C 72 9.45 44.88 -54.38
CA LEU C 72 10.11 45.80 -53.47
C LEU C 72 11.46 45.23 -53.05
N SER C 73 12.11 45.88 -52.10
CA SER C 73 13.43 45.45 -51.64
C SER C 73 13.36 44.94 -50.22
N ASP C 74 14.34 44.11 -49.86
CA ASP C 74 14.44 43.56 -48.51
C ASP C 74 15.89 43.18 -48.26
N ASP C 75 16.38 43.54 -47.07
CA ASP C 75 17.75 43.23 -46.67
C ASP C 75 17.88 41.89 -45.99
N THR C 76 16.81 41.38 -45.37
CA THR C 76 16.84 40.07 -44.74
C THR C 76 16.61 38.93 -45.73
N CYS C 77 16.39 39.24 -47.00
CA CYS C 77 16.18 38.20 -48.01
C CYS C 77 17.49 37.47 -48.30
N SER C 78 17.34 36.22 -48.75
CA SER C 78 18.50 35.38 -49.08
C SER C 78 18.95 35.66 -50.51
N ASP C 79 19.81 34.79 -51.03
CA ASP C 79 20.47 35.06 -52.31
C ASP C 79 19.56 34.70 -53.49
N GLU C 80 19.21 33.43 -53.64
CA GLU C 80 18.45 32.96 -54.79
C GLU C 80 17.00 32.62 -54.46
N LYS C 81 16.34 33.41 -53.61
CA LYS C 81 14.95 33.15 -53.26
C LYS C 81 14.11 34.41 -53.37
N ILE C 82 12.80 34.21 -53.29
CA ILE C 82 11.82 35.29 -53.39
C ILE C 82 10.81 35.13 -52.27
N ARG C 83 10.37 36.26 -51.70
CA ARG C 83 9.42 36.28 -50.59
C ARG C 83 8.07 36.75 -51.10
N MET C 84 7.02 35.97 -50.84
CA MET C 84 5.69 36.32 -51.32
C MET C 84 4.63 35.81 -50.35
N ASN C 85 3.45 36.42 -50.43
CA ASN C 85 2.32 36.10 -49.59
C ASN C 85 1.72 34.74 -50.01
N ARG C 86 0.89 34.18 -49.13
CA ARG C 86 0.20 32.93 -49.43
C ARG C 86 -0.85 33.10 -50.53
N VAL C 87 -1.36 34.32 -50.74
CA VAL C 87 -2.32 34.57 -51.79
C VAL C 87 -1.67 34.41 -53.16
N VAL C 88 -0.55 35.10 -53.37
CA VAL C 88 0.22 34.99 -54.62
C VAL C 88 0.74 33.57 -54.79
N ARG C 89 1.11 32.92 -53.68
CA ARG C 89 1.63 31.57 -53.72
C ARG C 89 0.57 30.56 -54.17
N ASN C 90 -0.67 30.72 -53.70
CA ASN C 90 -1.74 29.84 -54.13
C ASN C 90 -2.30 30.20 -55.50
N ASN C 91 -2.14 31.45 -55.95
CA ASN C 91 -2.57 31.81 -57.29
C ASN C 91 -1.65 31.31 -58.39
N LEU C 92 -0.50 30.74 -58.05
CA LEU C 92 0.46 30.24 -59.01
C LEU C 92 0.53 28.72 -59.08
N ARG C 93 -0.29 28.02 -58.29
CA ARG C 93 -0.21 26.57 -58.06
C ARG C 93 1.19 26.15 -57.64
N VAL C 94 1.70 26.85 -56.63
CA VAL C 94 3.07 26.71 -56.15
C VAL C 94 3.04 26.52 -54.64
N ARG C 95 3.86 25.60 -54.14
CA ARG C 95 4.04 25.40 -52.70
C ARG C 95 5.44 25.84 -52.30
N LEU C 96 5.75 25.68 -51.02
CA LEU C 96 7.05 26.09 -50.48
C LEU C 96 8.15 25.16 -51.00
N GLY C 97 9.12 25.72 -51.71
CA GLY C 97 10.23 24.95 -52.24
C GLY C 97 10.19 24.72 -53.74
N ASP C 98 9.23 25.30 -54.45
CA ASP C 98 9.12 25.14 -55.89
C ASP C 98 10.02 26.13 -56.60
N VAL C 99 9.87 26.24 -57.92
CA VAL C 99 10.70 27.12 -58.74
C VAL C 99 9.81 28.07 -59.53
N ILE C 100 10.25 29.32 -59.66
CA ILE C 100 9.51 30.38 -60.35
C ILE C 100 10.47 31.21 -61.17
N SER C 101 10.13 31.46 -62.43
CA SER C 101 10.86 32.39 -63.29
C SER C 101 10.16 33.75 -63.25
N ILE C 102 10.96 34.80 -63.08
CA ILE C 102 10.47 36.18 -62.99
C ILE C 102 10.87 36.90 -64.26
N GLN C 103 9.98 37.77 -64.77
CA GLN C 103 10.31 38.60 -65.91
C GLN C 103 9.75 40.01 -65.74
N PRO C 104 10.43 41.02 -66.27
CA PRO C 104 9.89 42.39 -66.18
C PRO C 104 8.79 42.64 -67.19
N CYS C 105 7.85 43.49 -66.79
CA CYS C 105 6.74 43.90 -67.65
C CYS C 105 6.49 45.39 -67.51
N PRO C 106 7.04 46.20 -68.42
CA PRO C 106 6.78 47.64 -68.39
C PRO C 106 5.43 48.05 -68.99
N ASP C 107 4.58 47.09 -69.35
CA ASP C 107 3.28 47.39 -69.97
C ASP C 107 2.31 47.89 -68.89
N VAL C 108 2.44 49.18 -68.58
CA VAL C 108 1.61 49.84 -67.58
C VAL C 108 0.33 50.27 -68.28
N LYS C 109 -0.74 49.50 -68.09
CA LYS C 109 -2.03 49.77 -68.69
C LYS C 109 -3.07 50.03 -67.61
N TYR C 110 -3.76 51.17 -67.70
CA TYR C 110 -4.79 51.48 -66.75
C TYR C 110 -6.09 50.77 -67.13
N GLY C 111 -6.79 50.28 -66.11
CA GLY C 111 -8.02 49.55 -66.36
C GLY C 111 -9.17 50.46 -66.74
N LYS C 112 -10.24 49.85 -67.24
CA LYS C 112 -11.45 50.58 -67.56
C LYS C 112 -12.67 50.05 -66.83
N ARG C 113 -12.91 48.74 -66.85
CA ARG C 113 -14.05 48.11 -66.20
C ARG C 113 -13.58 46.86 -65.49
N ILE C 114 -13.97 46.72 -64.22
CA ILE C 114 -13.56 45.59 -63.40
C ILE C 114 -14.82 44.87 -62.93
N HIS C 115 -14.99 43.62 -63.36
CA HIS C 115 -16.14 42.80 -62.99
C HIS C 115 -15.64 41.67 -62.09
N VAL C 116 -16.06 41.71 -60.82
CA VAL C 116 -15.65 40.71 -59.82
C VAL C 116 -16.90 40.08 -59.22
N LEU C 117 -16.72 38.91 -58.61
CA LEU C 117 -17.82 38.16 -58.00
C LEU C 117 -17.37 37.63 -56.64
N PRO C 118 -18.23 37.65 -55.63
CA PRO C 118 -17.89 37.03 -54.35
C PRO C 118 -18.06 35.52 -54.40
N ILE C 119 -17.55 34.86 -53.37
CA ILE C 119 -17.64 33.41 -53.25
C ILE C 119 -18.59 33.08 -52.11
N ASP C 120 -19.44 32.06 -52.32
CA ASP C 120 -20.63 31.87 -51.50
C ASP C 120 -20.32 31.39 -50.08
N ASP C 121 -19.24 30.63 -49.89
CA ASP C 121 -18.94 30.11 -48.56
C ASP C 121 -18.33 31.16 -47.63
N THR C 122 -17.94 32.32 -48.17
CA THR C 122 -17.40 33.39 -47.36
C THR C 122 -18.32 34.61 -47.26
N VAL C 123 -19.50 34.55 -47.86
CA VAL C 123 -20.47 35.65 -47.77
C VAL C 123 -21.77 35.18 -47.13
N GLU C 124 -21.78 34.02 -46.47
CA GLU C 124 -23.02 33.41 -45.99
C GLU C 124 -23.55 34.04 -44.70
N GLY C 125 -23.00 35.17 -44.26
CA GLY C 125 -23.55 35.87 -43.11
C GLY C 125 -23.82 37.33 -43.40
N ILE C 126 -23.22 37.83 -44.48
CA ILE C 126 -23.30 39.24 -44.84
C ILE C 126 -24.18 39.38 -46.09
N THR C 127 -24.85 40.52 -46.21
CA THR C 127 -25.70 40.80 -47.37
C THR C 127 -25.78 42.30 -47.57
N GLY C 128 -26.31 42.69 -48.72
CA GLY C 128 -26.53 44.10 -49.03
C GLY C 128 -25.34 44.73 -49.77
N ASN C 129 -24.70 45.69 -49.12
CA ASN C 129 -23.60 46.43 -49.73
C ASN C 129 -22.27 45.78 -49.40
N LEU C 130 -21.41 45.69 -50.41
CA LEU C 130 -20.03 45.24 -50.23
C LEU C 130 -19.00 46.21 -50.78
N PHE C 131 -19.41 47.19 -51.60
CA PHE C 131 -18.46 48.07 -52.26
C PHE C 131 -17.88 49.10 -51.30
N GLU C 132 -18.72 49.65 -50.41
CA GLU C 132 -18.28 50.74 -49.54
C GLU C 132 -17.43 50.23 -48.38
N VAL C 133 -17.70 49.02 -47.90
CA VAL C 133 -17.01 48.53 -46.71
C VAL C 133 -15.70 47.86 -47.09
N TYR C 134 -15.76 46.84 -47.95
CA TYR C 134 -14.61 46.01 -48.26
C TYR C 134 -13.69 46.65 -49.31
N LEU C 135 -14.26 47.05 -50.44
CA LEU C 135 -13.46 47.39 -51.62
C LEU C 135 -13.08 48.86 -51.67
N LYS C 136 -13.85 49.75 -51.05
CA LYS C 136 -13.60 51.19 -51.13
C LYS C 136 -12.30 51.64 -50.45
N PRO C 137 -11.90 51.16 -49.26
CA PRO C 137 -10.53 51.45 -48.82
C PRO C 137 -9.49 50.48 -49.35
N TYR C 138 -9.89 49.48 -50.12
CA TYR C 138 -8.97 48.45 -50.60
C TYR C 138 -8.15 48.94 -51.80
N PHE C 139 -8.83 49.50 -52.80
CA PHE C 139 -8.14 50.00 -53.98
C PHE C 139 -7.68 51.44 -53.84
N LEU C 140 -8.16 52.16 -52.82
CA LEU C 140 -7.80 53.55 -52.65
C LEU C 140 -6.38 53.66 -52.11
N GLU C 141 -5.55 54.46 -52.81
CA GLU C 141 -4.12 54.67 -52.51
C GLU C 141 -3.37 53.34 -52.51
N ALA C 142 -3.73 52.48 -53.48
CA ALA C 142 -3.11 51.16 -53.59
C ALA C 142 -2.42 50.95 -54.94
N TYR C 143 -3.12 51.24 -56.05
CA TYR C 143 -2.68 50.96 -57.42
C TYR C 143 -2.26 49.50 -57.59
N ARG C 144 -3.20 48.62 -57.31
CA ARG C 144 -2.94 47.19 -57.30
C ARG C 144 -2.97 46.62 -58.71
N PRO C 145 -1.90 46.01 -59.19
CA PRO C 145 -1.96 45.34 -60.50
C PRO C 145 -2.73 44.02 -60.43
N ILE C 146 -3.92 44.00 -61.01
CA ILE C 146 -4.75 42.81 -60.99
C ILE C 146 -4.73 42.17 -62.37
N ARG C 147 -5.26 40.95 -62.45
CA ARG C 147 -5.24 40.17 -63.68
C ARG C 147 -6.41 39.19 -63.63
N LYS C 148 -6.96 38.87 -64.80
CA LYS C 148 -7.98 37.84 -64.89
C LYS C 148 -7.38 36.48 -64.54
N GLY C 149 -7.86 35.90 -63.45
CA GLY C 149 -7.31 34.64 -62.97
C GLY C 149 -6.76 34.76 -61.57
N ASP C 150 -7.04 35.88 -60.91
CA ASP C 150 -6.57 36.15 -59.56
C ASP C 150 -7.72 36.09 -58.57
N ILE C 151 -7.43 35.57 -57.38
CA ILE C 151 -8.33 35.61 -56.23
C ILE C 151 -7.63 36.37 -55.13
N PHE C 152 -8.26 37.42 -54.62
CA PHE C 152 -7.68 38.20 -53.55
C PHE C 152 -8.57 38.15 -52.31
N LEU C 153 -7.96 38.50 -51.17
CA LEU C 153 -8.54 38.33 -49.86
C LEU C 153 -8.66 39.68 -49.18
N VAL C 154 -9.86 40.01 -48.71
CA VAL C 154 -10.12 41.26 -48.01
C VAL C 154 -10.59 40.92 -46.60
N ARG C 155 -9.91 41.46 -45.60
CA ARG C 155 -10.29 41.30 -44.20
C ARG C 155 -10.90 42.59 -43.67
N GLY C 156 -11.76 42.43 -42.67
CA GLY C 156 -12.42 43.58 -42.08
C GLY C 156 -13.87 43.27 -41.74
N GLY C 157 -14.40 43.93 -40.73
CA GLY C 157 -15.75 43.64 -40.28
C GLY C 157 -15.89 42.29 -39.61
N MET C 158 -14.84 41.85 -38.91
CA MET C 158 -14.77 40.56 -38.20
C MET C 158 -15.01 39.38 -39.15
N ARG C 159 -14.51 39.50 -40.38
CA ARG C 159 -14.78 38.52 -41.42
C ARG C 159 -13.74 38.65 -42.51
N ALA C 160 -13.27 37.52 -43.03
CA ALA C 160 -12.39 37.47 -44.19
C ALA C 160 -13.19 36.98 -45.39
N VAL C 161 -13.05 37.66 -46.52
CA VAL C 161 -13.84 37.37 -47.70
C VAL C 161 -12.93 37.30 -48.92
N GLU C 162 -13.27 36.40 -49.85
CA GLU C 162 -12.46 36.15 -51.03
C GLU C 162 -13.21 36.62 -52.27
N PHE C 163 -12.57 37.45 -53.08
CA PHE C 163 -13.12 37.89 -54.35
C PHE C 163 -12.27 37.38 -55.50
N LYS C 164 -12.91 37.17 -56.64
CA LYS C 164 -12.24 36.71 -57.86
C LYS C 164 -12.43 37.74 -58.96
N VAL C 165 -11.33 38.14 -59.60
CA VAL C 165 -11.39 39.03 -60.74
C VAL C 165 -11.90 38.23 -61.93
N VAL C 166 -13.14 38.49 -62.33
CA VAL C 166 -13.77 37.71 -63.39
C VAL C 166 -13.50 38.31 -64.77
N GLU C 167 -13.63 39.63 -64.91
CA GLU C 167 -13.48 40.24 -66.23
C GLU C 167 -12.83 41.60 -66.13
N THR C 168 -11.83 41.82 -67.00
CA THR C 168 -11.22 43.12 -67.20
C THR C 168 -11.16 43.41 -68.69
N ASP C 169 -11.21 44.70 -69.04
CA ASP C 169 -11.12 45.12 -70.42
C ASP C 169 -9.65 45.15 -70.90
N PRO C 170 -8.65 45.69 -70.14
CA PRO C 170 -7.26 45.45 -70.58
C PRO C 170 -6.76 44.06 -70.22
N SER C 171 -7.07 43.07 -71.05
CA SER C 171 -6.63 41.71 -70.77
C SER C 171 -5.14 41.57 -71.11
N PRO C 172 -4.38 40.78 -70.32
CA PRO C 172 -4.81 40.07 -69.12
C PRO C 172 -4.73 40.89 -67.83
N TYR C 173 -3.73 41.76 -67.70
CA TYR C 173 -3.47 42.45 -66.45
C TYR C 173 -3.55 43.96 -66.63
N CYS C 174 -3.87 44.65 -65.54
CA CYS C 174 -4.04 46.10 -65.55
C CYS C 174 -3.86 46.63 -64.14
N ILE C 175 -3.38 47.87 -64.06
CA ILE C 175 -3.26 48.55 -62.78
C ILE C 175 -4.53 49.35 -62.53
N VAL C 176 -5.09 49.19 -61.33
CA VAL C 176 -6.36 49.83 -60.98
C VAL C 176 -6.12 51.33 -60.76
N ALA C 177 -6.81 52.15 -61.54
CA ALA C 177 -6.76 53.60 -61.53
C ALA C 177 -8.03 54.16 -60.92
N PRO C 178 -8.03 55.44 -60.52
CA PRO C 178 -9.30 56.11 -60.20
C PRO C 178 -10.22 56.29 -61.41
N ASP C 179 -9.72 56.13 -62.63
CA ASP C 179 -10.54 56.15 -63.83
C ASP C 179 -11.44 54.92 -63.93
N THR C 180 -11.11 53.84 -63.22
CA THR C 180 -11.80 52.58 -63.36
C THR C 180 -13.19 52.63 -62.71
N VAL C 181 -14.08 51.78 -63.22
CA VAL C 181 -15.38 51.53 -62.62
C VAL C 181 -15.46 50.04 -62.30
N ILE C 182 -16.02 49.71 -61.14
CA ILE C 182 -16.08 48.35 -60.64
C ILE C 182 -17.55 47.95 -60.55
N HIS C 183 -17.95 46.98 -61.37
CA HIS C 183 -19.32 46.48 -61.39
C HIS C 183 -19.38 45.26 -60.47
N CYS C 184 -19.71 45.51 -59.21
CA CYS C 184 -19.77 44.46 -58.21
C CYS C 184 -21.15 43.82 -58.09
N GLU C 185 -21.97 43.92 -59.14
CA GLU C 185 -23.24 43.21 -59.15
C GLU C 185 -23.01 41.75 -59.57
N GLY C 186 -24.07 40.96 -59.44
CA GLY C 186 -24.03 39.57 -59.85
C GLY C 186 -24.23 38.62 -58.67
N GLU C 187 -24.38 37.35 -59.01
CA GLU C 187 -24.60 36.30 -58.04
C GLU C 187 -23.27 35.67 -57.60
N PRO C 188 -23.17 35.24 -56.34
CA PRO C 188 -21.95 34.55 -55.91
C PRO C 188 -21.88 33.14 -56.46
N ILE C 189 -20.70 32.77 -56.92
CA ILE C 189 -20.47 31.46 -57.52
C ILE C 189 -19.67 30.60 -56.55
N LYS C 190 -19.55 29.32 -56.89
CA LYS C 190 -18.86 28.36 -56.04
C LYS C 190 -17.36 28.39 -56.33
N ARG C 191 -16.64 27.43 -55.77
CA ARG C 191 -15.20 27.31 -55.93
C ARG C 191 -14.88 26.30 -57.01
N GLU C 192 -13.81 26.57 -57.77
CA GLU C 192 -13.23 25.57 -58.65
C GLU C 192 -12.71 24.40 -57.81
N ASP C 193 -12.78 23.19 -58.39
CA ASP C 193 -12.51 21.97 -57.63
C ASP C 193 -11.07 21.86 -57.15
N GLU C 194 -10.15 22.61 -57.76
CA GLU C 194 -8.74 22.55 -57.40
C GLU C 194 -8.27 23.76 -56.62
N GLU C 195 -9.10 24.79 -56.46
CA GLU C 195 -8.69 26.01 -55.75
C GLU C 195 -8.79 25.76 -54.24
N GLU C 196 -7.63 25.75 -53.57
CA GLU C 196 -7.60 25.55 -52.13
C GLU C 196 -8.10 26.79 -51.40
N SER C 197 -8.60 26.58 -50.20
CA SER C 197 -9.20 27.65 -49.42
C SER C 197 -8.17 28.34 -48.55
N LEU C 198 -8.35 29.64 -48.38
CA LEU C 198 -7.55 30.44 -47.45
C LEU C 198 -8.14 30.44 -46.04
N ASN C 199 -9.22 29.69 -45.83
CA ASN C 199 -9.72 29.44 -44.48
C ASN C 199 -8.86 28.42 -43.75
N GLU C 200 -8.25 27.50 -44.48
CA GLU C 200 -7.45 26.45 -43.87
C GLU C 200 -6.08 27.00 -43.46
N VAL C 201 -5.32 26.18 -42.75
CA VAL C 201 -4.21 26.64 -41.92
C VAL C 201 -2.91 26.54 -42.70
N GLY C 202 -2.12 27.61 -42.66
CA GLY C 202 -0.79 27.62 -43.22
C GLY C 202 0.23 27.99 -42.14
N TYR C 203 1.41 28.46 -42.52
CA TYR C 203 2.39 28.84 -41.51
C TYR C 203 2.08 30.19 -40.89
N ASP C 204 1.15 30.95 -41.48
CA ASP C 204 0.90 32.30 -41.00
C ASP C 204 0.08 32.29 -39.70
N ASP C 205 -0.70 31.22 -39.48
CA ASP C 205 -1.58 31.19 -38.31
C ASP C 205 -0.82 30.78 -37.06
N ILE C 206 0.44 30.37 -37.21
CA ILE C 206 1.22 29.95 -36.06
C ILE C 206 2.14 31.07 -35.61
N GLY C 207 2.10 31.39 -34.32
CA GLY C 207 2.98 32.41 -33.78
C GLY C 207 3.65 31.96 -32.51
N GLY C 208 4.83 32.51 -32.26
CA GLY C 208 5.50 32.33 -31.00
C GLY C 208 6.43 31.15 -30.89
N CYS C 209 6.46 30.27 -31.89
CA CYS C 209 7.29 29.07 -31.86
C CYS C 209 8.01 28.92 -33.20
N ARG C 210 8.70 29.99 -33.60
CA ARG C 210 9.43 30.03 -34.85
C ARG C 210 10.56 29.00 -34.90
N LYS C 211 11.25 28.79 -33.78
CA LYS C 211 12.39 27.87 -33.76
C LYS C 211 11.95 26.42 -33.89
N GLN C 212 10.91 26.03 -33.16
CA GLN C 212 10.43 24.65 -33.22
C GLN C 212 9.79 24.36 -34.57
N LEU C 213 9.14 25.35 -35.16
CA LEU C 213 8.57 25.17 -36.49
C LEU C 213 9.65 25.04 -37.54
N ALA C 214 10.75 25.79 -37.38
CA ALA C 214 11.88 25.65 -38.29
C ALA C 214 12.55 24.28 -38.14
N GLN C 215 12.62 23.78 -36.90
CA GLN C 215 13.22 22.47 -36.65
C GLN C 215 12.37 21.35 -37.26
N ILE C 216 11.05 21.45 -37.14
CA ILE C 216 10.16 20.47 -37.77
C ILE C 216 10.25 20.54 -39.28
N LYS C 217 10.39 21.75 -39.85
CA LYS C 217 10.56 21.87 -41.29
C LYS C 217 11.87 21.24 -41.76
N GLU C 218 12.95 21.43 -41.00
CA GLU C 218 14.23 20.81 -41.34
C GLU C 218 14.16 19.29 -41.23
N MET C 219 13.35 18.77 -40.31
CA MET C 219 13.22 17.32 -40.21
C MET C 219 12.39 16.75 -41.35
N VAL C 220 11.28 17.38 -41.69
CA VAL C 220 10.23 16.71 -42.45
C VAL C 220 10.15 17.15 -43.90
N GLU C 221 10.57 18.38 -44.24
CA GLU C 221 10.31 18.93 -45.58
C GLU C 221 11.11 18.21 -46.67
N LEU C 222 12.30 17.74 -46.36
CA LEU C 222 13.09 17.08 -47.39
C LEU C 222 12.64 15.64 -47.72
N PRO C 223 12.21 14.79 -46.77
CA PRO C 223 11.64 13.50 -47.21
C PRO C 223 10.23 13.59 -47.80
N LEU C 224 9.60 14.77 -47.82
CA LEU C 224 8.28 14.88 -48.44
C LEU C 224 8.35 15.53 -49.82
N ARG C 225 9.12 16.61 -49.97
CA ARG C 225 9.16 17.31 -51.24
C ARG C 225 9.95 16.56 -52.28
N HIS C 226 10.94 15.77 -51.85
CA HIS C 226 11.78 14.99 -52.75
C HIS C 226 11.81 13.53 -52.31
N PRO C 227 10.72 12.78 -52.56
CA PRO C 227 10.68 11.37 -52.11
C PRO C 227 11.66 10.46 -52.84
N ALA C 228 11.60 10.43 -54.17
CA ALA C 228 12.42 9.50 -54.94
C ALA C 228 13.88 9.92 -55.00
N LEU C 229 14.14 11.23 -54.94
CA LEU C 229 15.51 11.71 -54.86
C LEU C 229 16.15 11.34 -53.53
N PHE C 230 15.37 11.25 -52.46
CA PHE C 230 15.90 10.81 -51.18
C PHE C 230 15.97 9.29 -51.09
N LYS C 231 15.13 8.60 -51.87
CA LYS C 231 15.11 7.14 -51.88
C LYS C 231 16.43 6.58 -52.41
N ALA C 232 17.07 7.27 -53.36
CA ALA C 232 18.28 6.80 -53.99
C ALA C 232 19.55 7.22 -53.26
N ILE C 233 19.46 7.74 -52.04
CA ILE C 233 20.65 8.21 -51.34
C ILE C 233 21.30 7.08 -50.55
N GLY C 234 20.57 6.52 -49.60
CA GLY C 234 21.13 5.55 -48.68
C GLY C 234 21.11 6.05 -47.25
N VAL C 235 20.32 7.09 -47.02
CA VAL C 235 20.15 7.71 -45.71
C VAL C 235 18.77 7.35 -45.18
N LYS C 236 18.71 6.86 -43.95
CA LYS C 236 17.38 6.60 -43.42
C LYS C 236 16.75 7.90 -42.92
N PRO C 237 15.46 8.11 -43.17
CA PRO C 237 14.76 9.29 -42.66
C PRO C 237 14.29 9.04 -41.24
N PRO C 238 13.81 10.07 -40.55
CA PRO C 238 13.03 9.81 -39.33
C PRO C 238 11.68 9.21 -39.68
N ARG C 239 11.13 8.49 -38.72
CA ARG C 239 9.86 7.80 -38.94
C ARG C 239 8.90 7.93 -37.77
N GLY C 240 9.19 8.82 -36.82
CA GLY C 240 8.26 9.10 -35.75
C GLY C 240 8.70 10.30 -34.95
N ILE C 241 7.81 11.27 -34.78
CA ILE C 241 8.13 12.51 -34.08
C ILE C 241 7.11 12.70 -32.98
N LEU C 242 7.58 13.07 -31.79
CA LEU C 242 6.72 13.22 -30.62
C LEU C 242 6.73 14.67 -30.19
N LEU C 243 5.61 15.36 -30.41
CA LEU C 243 5.42 16.73 -29.95
C LEU C 243 4.89 16.69 -28.52
N TYR C 244 5.43 17.53 -27.66
CA TYR C 244 4.86 17.61 -26.32
C TYR C 244 4.92 19.02 -25.78
N GLY C 245 4.03 19.29 -24.83
CA GLY C 245 3.90 20.59 -24.23
C GLY C 245 2.67 20.65 -23.38
N PRO C 246 2.41 21.80 -22.75
CA PRO C 246 1.20 21.93 -21.93
C PRO C 246 -0.04 21.98 -22.83
N PRO C 247 -1.22 21.72 -22.27
CA PRO C 247 -2.43 21.77 -23.09
C PRO C 247 -2.78 23.18 -23.53
N GLY C 248 -3.07 23.32 -24.81
CA GLY C 248 -3.44 24.60 -25.36
C GLY C 248 -2.37 25.30 -26.15
N THR C 249 -1.19 24.72 -26.30
CA THR C 249 -0.08 25.37 -26.97
C THR C 249 -0.07 25.17 -28.48
N GLY C 250 -1.14 24.61 -29.05
CA GLY C 250 -1.21 24.51 -30.50
C GLY C 250 -0.33 23.45 -31.10
N LYS C 251 -0.62 22.18 -30.84
CA LYS C 251 0.15 21.10 -31.46
C LYS C 251 -0.58 20.53 -32.67
N THR C 252 -1.91 20.43 -32.57
CA THR C 252 -2.73 20.02 -33.71
C THR C 252 -2.63 21.04 -34.83
N LEU C 253 -2.53 22.32 -34.46
CA LEU C 253 -2.35 23.40 -35.42
C LEU C 253 -1.05 23.25 -36.20
N ILE C 254 0.05 22.96 -35.50
CA ILE C 254 1.35 22.80 -36.15
C ILE C 254 1.36 21.58 -37.06
N ALA C 255 0.76 20.48 -36.60
CA ALA C 255 0.68 19.28 -37.43
C ALA C 255 -0.12 19.52 -38.70
N ARG C 256 -1.27 20.18 -38.58
CA ARG C 256 -2.11 20.44 -39.74
C ARG C 256 -1.47 21.45 -40.70
N ALA C 257 -0.73 22.41 -40.17
CA ALA C 257 -0.09 23.40 -41.04
C ALA C 257 1.09 22.80 -41.80
N VAL C 258 1.89 21.94 -41.14
CA VAL C 258 2.96 21.26 -41.86
C VAL C 258 2.38 20.24 -42.84
N ALA C 259 1.18 19.71 -42.56
CA ALA C 259 0.52 18.83 -43.52
C ALA C 259 0.08 19.58 -44.77
N ASN C 260 -0.68 20.66 -44.61
CA ASN C 260 -1.27 21.33 -45.77
C ASN C 260 -0.26 22.09 -46.62
N GLU C 261 0.81 22.60 -46.03
CA GLU C 261 1.78 23.39 -46.78
C GLU C 261 2.86 22.55 -47.45
N THR C 262 2.68 21.23 -47.51
CA THR C 262 3.56 20.37 -48.27
C THR C 262 2.83 19.45 -49.24
N GLY C 263 1.49 19.45 -49.23
CA GLY C 263 0.75 18.61 -50.15
C GLY C 263 0.70 17.16 -49.78
N ALA C 264 1.11 16.80 -48.58
CA ALA C 264 1.09 15.41 -48.15
C ALA C 264 -0.31 15.00 -47.73
N PHE C 265 -0.65 13.74 -48.00
CA PHE C 265 -1.93 13.20 -47.58
C PHE C 265 -1.95 13.05 -46.06
N PHE C 266 -2.88 13.75 -45.43
CA PHE C 266 -2.93 13.84 -43.98
C PHE C 266 -4.10 13.01 -43.45
N PHE C 267 -3.79 12.00 -42.66
CA PHE C 267 -4.80 11.19 -42.00
C PHE C 267 -4.75 11.49 -40.51
N LEU C 268 -5.92 11.58 -39.88
CA LEU C 268 -6.02 11.91 -38.47
C LEU C 268 -6.51 10.71 -37.69
N ILE C 269 -5.83 10.40 -36.60
CA ILE C 269 -6.26 9.41 -35.62
C ILE C 269 -6.50 10.13 -34.30
N ASN C 270 -7.70 9.97 -33.75
CA ASN C 270 -8.06 10.58 -32.49
C ASN C 270 -8.13 9.47 -31.44
N GLY C 271 -7.51 9.73 -30.28
CA GLY C 271 -7.42 8.74 -29.22
C GLY C 271 -8.72 8.25 -28.65
N PRO C 272 -9.58 9.13 -28.09
CA PRO C 272 -10.88 8.66 -27.58
C PRO C 272 -11.82 8.10 -28.64
N GLU C 273 -11.64 8.45 -29.91
CA GLU C 273 -12.49 7.88 -30.95
C GLU C 273 -12.18 6.40 -31.16
N ILE C 274 -10.92 6.00 -30.93
CA ILE C 274 -10.58 4.59 -31.02
C ILE C 274 -10.88 3.89 -29.70
N MET C 275 -10.62 4.55 -28.59
CA MET C 275 -10.85 3.89 -27.30
C MET C 275 -12.33 3.86 -26.92
N SER C 276 -13.19 4.52 -27.69
CA SER C 276 -14.63 4.47 -27.42
C SER C 276 -15.31 3.34 -28.16
N LYS C 277 -14.60 2.68 -29.08
CA LYS C 277 -15.18 1.58 -29.85
C LYS C 277 -15.23 0.31 -29.02
N LEU C 278 -15.68 -0.77 -29.66
CA LEU C 278 -15.77 -2.05 -28.97
C LEU C 278 -14.40 -2.72 -28.85
N ALA C 279 -14.42 -3.98 -28.43
CA ALA C 279 -13.19 -4.72 -28.15
C ALA C 279 -12.41 -5.06 -29.42
N GLY C 280 -13.12 -5.38 -30.49
CA GLY C 280 -12.46 -5.83 -31.71
C GLY C 280 -12.50 -4.82 -32.83
N GLU C 281 -13.12 -3.68 -32.59
CA GLU C 281 -13.24 -2.66 -33.63
C GLU C 281 -12.13 -1.61 -33.54
N SER C 282 -11.31 -1.64 -32.50
CA SER C 282 -10.23 -0.68 -32.36
C SER C 282 -9.04 -1.06 -33.23
N GLU C 283 -8.63 -2.33 -33.16
CA GLU C 283 -7.45 -2.78 -33.90
C GLU C 283 -7.71 -2.78 -35.40
N SER C 284 -8.96 -3.03 -35.81
CA SER C 284 -9.29 -2.96 -37.22
C SER C 284 -9.18 -1.53 -37.75
N ASN C 285 -9.54 -0.55 -36.91
CA ASN C 285 -9.44 0.84 -37.35
C ASN C 285 -7.99 1.30 -37.42
N LEU C 286 -7.14 0.83 -36.49
CA LEU C 286 -5.71 1.11 -36.59
C LEU C 286 -5.10 0.49 -37.84
N ARG C 287 -5.47 -0.76 -38.15
CA ARG C 287 -4.95 -1.40 -39.35
C ARG C 287 -5.43 -0.70 -40.62
N LYS C 288 -6.69 -0.25 -40.64
CA LYS C 288 -7.20 0.49 -41.79
C LYS C 288 -6.48 1.82 -41.94
N ALA C 289 -6.11 2.46 -40.82
CA ALA C 289 -5.40 3.73 -40.89
C ALA C 289 -4.02 3.58 -41.51
N PHE C 290 -3.24 2.62 -41.01
CA PHE C 290 -1.90 2.43 -41.55
C PHE C 290 -1.92 1.88 -42.98
N GLU C 291 -2.84 0.97 -43.29
CA GLU C 291 -2.91 0.43 -44.65
C GLU C 291 -3.42 1.46 -45.64
N GLU C 292 -4.30 2.37 -45.22
CA GLU C 292 -4.75 3.41 -46.12
C GLU C 292 -3.68 4.47 -46.32
N ALA C 293 -2.87 4.76 -45.29
CA ALA C 293 -1.77 5.69 -45.51
C ALA C 293 -0.59 5.07 -46.23
N GLU C 294 -0.56 3.73 -46.40
CA GLU C 294 0.41 3.14 -47.32
C GLU C 294 0.20 3.62 -48.75
N LYS C 295 -1.05 3.56 -49.23
CA LYS C 295 -1.32 3.72 -50.66
C LYS C 295 -1.16 5.15 -51.17
N ASN C 296 -1.10 6.12 -50.27
CA ASN C 296 -0.98 7.53 -50.65
C ASN C 296 0.36 8.10 -50.23
N ALA C 297 1.43 7.35 -50.43
CA ALA C 297 2.76 7.82 -50.07
C ALA C 297 3.19 8.96 -51.00
N PRO C 298 3.72 10.07 -50.47
CA PRO C 298 4.00 10.36 -49.05
C PRO C 298 2.78 10.78 -48.23
N ALA C 299 2.70 10.29 -47.00
CA ALA C 299 1.57 10.54 -46.13
C ALA C 299 2.06 10.94 -44.76
N ILE C 300 1.16 11.49 -43.95
CA ILE C 300 1.43 11.87 -42.57
C ILE C 300 0.31 11.32 -41.72
N ILE C 301 0.65 10.54 -40.70
CA ILE C 301 -0.31 10.02 -39.74
C ILE C 301 -0.12 10.77 -38.44
N PHE C 302 -1.16 11.46 -37.99
CA PHE C 302 -1.11 12.20 -36.74
C PHE C 302 -1.99 11.52 -35.71
N ILE C 303 -1.37 10.94 -34.69
CA ILE C 303 -2.06 10.28 -33.60
C ILE C 303 -2.22 11.29 -32.48
N ASP C 304 -3.43 11.76 -32.26
CA ASP C 304 -3.71 12.80 -31.29
C ASP C 304 -4.04 12.15 -29.95
N GLU C 305 -3.49 12.74 -28.88
CA GLU C 305 -3.65 12.25 -27.51
C GLU C 305 -3.17 10.81 -27.35
N LEU C 306 -1.86 10.63 -27.46
CA LEU C 306 -1.25 9.31 -27.32
C LEU C 306 -1.29 8.82 -25.87
N ASP C 307 -1.60 9.70 -24.92
CA ASP C 307 -1.76 9.27 -23.54
C ASP C 307 -3.00 8.40 -23.36
N ALA C 308 -3.99 8.59 -24.22
CA ALA C 308 -5.23 7.82 -24.11
C ALA C 308 -5.05 6.40 -24.63
N ILE C 309 -4.31 6.24 -25.74
CA ILE C 309 -4.19 4.93 -26.36
C ILE C 309 -3.21 4.05 -25.59
N ALA C 310 -1.99 4.52 -25.39
CA ALA C 310 -0.92 3.72 -24.81
C ALA C 310 -0.32 4.40 -23.58
N PRO C 311 -0.97 4.27 -22.42
CA PRO C 311 -0.40 4.82 -21.19
C PRO C 311 0.67 3.88 -20.62
N LYS C 312 1.09 4.20 -19.40
CA LYS C 312 2.02 3.35 -18.65
C LYS C 312 1.44 1.96 -18.43
N ARG C 313 2.32 0.98 -18.24
CA ARG C 313 1.87 -0.41 -18.17
C ARG C 313 1.14 -0.69 -16.85
N GLU C 314 1.51 0.02 -15.78
CA GLU C 314 0.81 -0.17 -14.51
C GLU C 314 -0.57 0.47 -14.53
N LYS C 315 -0.79 1.42 -15.43
CA LYS C 315 -2.09 2.07 -15.50
C LYS C 315 -3.03 1.34 -16.46
N THR C 316 -2.51 0.34 -17.15
CA THR C 316 -3.37 -0.53 -17.95
C THR C 316 -3.82 -1.72 -17.13
N HIS C 317 -5.11 -1.78 -16.84
CA HIS C 317 -5.73 -2.94 -16.23
C HIS C 317 -6.68 -3.55 -17.23
N GLY C 318 -6.44 -4.81 -17.57
CA GLY C 318 -7.19 -5.47 -18.61
C GLY C 318 -6.30 -6.05 -19.70
N GLU C 319 -6.95 -6.62 -20.71
CA GLU C 319 -6.19 -7.26 -21.79
C GLU C 319 -6.41 -6.54 -23.11
N VAL C 320 -7.54 -5.84 -23.25
CA VAL C 320 -7.84 -5.12 -24.48
C VAL C 320 -6.89 -3.95 -24.67
N GLU C 321 -6.59 -3.24 -23.58
CA GLU C 321 -5.67 -2.11 -23.65
C GLU C 321 -4.26 -2.56 -24.00
N ARG C 322 -3.83 -3.70 -23.47
CA ARG C 322 -2.50 -4.20 -23.79
C ARG C 322 -2.44 -4.75 -25.20
N ARG C 323 -3.56 -5.27 -25.72
CA ARG C 323 -3.57 -5.68 -27.12
C ARG C 323 -3.50 -4.48 -28.05
N ILE C 324 -4.11 -3.36 -27.66
CA ILE C 324 -4.02 -2.15 -28.48
C ILE C 324 -2.60 -1.59 -28.48
N VAL C 325 -1.94 -1.61 -27.32
CA VAL C 325 -0.55 -1.13 -27.24
C VAL C 325 0.38 -2.01 -28.07
N SER C 326 0.21 -3.34 -27.99
CA SER C 326 1.06 -4.23 -28.76
C SER C 326 0.78 -4.14 -30.25
N GLN C 327 -0.46 -3.85 -30.63
CA GLN C 327 -0.79 -3.65 -32.04
C GLN C 327 -0.11 -2.40 -32.59
N LEU C 328 -0.09 -1.32 -31.80
CA LEU C 328 0.58 -0.10 -32.22
C LEU C 328 2.09 -0.31 -32.35
N LEU C 329 2.69 -1.07 -31.41
CA LEU C 329 4.12 -1.39 -31.51
C LEU C 329 4.44 -2.21 -32.75
N THR C 330 3.58 -3.17 -33.08
CA THR C 330 3.80 -4.00 -34.26
C THR C 330 3.72 -3.19 -35.54
N LEU C 331 2.76 -2.25 -35.63
CA LEU C 331 2.65 -1.42 -36.82
C LEU C 331 3.82 -0.44 -36.94
N MET C 332 4.26 0.12 -35.82
CA MET C 332 5.41 1.04 -35.87
C MET C 332 6.70 0.32 -36.24
N ASP C 333 6.81 -0.97 -35.92
CA ASP C 333 7.92 -1.75 -36.46
C ASP C 333 7.71 -2.10 -37.93
N GLY C 334 6.45 -2.25 -38.34
CA GLY C 334 6.17 -2.55 -39.73
C GLY C 334 6.36 -1.37 -40.67
N LEU C 335 6.53 -0.16 -40.13
CA LEU C 335 6.84 0.98 -40.98
C LEU C 335 8.20 0.87 -41.64
N LYS C 336 9.13 0.11 -41.06
CA LYS C 336 10.50 0.06 -41.57
C LYS C 336 10.56 -0.63 -42.93
N GLN C 337 9.65 -1.57 -43.18
CA GLN C 337 9.53 -2.18 -44.49
C GLN C 337 8.72 -1.34 -45.47
N ARG C 338 8.15 -0.23 -45.03
CA ARG C 338 7.32 0.62 -45.85
C ARG C 338 8.15 1.77 -46.42
N ALA C 339 7.47 2.66 -47.14
CA ALA C 339 8.16 3.75 -47.84
C ALA C 339 7.35 5.02 -47.75
N HIS C 340 8.00 6.08 -47.26
CA HIS C 340 7.50 7.46 -47.25
C HIS C 340 6.22 7.59 -46.43
N VAL C 341 6.31 7.23 -45.15
CA VAL C 341 5.24 7.44 -44.19
C VAL C 341 5.87 8.02 -42.93
N ILE C 342 5.40 9.18 -42.51
CA ILE C 342 5.88 9.85 -41.31
C ILE C 342 4.76 9.81 -40.28
N VAL C 343 5.08 9.42 -39.06
CA VAL C 343 4.10 9.31 -37.99
C VAL C 343 4.44 10.36 -36.94
N MET C 344 3.48 11.24 -36.67
CA MET C 344 3.61 12.25 -35.63
C MET C 344 2.64 11.93 -34.50
N ALA C 345 3.00 12.36 -33.30
CA ALA C 345 2.12 12.14 -32.16
C ALA C 345 2.27 13.32 -31.22
N ALA C 346 1.27 13.49 -30.35
CA ALA C 346 1.22 14.65 -29.48
C ALA C 346 0.79 14.23 -28.10
N THR C 347 1.58 14.56 -27.09
CA THR C 347 1.26 14.23 -25.71
C THR C 347 1.17 15.50 -24.89
N ASN C 348 1.04 15.35 -23.58
CA ASN C 348 1.08 16.47 -22.66
C ASN C 348 2.33 16.51 -21.81
N ARG C 349 2.98 15.37 -21.62
CA ARG C 349 4.29 15.27 -20.99
C ARG C 349 4.90 13.94 -21.41
N PRO C 350 6.23 13.81 -21.42
CA PRO C 350 6.82 12.55 -21.88
C PRO C 350 6.59 11.39 -20.94
N ASN C 351 6.46 11.64 -19.64
CA ASN C 351 6.52 10.58 -18.64
C ASN C 351 5.23 9.81 -18.47
N SER C 352 4.24 10.03 -19.35
CA SER C 352 2.99 9.29 -19.30
C SER C 352 2.86 8.28 -20.43
N ILE C 353 3.95 8.02 -21.16
CA ILE C 353 3.97 7.13 -22.29
C ILE C 353 4.68 5.84 -21.88
N ASP C 354 4.14 4.71 -22.33
CA ASP C 354 4.84 3.43 -22.28
C ASP C 354 6.24 3.56 -22.87
N PRO C 355 7.29 3.27 -22.11
CA PRO C 355 8.66 3.55 -22.59
C PRO C 355 9.14 2.65 -23.72
N ALA C 356 8.34 1.68 -24.14
CA ALA C 356 8.70 0.91 -25.32
C ALA C 356 8.42 1.70 -26.60
N LEU C 357 7.63 2.77 -26.49
CA LEU C 357 7.33 3.60 -27.65
C LEU C 357 8.37 4.69 -27.85
N ARG C 358 9.49 4.62 -27.15
CA ARG C 358 10.47 5.70 -27.25
C ARG C 358 11.81 5.18 -27.74
N ARG C 359 11.94 3.89 -27.97
CA ARG C 359 13.21 3.32 -28.40
C ARG C 359 13.45 3.62 -29.87
N PHE C 360 14.56 3.09 -30.38
CA PHE C 360 14.99 3.43 -31.73
C PHE C 360 14.12 2.72 -32.75
N GLY C 361 13.61 3.50 -33.70
CA GLY C 361 12.63 3.01 -34.65
C GLY C 361 11.20 3.32 -34.30
N ARG C 362 10.93 3.83 -33.10
CA ARG C 362 9.59 4.18 -32.66
C ARG C 362 9.70 5.50 -31.89
N PHE C 363 9.38 6.62 -32.54
CA PHE C 363 9.31 7.95 -31.92
C PHE C 363 10.62 8.34 -31.25
N ASP C 364 11.71 8.32 -32.02
CA ASP C 364 13.02 8.61 -31.45
C ASP C 364 13.27 10.11 -31.34
N ARG C 365 12.55 10.92 -32.11
CA ARG C 365 12.75 12.36 -32.08
C ARG C 365 11.64 13.05 -31.28
N GLU C 366 12.03 13.97 -30.41
CA GLU C 366 11.11 14.65 -29.52
C GLU C 366 11.25 16.16 -29.68
N VAL C 367 10.12 16.85 -29.82
CA VAL C 367 10.08 18.30 -29.94
C VAL C 367 9.28 18.85 -28.79
N ASP C 368 9.79 19.91 -28.16
CA ASP C 368 9.18 20.54 -27.00
C ASP C 368 8.57 21.87 -27.43
N ILE C 369 7.27 22.04 -27.21
CA ILE C 369 6.60 23.28 -27.54
C ILE C 369 6.16 23.94 -26.24
N GLY C 370 6.96 24.86 -25.72
CA GLY C 370 6.70 25.45 -24.42
C GLY C 370 5.71 26.60 -24.52
N ILE C 371 5.51 27.25 -23.38
CA ILE C 371 4.61 28.40 -23.28
C ILE C 371 5.30 29.60 -23.93
N PRO C 372 4.56 30.55 -24.51
CA PRO C 372 5.22 31.60 -25.28
C PRO C 372 5.81 32.67 -24.38
N ASP C 373 6.71 33.48 -24.96
CA ASP C 373 7.23 34.68 -24.33
C ASP C 373 6.47 35.90 -24.83
N ALA C 374 6.98 37.09 -24.48
CA ALA C 374 6.24 38.33 -24.70
C ALA C 374 6.16 38.68 -26.18
N THR C 375 7.24 38.45 -26.93
CA THR C 375 7.20 38.59 -28.37
C THR C 375 6.25 37.57 -28.97
N GLY C 376 6.25 36.35 -28.44
CA GLY C 376 5.32 35.34 -28.87
C GLY C 376 3.88 35.69 -28.58
N ARG C 377 3.60 36.22 -27.39
CA ARG C 377 2.23 36.58 -27.04
C ARG C 377 1.74 37.75 -27.86
N LEU C 378 2.63 38.69 -28.19
CA LEU C 378 2.27 39.77 -29.11
C LEU C 378 1.94 39.24 -30.49
N GLU C 379 2.68 38.22 -30.95
CA GLU C 379 2.39 37.64 -32.25
C GLU C 379 1.06 36.88 -32.24
N ILE C 380 0.73 36.23 -31.12
CA ILE C 380 -0.57 35.56 -31.00
C ILE C 380 -1.71 36.58 -31.05
N LEU C 381 -1.57 37.68 -30.30
CA LEU C 381 -2.61 38.70 -30.28
C LEU C 381 -2.76 39.40 -31.62
N GLN C 382 -1.66 39.51 -32.39
CA GLN C 382 -1.78 40.06 -33.73
C GLN C 382 -2.46 39.08 -34.68
N ILE C 383 -2.27 37.77 -34.46
CA ILE C 383 -2.91 36.79 -35.34
C ILE C 383 -4.42 36.74 -35.08
N HIS C 384 -4.83 36.77 -33.81
CA HIS C 384 -6.25 36.56 -33.53
C HIS C 384 -7.07 37.83 -33.75
N THR C 385 -6.41 38.98 -33.87
CA THR C 385 -7.11 40.22 -34.17
C THR C 385 -6.92 40.69 -35.60
N LYS C 386 -6.85 39.77 -36.56
CA LYS C 386 -6.80 40.17 -37.97
C LYS C 386 -8.13 40.74 -38.42
N ASN C 387 -9.21 40.01 -38.19
CA ASN C 387 -10.50 40.40 -38.74
C ASN C 387 -11.17 41.46 -37.89
N MET C 388 -10.90 41.48 -36.59
CA MET C 388 -11.52 42.46 -35.71
C MET C 388 -10.95 43.85 -35.97
N LYS C 389 -11.75 44.86 -35.64
CA LYS C 389 -11.44 46.25 -35.93
C LYS C 389 -11.22 46.98 -34.61
N LEU C 390 -9.98 47.32 -34.32
CA LEU C 390 -9.64 47.91 -33.04
C LEU C 390 -9.82 49.43 -33.08
N ALA C 391 -9.94 50.01 -31.90
CA ALA C 391 -9.98 51.47 -31.80
C ALA C 391 -8.58 52.05 -31.78
N ASP C 392 -8.49 53.33 -31.45
CA ASP C 392 -7.22 54.05 -31.62
C ASP C 392 -6.32 53.90 -30.41
N ASP C 393 -6.92 53.69 -29.23
CA ASP C 393 -6.11 53.66 -28.01
C ASP C 393 -5.60 52.25 -27.70
N VAL C 394 -6.05 51.25 -28.46
CA VAL C 394 -5.70 49.88 -28.16
C VAL C 394 -4.25 49.62 -28.55
N ASP C 395 -3.42 49.32 -27.55
CA ASP C 395 -2.01 49.04 -27.75
C ASP C 395 -1.78 47.58 -27.35
N LEU C 396 -1.53 46.73 -28.34
CA LEU C 396 -1.42 45.30 -28.08
C LEU C 396 -0.12 44.95 -27.37
N GLU C 397 0.86 45.85 -27.39
CA GLU C 397 2.14 45.56 -26.76
C GLU C 397 2.02 45.58 -25.24
N GLN C 398 1.17 46.45 -24.70
CA GLN C 398 0.97 46.46 -23.25
C GLN C 398 0.14 45.26 -22.81
N VAL C 399 -0.81 44.83 -23.64
CA VAL C 399 -1.59 43.64 -23.32
C VAL C 399 -0.70 42.40 -23.36
N ALA C 400 0.21 42.33 -24.32
CA ALA C 400 1.17 41.23 -24.39
C ALA C 400 2.16 41.26 -23.24
N ASN C 401 2.55 42.45 -22.77
CA ASN C 401 3.42 42.54 -21.62
C ASN C 401 2.71 42.21 -20.33
N GLU C 402 1.39 42.35 -20.28
CA GLU C 402 0.65 42.09 -19.05
C GLU C 402 0.33 40.63 -18.83
N THR C 403 -0.09 39.93 -19.89
CA THR C 403 -0.44 38.51 -19.85
C THR C 403 0.78 37.68 -19.51
N HIS C 404 0.77 37.05 -18.34
CA HIS C 404 1.85 36.18 -17.91
C HIS C 404 1.25 34.86 -17.44
N GLY C 405 1.68 33.76 -18.04
CA GLY C 405 1.12 32.46 -17.76
C GLY C 405 0.07 32.03 -18.76
N HIS C 406 -0.19 32.82 -19.79
CA HIS C 406 -1.22 32.51 -20.77
C HIS C 406 -0.62 31.73 -21.93
N VAL C 407 -1.20 30.56 -22.23
CA VAL C 407 -0.95 29.84 -23.47
C VAL C 407 -1.84 30.43 -24.55
N GLY C 408 -1.66 29.99 -25.80
CA GLY C 408 -2.32 30.63 -26.92
C GLY C 408 -3.83 30.52 -26.91
N ALA C 409 -4.37 29.44 -26.35
CA ALA C 409 -5.82 29.28 -26.27
C ALA C 409 -6.42 30.28 -25.28
N ASP C 410 -5.67 30.61 -24.22
CA ASP C 410 -6.10 31.65 -23.30
C ASP C 410 -6.15 33.01 -23.99
N LEU C 411 -5.22 33.27 -24.90
CA LEU C 411 -5.20 34.56 -25.59
C LEU C 411 -6.34 34.64 -26.60
N ALA C 412 -6.66 33.52 -27.24
CA ALA C 412 -7.82 33.49 -28.13
C ALA C 412 -9.12 33.71 -27.37
N ALA C 413 -9.22 33.10 -26.18
CA ALA C 413 -10.40 33.30 -25.35
C ALA C 413 -10.48 34.74 -24.83
N LEU C 414 -9.33 35.36 -24.55
CA LEU C 414 -9.30 36.75 -24.11
C LEU C 414 -9.80 37.69 -25.19
N CYS C 415 -9.32 37.50 -26.43
CA CYS C 415 -9.78 38.33 -27.55
C CYS C 415 -11.28 38.16 -27.80
N SER C 416 -11.77 36.91 -27.78
CA SER C 416 -13.19 36.68 -28.01
C SER C 416 -14.05 37.24 -26.89
N GLU C 417 -13.56 37.21 -25.66
CA GLU C 417 -14.35 37.67 -24.53
C GLU C 417 -14.41 39.20 -24.50
N ALA C 418 -13.31 39.86 -24.89
CA ALA C 418 -13.33 41.32 -25.00
C ALA C 418 -14.23 41.78 -26.14
N ALA C 419 -14.25 41.03 -27.24
CA ALA C 419 -15.15 41.37 -28.34
C ALA C 419 -16.62 41.18 -27.93
N LEU C 420 -16.90 40.17 -27.10
CA LEU C 420 -18.28 40.01 -26.63
C LEU C 420 -18.67 41.10 -25.65
N GLN C 421 -17.73 41.62 -24.85
CA GLN C 421 -18.09 42.77 -24.01
C GLN C 421 -18.35 44.01 -24.86
N ALA C 422 -17.56 44.19 -25.92
CA ALA C 422 -17.77 45.34 -26.82
C ALA C 422 -19.11 45.24 -27.54
N ILE C 423 -19.57 44.03 -27.82
CA ILE C 423 -20.92 43.88 -28.37
C ILE C 423 -21.97 44.15 -27.29
N ARG C 424 -21.76 43.65 -26.07
CA ARG C 424 -22.79 43.77 -25.04
C ARG C 424 -22.76 45.13 -24.34
N LYS C 425 -21.90 46.05 -24.78
CA LYS C 425 -22.06 47.42 -24.31
C LYS C 425 -23.18 48.14 -25.04
N LYS C 426 -23.31 47.89 -26.35
CA LYS C 426 -24.38 48.49 -27.14
C LYS C 426 -25.24 47.39 -27.77
N MET C 427 -26.42 47.15 -27.17
CA MET C 427 -27.43 46.25 -27.73
C MET C 427 -28.66 47.11 -28.01
N ASP C 428 -28.42 48.27 -28.58
CA ASP C 428 -29.45 49.25 -28.90
C ASP C 428 -29.67 49.39 -30.39
N LEU C 429 -28.61 49.67 -31.15
CA LEU C 429 -28.73 49.77 -32.59
C LEU C 429 -28.53 48.41 -33.25
N ILE C 430 -27.97 47.46 -32.51
CA ILE C 430 -27.74 46.12 -33.05
C ILE C 430 -29.05 45.38 -33.21
N ASP C 431 -29.92 45.47 -32.20
CA ASP C 431 -31.07 44.58 -32.11
C ASP C 431 -32.17 44.98 -33.09
N LEU C 432 -32.25 46.28 -33.42
CA LEU C 432 -33.37 46.76 -34.24
C LEU C 432 -33.24 46.31 -35.69
N GLU C 433 -32.02 46.01 -36.14
CA GLU C 433 -31.82 45.37 -37.44
C GLU C 433 -31.59 43.88 -37.26
N ASP C 434 -32.71 43.14 -37.25
CA ASP C 434 -32.70 41.77 -36.75
C ASP C 434 -32.55 40.77 -37.88
N GLU C 435 -33.16 41.04 -39.04
CA GLU C 435 -33.24 40.02 -40.08
C GLU C 435 -31.93 39.91 -40.84
N THR C 436 -31.39 41.03 -41.31
CA THR C 436 -30.14 41.07 -42.05
C THR C 436 -29.08 41.77 -41.22
N ILE C 437 -27.81 41.50 -41.53
CA ILE C 437 -26.71 42.23 -40.90
C ILE C 437 -25.94 42.98 -41.97
N ASP C 438 -25.84 44.31 -41.83
CA ASP C 438 -25.04 45.14 -42.72
C ASP C 438 -23.66 45.32 -42.10
N ALA C 439 -22.66 45.51 -42.95
CA ALA C 439 -21.29 45.55 -42.46
C ALA C 439 -20.95 46.86 -41.79
N GLU C 440 -21.69 47.93 -42.11
CA GLU C 440 -21.44 49.23 -41.50
C GLU C 440 -21.84 49.23 -40.03
N VAL C 441 -22.86 48.44 -39.68
CA VAL C 441 -23.31 48.33 -38.29
C VAL C 441 -22.23 47.67 -37.44
N MET C 442 -21.51 46.70 -38.01
CA MET C 442 -20.38 46.11 -37.30
C MET C 442 -19.11 46.95 -37.47
N ASN C 443 -19.13 47.91 -38.39
CA ASN C 443 -18.04 48.88 -38.44
C ASN C 443 -18.20 49.93 -37.35
N SER C 444 -19.44 50.14 -36.90
CA SER C 444 -19.66 50.97 -35.72
C SER C 444 -19.13 50.29 -34.47
N LEU C 445 -19.09 48.95 -34.49
CA LEU C 445 -18.49 48.19 -33.41
C LEU C 445 -16.96 48.34 -33.46
N ALA C 446 -16.40 48.92 -32.41
CA ALA C 446 -14.96 49.07 -32.28
C ALA C 446 -14.57 48.74 -30.85
N VAL C 447 -13.54 47.91 -30.70
CA VAL C 447 -13.15 47.42 -29.38
C VAL C 447 -12.18 48.41 -28.74
N THR C 448 -12.43 48.77 -27.48
CA THR C 448 -11.62 49.75 -26.79
C THR C 448 -10.65 49.07 -25.84
N MET C 449 -9.85 49.88 -25.16
CA MET C 449 -8.84 49.34 -24.25
C MET C 449 -9.47 48.91 -22.93
N ASP C 450 -10.65 49.45 -22.60
CA ASP C 450 -11.33 49.05 -21.38
C ASP C 450 -11.89 47.64 -21.50
N ASP C 451 -12.21 47.22 -22.73
CA ASP C 451 -12.63 45.85 -22.98
C ASP C 451 -11.51 44.87 -22.66
N PHE C 452 -10.30 45.14 -23.15
CA PHE C 452 -9.16 44.28 -22.84
C PHE C 452 -8.77 44.38 -21.38
N ARG C 453 -9.02 45.53 -20.74
CA ARG C 453 -8.75 45.67 -19.32
C ARG C 453 -9.65 44.78 -18.48
N TRP C 454 -10.95 44.76 -18.83
CA TRP C 454 -11.87 43.89 -18.11
C TRP C 454 -11.59 42.43 -18.41
N ALA C 455 -11.20 42.12 -19.65
CA ALA C 455 -10.89 40.73 -20.01
C ALA C 455 -9.62 40.26 -19.32
N LEU C 456 -8.67 41.16 -19.07
CA LEU C 456 -7.53 40.81 -18.23
C LEU C 456 -7.94 40.63 -16.79
N SER C 457 -8.91 41.41 -16.32
CA SER C 457 -9.28 41.32 -14.91
C SER C 457 -10.12 40.08 -14.63
N GLN C 458 -10.76 39.53 -15.66
CA GLN C 458 -11.63 38.37 -15.43
C GLN C 458 -10.91 37.05 -15.67
N SER C 459 -9.98 37.01 -16.60
CA SER C 459 -9.43 35.74 -17.05
C SER C 459 -8.44 35.19 -16.03
N ASN C 460 -8.36 33.86 -15.99
CA ASN C 460 -7.40 33.14 -15.15
C ASN C 460 -6.55 32.21 -16.00
N PRO C 461 -5.23 32.41 -16.08
CA PRO C 461 -4.40 31.56 -16.94
C PRO C 461 -4.23 30.19 -16.35
N SER C 462 -3.67 29.28 -17.16
CA SER C 462 -3.57 27.88 -16.79
C SER C 462 -2.14 27.41 -16.60
N ALA C 463 -1.15 28.19 -17.04
CA ALA C 463 0.24 27.78 -16.95
C ALA C 463 1.02 28.59 -15.93
N LEU C 464 0.43 28.89 -14.78
CA LEU C 464 1.15 29.63 -13.75
C LEU C 464 2.10 28.74 -12.98
N ARG C 465 1.78 27.45 -12.88
CA ARG C 465 2.60 26.55 -12.08
C ARG C 465 3.81 26.05 -12.86
N GLU C 466 3.82 26.27 -14.18
CA GLU C 466 4.92 25.78 -15.00
C GLU C 466 6.15 26.66 -14.85
N THR C 467 7.32 26.07 -15.10
CA THR C 467 8.56 26.82 -15.04
C THR C 467 8.76 27.63 -16.31
N VAL C 468 9.41 28.78 -16.16
CA VAL C 468 9.57 29.75 -17.25
C VAL C 468 10.99 29.66 -17.78
N VAL C 469 11.11 29.32 -19.07
CA VAL C 469 12.40 29.24 -19.75
C VAL C 469 12.39 30.29 -20.85
N GLU C 470 13.13 31.39 -20.63
CA GLU C 470 13.11 32.48 -21.59
C GLU C 470 14.37 33.31 -21.42
N VAL C 471 14.65 34.14 -22.42
CA VAL C 471 15.80 35.04 -22.36
C VAL C 471 15.44 36.23 -21.48
N PRO C 472 16.31 36.64 -20.54
CA PRO C 472 15.97 37.79 -19.69
C PRO C 472 16.05 39.10 -20.47
N GLN C 473 15.52 40.15 -19.85
CA GLN C 473 15.53 41.47 -20.46
C GLN C 473 16.42 42.46 -19.72
N VAL C 474 17.05 42.03 -18.63
CA VAL C 474 17.94 42.91 -17.89
C VAL C 474 19.27 43.03 -18.62
N THR C 475 19.73 44.26 -18.82
CA THR C 475 21.00 44.52 -19.48
C THR C 475 22.03 44.90 -18.43
N TRP C 476 23.24 45.27 -18.90
CA TRP C 476 24.29 45.62 -17.96
C TRP C 476 24.06 46.99 -17.35
N GLU C 477 23.20 47.81 -17.95
CA GLU C 477 23.06 49.19 -17.51
C GLU C 477 22.07 49.31 -16.35
N ASP C 478 21.41 48.21 -15.99
CA ASP C 478 20.60 48.21 -14.77
C ASP C 478 21.46 47.96 -13.54
N ILE C 479 22.72 47.59 -13.75
CA ILE C 479 23.59 47.27 -12.63
C ILE C 479 24.68 48.32 -12.51
N GLY C 480 24.89 48.80 -11.29
CA GLY C 480 25.83 49.87 -11.01
C GLY C 480 27.20 49.33 -10.64
N GLY C 481 28.17 49.60 -11.50
CA GLY C 481 29.55 49.28 -11.18
C GLY C 481 29.82 47.80 -11.37
N LEU C 482 30.65 47.26 -10.47
CA LEU C 482 31.10 45.87 -10.48
C LEU C 482 31.73 45.50 -11.81
N GLU C 483 32.83 46.17 -12.15
CA GLU C 483 33.34 46.05 -13.52
C GLU C 483 34.21 44.81 -13.69
N ASP C 484 35.08 44.52 -12.72
CA ASP C 484 35.91 43.33 -12.81
C ASP C 484 35.08 42.05 -12.69
N VAL C 485 33.93 42.12 -12.00
CA VAL C 485 33.01 40.99 -11.96
C VAL C 485 32.40 40.75 -13.34
N LYS C 486 32.06 41.83 -14.05
CA LYS C 486 31.57 41.71 -15.42
C LYS C 486 32.64 41.13 -16.34
N ARG C 487 33.89 41.54 -16.14
CA ARG C 487 34.98 41.02 -16.95
C ARG C 487 35.20 39.53 -16.68
N GLU C 488 35.14 39.12 -15.42
CA GLU C 488 35.35 37.72 -15.07
C GLU C 488 34.21 36.85 -15.55
N LEU C 489 32.97 37.35 -15.48
CA LEU C 489 31.85 36.56 -16.00
C LEU C 489 31.87 36.46 -17.52
N GLN C 490 32.35 37.50 -18.21
CA GLN C 490 32.52 37.37 -19.66
C GLN C 490 33.64 36.41 -20.01
N GLU C 491 34.68 36.31 -19.17
CA GLU C 491 35.71 35.31 -19.40
C GLU C 491 35.18 33.90 -19.20
N LEU C 492 34.34 33.70 -18.18
CA LEU C 492 33.91 32.36 -17.85
C LEU C 492 32.78 31.85 -18.75
N VAL C 493 31.78 32.68 -19.01
CA VAL C 493 30.60 32.23 -19.74
C VAL C 493 30.80 32.31 -21.24
N GLN C 494 31.34 33.41 -21.73
CA GLN C 494 31.21 33.76 -23.14
C GLN C 494 32.33 33.23 -24.02
N TYR C 495 33.55 33.18 -23.52
CA TYR C 495 34.69 32.71 -24.31
C TYR C 495 34.64 31.23 -24.76
N PRO C 496 34.14 30.26 -23.98
CA PRO C 496 33.98 28.92 -24.55
C PRO C 496 32.88 28.80 -25.59
N VAL C 497 32.02 29.79 -25.74
CA VAL C 497 30.98 29.73 -26.78
C VAL C 497 31.45 30.39 -28.06
N GLU C 498 32.01 31.60 -27.97
CA GLU C 498 32.44 32.32 -29.16
C GLU C 498 33.73 31.79 -29.75
N HIS C 499 34.67 31.33 -28.94
CA HIS C 499 35.98 30.87 -29.43
C HIS C 499 36.31 29.50 -28.87
N PRO C 500 35.70 28.43 -29.41
CA PRO C 500 36.06 27.09 -28.96
C PRO C 500 37.43 26.66 -29.44
N ASP C 501 37.92 27.26 -30.52
CA ASP C 501 39.16 26.81 -31.14
C ASP C 501 40.37 27.14 -30.28
N LYS C 502 40.28 28.21 -29.49
CA LYS C 502 41.39 28.57 -28.61
C LYS C 502 41.52 27.57 -27.47
N PHE C 503 40.39 27.12 -26.93
CA PHE C 503 40.41 26.08 -25.91
C PHE C 503 40.81 24.74 -26.50
N LEU C 504 40.52 24.50 -27.79
CA LEU C 504 41.02 23.28 -28.43
C LEU C 504 42.53 23.33 -28.62
N LYS C 505 43.07 24.47 -29.08
CA LYS C 505 44.50 24.54 -29.39
C LYS C 505 45.35 24.56 -28.13
N PHE C 506 45.01 25.41 -27.16
CA PHE C 506 45.81 25.46 -25.94
C PHE C 506 45.58 24.27 -25.03
N GLY C 507 44.51 23.51 -25.23
CA GLY C 507 44.28 22.29 -24.48
C GLY C 507 43.86 22.54 -23.04
N MET C 508 42.71 23.18 -22.87
CA MET C 508 42.17 23.47 -21.55
C MET C 508 40.73 22.98 -21.47
N THR C 509 40.39 22.31 -20.38
CA THR C 509 39.00 22.00 -20.07
C THR C 509 38.35 23.24 -19.48
N PRO C 510 37.23 23.71 -20.02
CA PRO C 510 36.60 24.92 -19.47
C PRO C 510 35.91 24.64 -18.15
N SER C 511 35.90 25.64 -17.27
CA SER C 511 35.22 25.49 -16.00
C SER C 511 33.71 25.54 -16.20
N LYS C 512 32.98 25.09 -15.19
CA LYS C 512 31.57 24.75 -15.37
C LYS C 512 30.67 25.47 -14.38
N GLY C 513 31.19 25.94 -13.25
CA GLY C 513 30.33 26.57 -12.26
C GLY C 513 30.98 27.76 -11.60
N VAL C 514 30.12 28.59 -11.00
CA VAL C 514 30.52 29.81 -10.28
C VAL C 514 29.65 29.87 -9.03
N LEU C 515 30.25 30.25 -7.89
CA LEU C 515 29.48 30.56 -6.70
C LEU C 515 29.67 32.01 -6.34
N PHE C 516 28.59 32.79 -6.37
CA PHE C 516 28.59 34.15 -5.86
C PHE C 516 28.32 34.07 -4.37
N TYR C 517 28.89 35.01 -3.61
CA TYR C 517 28.49 35.17 -2.22
C TYR C 517 28.62 36.63 -1.83
N GLY C 518 27.99 37.00 -0.73
CA GLY C 518 28.01 38.38 -0.29
C GLY C 518 26.81 38.72 0.57
N PRO C 519 26.64 40.01 0.86
CA PRO C 519 25.51 40.42 1.69
C PRO C 519 24.21 40.33 0.91
N PRO C 520 23.07 40.33 1.59
CA PRO C 520 21.79 40.28 0.86
C PRO C 520 21.45 41.61 0.21
N GLY C 521 20.78 41.53 -0.94
CA GLY C 521 20.34 42.71 -1.64
C GLY C 521 21.37 43.37 -2.50
N CYS C 522 22.51 42.73 -2.74
CA CYS C 522 23.60 43.36 -3.47
C CYS C 522 23.65 42.98 -4.94
N GLY C 523 22.57 42.44 -5.49
CA GLY C 523 22.48 42.27 -6.92
C GLY C 523 23.13 41.03 -7.50
N LYS C 524 22.78 39.85 -6.99
CA LYS C 524 23.32 38.62 -7.58
C LYS C 524 22.41 38.09 -8.67
N THR C 525 21.10 38.16 -8.46
CA THR C 525 20.14 37.73 -9.47
C THR C 525 20.20 38.62 -10.70
N LEU C 526 20.50 39.91 -10.52
CA LEU C 526 20.63 40.81 -11.65
C LEU C 526 21.87 40.50 -12.47
N LEU C 527 22.97 40.12 -11.82
CA LEU C 527 24.16 39.72 -12.57
C LEU C 527 23.94 38.42 -13.32
N ALA C 528 23.21 37.48 -12.72
CA ALA C 528 22.90 36.24 -13.42
C ALA C 528 22.03 36.49 -14.64
N LYS C 529 21.01 37.33 -14.52
CA LYS C 529 20.16 37.64 -15.67
C LYS C 529 20.91 38.44 -16.72
N ALA C 530 21.82 39.31 -16.29
CA ALA C 530 22.57 40.13 -17.25
C ALA C 530 23.55 39.28 -18.05
N ILE C 531 24.23 38.33 -17.41
CA ILE C 531 25.13 37.47 -18.17
C ILE C 531 24.35 36.44 -18.99
N ALA C 532 23.12 36.11 -18.61
CA ALA C 532 22.29 35.35 -19.51
C ALA C 532 21.79 36.16 -20.69
N ASN C 533 21.71 37.48 -20.55
CA ASN C 533 21.29 38.35 -21.64
C ASN C 533 22.42 38.68 -22.60
N GLU C 534 23.65 38.79 -22.09
CA GLU C 534 24.78 39.16 -22.95
C GLU C 534 25.11 38.06 -23.94
N CYS C 535 24.98 36.79 -23.55
CA CYS C 535 25.26 35.67 -24.42
C CYS C 535 24.06 35.20 -25.20
N GLN C 536 22.89 35.82 -24.97
CA GLN C 536 21.60 35.44 -25.58
C GLN C 536 21.27 33.97 -25.34
N ALA C 537 21.33 33.58 -24.08
CA ALA C 537 21.03 32.22 -23.66
C ALA C 537 19.74 32.22 -22.86
N ASN C 538 19.19 31.02 -22.64
CA ASN C 538 18.01 30.90 -21.80
C ASN C 538 18.39 31.04 -20.33
N PHE C 539 17.39 31.06 -19.47
CA PHE C 539 17.59 31.28 -18.04
C PHE C 539 16.54 30.52 -17.26
N ILE C 540 16.99 29.61 -16.40
CA ILE C 540 16.12 28.85 -15.53
C ILE C 540 16.48 29.20 -14.10
N SER C 541 15.50 29.64 -13.32
CA SER C 541 15.73 30.12 -11.97
C SER C 541 15.02 29.20 -10.98
N ILE C 542 15.71 28.83 -9.91
CA ILE C 542 15.21 27.90 -8.91
C ILE C 542 15.39 28.54 -7.54
N LYS C 543 14.28 28.79 -6.86
CA LYS C 543 14.34 29.52 -5.61
C LYS C 543 14.66 28.58 -4.46
N GLY C 544 14.77 29.18 -3.26
CA GLY C 544 14.93 28.44 -2.02
C GLY C 544 13.76 27.60 -1.58
N PRO C 545 12.52 28.13 -1.60
CA PRO C 545 11.36 27.26 -1.33
C PRO C 545 11.18 26.08 -2.27
N GLU C 546 11.67 26.12 -3.50
CA GLU C 546 11.57 24.94 -4.36
C GLU C 546 12.57 23.87 -3.93
N LEU C 547 13.60 24.25 -3.19
CA LEU C 547 14.51 23.26 -2.62
C LEU C 547 13.97 22.72 -1.30
N LEU C 548 13.36 23.60 -0.49
CA LEU C 548 12.81 23.13 0.78
C LEU C 548 11.57 22.27 0.58
N THR C 549 10.85 22.46 -0.54
CA THR C 549 9.74 21.57 -0.85
C THR C 549 10.25 20.16 -1.15
N MET C 550 11.40 20.06 -1.82
CA MET C 550 12.00 18.75 -2.05
C MET C 550 12.58 18.19 -0.76
N TRP C 551 12.95 19.06 0.19
CA TRP C 551 13.50 18.60 1.46
C TRP C 551 12.43 18.00 2.35
N PHE C 552 11.31 18.71 2.53
CA PHE C 552 10.29 18.22 3.45
C PHE C 552 9.51 17.07 2.85
N GLY C 553 8.94 17.27 1.67
CA GLY C 553 8.31 16.16 0.99
C GLY C 553 9.32 15.45 0.13
N GLU C 554 9.81 14.31 0.62
CA GLU C 554 11.05 13.71 0.13
C GLU C 554 10.89 13.21 -1.29
N SER C 555 11.42 13.98 -2.24
CA SER C 555 11.23 13.72 -3.65
C SER C 555 12.45 14.20 -4.41
N GLU C 556 13.07 13.32 -5.22
CA GLU C 556 14.38 13.64 -5.76
C GLU C 556 14.44 13.42 -7.27
N ALA C 557 13.35 12.93 -7.86
CA ALA C 557 13.30 12.84 -9.32
C ALA C 557 13.16 14.21 -9.95
N ASN C 558 12.70 15.18 -9.17
CA ASN C 558 12.49 16.53 -9.69
C ASN C 558 13.81 17.20 -9.99
N VAL C 559 14.88 16.83 -9.29
CA VAL C 559 16.21 17.36 -9.58
C VAL C 559 16.70 16.86 -10.92
N ARG C 560 16.39 15.61 -11.26
CA ARG C 560 16.74 15.07 -12.56
C ARG C 560 15.91 15.73 -13.66
N GLU C 561 14.65 16.02 -13.38
CA GLU C 561 13.82 16.69 -14.37
C GLU C 561 14.26 18.13 -14.63
N ILE C 562 14.82 18.78 -13.61
CA ILE C 562 15.39 20.12 -13.78
C ILE C 562 16.57 20.10 -14.76
N PHE C 563 17.50 19.17 -14.59
CA PHE C 563 18.65 19.12 -15.50
C PHE C 563 18.24 18.63 -16.88
N ASP C 564 17.15 17.87 -16.98
CA ASP C 564 16.62 17.54 -18.30
C ASP C 564 16.08 18.78 -19.01
N LYS C 565 15.33 19.63 -18.29
CA LYS C 565 14.87 20.90 -18.87
C LYS C 565 16.05 21.79 -19.24
N ALA C 566 17.13 21.75 -18.46
CA ALA C 566 18.31 22.55 -18.78
C ALA C 566 19.06 22.04 -19.99
N ARG C 567 19.07 20.72 -20.24
CA ARG C 567 19.75 20.20 -21.41
C ARG C 567 18.94 20.31 -22.68
N GLN C 568 17.60 20.26 -22.60
CA GLN C 568 16.82 20.39 -23.82
C GLN C 568 16.79 21.81 -24.36
N ALA C 569 17.21 22.80 -23.59
CA ALA C 569 17.16 24.20 -24.00
C ALA C 569 18.55 24.84 -23.97
N ALA C 570 19.59 24.06 -24.29
CA ALA C 570 20.94 24.58 -24.26
C ALA C 570 21.18 25.48 -25.47
N PRO C 571 22.01 26.53 -25.33
CA PRO C 571 22.79 27.02 -24.18
C PRO C 571 21.95 27.75 -23.15
N CYS C 572 22.21 27.52 -21.87
CA CYS C 572 21.44 28.16 -20.82
C CYS C 572 22.27 28.35 -19.57
N VAL C 573 21.77 29.25 -18.73
CA VAL C 573 22.33 29.52 -17.41
C VAL C 573 21.32 29.02 -16.38
N LEU C 574 21.77 28.12 -15.52
CA LEU C 574 20.92 27.52 -14.51
C LEU C 574 21.29 28.09 -13.15
N PHE C 575 20.37 28.80 -12.52
CA PHE C 575 20.67 29.61 -11.36
C PHE C 575 20.00 29.03 -10.12
N PHE C 576 20.81 28.58 -9.17
CA PHE C 576 20.34 28.09 -7.88
C PHE C 576 20.48 29.18 -6.84
N ASP C 577 19.38 29.83 -6.53
CA ASP C 577 19.34 30.86 -5.50
C ASP C 577 19.22 30.17 -4.15
N GLU C 578 19.98 30.70 -3.17
CA GLU C 578 19.94 30.26 -1.77
C GLU C 578 20.26 28.78 -1.61
N LEU C 579 21.51 28.42 -1.89
CA LEU C 579 21.95 27.04 -1.64
C LEU C 579 22.05 26.74 -0.15
N ASP C 580 22.16 27.78 0.69
CA ASP C 580 22.30 27.56 2.12
C ASP C 580 20.97 27.37 2.84
N SER C 581 19.85 27.25 2.11
CA SER C 581 18.54 27.26 2.74
C SER C 581 18.27 25.98 3.53
N ILE C 582 18.66 24.83 3.00
CA ILE C 582 18.42 23.58 3.71
C ILE C 582 19.36 23.45 4.89
N ALA C 583 20.61 23.91 4.73
CA ALA C 583 21.58 23.84 5.82
C ALA C 583 21.29 24.88 6.88
N LYS C 584 20.48 25.88 6.55
CA LYS C 584 20.01 26.82 7.57
C LYS C 584 18.74 26.30 8.24
N ALA C 585 17.89 25.61 7.48
CA ALA C 585 16.65 25.11 8.04
C ALA C 585 16.89 23.91 8.94
N ARG C 586 17.97 23.17 8.71
CA ARG C 586 18.22 21.98 9.51
C ARG C 586 18.86 22.35 10.84
N GLY C 587 19.57 23.46 10.88
CA GLY C 587 20.19 23.92 12.11
C GLY C 587 21.00 25.16 11.83
N GLY C 588 21.61 25.69 12.89
CA GLY C 588 22.51 26.82 12.73
C GLY C 588 23.89 26.33 12.33
N ASN C 589 24.91 26.78 13.06
CA ASN C 589 26.29 26.28 12.94
C ASN C 589 26.27 24.81 13.34
N ILE C 590 25.54 24.42 14.39
CA ILE C 590 25.37 23.01 14.73
C ILE C 590 23.98 22.57 14.29
N GLY C 591 23.93 21.59 13.38
CA GLY C 591 22.65 21.12 12.90
C GLY C 591 21.99 20.15 13.87
N ASP C 592 21.25 19.20 13.31
CA ASP C 592 20.75 18.06 14.09
C ASP C 592 21.98 17.25 14.49
N GLY C 593 22.76 16.74 13.55
CA GLY C 593 24.04 16.14 13.85
C GLY C 593 24.92 16.06 12.63
N GLY C 594 26.15 16.55 12.72
CA GLY C 594 27.11 16.41 11.64
C GLY C 594 26.75 17.11 10.34
N GLY C 595 26.80 18.44 10.30
CA GLY C 595 26.30 19.20 9.17
C GLY C 595 27.06 19.07 7.86
N ALA C 596 27.12 17.84 7.37
CA ALA C 596 27.65 17.49 6.07
C ALA C 596 26.50 17.50 5.07
N ALA C 597 26.67 16.72 4.00
CA ALA C 597 25.71 16.68 2.91
C ALA C 597 24.32 16.24 3.34
N ASP C 598 23.33 16.90 2.76
CA ASP C 598 21.93 16.54 2.86
C ASP C 598 21.46 15.79 1.63
N ARG C 599 20.14 15.68 1.49
CA ARG C 599 19.57 14.79 0.48
C ARG C 599 19.55 15.42 -0.91
N VAL C 600 19.37 16.74 -0.98
CA VAL C 600 19.05 17.37 -2.26
C VAL C 600 20.30 17.89 -2.95
N ILE C 601 21.25 18.40 -2.17
CA ILE C 601 22.53 18.83 -2.74
C ILE C 601 23.32 17.61 -3.21
N ASN C 602 23.03 16.44 -2.65
CA ASN C 602 23.60 15.19 -3.13
C ASN C 602 23.17 14.89 -4.57
N GLN C 603 21.89 15.04 -4.86
CA GLN C 603 21.41 14.80 -6.22
C GLN C 603 21.91 15.88 -7.18
N ILE C 604 22.09 17.10 -6.67
CA ILE C 604 22.70 18.15 -7.48
C ILE C 604 24.14 17.78 -7.84
N LEU C 605 24.88 17.19 -6.90
CA LEU C 605 26.25 16.77 -7.18
C LEU C 605 26.32 15.63 -8.18
N THR C 606 25.42 14.65 -8.08
CA THR C 606 25.44 13.55 -9.05
C THR C 606 25.07 14.03 -10.44
N GLU C 607 24.13 14.98 -10.54
CA GLU C 607 23.76 15.48 -11.86
C GLU C 607 24.82 16.40 -12.44
N MET C 608 25.58 17.10 -11.59
CA MET C 608 26.71 17.87 -12.10
C MET C 608 27.82 16.96 -12.59
N ASP C 609 28.04 15.83 -11.91
CA ASP C 609 29.08 14.91 -12.36
C ASP C 609 28.66 14.18 -13.63
N GLY C 610 27.36 14.01 -13.83
CA GLY C 610 26.89 13.41 -15.07
C GLY C 610 26.66 14.37 -16.21
N MET C 611 27.36 15.51 -16.24
CA MET C 611 27.07 16.54 -17.22
C MET C 611 28.03 16.47 -18.40
N SER C 612 27.48 16.48 -19.61
CA SER C 612 28.27 16.46 -20.83
C SER C 612 28.94 17.81 -21.05
N THR C 613 30.13 17.79 -21.64
CA THR C 613 30.90 19.02 -21.80
C THR C 613 30.51 19.77 -23.07
N LYS C 614 29.88 19.09 -24.02
CA LYS C 614 29.58 19.72 -25.29
C LYS C 614 28.33 20.59 -25.24
N LYS C 615 27.49 20.44 -24.22
CA LYS C 615 26.17 21.06 -24.26
C LYS C 615 26.19 22.55 -23.96
N ASN C 616 27.21 23.03 -23.25
CA ASN C 616 27.34 24.41 -22.76
C ASN C 616 26.14 24.82 -21.91
N VAL C 617 25.97 24.11 -20.80
CA VAL C 617 25.04 24.48 -19.74
C VAL C 617 25.86 25.00 -18.58
N PHE C 618 25.61 26.23 -18.17
CA PHE C 618 26.45 26.91 -17.20
C PHE C 618 25.68 27.10 -15.90
N ILE C 619 26.26 26.66 -14.79
CA ILE C 619 25.56 26.57 -13.51
C ILE C 619 26.09 27.63 -12.57
N ILE C 620 25.20 28.43 -11.99
CA ILE C 620 25.55 29.46 -11.03
C ILE C 620 24.78 29.19 -9.74
N GLY C 621 25.46 29.25 -8.61
CA GLY C 621 24.77 29.19 -7.33
C GLY C 621 24.91 30.51 -6.62
N ALA C 622 24.12 30.76 -5.57
CA ALA C 622 24.23 31.99 -4.81
C ALA C 622 23.92 31.73 -3.34
N THR C 623 24.74 32.29 -2.45
CA THR C 623 24.56 32.13 -1.01
C THR C 623 24.71 33.46 -0.31
N ASN C 624 24.32 33.49 0.96
CA ASN C 624 24.62 34.58 1.87
C ASN C 624 25.48 34.11 3.03
N ARG C 625 25.52 32.81 3.28
CA ARG C 625 26.23 32.21 4.41
C ARG C 625 27.24 31.22 3.85
N PRO C 626 28.43 31.69 3.47
CA PRO C 626 29.38 30.82 2.77
C PRO C 626 30.01 29.75 3.65
N ASP C 627 29.85 29.83 4.97
CA ASP C 627 30.57 28.96 5.88
C ASP C 627 29.80 27.70 6.26
N ILE C 628 28.50 27.64 6.03
CA ILE C 628 27.70 26.46 6.34
C ILE C 628 27.38 25.66 5.09
N ILE C 629 28.01 25.97 3.97
CA ILE C 629 27.73 25.25 2.74
C ILE C 629 28.53 23.93 2.74
N ASP C 630 28.02 22.96 1.98
CA ASP C 630 28.68 21.66 1.85
C ASP C 630 30.02 21.83 1.14
N PRO C 631 31.13 21.39 1.76
CA PRO C 631 32.44 21.60 1.12
C PRO C 631 32.70 20.70 -0.07
N ALA C 632 31.81 19.72 -0.32
CA ALA C 632 32.02 18.84 -1.47
C ALA C 632 31.60 19.49 -2.77
N ILE C 633 31.02 20.69 -2.69
CA ILE C 633 30.62 21.40 -3.91
C ILE C 633 31.80 22.15 -4.49
N LEU C 634 32.71 22.59 -3.63
CA LEU C 634 33.77 23.50 -4.07
C LEU C 634 34.99 22.76 -4.58
N ARG C 635 34.86 21.42 -4.71
CA ARG C 635 35.94 20.55 -5.25
C ARG C 635 36.05 20.80 -6.76
N PRO C 636 37.26 20.77 -7.38
CA PRO C 636 37.40 21.10 -8.80
C PRO C 636 36.58 20.18 -9.70
N GLY C 637 35.84 20.81 -10.60
CA GLY C 637 34.91 20.11 -11.45
C GLY C 637 33.45 20.36 -11.17
N ARG C 638 33.12 20.97 -10.02
CA ARG C 638 31.71 21.20 -9.74
C ARG C 638 31.35 22.68 -9.67
N LEU C 639 31.91 23.40 -8.69
CA LEU C 639 31.78 24.86 -8.63
C LEU C 639 33.09 25.40 -8.03
N ASP C 640 34.06 25.70 -8.89
CA ASP C 640 35.38 25.98 -8.36
C ASP C 640 35.66 27.47 -8.23
N GLN C 641 35.02 28.29 -9.05
CA GLN C 641 35.22 29.72 -8.97
C GLN C 641 34.37 30.32 -7.85
N LEU C 642 34.97 31.17 -7.03
CA LEU C 642 34.26 31.90 -6.00
C LEU C 642 34.36 33.39 -6.30
N ILE C 643 33.23 34.10 -6.21
CA ILE C 643 33.19 35.53 -6.47
C ILE C 643 32.50 36.21 -5.30
N TYR C 644 33.11 37.24 -4.75
CA TYR C 644 32.55 38.04 -3.66
C TYR C 644 32.00 39.33 -4.22
N ILE C 645 30.73 39.60 -3.93
CA ILE C 645 30.03 40.79 -4.42
C ILE C 645 29.80 41.73 -3.25
N PRO C 646 30.47 42.85 -3.17
CA PRO C 646 30.39 43.69 -1.96
C PRO C 646 29.24 44.67 -2.01
N LEU C 647 29.09 45.44 -0.94
CA LEU C 647 28.14 46.54 -0.93
C LEU C 647 28.56 47.59 -1.96
N PRO C 648 27.61 48.22 -2.65
CA PRO C 648 27.98 49.16 -3.71
C PRO C 648 28.59 50.43 -3.15
N ASP C 649 29.52 50.98 -3.91
CA ASP C 649 30.31 52.12 -3.47
C ASP C 649 29.65 53.43 -3.89
N GLU C 650 30.39 54.53 -3.80
CA GLU C 650 29.83 55.86 -3.99
C GLU C 650 29.45 56.14 -5.43
N LYS C 651 30.09 55.48 -6.40
CA LYS C 651 29.76 55.73 -7.80
C LYS C 651 28.63 54.84 -8.28
N SER C 652 28.42 53.70 -7.63
CA SER C 652 27.46 52.72 -8.11
C SER C 652 26.03 53.15 -7.83
N ARG C 653 25.83 53.89 -6.73
CA ARG C 653 24.49 54.15 -6.23
C ARG C 653 23.73 55.11 -7.14
N VAL C 654 24.45 55.94 -7.88
CA VAL C 654 23.83 56.80 -8.89
C VAL C 654 23.22 55.96 -9.99
N ALA C 655 23.94 54.94 -10.46
CA ALA C 655 23.43 54.06 -11.49
C ALA C 655 22.35 53.14 -10.96
N ILE C 656 22.34 52.90 -9.64
CA ILE C 656 21.23 52.19 -9.02
C ILE C 656 19.97 53.04 -9.08
N LEU C 657 20.07 54.30 -8.64
CA LEU C 657 18.90 55.17 -8.53
C LEU C 657 18.34 55.54 -9.89
N LYS C 658 19.22 55.73 -10.89
CA LYS C 658 18.75 56.03 -12.24
C LYS C 658 18.03 54.83 -12.85
N ALA C 659 18.46 53.62 -12.50
CA ALA C 659 17.81 52.42 -13.02
C ALA C 659 16.48 52.18 -12.33
N ASN C 660 16.37 52.55 -11.06
CA ASN C 660 15.10 52.36 -10.36
C ASN C 660 14.09 53.43 -10.75
N LEU C 661 14.51 54.67 -10.91
CA LEU C 661 13.61 55.79 -11.14
C LEU C 661 13.32 56.04 -12.61
N ARG C 662 13.62 55.10 -13.50
CA ARG C 662 13.52 55.37 -14.93
C ARG C 662 12.08 55.32 -15.41
N LYS C 663 11.15 54.83 -14.58
CA LYS C 663 9.75 54.79 -15.00
C LYS C 663 8.93 55.86 -14.30
N SER C 664 9.36 56.28 -13.12
CA SER C 664 8.62 57.31 -12.39
C SER C 664 9.05 58.69 -12.88
N PRO C 665 8.10 59.57 -13.24
CA PRO C 665 8.47 60.89 -13.79
C PRO C 665 8.98 61.87 -12.73
N VAL C 666 10.25 61.75 -12.40
CA VAL C 666 10.90 62.69 -11.49
C VAL C 666 11.29 63.94 -12.28
N ALA C 667 11.51 65.03 -11.57
CA ALA C 667 11.85 66.30 -12.21
C ALA C 667 12.54 67.22 -11.22
N LYS C 668 13.39 68.09 -11.77
CA LYS C 668 13.92 69.29 -11.10
C LYS C 668 14.73 68.97 -9.85
N ASP C 669 15.47 67.87 -9.87
CA ASP C 669 16.37 67.59 -8.76
C ASP C 669 17.56 68.54 -8.81
N VAL C 670 18.08 68.85 -7.62
CA VAL C 670 19.29 69.66 -7.47
C VAL C 670 20.54 68.78 -7.56
N ASP C 671 20.67 67.82 -6.66
CA ASP C 671 21.89 67.00 -6.59
C ASP C 671 21.49 65.58 -6.22
N LEU C 672 21.27 64.74 -7.25
CA LEU C 672 21.13 63.30 -7.05
C LEU C 672 22.43 62.66 -6.60
N GLU C 673 23.57 63.25 -6.98
CA GLU C 673 24.87 62.79 -6.50
C GLU C 673 25.02 62.99 -5.00
N PHE C 674 24.42 64.04 -4.45
CA PHE C 674 24.40 64.19 -2.99
C PHE C 674 23.51 63.14 -2.34
N LEU C 675 22.41 62.78 -3.01
CA LEU C 675 21.53 61.73 -2.50
C LEU C 675 22.26 60.39 -2.44
N ALA C 676 23.07 60.11 -3.45
CA ALA C 676 23.90 58.91 -3.40
C ALA C 676 25.09 59.06 -2.47
N LYS C 677 25.51 60.29 -2.19
CA LYS C 677 26.69 60.51 -1.37
C LYS C 677 26.38 60.36 0.12
N MET C 678 25.20 60.81 0.55
CA MET C 678 24.88 60.77 1.97
C MET C 678 24.62 59.35 2.46
N THR C 679 24.13 58.48 1.59
CA THR C 679 23.79 57.12 1.98
C THR C 679 25.04 56.25 1.94
N ASN C 680 25.52 55.84 3.10
CA ASN C 680 26.70 54.99 3.20
C ASN C 680 26.35 53.72 3.97
N GLY C 681 26.76 52.58 3.44
CA GLY C 681 26.37 51.31 4.01
C GLY C 681 24.98 50.86 3.64
N PHE C 682 24.51 51.17 2.44
CA PHE C 682 23.17 50.85 1.98
C PHE C 682 23.26 49.91 0.78
N SER C 683 22.49 48.82 0.83
CA SER C 683 22.44 47.92 -0.32
C SER C 683 21.45 48.46 -1.35
N GLY C 684 21.26 47.68 -2.42
CA GLY C 684 20.38 48.11 -3.48
C GLY C 684 18.91 48.07 -3.09
N ALA C 685 18.56 47.15 -2.18
CA ALA C 685 17.17 47.01 -1.74
C ALA C 685 16.75 48.22 -0.91
N ASP C 686 17.69 48.83 -0.18
CA ASP C 686 17.35 49.99 0.63
C ASP C 686 17.08 51.21 -0.23
N LEU C 687 17.85 51.37 -1.32
CA LEU C 687 17.64 52.48 -2.23
C LEU C 687 16.33 52.29 -3.00
N THR C 688 16.02 51.03 -3.34
CA THR C 688 14.72 50.74 -3.96
C THR C 688 13.58 51.04 -2.99
N GLU C 689 13.78 50.78 -1.70
CA GLU C 689 12.78 51.10 -0.69
C GLU C 689 12.54 52.60 -0.57
N ILE C 690 13.62 53.39 -0.63
CA ILE C 690 13.52 54.84 -0.60
C ILE C 690 12.73 55.37 -1.80
N CYS C 691 13.01 54.83 -2.99
CA CYS C 691 12.28 55.27 -4.19
C CYS C 691 10.80 54.88 -4.12
N GLN C 692 10.49 53.70 -3.58
CA GLN C 692 9.09 53.29 -3.48
C GLN C 692 8.33 54.12 -2.46
N ARG C 693 9.00 54.52 -1.37
CA ARG C 693 8.32 55.35 -0.38
C ARG C 693 8.07 56.76 -0.92
N ALA C 694 9.00 57.28 -1.72
CA ALA C 694 8.78 58.57 -2.37
C ALA C 694 7.60 58.51 -3.33
N CYS C 695 7.47 57.40 -4.07
CA CYS C 695 6.32 57.23 -4.95
C CYS C 695 5.02 57.12 -4.16
N LYS C 696 5.06 56.49 -2.97
CA LYS C 696 3.89 56.43 -2.09
C LYS C 696 3.43 57.82 -1.68
N LEU C 697 4.36 58.66 -1.24
CA LEU C 697 4.01 60.01 -0.81
C LEU C 697 3.46 60.83 -1.96
N ALA C 698 4.02 60.65 -3.16
CA ALA C 698 3.53 61.38 -4.33
C ALA C 698 2.11 60.97 -4.70
N ILE C 699 1.80 59.67 -4.67
CA ILE C 699 0.46 59.21 -5.01
C ILE C 699 -0.55 59.67 -3.97
N ARG C 700 -0.15 59.67 -2.69
CA ARG C 700 -1.06 60.13 -1.64
C ARG C 700 -1.39 61.61 -1.77
N GLU C 701 -0.38 62.44 -2.06
CA GLU C 701 -0.64 63.87 -2.21
C GLU C 701 -1.46 64.16 -3.47
N SER C 702 -1.18 63.43 -4.55
CA SER C 702 -1.94 63.64 -5.78
C SER C 702 -3.36 63.09 -5.72
N ILE C 703 -3.68 62.24 -4.75
CA ILE C 703 -5.07 61.86 -4.56
C ILE C 703 -5.78 62.83 -3.61
N GLU C 704 -5.07 63.30 -2.57
CA GLU C 704 -5.63 64.30 -1.66
C GLU C 704 -6.01 65.59 -2.37
N SER C 705 -5.18 66.01 -3.33
CA SER C 705 -5.47 67.25 -4.07
C SER C 705 -6.72 67.10 -4.94
N GLU C 706 -6.89 65.95 -5.59
CA GLU C 706 -8.08 65.71 -6.40
C GLU C 706 -9.34 65.66 -5.55
N ILE C 707 -9.27 65.01 -4.39
CA ILE C 707 -10.42 64.94 -3.48
C ILE C 707 -10.80 66.33 -2.98
N ARG C 708 -9.79 67.13 -2.60
CA ARG C 708 -10.07 68.46 -2.08
C ARG C 708 -10.62 69.40 -3.14
N ARG C 709 -10.08 69.33 -4.36
CA ARG C 709 -10.58 70.18 -5.44
C ARG C 709 -11.99 69.77 -5.86
N GLU C 710 -12.30 68.47 -5.85
CA GLU C 710 -13.66 68.05 -6.17
C GLU C 710 -14.65 68.46 -5.09
N ARG C 711 -14.23 68.41 -3.82
CA ARG C 711 -15.11 68.82 -2.74
C ARG C 711 -15.37 70.32 -2.77
N GLU C 712 -14.33 71.12 -2.99
CA GLU C 712 -14.51 72.57 -3.05
C GLU C 712 -15.26 72.99 -4.32
N ARG C 713 -15.14 72.18 -5.39
CA ARG C 713 -15.89 72.45 -6.62
C ARG C 713 -17.37 72.13 -6.45
N GLN C 714 -17.68 71.00 -5.81
CA GLN C 714 -19.08 70.61 -5.66
C GLN C 714 -19.76 71.41 -4.56
N THR C 715 -18.98 71.98 -3.63
CA THR C 715 -19.57 72.77 -2.56
C THR C 715 -20.18 74.07 -3.09
N ASN C 716 -19.59 74.65 -4.14
CA ASN C 716 -20.14 75.81 -4.83
C ASN C 716 -20.53 75.34 -6.24
N PRO C 717 -21.78 74.93 -6.44
CA PRO C 717 -22.18 74.38 -7.74
C PRO C 717 -22.19 75.43 -8.83
N SER C 718 -22.14 74.94 -10.08
CA SER C 718 -21.92 75.74 -11.29
C SER C 718 -20.65 76.60 -11.17
N ALA C 719 -19.53 75.89 -11.07
CA ALA C 719 -18.23 76.53 -10.99
C ALA C 719 -17.91 77.24 -12.30
N MET C 720 -17.63 78.54 -12.21
CA MET C 720 -17.58 79.39 -13.38
C MET C 720 -16.28 79.27 -14.17
N GLU C 721 -15.18 78.85 -13.54
CA GLU C 721 -13.89 78.78 -14.20
C GLU C 721 -13.43 77.32 -14.19
N VAL C 722 -13.83 76.58 -15.23
CA VAL C 722 -13.47 75.18 -15.38
C VAL C 722 -12.20 75.15 -16.23
N GLU C 723 -11.05 75.17 -15.57
CA GLU C 723 -9.75 75.20 -16.23
C GLU C 723 -8.95 74.03 -15.65
N GLU C 724 -8.94 72.92 -16.38
CA GLU C 724 -8.35 71.69 -15.86
C GLU C 724 -6.83 71.76 -15.86
N ASP C 725 -6.23 71.15 -14.84
CA ASP C 725 -4.80 71.17 -14.64
C ASP C 725 -4.43 70.03 -13.69
N ASP C 726 -3.25 69.47 -13.89
CA ASP C 726 -2.74 68.45 -12.99
C ASP C 726 -2.00 69.11 -11.84
N PRO C 727 -2.39 68.88 -10.58
CA PRO C 727 -1.68 69.53 -9.47
C PRO C 727 -0.27 69.04 -9.27
N VAL C 728 -0.08 67.72 -9.16
CA VAL C 728 1.26 67.14 -8.96
C VAL C 728 1.53 66.20 -10.12
N PRO C 729 2.17 66.66 -11.19
CA PRO C 729 2.52 65.73 -12.28
C PRO C 729 3.84 65.02 -12.03
N GLU C 730 4.76 65.65 -11.30
CA GLU C 730 6.10 65.10 -11.11
C GLU C 730 6.41 65.02 -9.63
N ILE C 731 7.46 64.26 -9.31
CA ILE C 731 7.88 64.06 -7.93
C ILE C 731 8.96 65.08 -7.60
N ARG C 732 8.77 65.82 -6.52
CA ARG C 732 9.67 66.91 -6.15
C ARG C 732 10.55 66.50 -4.98
N ARG C 733 11.40 67.44 -4.56
CA ARG C 733 12.41 67.14 -3.56
C ARG C 733 11.82 67.00 -2.17
N ASP C 734 10.60 67.48 -1.96
CA ASP C 734 9.94 67.35 -0.67
C ASP C 734 9.64 65.90 -0.34
N HIS C 735 9.27 65.12 -1.37
CA HIS C 735 8.96 63.72 -1.18
C HIS C 735 10.19 62.92 -0.79
N PHE C 736 11.33 63.16 -1.45
CA PHE C 736 12.57 62.48 -1.09
C PHE C 736 13.07 62.95 0.27
N GLU C 737 12.88 64.23 0.57
CA GLU C 737 13.35 64.77 1.85
C GLU C 737 12.50 64.26 3.00
N GLU C 738 11.25 63.87 2.72
CA GLU C 738 10.43 63.23 3.73
C GLU C 738 10.72 61.74 3.83
N ALA C 739 10.95 61.08 2.70
CA ALA C 739 11.11 59.64 2.69
C ALA C 739 12.47 59.20 3.20
N MET C 740 13.46 60.09 3.17
CA MET C 740 14.79 59.75 3.70
C MET C 740 14.77 59.62 5.23
N ARG C 741 13.76 60.19 5.88
CA ARG C 741 13.64 60.08 7.32
C ARG C 741 13.30 58.66 7.74
N PHE C 742 12.67 57.89 6.87
CA PHE C 742 12.35 56.50 7.16
C PHE C 742 13.40 55.51 6.67
N ALA C 743 14.56 55.97 6.22
CA ALA C 743 15.57 55.06 5.71
C ALA C 743 16.27 54.32 6.83
N ARG C 744 16.76 53.12 6.54
CA ARG C 744 17.45 52.29 7.51
C ARG C 744 18.52 51.45 6.82
N ARG C 745 19.52 51.05 7.60
CA ARG C 745 20.56 50.14 7.13
C ARG C 745 20.13 48.71 7.41
N SER C 746 20.23 47.85 6.40
CA SER C 746 19.82 46.47 6.57
C SER C 746 20.96 45.61 7.09
N VAL C 747 22.19 45.96 6.75
CA VAL C 747 23.36 45.14 7.06
C VAL C 747 24.16 45.83 8.15
N SER C 748 24.39 45.13 9.26
CA SER C 748 25.21 45.66 10.34
C SER C 748 26.69 45.57 9.98
N ASP C 749 27.53 46.15 10.83
CA ASP C 749 28.95 46.18 10.54
C ASP C 749 29.64 44.88 10.94
N ASN C 750 29.00 44.09 11.80
CA ASN C 750 29.56 42.79 12.15
C ASN C 750 29.47 41.82 10.98
N ASP C 751 28.39 41.91 10.20
CA ASP C 751 28.23 41.07 9.03
C ASP C 751 29.23 41.44 7.95
N ILE C 752 29.47 42.74 7.76
CA ILE C 752 30.47 43.21 6.81
C ILE C 752 31.86 42.77 7.25
N ARG C 753 32.10 42.80 8.57
CA ARG C 753 33.36 42.31 9.12
C ARG C 753 33.55 40.82 8.86
N LYS C 754 32.45 40.05 8.95
CA LYS C 754 32.54 38.61 8.69
C LYS C 754 32.81 38.31 7.22
N TYR C 755 32.16 39.04 6.31
CA TYR C 755 32.43 38.81 4.89
C TYR C 755 33.85 39.25 4.51
N GLU C 756 34.34 40.33 5.13
CA GLU C 756 35.72 40.75 4.87
C GLU C 756 36.72 39.74 5.41
N MET C 757 36.42 39.13 6.56
CA MET C 757 37.34 38.13 7.10
C MET C 757 37.32 36.84 6.28
N PHE C 758 36.16 36.46 5.76
CA PHE C 758 36.12 35.31 4.87
C PHE C 758 36.87 35.59 3.57
N ALA C 759 36.79 36.83 3.08
CA ALA C 759 37.50 37.19 1.85
C ALA C 759 39.01 37.27 2.07
N GLN C 760 39.44 37.69 3.25
CA GLN C 760 40.87 37.72 3.55
C GLN C 760 41.43 36.33 3.75
N THR C 761 40.78 35.51 4.56
CA THR C 761 41.31 34.18 4.86
C THR C 761 41.07 33.21 3.71
N LEU C 762 40.25 33.59 2.73
CA LEU C 762 40.13 32.79 1.53
C LEU C 762 41.37 32.93 0.66
N GLN C 763 41.94 34.13 0.60
CA GLN C 763 43.03 34.46 -0.31
C GLN C 763 44.37 34.25 0.37
N GLN C 764 45.23 33.44 -0.25
CA GLN C 764 46.62 33.28 0.16
C GLN C 764 47.50 33.43 -1.08
N SER C 765 48.69 34.00 -0.89
CA SER C 765 49.55 34.41 -1.98
C SER C 765 51.01 34.13 -1.66
N ARG C 766 51.78 33.83 -2.71
CA ARG C 766 53.23 33.75 -2.54
C ARG C 766 53.88 35.10 -2.80
N GLY C 767 53.48 35.78 -3.87
CA GLY C 767 53.98 37.10 -4.19
C GLY C 767 55.45 37.16 -4.56
N PHE C 768 56.06 36.03 -4.91
CA PHE C 768 57.49 35.96 -5.19
C PHE C 768 57.69 35.78 -6.68
N GLY C 769 58.52 36.64 -7.27
CA GLY C 769 58.88 36.55 -8.67
C GLY C 769 59.84 35.38 -8.88
N SER C 770 59.38 34.41 -9.66
CA SER C 770 60.22 33.25 -9.98
C SER C 770 61.38 33.66 -10.88
N PHE C 771 61.18 34.68 -11.71
CA PHE C 771 62.23 35.16 -12.58
C PHE C 771 62.39 36.67 -12.46
N ASN D 21 46.72 -34.99 -44.30
CA ASN D 21 47.49 -35.67 -45.34
C ASN D 21 48.38 -34.69 -46.11
N ARG D 22 47.77 -33.66 -46.68
CA ARG D 22 48.50 -32.71 -47.51
C ARG D 22 48.58 -31.35 -46.84
N PRO D 23 49.73 -30.68 -46.91
CA PRO D 23 49.91 -29.41 -46.18
C PRO D 23 49.22 -28.20 -46.82
N ASN D 24 48.63 -28.35 -48.00
CA ASN D 24 47.90 -27.25 -48.61
C ASN D 24 46.44 -27.19 -48.20
N ARG D 25 45.95 -28.18 -47.48
CA ARG D 25 44.57 -28.16 -47.00
C ARG D 25 44.43 -27.18 -45.85
N LEU D 26 43.45 -26.28 -45.95
CA LEU D 26 43.32 -25.17 -45.01
C LEU D 26 41.85 -24.99 -44.63
N ILE D 27 41.65 -24.25 -43.53
CA ILE D 27 40.32 -23.93 -43.00
C ILE D 27 40.19 -22.41 -43.01
N VAL D 28 38.98 -21.91 -43.24
CA VAL D 28 38.77 -20.48 -43.45
C VAL D 28 38.72 -19.74 -42.12
N ASP D 29 39.49 -18.66 -42.01
CA ASP D 29 39.46 -17.76 -40.87
C ASP D 29 38.88 -16.42 -41.32
N GLU D 30 38.78 -15.46 -40.39
CA GLU D 30 38.16 -14.17 -40.66
C GLU D 30 39.08 -13.30 -41.51
N ALA D 31 38.57 -12.15 -41.93
CA ALA D 31 39.31 -11.22 -42.78
C ALA D 31 39.80 -10.05 -41.94
N ILE D 32 41.05 -9.63 -42.17
CA ILE D 32 41.63 -8.46 -41.54
C ILE D 32 41.99 -7.41 -42.58
N ASN D 33 42.70 -7.81 -43.63
CA ASN D 33 43.00 -6.90 -44.74
C ASN D 33 41.72 -6.69 -45.55
N GLU D 34 41.28 -5.44 -45.63
CA GLU D 34 39.96 -5.10 -46.16
C GLU D 34 39.94 -4.96 -47.68
N ASP D 35 40.91 -5.54 -48.39
CA ASP D 35 40.88 -5.59 -49.83
C ASP D 35 40.15 -6.85 -50.27
N ASN D 36 39.50 -6.78 -51.43
CA ASN D 36 38.62 -7.86 -51.84
C ASN D 36 39.43 -9.04 -52.39
N SER D 37 40.41 -8.77 -53.25
CA SER D 37 41.15 -9.82 -53.94
C SER D 37 42.43 -10.22 -53.22
N VAL D 38 42.44 -10.16 -51.89
CA VAL D 38 43.63 -10.46 -51.10
C VAL D 38 43.31 -11.56 -50.11
N VAL D 39 44.03 -12.67 -50.18
CA VAL D 39 44.02 -13.68 -49.16
C VAL D 39 45.28 -13.55 -48.32
N SER D 40 45.34 -14.26 -47.21
CA SER D 40 46.47 -14.15 -46.30
C SER D 40 46.87 -15.53 -45.78
N LEU D 41 48.17 -15.68 -45.54
CA LEU D 41 48.72 -16.89 -44.96
C LEU D 41 49.76 -16.49 -43.91
N SER D 42 50.19 -17.49 -43.14
CA SER D 42 51.20 -17.26 -42.11
C SER D 42 52.60 -17.39 -42.71
N GLN D 43 53.60 -17.06 -41.88
CA GLN D 43 54.98 -17.07 -42.35
C GLN D 43 55.55 -18.48 -42.57
N PRO D 44 55.47 -19.45 -41.63
CA PRO D 44 56.07 -20.76 -41.94
C PRO D 44 55.30 -21.56 -42.97
N LYS D 45 54.01 -21.32 -43.15
CA LYS D 45 53.28 -22.00 -44.22
C LYS D 45 53.71 -21.49 -45.59
N MET D 46 53.90 -20.18 -45.73
CA MET D 46 54.43 -19.63 -46.98
C MET D 46 55.87 -20.02 -47.20
N ASP D 47 56.65 -20.20 -46.14
CA ASP D 47 58.02 -20.67 -46.31
C ASP D 47 58.05 -22.17 -46.60
N GLU D 48 57.00 -22.89 -46.24
CA GLU D 48 56.89 -24.30 -46.56
C GLU D 48 56.42 -24.51 -47.99
N LEU D 49 55.60 -23.58 -48.50
CA LEU D 49 55.11 -23.66 -49.87
C LEU D 49 55.97 -22.85 -50.84
N GLN D 50 56.89 -22.03 -50.33
CA GLN D 50 57.83 -21.20 -51.10
C GLN D 50 57.09 -20.21 -52.01
N LEU D 51 56.38 -19.29 -51.36
CA LEU D 51 55.66 -18.24 -52.06
C LEU D 51 56.33 -16.88 -51.86
N PHE D 52 55.67 -15.82 -52.34
CA PHE D 52 56.19 -14.47 -52.28
C PHE D 52 55.01 -13.52 -52.07
N ARG D 53 55.31 -12.29 -51.66
CA ARG D 53 54.32 -11.26 -51.37
C ARG D 53 53.76 -10.58 -52.62
N GLY D 54 53.92 -11.17 -53.80
CA GLY D 54 53.27 -10.65 -55.00
C GLY D 54 52.78 -11.74 -55.93
N ASP D 55 52.58 -12.94 -55.39
CA ASP D 55 52.26 -14.10 -56.22
C ASP D 55 50.78 -14.12 -56.55
N THR D 56 50.33 -15.24 -57.14
CA THR D 56 48.95 -15.42 -57.56
C THR D 56 48.61 -16.90 -57.42
N VAL D 57 47.74 -17.21 -56.46
CA VAL D 57 47.39 -18.58 -56.16
C VAL D 57 45.94 -18.84 -56.58
N LEU D 58 45.52 -20.09 -56.48
CA LEU D 58 44.17 -20.50 -56.83
C LEU D 58 43.60 -21.35 -55.69
N LEU D 59 42.34 -21.12 -55.36
CA LEU D 59 41.67 -21.79 -54.25
C LEU D 59 40.54 -22.63 -54.81
N LYS D 60 40.50 -23.91 -54.43
CA LYS D 60 39.42 -24.78 -54.83
C LYS D 60 38.40 -24.90 -53.71
N GLY D 61 37.12 -24.81 -54.06
CA GLY D 61 36.07 -24.87 -53.08
C GLY D 61 35.02 -25.91 -53.39
N LYS D 62 33.82 -25.74 -52.86
CA LYS D 62 32.73 -26.69 -53.08
C LYS D 62 31.97 -26.34 -54.35
N LYS D 63 31.14 -27.30 -54.80
CA LYS D 63 30.31 -27.23 -56.01
C LYS D 63 31.15 -26.97 -57.27
N ARG D 64 32.37 -27.51 -57.29
CA ARG D 64 33.28 -27.50 -58.45
C ARG D 64 33.62 -26.09 -58.92
N ARG D 65 33.77 -25.17 -57.97
CA ARG D 65 34.04 -23.78 -58.27
C ARG D 65 35.32 -23.33 -57.56
N GLU D 66 36.05 -22.44 -58.21
CA GLU D 66 37.36 -22.01 -57.74
C GLU D 66 37.41 -20.49 -57.69
N ALA D 67 38.51 -19.96 -57.14
CA ALA D 67 38.69 -18.52 -57.06
C ALA D 67 40.17 -18.17 -57.11
N VAL D 68 40.50 -17.14 -57.88
CA VAL D 68 41.87 -16.67 -58.02
C VAL D 68 42.03 -15.37 -57.22
N CYS D 69 43.15 -15.25 -56.53
CA CYS D 69 43.38 -14.11 -55.64
C CYS D 69 44.86 -13.74 -55.71
N ILE D 70 45.29 -12.91 -54.76
CA ILE D 70 46.69 -12.54 -54.57
C ILE D 70 47.06 -12.89 -53.13
N VAL D 71 48.06 -13.74 -52.97
CA VAL D 71 48.47 -14.16 -51.63
C VAL D 71 49.42 -13.13 -51.03
N LEU D 72 49.20 -12.81 -49.76
CA LEU D 72 50.13 -11.96 -49.02
C LEU D 72 50.54 -12.66 -47.73
N SER D 73 51.25 -11.96 -46.86
CA SER D 73 51.74 -12.52 -45.61
C SER D 73 51.04 -11.86 -44.42
N ASP D 74 51.02 -12.58 -43.31
CA ASP D 74 50.43 -12.08 -42.07
C ASP D 74 51.08 -12.81 -40.90
N ASP D 75 51.44 -12.05 -39.88
CA ASP D 75 52.04 -12.60 -38.67
C ASP D 75 51.02 -13.03 -37.62
N THR D 76 49.83 -12.44 -37.63
CA THR D 76 48.78 -12.84 -36.69
C THR D 76 48.00 -14.05 -37.17
N CYS D 77 48.33 -14.60 -38.34
CA CYS D 77 47.63 -15.78 -38.83
C CYS D 77 48.02 -17.01 -38.03
N SER D 78 47.13 -17.99 -38.02
CA SER D 78 47.35 -19.23 -37.30
C SER D 78 48.13 -20.22 -38.17
N ASP D 79 48.17 -21.48 -37.74
CA ASP D 79 49.05 -22.45 -38.40
C ASP D 79 48.42 -23.02 -39.67
N GLU D 80 47.30 -23.73 -39.54
CA GLU D 80 46.69 -24.40 -40.68
C GLU D 80 45.41 -23.72 -41.17
N LYS D 81 45.37 -22.38 -41.20
CA LYS D 81 44.19 -21.68 -41.66
C LYS D 81 44.57 -20.60 -42.68
N ILE D 82 43.54 -20.06 -43.32
CA ILE D 82 43.67 -19.03 -44.34
C ILE D 82 42.67 -17.93 -44.05
N ARG D 83 43.08 -16.68 -44.28
CA ARG D 83 42.25 -15.50 -44.03
C ARG D 83 41.79 -14.92 -45.37
N MET D 84 40.47 -14.74 -45.52
CA MET D 84 39.94 -14.24 -46.77
C MET D 84 38.67 -13.42 -46.50
N ASN D 85 38.35 -12.57 -47.46
CA ASN D 85 37.20 -11.69 -47.40
C ASN D 85 35.90 -12.49 -47.59
N ARG D 86 34.77 -11.88 -47.25
CA ARG D 86 33.47 -12.50 -47.44
C ARG D 86 33.11 -12.63 -48.92
N VAL D 87 33.69 -11.80 -49.79
CA VAL D 87 33.44 -11.89 -51.22
C VAL D 87 34.03 -13.18 -51.79
N VAL D 88 35.31 -13.43 -51.52
CA VAL D 88 35.98 -14.65 -51.94
C VAL D 88 35.34 -15.87 -51.27
N ARG D 89 34.90 -15.70 -50.02
CA ARG D 89 34.28 -16.79 -49.28
C ARG D 89 32.93 -17.19 -49.88
N ASN D 90 32.14 -16.22 -50.32
CA ASN D 90 30.87 -16.54 -50.96
C ASN D 90 31.02 -16.95 -52.41
N ASN D 91 32.12 -16.57 -53.08
CA ASN D 91 32.35 -17.02 -54.44
C ASN D 91 32.81 -18.47 -54.53
N LEU D 92 33.11 -19.12 -53.42
CA LEU D 92 33.57 -20.49 -53.38
C LEU D 92 32.54 -21.48 -52.87
N ARG D 93 31.33 -21.01 -52.53
CA ARG D 93 30.29 -21.77 -51.82
C ARG D 93 30.84 -22.39 -50.54
N VAL D 94 31.49 -21.55 -49.74
CA VAL D 94 32.21 -21.96 -48.54
C VAL D 94 31.75 -21.07 -47.39
N ARG D 95 31.55 -21.68 -46.22
CA ARG D 95 31.24 -20.94 -45.00
C ARG D 95 32.41 -21.06 -44.03
N LEU D 96 32.25 -20.47 -42.84
CA LEU D 96 33.31 -20.47 -41.84
C LEU D 96 33.47 -21.87 -41.25
N GLY D 97 34.65 -22.45 -41.40
CA GLY D 97 34.94 -23.76 -40.87
C GLY D 97 35.04 -24.86 -41.91
N ASP D 98 34.96 -24.53 -43.20
CA ASP D 98 35.05 -25.52 -44.26
C ASP D 98 36.51 -25.81 -44.60
N VAL D 99 36.75 -26.53 -45.70
CA VAL D 99 38.09 -26.92 -46.11
C VAL D 99 38.33 -26.44 -47.54
N ILE D 100 39.55 -25.98 -47.80
CA ILE D 100 39.95 -25.46 -49.10
C ILE D 100 41.36 -25.94 -49.43
N SER D 101 41.56 -26.45 -50.63
CA SER D 101 42.87 -26.78 -51.16
C SER D 101 43.39 -25.62 -52.01
N ILE D 102 44.64 -25.24 -51.77
CA ILE D 102 45.28 -24.13 -52.46
C ILE D 102 46.32 -24.70 -53.42
N GLN D 103 46.45 -24.10 -54.61
CA GLN D 103 47.49 -24.50 -55.54
C GLN D 103 48.10 -23.28 -56.22
N PRO D 104 49.39 -23.33 -56.57
CA PRO D 104 50.00 -22.21 -57.29
C PRO D 104 49.64 -22.20 -58.76
N CYS D 105 49.55 -21.00 -59.32
CA CYS D 105 49.27 -20.81 -60.73
C CYS D 105 50.15 -19.70 -61.29
N PRO D 106 51.28 -20.06 -61.91
CA PRO D 106 52.14 -19.05 -62.54
C PRO D 106 51.65 -18.57 -63.91
N ASP D 107 50.47 -18.99 -64.35
CA ASP D 107 49.93 -18.61 -65.66
C ASP D 107 49.44 -17.17 -65.61
N VAL D 108 50.39 -16.25 -65.75
CA VAL D 108 50.12 -14.81 -65.73
C VAL D 108 49.72 -14.42 -67.15
N LYS D 109 48.42 -14.27 -67.37
CA LYS D 109 47.88 -13.90 -68.67
C LYS D 109 47.16 -12.56 -68.57
N TYR D 110 47.55 -11.63 -69.44
CA TYR D 110 46.90 -10.32 -69.46
C TYR D 110 45.58 -10.41 -70.25
N GLY D 111 44.57 -9.71 -69.74
CA GLY D 111 43.28 -9.75 -70.39
C GLY D 111 43.24 -8.92 -71.66
N LYS D 112 42.19 -9.12 -72.44
CA LYS D 112 41.97 -8.33 -73.64
C LYS D 112 40.63 -7.61 -73.64
N ARG D 113 39.53 -8.31 -73.35
CA ARG D 113 38.20 -7.73 -73.32
C ARG D 113 37.47 -8.23 -72.09
N ILE D 114 36.86 -7.32 -71.34
CA ILE D 114 36.15 -7.65 -70.11
C ILE D 114 34.70 -7.20 -70.26
N HIS D 115 33.77 -8.15 -70.24
CA HIS D 115 32.35 -7.87 -70.37
C HIS D 115 31.70 -8.19 -69.03
N VAL D 116 31.20 -7.16 -68.34
CA VAL D 116 30.55 -7.29 -67.04
C VAL D 116 29.15 -6.69 -67.12
N LEU D 117 28.31 -7.09 -66.16
CA LEU D 117 26.92 -6.63 -66.10
C LEU D 117 26.58 -6.27 -64.66
N PRO D 118 25.82 -5.20 -64.43
CA PRO D 118 25.35 -4.90 -63.07
C PRO D 118 24.15 -5.77 -62.69
N ILE D 119 23.81 -5.73 -61.41
CA ILE D 119 22.69 -6.49 -60.87
C ILE D 119 21.60 -5.50 -60.48
N ASP D 120 20.34 -5.85 -60.79
CA ASP D 120 19.25 -4.89 -60.82
C ASP D 120 18.84 -4.39 -59.43
N ASP D 121 18.98 -5.23 -58.40
CA ASP D 121 18.54 -4.81 -57.07
C ASP D 121 19.52 -3.86 -56.39
N THR D 122 20.71 -3.68 -56.95
CA THR D 122 21.70 -2.76 -56.41
C THR D 122 21.94 -1.54 -57.29
N VAL D 123 21.23 -1.41 -58.42
CA VAL D 123 21.36 -0.26 -59.29
C VAL D 123 20.03 0.49 -59.43
N GLU D 124 19.06 0.21 -58.55
CA GLU D 124 17.71 0.73 -58.72
C GLU D 124 17.55 2.20 -58.29
N GLY D 125 18.65 2.91 -58.03
CA GLY D 125 18.56 4.34 -57.76
C GLY D 125 19.49 5.15 -58.64
N ILE D 126 20.46 4.48 -59.25
CA ILE D 126 21.49 5.13 -60.05
C ILE D 126 21.25 4.80 -61.52
N THR D 127 21.65 5.71 -62.40
CA THR D 127 21.51 5.52 -63.84
C THR D 127 22.58 6.33 -64.56
N GLY D 128 22.74 6.06 -65.84
CA GLY D 128 23.66 6.81 -66.68
C GLY D 128 25.04 6.16 -66.74
N ASN D 129 26.05 6.86 -66.22
CA ASN D 129 27.42 6.40 -66.28
C ASN D 129 27.78 5.61 -65.03
N LEU D 130 28.49 4.50 -65.24
CA LEU D 130 29.04 3.71 -64.14
C LEU D 130 30.54 3.47 -64.27
N PHE D 131 31.13 3.71 -65.45
CA PHE D 131 32.53 3.36 -65.67
C PHE D 131 33.46 4.35 -64.99
N GLU D 132 33.13 5.64 -65.02
CA GLU D 132 34.04 6.66 -64.50
C GLU D 132 34.01 6.72 -62.98
N VAL D 133 32.87 6.43 -62.36
CA VAL D 133 32.74 6.59 -60.92
C VAL D 133 33.20 5.33 -60.19
N TYR D 134 32.59 4.20 -60.52
CA TYR D 134 32.83 2.96 -59.78
C TYR D 134 34.09 2.24 -60.23
N LEU D 135 34.23 2.00 -61.53
CA LEU D 135 35.23 1.07 -62.04
C LEU D 135 36.56 1.74 -62.36
N LYS D 136 36.56 3.04 -62.66
CA LYS D 136 37.79 3.74 -63.07
C LYS D 136 38.84 3.86 -61.96
N PRO D 137 38.53 4.16 -60.70
CA PRO D 137 39.57 3.99 -59.67
C PRO D 137 39.65 2.58 -59.10
N TYR D 138 38.82 1.65 -59.57
CA TYR D 138 38.79 0.30 -59.02
C TYR D 138 39.92 -0.56 -59.59
N PHE D 139 40.06 -0.57 -60.92
CA PHE D 139 41.11 -1.35 -61.54
C PHE D 139 42.43 -0.61 -61.67
N LEU D 140 42.43 0.71 -61.45
CA LEU D 140 43.65 1.49 -61.59
C LEU D 140 44.57 1.25 -60.40
N GLU D 141 45.82 0.90 -60.70
CA GLU D 141 46.87 0.56 -59.72
C GLU D 141 46.42 -0.59 -58.82
N ALA D 142 45.74 -1.58 -59.43
CA ALA D 142 45.22 -2.73 -58.70
C ALA D 142 45.78 -4.04 -59.22
N TYR D 143 45.74 -4.27 -60.54
CA TYR D 143 46.11 -5.53 -61.19
C TYR D 143 45.37 -6.72 -60.58
N ARG D 144 44.05 -6.64 -60.61
CA ARG D 144 43.19 -7.61 -59.95
C ARG D 144 43.04 -8.86 -60.82
N PRO D 145 43.40 -10.03 -60.33
CA PRO D 145 43.13 -11.26 -61.09
C PRO D 145 41.66 -11.65 -61.04
N ILE D 146 40.96 -11.49 -62.16
CA ILE D 146 39.54 -11.81 -62.22
C ILE D 146 39.37 -13.11 -63.00
N ARG D 147 38.16 -13.65 -62.95
CA ARG D 147 37.84 -14.92 -63.58
C ARG D 147 36.35 -14.95 -63.88
N LYS D 148 35.98 -15.65 -64.96
CA LYS D 148 34.57 -15.85 -65.26
C LYS D 148 33.93 -16.72 -64.19
N GLY D 149 32.98 -16.15 -63.46
CA GLY D 149 32.34 -16.83 -62.37
C GLY D 149 32.52 -16.11 -61.05
N ASP D 150 33.02 -14.87 -61.13
CA ASP D 150 33.27 -14.05 -59.95
C ASP D 150 32.26 -12.91 -59.89
N ILE D 151 31.85 -12.57 -58.66
CA ILE D 151 31.05 -11.39 -58.36
C ILE D 151 31.85 -10.54 -57.39
N PHE D 152 32.09 -9.28 -57.76
CA PHE D 152 32.83 -8.38 -56.90
C PHE D 152 31.96 -7.20 -56.49
N LEU D 153 32.41 -6.53 -55.43
CA LEU D 153 31.63 -5.50 -54.74
C LEU D 153 32.40 -4.19 -54.78
N VAL D 154 31.74 -3.14 -55.25
CA VAL D 154 32.33 -1.81 -55.32
C VAL D 154 31.50 -0.88 -54.45
N ARG D 155 32.16 -0.21 -53.50
CA ARG D 155 31.51 0.78 -52.65
C ARG D 155 31.93 2.18 -53.06
N GLY D 156 31.05 3.13 -52.78
CA GLY D 156 31.31 4.52 -53.13
C GLY D 156 30.08 5.22 -53.63
N GLY D 157 29.99 6.53 -53.42
CA GLY D 157 28.80 7.26 -53.79
C GLY D 157 27.61 6.95 -52.91
N MET D 158 27.85 6.65 -51.63
CA MET D 158 26.83 6.32 -50.62
C MET D 158 26.00 5.09 -51.05
N ARG D 159 26.67 4.14 -51.71
CA ARG D 159 25.98 2.99 -52.28
C ARG D 159 26.98 1.88 -52.52
N ALA D 160 26.57 0.65 -52.24
CA ALA D 160 27.35 -0.55 -52.56
C ALA D 160 26.70 -1.26 -53.74
N VAL D 161 27.50 -1.66 -54.71
CA VAL D 161 27.00 -2.22 -55.95
C VAL D 161 27.79 -3.49 -56.28
N GLU D 162 27.09 -4.48 -56.85
CA GLU D 162 27.68 -5.78 -57.15
C GLU D 162 27.77 -5.94 -58.66
N PHE D 163 28.95 -6.28 -59.16
CA PHE D 163 29.15 -6.58 -60.58
C PHE D 163 29.56 -8.04 -60.74
N LYS D 164 29.21 -8.60 -61.89
CA LYS D 164 29.56 -9.99 -62.22
C LYS D 164 30.39 -10.00 -63.50
N VAL D 165 31.53 -10.68 -63.45
CA VAL D 165 32.36 -10.86 -64.63
C VAL D 165 31.67 -11.88 -65.53
N VAL D 166 31.11 -11.42 -66.64
CA VAL D 166 30.33 -12.28 -67.52
C VAL D 166 31.22 -12.95 -68.58
N GLU D 167 32.11 -12.19 -69.21
CA GLU D 167 32.90 -12.75 -70.29
C GLU D 167 34.31 -12.18 -70.31
N THR D 168 35.29 -13.06 -70.43
CA THR D 168 36.67 -12.70 -70.67
C THR D 168 37.22 -13.51 -71.84
N ASP D 169 38.18 -12.94 -72.56
CA ASP D 169 38.81 -13.65 -73.67
C ASP D 169 39.90 -14.61 -73.17
N PRO D 170 40.80 -14.26 -72.20
CA PRO D 170 41.65 -15.32 -71.64
C PRO D 170 40.91 -16.15 -70.59
N SER D 171 40.15 -17.15 -71.04
CA SER D 171 39.41 -17.98 -70.12
C SER D 171 40.36 -18.98 -69.44
N PRO D 172 40.15 -19.29 -68.14
CA PRO D 172 39.11 -18.74 -67.27
C PRO D 172 39.51 -17.44 -66.55
N TYR D 173 40.78 -17.29 -66.17
CA TYR D 173 41.20 -16.18 -65.34
C TYR D 173 42.27 -15.35 -66.05
N CYS D 174 42.34 -14.08 -65.67
CA CYS D 174 43.27 -13.15 -66.27
C CYS D 174 43.51 -11.98 -65.32
N ILE D 175 44.70 -11.40 -65.40
CA ILE D 175 45.03 -10.21 -64.63
C ILE D 175 44.70 -8.99 -65.46
N VAL D 176 43.99 -8.04 -64.86
CA VAL D 176 43.55 -6.84 -65.58
C VAL D 176 44.74 -5.92 -65.79
N ALA D 177 45.02 -5.61 -67.05
CA ALA D 177 46.09 -4.75 -67.51
C ALA D 177 45.53 -3.42 -68.00
N PRO D 178 46.38 -2.40 -68.15
CA PRO D 178 45.96 -1.20 -68.89
C PRO D 178 45.71 -1.45 -70.38
N ASP D 179 46.17 -2.57 -70.93
CA ASP D 179 45.87 -2.97 -72.29
C ASP D 179 44.40 -3.37 -72.46
N THR D 180 43.70 -3.69 -71.38
CA THR D 180 42.35 -4.23 -71.46
C THR D 180 41.35 -3.14 -71.82
N VAL D 181 40.24 -3.57 -72.42
CA VAL D 181 39.07 -2.73 -72.65
C VAL D 181 37.89 -3.38 -71.95
N ILE D 182 37.05 -2.56 -71.32
CA ILE D 182 35.94 -3.03 -70.52
C ILE D 182 34.65 -2.53 -71.18
N HIS D 183 33.84 -3.47 -71.68
CA HIS D 183 32.57 -3.15 -72.32
C HIS D 183 31.48 -3.25 -71.28
N CYS D 184 31.19 -2.13 -70.62
CA CYS D 184 30.20 -2.07 -69.56
C CYS D 184 28.80 -1.75 -70.07
N GLU D 185 28.53 -1.99 -71.36
CA GLU D 185 27.18 -1.85 -71.86
C GLU D 185 26.36 -3.10 -71.53
N GLY D 186 25.06 -3.01 -71.79
CA GLY D 186 24.16 -4.12 -71.58
C GLY D 186 23.11 -3.83 -70.51
N GLU D 187 22.17 -4.76 -70.41
CA GLU D 187 21.07 -4.65 -69.46
C GLU D 187 21.42 -5.36 -68.15
N PRO D 188 20.93 -4.84 -67.02
CA PRO D 188 21.17 -5.54 -65.75
C PRO D 188 20.31 -6.77 -65.63
N ILE D 189 20.91 -7.84 -65.13
CA ILE D 189 20.23 -9.12 -64.99
C ILE D 189 19.96 -9.39 -63.52
N LYS D 190 19.18 -10.43 -63.26
CA LYS D 190 18.78 -10.78 -61.90
C LYS D 190 19.86 -11.64 -61.25
N ARG D 191 19.54 -12.18 -60.07
CA ARG D 191 20.44 -13.02 -59.31
C ARG D 191 20.14 -14.48 -59.57
N GLU D 192 21.18 -15.30 -59.59
CA GLU D 192 21.02 -16.75 -59.55
C GLU D 192 20.37 -17.15 -58.23
N ASP D 193 19.56 -18.22 -58.27
CA ASP D 193 18.71 -18.58 -57.14
C ASP D 193 19.50 -19.00 -55.90
N GLU D 194 20.77 -19.38 -56.06
CA GLU D 194 21.59 -19.82 -54.95
C GLU D 194 22.63 -18.81 -54.52
N GLU D 195 22.79 -17.70 -55.25
CA GLU D 195 23.79 -16.69 -54.91
C GLU D 195 23.26 -15.82 -53.78
N GLU D 196 23.90 -15.91 -52.61
CA GLU D 196 23.49 -15.11 -51.46
C GLU D 196 23.92 -13.66 -51.65
N SER D 197 23.19 -12.77 -50.98
CA SER D 197 23.41 -11.34 -51.13
C SER D 197 24.43 -10.83 -50.12
N LEU D 198 25.21 -9.86 -50.55
CA LEU D 198 26.14 -9.14 -49.68
C LEU D 198 25.48 -7.95 -49.00
N ASN D 199 24.17 -7.75 -49.22
CA ASN D 199 23.40 -6.81 -48.44
C ASN D 199 23.09 -7.34 -47.05
N GLU D 200 22.98 -8.66 -46.90
CA GLU D 200 22.63 -9.26 -45.62
C GLU D 200 23.86 -9.28 -44.71
N VAL D 201 23.64 -9.67 -43.47
CA VAL D 201 24.54 -9.36 -42.36
C VAL D 201 25.49 -10.53 -42.14
N GLY D 202 26.78 -10.22 -42.01
CA GLY D 202 27.78 -11.20 -41.64
C GLY D 202 28.51 -10.73 -40.39
N TYR D 203 29.72 -11.25 -40.13
CA TYR D 203 30.45 -10.81 -38.95
C TYR D 203 31.10 -9.46 -39.13
N ASP D 204 31.13 -8.96 -40.37
CA ASP D 204 31.84 -7.71 -40.63
C ASP D 204 31.04 -6.50 -40.16
N ASP D 205 29.71 -6.63 -40.09
CA ASP D 205 28.88 -5.49 -39.74
C ASP D 205 28.85 -5.27 -38.23
N ILE D 206 29.42 -6.18 -37.46
CA ILE D 206 29.40 -6.06 -36.01
C ILE D 206 30.74 -5.52 -35.53
N GLY D 207 30.69 -4.46 -34.72
CA GLY D 207 31.91 -3.90 -34.17
C GLY D 207 31.78 -3.65 -32.68
N GLY D 208 32.91 -3.70 -32.00
CA GLY D 208 32.98 -3.29 -30.61
C GLY D 208 32.73 -4.37 -29.58
N CYS D 209 32.31 -5.56 -30.00
CA CYS D 209 31.99 -6.64 -29.07
C CYS D 209 32.63 -7.94 -29.59
N ARG D 210 33.93 -7.87 -29.84
CA ARG D 210 34.69 -9.01 -30.34
C ARG D 210 34.71 -10.18 -29.36
N LYS D 211 34.80 -9.89 -28.06
CA LYS D 211 34.90 -10.96 -27.07
C LYS D 211 33.58 -11.71 -26.92
N GLN D 212 32.47 -10.99 -26.86
CA GLN D 212 31.17 -11.65 -26.71
C GLN D 212 30.80 -12.41 -27.98
N LEU D 213 31.19 -11.89 -29.13
CA LEU D 213 30.92 -12.60 -30.38
C LEU D 213 31.77 -13.87 -30.47
N ALA D 214 33.01 -13.82 -29.96
CA ALA D 214 33.84 -15.01 -29.91
C ALA D 214 33.26 -16.04 -28.94
N GLN D 215 32.71 -15.58 -27.82
CA GLN D 215 32.12 -16.48 -26.84
C GLN D 215 30.86 -17.16 -27.39
N ILE D 216 30.03 -16.40 -28.12
CA ILE D 216 28.85 -16.99 -28.75
C ILE D 216 29.27 -17.97 -29.85
N LYS D 217 30.33 -17.68 -30.59
CA LYS D 217 30.81 -18.64 -31.59
C LYS D 217 31.32 -19.93 -30.95
N GLU D 218 32.04 -19.81 -29.83
CA GLU D 218 32.50 -21.00 -29.11
C GLU D 218 31.34 -21.81 -28.55
N MET D 219 30.24 -21.15 -28.17
CA MET D 219 29.10 -21.90 -27.67
C MET D 219 28.35 -22.60 -28.79
N VAL D 220 28.14 -21.93 -29.92
CA VAL D 220 27.10 -22.35 -30.85
C VAL D 220 27.66 -22.99 -32.12
N GLU D 221 28.88 -22.66 -32.55
CA GLU D 221 29.36 -23.08 -33.87
C GLU D 221 29.58 -24.59 -33.95
N LEU D 222 29.99 -25.23 -32.87
CA LEU D 222 30.23 -26.66 -32.92
C LEU D 222 28.96 -27.53 -32.93
N PRO D 223 27.88 -27.23 -32.20
CA PRO D 223 26.66 -28.03 -32.42
C PRO D 223 25.89 -27.71 -33.70
N LEU D 224 26.32 -26.73 -34.49
CA LEU D 224 25.65 -26.45 -35.76
C LEU D 224 26.43 -26.99 -36.96
N ARG D 225 27.75 -26.80 -36.98
CA ARG D 225 28.53 -27.21 -38.14
C ARG D 225 28.72 -28.72 -38.17
N HIS D 226 28.72 -29.36 -37.00
CA HIS D 226 28.89 -30.81 -36.90
C HIS D 226 27.78 -31.41 -36.07
N PRO D 227 26.55 -31.52 -36.63
CA PRO D 227 25.44 -32.07 -35.84
C PRO D 227 25.57 -33.54 -35.48
N ALA D 228 25.76 -34.40 -36.48
CA ALA D 228 25.79 -35.83 -36.24
C ALA D 228 27.07 -36.28 -35.58
N LEU D 229 28.18 -35.59 -35.83
CA LEU D 229 29.42 -35.88 -35.13
C LEU D 229 29.33 -35.53 -33.65
N PHE D 230 28.53 -34.53 -33.29
CA PHE D 230 28.32 -34.20 -31.90
C PHE D 230 27.25 -35.08 -31.27
N LYS D 231 26.35 -35.62 -32.09
CA LYS D 231 25.29 -36.51 -31.61
C LYS D 231 25.87 -37.79 -31.03
N ALA D 232 26.97 -38.28 -31.60
CA ALA D 232 27.55 -39.55 -31.17
C ALA D 232 28.56 -39.40 -30.04
N ILE D 233 28.64 -38.24 -29.39
CA ILE D 233 29.64 -38.06 -28.33
C ILE D 233 29.11 -38.53 -26.99
N GLY D 234 28.03 -37.90 -26.52
CA GLY D 234 27.52 -38.15 -25.19
C GLY D 234 27.59 -36.90 -24.33
N VAL D 235 27.78 -35.76 -24.98
CA VAL D 235 27.85 -34.47 -24.33
C VAL D 235 26.57 -33.70 -24.63
N LYS D 236 25.94 -33.15 -23.59
CA LYS D 236 24.76 -32.35 -23.89
C LYS D 236 25.18 -30.95 -24.35
N PRO D 237 24.53 -30.41 -25.36
CA PRO D 237 24.81 -29.04 -25.80
C PRO D 237 24.04 -28.04 -24.95
N PRO D 238 24.33 -26.74 -25.08
CA PRO D 238 23.39 -25.75 -24.57
C PRO D 238 22.13 -25.72 -25.40
N ARG D 239 21.05 -25.27 -24.77
CA ARG D 239 19.76 -25.25 -25.44
C ARG D 239 18.98 -23.96 -25.18
N GLY D 240 19.62 -22.94 -24.62
CA GLY D 240 19.00 -21.64 -24.49
C GLY D 240 20.00 -20.60 -24.05
N ILE D 241 20.08 -19.50 -24.78
CA ILE D 241 21.05 -18.44 -24.51
C ILE D 241 20.30 -17.14 -24.37
N LEU D 242 20.65 -16.35 -23.35
CA LEU D 242 19.95 -15.12 -23.04
C LEU D 242 20.92 -13.96 -23.23
N LEU D 243 20.72 -13.18 -24.28
CA LEU D 243 21.48 -11.96 -24.52
C LEU D 243 20.83 -10.81 -23.78
N TYR D 244 21.63 -9.99 -23.12
CA TYR D 244 21.04 -8.82 -22.50
C TYR D 244 21.99 -7.63 -22.55
N GLY D 245 21.42 -6.44 -22.47
CA GLY D 245 22.14 -5.21 -22.55
C GLY D 245 21.20 -4.04 -22.68
N PRO D 246 21.73 -2.83 -22.76
CA PRO D 246 20.88 -1.66 -22.92
C PRO D 246 20.25 -1.64 -24.32
N PRO D 247 19.17 -0.89 -24.52
CA PRO D 247 18.56 -0.83 -25.84
C PRO D 247 19.43 -0.10 -26.85
N GLY D 248 19.59 -0.72 -28.01
CA GLY D 248 20.37 -0.15 -29.08
C GLY D 248 21.74 -0.72 -29.27
N THR D 249 22.13 -1.73 -28.48
CA THR D 249 23.48 -2.27 -28.55
C THR D 249 23.62 -3.39 -29.57
N GLY D 250 22.63 -3.61 -30.43
CA GLY D 250 22.79 -4.57 -31.50
C GLY D 250 22.73 -6.02 -31.06
N LYS D 251 21.57 -6.47 -30.60
CA LYS D 251 21.42 -7.88 -30.23
C LYS D 251 20.77 -8.67 -31.35
N THR D 252 19.79 -8.06 -32.02
CA THR D 252 19.16 -8.67 -33.20
C THR D 252 20.18 -8.83 -34.32
N LEU D 253 21.10 -7.87 -34.42
CA LEU D 253 22.18 -7.92 -35.39
C LEU D 253 23.09 -9.13 -35.15
N ILE D 254 23.48 -9.36 -33.89
CA ILE D 254 24.36 -10.47 -33.55
C ILE D 254 23.66 -11.80 -33.79
N ALA D 255 22.38 -11.89 -33.43
CA ALA D 255 21.62 -13.11 -33.67
C ALA D 255 21.51 -13.43 -35.15
N ARG D 256 21.19 -12.42 -35.96
CA ARG D 256 21.05 -12.64 -37.40
C ARG D 256 22.39 -12.95 -38.07
N ALA D 257 23.48 -12.38 -37.58
CA ALA D 257 24.78 -12.65 -38.18
C ALA D 257 25.28 -14.04 -37.84
N VAL D 258 25.06 -14.49 -36.60
CA VAL D 258 25.42 -15.86 -36.25
C VAL D 258 24.50 -16.85 -36.96
N ALA D 259 23.27 -16.44 -37.28
CA ALA D 259 22.37 -17.27 -38.07
C ALA D 259 22.87 -17.45 -39.50
N ASN D 260 23.11 -16.34 -40.20
CA ASN D 260 23.42 -16.42 -41.63
C ASN D 260 24.81 -16.99 -41.92
N GLU D 261 25.77 -16.79 -41.03
CA GLU D 261 27.13 -17.24 -41.28
C GLU D 261 27.38 -18.69 -40.86
N THR D 262 26.32 -19.44 -40.55
CA THR D 262 26.43 -20.86 -40.30
C THR D 262 25.47 -21.70 -41.13
N GLY D 263 24.58 -21.08 -41.90
CA GLY D 263 23.66 -21.84 -42.72
C GLY D 263 22.50 -22.46 -41.98
N ALA D 264 22.28 -22.08 -40.73
CA ALA D 264 21.19 -22.63 -39.96
C ALA D 264 19.88 -21.95 -40.32
N PHE D 265 18.81 -22.73 -40.30
CA PHE D 265 17.47 -22.20 -40.54
C PHE D 265 17.05 -21.28 -39.39
N PHE D 266 16.83 -20.01 -39.72
CA PHE D 266 16.57 -18.99 -38.71
C PHE D 266 15.10 -18.60 -38.73
N PHE D 267 14.42 -18.85 -37.61
CA PHE D 267 13.03 -18.44 -37.44
C PHE D 267 13.00 -17.31 -36.44
N LEU D 268 12.16 -16.30 -36.69
CA LEU D 268 12.05 -15.14 -35.83
C LEU D 268 10.71 -15.13 -35.13
N ILE D 269 10.74 -14.91 -33.83
CA ILE D 269 9.55 -14.67 -33.02
C ILE D 269 9.65 -13.27 -32.44
N ASN D 270 8.62 -12.46 -32.68
CA ASN D 270 8.58 -11.10 -32.18
C ASN D 270 7.54 -11.06 -31.07
N GLY D 271 7.90 -10.42 -29.94
CA GLY D 271 7.04 -10.37 -28.78
C GLY D 271 5.72 -9.69 -28.96
N PRO D 272 5.67 -8.42 -29.35
CA PRO D 272 4.37 -7.76 -29.58
C PRO D 272 3.55 -8.35 -30.71
N GLU D 273 4.16 -9.05 -31.66
CA GLU D 273 3.39 -9.68 -32.72
C GLU D 273 2.57 -10.84 -32.18
N ILE D 274 3.08 -11.52 -31.15
CA ILE D 274 2.30 -12.59 -30.52
C ILE D 274 1.34 -12.01 -29.50
N MET D 275 1.77 -11.00 -28.75
CA MET D 275 0.89 -10.45 -27.71
C MET D 275 -0.18 -9.54 -28.29
N SER D 276 -0.13 -9.25 -29.60
CA SER D 276 -1.18 -8.44 -30.21
C SER D 276 -2.31 -9.29 -30.77
N LYS D 277 -2.13 -10.61 -30.81
CA LYS D 277 -3.16 -11.50 -31.33
C LYS D 277 -4.27 -11.71 -30.31
N LEU D 278 -5.22 -12.57 -30.67
CA LEU D 278 -6.34 -12.85 -29.78
C LEU D 278 -5.93 -13.80 -28.66
N ALA D 279 -6.93 -14.28 -27.92
CA ALA D 279 -6.70 -15.11 -26.75
C ALA D 279 -6.19 -16.49 -27.10
N GLY D 280 -6.69 -17.06 -28.20
CA GLY D 280 -6.34 -18.42 -28.55
C GLY D 280 -5.42 -18.55 -29.74
N GLU D 281 -5.04 -17.41 -30.32
CA GLU D 281 -4.19 -17.42 -31.50
C GLU D 281 -2.71 -17.25 -31.15
N SER D 282 -2.40 -16.96 -29.89
CA SER D 282 -1.00 -16.79 -29.49
C SER D 282 -0.31 -18.14 -29.29
N GLU D 283 -0.97 -19.05 -28.57
CA GLU D 283 -0.37 -20.34 -28.26
C GLU D 283 -0.25 -21.20 -29.51
N SER D 284 -1.18 -21.04 -30.46
CA SER D 284 -1.09 -21.77 -31.71
C SER D 284 0.12 -21.29 -32.53
N ASN D 285 0.44 -20.00 -32.46
CA ASN D 285 1.59 -19.49 -33.20
C ASN D 285 2.89 -19.93 -32.56
N LEU D 286 2.93 -20.00 -31.22
CA LEU D 286 4.11 -20.55 -30.55
C LEU D 286 4.32 -22.03 -30.90
N ARG D 287 3.24 -22.81 -30.91
CA ARG D 287 3.34 -24.22 -31.26
C ARG D 287 3.77 -24.40 -32.71
N LYS D 288 3.26 -23.56 -33.62
CA LYS D 288 3.69 -23.63 -35.02
C LYS D 288 5.15 -23.25 -35.17
N ALA D 289 5.64 -22.32 -34.36
CA ALA D 289 7.05 -21.92 -34.42
C ALA D 289 7.97 -23.06 -34.01
N PHE D 290 7.70 -23.68 -32.86
CA PHE D 290 8.56 -24.76 -32.40
C PHE D 290 8.44 -26.01 -33.27
N GLU D 291 7.22 -26.34 -33.73
CA GLU D 291 7.05 -27.51 -34.58
C GLU D 291 7.65 -27.30 -35.96
N GLU D 292 7.64 -26.07 -36.48
CA GLU D 292 8.27 -25.82 -37.77
C GLU D 292 9.78 -25.81 -37.65
N ALA D 293 10.33 -25.35 -36.51
CA ALA D 293 11.76 -25.43 -36.35
C ALA D 293 12.25 -26.83 -35.97
N GLU D 294 11.34 -27.75 -35.62
CA GLU D 294 11.73 -29.15 -35.53
C GLU D 294 12.21 -29.70 -36.85
N LYS D 295 11.45 -29.47 -37.93
CA LYS D 295 11.65 -30.19 -39.18
C LYS D 295 12.88 -29.73 -39.95
N ASN D 296 13.46 -28.59 -39.59
CA ASN D 296 14.62 -28.05 -40.29
C ASN D 296 15.85 -28.04 -39.39
N ALA D 297 16.06 -29.12 -38.65
CA ALA D 297 17.21 -29.22 -37.77
C ALA D 297 18.49 -29.33 -38.58
N PRO D 298 19.54 -28.56 -38.27
CA PRO D 298 19.66 -27.60 -37.17
C PRO D 298 18.99 -26.24 -37.43
N ALA D 299 18.34 -25.69 -36.41
CA ALA D 299 17.60 -24.45 -36.52
C ALA D 299 17.96 -23.55 -35.36
N ILE D 300 17.59 -22.28 -35.48
CA ILE D 300 17.78 -21.28 -34.44
C ILE D 300 16.47 -20.52 -34.29
N ILE D 301 15.94 -20.49 -33.07
CA ILE D 301 14.74 -19.74 -32.76
C ILE D 301 15.15 -18.52 -31.95
N PHE D 302 14.86 -17.33 -32.47
CA PHE D 302 15.20 -16.10 -31.78
C PHE D 302 13.92 -15.43 -31.30
N ILE D 303 13.72 -15.41 -29.99
CA ILE D 303 12.57 -14.77 -29.37
C ILE D 303 12.97 -13.36 -28.98
N ASP D 304 12.47 -12.37 -29.71
CA ASP D 304 12.84 -10.99 -29.52
C ASP D 304 11.90 -10.35 -28.51
N GLU D 305 12.47 -9.55 -27.60
CA GLU D 305 11.75 -8.88 -26.52
C GLU D 305 11.00 -9.86 -25.63
N LEU D 306 11.77 -10.65 -24.88
CA LEU D 306 11.18 -11.63 -23.96
C LEU D 306 10.53 -10.97 -22.76
N ASP D 307 10.77 -9.68 -22.54
CA ASP D 307 10.08 -8.95 -21.48
C ASP D 307 8.60 -8.78 -21.77
N ALA D 308 8.24 -8.78 -23.05
CA ALA D 308 6.84 -8.61 -23.42
C ALA D 308 6.05 -9.88 -23.22
N ILE D 309 6.63 -11.03 -23.54
CA ILE D 309 5.89 -12.29 -23.47
C ILE D 309 5.76 -12.77 -22.03
N ALA D 310 6.87 -12.92 -21.34
CA ALA D 310 6.89 -13.51 -20.00
C ALA D 310 7.54 -12.58 -18.98
N PRO D 311 6.79 -11.60 -18.47
CA PRO D 311 7.32 -10.74 -17.42
C PRO D 311 7.25 -11.41 -16.05
N LYS D 312 7.52 -10.62 -15.02
CA LYS D 312 7.39 -11.08 -13.64
C LYS D 312 5.95 -11.50 -13.34
N ARG D 313 5.80 -12.38 -12.34
CA ARG D 313 4.48 -12.96 -12.07
C ARG D 313 3.54 -11.92 -11.44
N GLU D 314 4.08 -10.97 -10.69
CA GLU D 314 3.24 -9.95 -10.10
C GLU D 314 2.78 -8.93 -11.15
N LYS D 315 3.50 -8.84 -12.27
CA LYS D 315 3.11 -7.89 -13.30
C LYS D 315 2.15 -8.53 -14.30
N THR D 316 1.91 -9.82 -14.16
CA THR D 316 0.87 -10.47 -14.95
C THR D 316 -0.45 -10.45 -14.21
N HIS D 317 -1.41 -9.69 -14.73
CA HIS D 317 -2.77 -9.70 -14.25
C HIS D 317 -3.66 -10.29 -15.33
N GLY D 318 -4.34 -11.38 -15.00
CA GLY D 318 -5.11 -12.11 -15.98
C GLY D 318 -4.72 -13.57 -16.05
N GLU D 319 -5.37 -14.28 -16.98
CA GLU D 319 -5.12 -15.71 -17.10
C GLU D 319 -4.49 -16.05 -18.44
N VAL D 320 -4.70 -15.19 -19.46
CA VAL D 320 -4.16 -15.42 -20.78
C VAL D 320 -2.64 -15.29 -20.77
N GLU D 321 -2.14 -14.29 -20.03
CA GLU D 321 -0.70 -14.08 -19.93
C GLU D 321 -0.01 -15.22 -19.21
N ARG D 322 -0.66 -15.76 -18.17
CA ARG D 322 -0.07 -16.88 -17.45
C ARG D 322 -0.15 -18.16 -18.27
N ARG D 323 -1.17 -18.30 -19.12
CA ARG D 323 -1.20 -19.45 -20.02
C ARG D 323 -0.11 -19.37 -21.07
N ILE D 324 0.23 -18.16 -21.53
CA ILE D 324 1.32 -18.00 -22.50
C ILE D 324 2.66 -18.32 -21.85
N VAL D 325 2.86 -17.88 -20.61
CA VAL D 325 4.12 -18.19 -19.90
C VAL D 325 4.26 -19.68 -19.66
N SER D 326 3.17 -20.35 -19.24
CA SER D 326 3.24 -21.79 -18.99
C SER D 326 3.42 -22.58 -20.29
N GLN D 327 2.87 -22.07 -21.40
CA GLN D 327 3.07 -22.71 -22.69
C GLN D 327 4.53 -22.63 -23.13
N LEU D 328 5.17 -21.49 -22.90
CA LEU D 328 6.58 -21.35 -23.23
C LEU D 328 7.45 -22.25 -22.37
N LEU D 329 7.12 -22.37 -21.08
CA LEU D 329 7.86 -23.28 -20.19
C LEU D 329 7.73 -24.73 -20.65
N THR D 330 6.53 -25.13 -21.05
CA THR D 330 6.30 -26.50 -21.50
C THR D 330 7.09 -26.80 -22.78
N LEU D 331 7.13 -25.86 -23.71
CA LEU D 331 7.90 -26.09 -24.94
C LEU D 331 9.40 -26.11 -24.68
N MET D 332 9.89 -25.25 -23.79
CA MET D 332 11.32 -25.26 -23.47
C MET D 332 11.74 -26.53 -22.74
N ASP D 333 10.81 -27.15 -21.99
CA ASP D 333 11.08 -28.48 -21.46
C ASP D 333 10.99 -29.54 -22.55
N GLY D 334 10.12 -29.32 -23.53
CA GLY D 334 9.99 -30.29 -24.62
C GLY D 334 11.14 -30.27 -25.60
N LEU D 335 12.02 -29.27 -25.52
CA LEU D 335 13.23 -29.28 -26.36
C LEU D 335 14.18 -30.41 -26.01
N LYS D 336 14.14 -30.92 -24.77
CA LYS D 336 15.11 -31.91 -24.33
C LYS D 336 14.92 -33.24 -25.04
N GLN D 337 13.68 -33.55 -25.45
CA GLN D 337 13.42 -34.71 -26.27
C GLN D 337 13.67 -34.47 -27.75
N ARG D 338 14.01 -33.25 -28.14
CA ARG D 338 14.23 -32.90 -29.52
C ARG D 338 15.72 -32.96 -29.86
N ALA D 339 16.06 -32.58 -31.08
CA ALA D 339 17.43 -32.70 -31.56
C ALA D 339 17.79 -31.49 -32.41
N HIS D 340 18.90 -30.84 -32.04
CA HIS D 340 19.55 -29.77 -32.79
C HIS D 340 18.63 -28.57 -32.99
N VAL D 341 18.18 -28.00 -31.88
CA VAL D 341 17.43 -26.75 -31.86
C VAL D 341 18.02 -25.87 -30.77
N ILE D 342 18.47 -24.68 -31.15
CA ILE D 342 19.04 -23.72 -30.21
C ILE D 342 18.07 -22.55 -30.11
N VAL D 343 17.76 -22.14 -28.89
CA VAL D 343 16.82 -21.06 -28.64
C VAL D 343 17.59 -19.90 -28.03
N MET D 344 17.54 -18.75 -28.70
CA MET D 344 18.16 -17.52 -28.21
C MET D 344 17.06 -16.54 -27.83
N ALA D 345 17.37 -15.65 -26.90
CA ALA D 345 16.41 -14.64 -26.51
C ALA D 345 17.17 -13.38 -26.13
N ALA D 346 16.47 -12.25 -26.14
CA ALA D 346 17.11 -10.97 -25.93
C ALA D 346 16.24 -10.12 -25.03
N THR D 347 16.81 -9.63 -23.94
CA THR D 347 16.09 -8.78 -23.00
C THR D 347 16.79 -7.45 -22.90
N ASN D 348 16.34 -6.63 -21.95
CA ASN D 348 17.00 -5.36 -21.65
C ASN D 348 17.69 -5.36 -20.29
N ARG D 349 17.26 -6.23 -19.38
CA ARG D 349 17.94 -6.47 -18.11
C ARG D 349 17.47 -7.83 -17.61
N PRO D 350 18.27 -8.53 -16.80
CA PRO D 350 17.84 -9.86 -16.35
C PRO D 350 16.66 -9.84 -15.40
N ASN D 351 16.51 -8.79 -14.60
CA ASN D 351 15.59 -8.80 -13.47
C ASN D 351 14.14 -8.54 -13.85
N SER D 352 13.81 -8.54 -15.14
CA SER D 352 12.43 -8.37 -15.59
C SER D 352 11.84 -9.66 -16.14
N ILE D 353 12.52 -10.78 -15.95
CA ILE D 353 12.11 -12.08 -16.46
C ILE D 353 11.58 -12.91 -15.30
N ASP D 354 10.50 -13.64 -15.56
CA ASP D 354 10.02 -14.69 -14.67
C ASP D 354 11.16 -15.65 -14.33
N PRO D 355 11.51 -15.81 -13.04
CA PRO D 355 12.71 -16.58 -12.70
C PRO D 355 12.59 -18.08 -12.93
N ALA D 356 11.45 -18.59 -13.37
CA ALA D 356 11.37 -19.98 -13.76
C ALA D 356 12.00 -20.21 -15.14
N LEU D 357 12.23 -19.12 -15.89
CA LEU D 357 12.85 -19.24 -17.20
C LEU D 357 14.37 -19.20 -17.11
N ARG D 358 14.92 -19.30 -15.92
CA ARG D 358 16.37 -19.17 -15.79
C ARG D 358 16.99 -20.41 -15.18
N ARG D 359 16.19 -21.41 -14.83
CA ARG D 359 16.71 -22.61 -14.21
C ARG D 359 17.36 -23.50 -15.24
N PHE D 360 17.82 -24.66 -14.79
CA PHE D 360 18.61 -25.54 -15.63
C PHE D 360 17.72 -26.23 -16.66
N GLY D 361 18.13 -26.14 -17.92
CA GLY D 361 17.31 -26.62 -19.02
C GLY D 361 16.51 -25.53 -19.71
N ARG D 362 16.47 -24.33 -19.16
CA ARG D 362 15.74 -23.20 -19.75
C ARG D 362 16.62 -21.96 -19.57
N PHE D 363 17.34 -21.57 -20.62
CA PHE D 363 18.13 -20.33 -20.66
C PHE D 363 19.15 -20.26 -19.54
N ASP D 364 20.01 -21.28 -19.46
CA ASP D 364 20.98 -21.33 -18.37
C ASP D 364 22.21 -20.47 -18.66
N ARG D 365 22.47 -20.16 -19.92
CA ARG D 365 23.62 -19.35 -20.28
C ARG D 365 23.23 -17.92 -20.58
N GLU D 366 23.99 -16.97 -20.04
CA GLU D 366 23.70 -15.55 -20.16
C GLU D 366 24.90 -14.82 -20.71
N VAL D 367 24.67 -13.97 -21.70
CA VAL D 367 25.71 -13.16 -22.33
C VAL D 367 25.35 -11.70 -22.14
N ASP D 368 26.34 -10.90 -21.75
CA ASP D 368 26.16 -9.47 -21.48
C ASP D 368 26.80 -8.68 -22.60
N ILE D 369 26.00 -7.84 -23.25
CA ILE D 369 26.52 -6.98 -24.32
C ILE D 369 26.45 -5.54 -23.86
N GLY D 370 27.55 -5.02 -23.32
CA GLY D 370 27.55 -3.69 -22.74
C GLY D 370 27.74 -2.61 -23.77
N ILE D 371 27.85 -1.39 -23.28
CA ILE D 371 28.06 -0.22 -24.13
C ILE D 371 29.51 -0.23 -24.62
N PRO D 372 29.82 0.30 -25.80
CA PRO D 372 31.17 0.13 -26.34
C PRO D 372 32.16 1.08 -25.70
N ASP D 373 33.45 0.77 -25.88
CA ASP D 373 34.54 1.66 -25.52
C ASP D 373 35.01 2.44 -26.76
N ALA D 374 36.14 3.14 -26.61
CA ALA D 374 36.58 4.08 -27.63
C ALA D 374 37.06 3.37 -28.88
N THR D 375 37.77 2.24 -28.72
CA THR D 375 38.12 1.40 -29.85
C THR D 375 36.86 0.83 -30.50
N GLY D 376 35.89 0.44 -29.68
CA GLY D 376 34.62 -0.02 -30.20
C GLY D 376 33.87 1.05 -30.96
N ARG D 377 33.82 2.27 -30.42
CA ARG D 377 33.10 3.34 -31.09
C ARG D 377 33.79 3.75 -32.40
N LEU D 378 35.11 3.69 -32.44
CA LEU D 378 35.83 3.91 -33.69
C LEU D 378 35.50 2.83 -34.71
N GLU D 379 35.35 1.59 -34.26
CA GLU D 379 34.99 0.52 -35.18
C GLU D 379 33.55 0.68 -35.69
N ILE D 380 32.65 1.17 -34.85
CA ILE D 380 31.27 1.46 -35.29
C ILE D 380 31.26 2.55 -36.35
N LEU D 381 32.01 3.63 -36.10
CA LEU D 381 32.04 4.75 -37.04
C LEU D 381 32.71 4.36 -38.35
N GLN D 382 33.66 3.43 -38.31
CA GLN D 382 34.24 2.94 -39.55
C GLN D 382 33.27 2.04 -40.31
N ILE D 383 32.42 1.30 -39.59
CA ILE D 383 31.44 0.45 -40.27
C ILE D 383 30.36 1.28 -40.95
N HIS D 384 29.86 2.31 -40.27
CA HIS D 384 28.71 3.02 -40.83
C HIS D 384 29.12 4.02 -41.90
N THR D 385 30.42 4.33 -42.01
CA THR D 385 30.90 5.21 -43.06
C THR D 385 31.64 4.46 -44.16
N LYS D 386 31.21 3.25 -44.50
CA LYS D 386 31.81 2.55 -45.64
C LYS D 386 31.43 3.22 -46.95
N ASN D 387 30.13 3.42 -47.16
CA ASN D 387 29.67 3.89 -48.47
C ASN D 387 29.82 5.40 -48.60
N MET D 388 29.76 6.13 -47.48
CA MET D 388 29.88 7.58 -47.55
C MET D 388 31.31 7.98 -47.88
N LYS D 389 31.44 9.17 -48.46
CA LYS D 389 32.71 9.68 -48.97
C LYS D 389 33.12 10.89 -48.13
N LEU D 390 34.14 10.71 -47.30
CA LEU D 390 34.53 11.74 -46.37
C LEU D 390 35.52 12.70 -47.01
N ALA D 391 35.64 13.88 -46.43
CA ALA D 391 36.63 14.84 -46.87
C ALA D 391 37.98 14.55 -46.24
N ASP D 392 38.91 15.50 -46.39
CA ASP D 392 40.29 15.24 -46.02
C ASP D 392 40.55 15.52 -44.54
N ASP D 393 39.78 16.44 -43.96
CA ASP D 393 40.05 16.85 -42.58
C ASP D 393 39.32 15.96 -41.57
N VAL D 394 38.45 15.07 -42.05
CA VAL D 394 37.64 14.27 -41.14
C VAL D 394 38.48 13.20 -40.49
N ASP D 395 38.63 13.29 -39.18
CA ASP D 395 39.40 12.34 -38.39
C ASP D 395 38.43 11.62 -37.46
N LEU D 396 38.17 10.34 -37.75
CA LEU D 396 37.16 9.61 -37.00
C LEU D 396 37.64 9.26 -35.60
N GLU D 397 38.95 9.33 -35.35
CA GLU D 397 39.47 8.98 -34.03
C GLU D 397 39.10 10.04 -33.00
N GLN D 398 39.06 11.31 -33.40
CA GLN D 398 38.64 12.35 -32.46
C GLN D 398 37.15 12.30 -32.20
N VAL D 399 36.36 11.94 -33.22
CA VAL D 399 34.93 11.78 -33.04
C VAL D 399 34.64 10.61 -32.12
N ALA D 400 35.38 9.51 -32.27
CA ALA D 400 35.23 8.37 -31.38
C ALA D 400 35.70 8.69 -29.97
N ASN D 401 36.72 9.53 -29.81
CA ASN D 401 37.14 9.92 -28.48
C ASN D 401 36.17 10.89 -27.83
N GLU D 402 35.39 11.62 -28.62
CA GLU D 402 34.47 12.61 -28.06
C GLU D 402 33.16 12.02 -27.59
N THR D 403 32.59 11.10 -28.37
CA THR D 403 31.32 10.44 -28.06
C THR D 403 31.47 9.60 -26.81
N HIS D 404 30.78 9.98 -25.74
CA HIS D 404 30.78 9.23 -24.48
C HIS D 404 29.34 9.03 -24.04
N GLY D 405 28.95 7.78 -23.85
CA GLY D 405 27.59 7.44 -23.53
C GLY D 405 26.77 7.01 -24.73
N HIS D 406 27.38 6.94 -25.91
CA HIS D 406 26.65 6.58 -27.13
C HIS D 406 26.72 5.08 -27.37
N VAL D 407 25.55 4.45 -27.52
CA VAL D 407 25.43 3.09 -28.03
C VAL D 407 25.48 3.16 -29.55
N GLY D 408 25.53 1.99 -30.21
CA GLY D 408 25.77 1.95 -31.64
C GLY D 408 24.68 2.58 -32.48
N ALA D 409 23.43 2.55 -32.01
CA ALA D 409 22.34 3.18 -32.74
C ALA D 409 22.46 4.69 -32.71
N ASP D 410 22.99 5.25 -31.62
CA ASP D 410 23.28 6.67 -31.55
C ASP D 410 24.36 7.06 -32.55
N LEU D 411 25.34 6.19 -32.76
CA LEU D 411 26.42 6.51 -33.70
C LEU D 411 25.91 6.42 -35.13
N ALA D 412 25.02 5.48 -35.41
CA ALA D 412 24.41 5.41 -36.73
C ALA D 412 23.55 6.64 -37.01
N ALA D 413 22.81 7.11 -35.99
CA ALA D 413 22.00 8.32 -36.14
C ALA D 413 22.89 9.55 -36.30
N LEU D 414 24.05 9.57 -35.64
CA LEU D 414 24.98 10.68 -35.78
C LEU D 414 25.55 10.78 -37.19
N CYS D 415 25.96 9.63 -37.75
CA CYS D 415 26.47 9.61 -39.12
C CYS D 415 25.40 10.03 -40.12
N SER D 416 24.18 9.52 -39.97
CA SER D 416 23.11 9.89 -40.89
C SER D 416 22.72 11.36 -40.78
N GLU D 417 22.79 11.91 -39.57
CA GLU D 417 22.38 13.29 -39.36
C GLU D 417 23.43 14.26 -39.90
N ALA D 418 24.71 13.90 -39.78
CA ALA D 418 25.77 14.72 -40.36
C ALA D 418 25.72 14.66 -41.88
N ALA D 419 25.38 13.50 -42.44
CA ALA D 419 25.24 13.41 -43.90
C ALA D 419 24.05 14.23 -44.40
N LEU D 420 22.97 14.31 -43.61
CA LEU D 420 21.85 15.14 -44.01
C LEU D 420 22.18 16.62 -43.91
N GLN D 421 23.03 17.02 -42.95
CA GLN D 421 23.46 18.42 -42.93
C GLN D 421 24.34 18.74 -44.13
N ALA D 422 25.21 17.79 -44.52
CA ALA D 422 26.06 17.99 -45.68
C ALA D 422 25.24 18.09 -46.97
N ILE D 423 24.12 17.38 -47.03
CA ILE D 423 23.22 17.56 -48.17
C ILE D 423 22.50 18.91 -48.08
N ARG D 424 22.05 19.31 -46.90
CA ARG D 424 21.25 20.53 -46.79
C ARG D 424 22.11 21.78 -46.72
N LYS D 425 23.42 21.66 -46.86
CA LYS D 425 24.23 22.86 -47.08
C LYS D 425 24.14 23.33 -48.52
N LYS D 426 24.13 22.39 -49.47
CA LYS D 426 24.00 22.72 -50.89
C LYS D 426 22.75 22.06 -51.48
N MET D 427 21.69 22.85 -51.65
CA MET D 427 20.47 22.40 -52.33
C MET D 427 20.33 23.31 -53.56
N ASP D 428 21.45 23.52 -54.25
CA ASP D 428 21.51 24.38 -55.41
C ASP D 428 21.76 23.59 -56.68
N LEU D 429 22.82 22.78 -56.71
CA LEU D 429 23.09 21.95 -57.87
C LEU D 429 22.38 20.61 -57.78
N ILE D 430 21.91 20.27 -56.57
CA ILE D 430 21.21 19.00 -56.38
C ILE D 430 19.83 19.05 -57.01
N ASP D 431 19.12 20.17 -56.81
CA ASP D 431 17.70 20.22 -57.11
C ASP D 431 17.45 20.33 -58.62
N LEU D 432 18.39 20.93 -59.35
CA LEU D 432 18.15 21.20 -60.77
C LEU D 432 18.20 19.92 -61.60
N GLU D 433 18.88 18.89 -61.11
CA GLU D 433 18.81 17.57 -61.74
C GLU D 433 17.84 16.68 -60.94
N ASP D 434 16.57 16.76 -61.35
CA ASP D 434 15.49 16.26 -60.50
C ASP D 434 15.09 14.84 -60.89
N GLU D 435 15.10 14.53 -62.20
CA GLU D 435 14.52 13.28 -62.65
C GLU D 435 15.46 12.11 -62.40
N THR D 436 16.72 12.23 -62.81
CA THR D 436 17.72 11.19 -62.64
C THR D 436 18.76 11.67 -61.65
N ILE D 437 19.48 10.73 -61.04
CA ILE D 437 20.62 11.07 -60.19
C ILE D 437 21.88 10.46 -60.78
N ASP D 438 22.87 11.31 -61.07
CA ASP D 438 24.17 10.87 -61.54
C ASP D 438 25.10 10.74 -60.34
N ALA D 439 26.07 9.84 -60.44
CA ALA D 439 26.91 9.54 -59.28
C ALA D 439 27.96 10.62 -59.04
N GLU D 440 28.30 11.39 -60.09
CA GLU D 440 29.28 12.47 -59.94
C GLU D 440 28.72 13.60 -59.10
N VAL D 441 27.41 13.82 -59.16
CA VAL D 441 26.77 14.87 -58.38
C VAL D 441 26.84 14.53 -56.89
N MET D 442 26.74 13.24 -56.56
CA MET D 442 26.92 12.83 -55.16
C MET D 442 28.40 12.64 -54.83
N ASN D 443 29.26 12.62 -55.85
CA ASN D 443 30.70 12.67 -55.58
C ASN D 443 31.14 14.08 -55.24
N SER D 444 30.38 15.08 -55.71
CA SER D 444 30.60 16.45 -55.27
C SER D 444 30.22 16.60 -53.79
N LEU D 445 29.28 15.79 -53.33
CA LEU D 445 28.93 15.74 -51.92
C LEU D 445 30.06 15.10 -51.12
N ALA D 446 30.65 15.87 -50.22
CA ALA D 446 31.69 15.39 -49.32
C ALA D 446 31.43 15.94 -47.93
N VAL D 447 31.49 15.06 -46.93
CA VAL D 447 31.14 15.45 -45.57
C VAL D 447 32.37 16.00 -44.87
N THR D 448 32.23 17.15 -44.22
CA THR D 448 33.34 17.83 -43.58
C THR D 448 33.30 17.59 -42.07
N MET D 449 34.29 18.14 -41.39
CA MET D 449 34.40 17.96 -39.94
C MET D 449 33.40 18.85 -39.19
N ASP D 450 32.95 19.93 -39.84
CA ASP D 450 31.97 20.80 -39.20
C ASP D 450 30.61 20.13 -39.12
N ASP D 451 30.32 19.23 -40.08
CA ASP D 451 29.10 18.43 -40.03
C ASP D 451 29.09 17.53 -38.80
N PHE D 452 30.19 16.82 -38.54
CA PHE D 452 30.26 15.98 -37.36
C PHE D 452 30.31 16.81 -36.09
N ARG D 453 30.85 18.03 -36.17
CA ARG D 453 30.85 18.91 -35.01
C ARG D 453 29.45 19.35 -34.62
N TRP D 454 28.63 19.72 -35.63
CA TRP D 454 27.25 20.08 -35.34
C TRP D 454 26.45 18.87 -34.90
N ALA D 455 26.73 17.70 -35.48
CA ALA D 455 26.01 16.48 -35.08
C ALA D 455 26.37 16.07 -33.66
N LEU D 456 27.60 16.33 -33.23
CA LEU D 456 27.95 16.14 -31.83
C LEU D 456 27.26 17.16 -30.94
N SER D 457 27.09 18.38 -31.44
CA SER D 457 26.51 19.42 -30.60
C SER D 457 25.00 19.25 -30.46
N GLN D 458 24.37 18.54 -31.39
CA GLN D 458 22.92 18.39 -31.33
C GLN D 458 22.48 17.12 -30.64
N SER D 459 23.27 16.05 -30.77
CA SER D 459 22.80 14.74 -30.33
C SER D 459 22.86 14.61 -28.81
N ASN D 460 21.95 13.80 -28.27
CA ASN D 460 21.91 13.48 -26.86
C ASN D 460 21.97 11.97 -26.65
N PRO D 461 23.00 11.44 -26.02
CA PRO D 461 23.12 9.98 -25.87
C PRO D 461 22.12 9.46 -24.85
N SER D 462 21.99 8.13 -24.81
CA SER D 462 20.99 7.47 -24.00
C SER D 462 21.56 6.65 -22.85
N ALA D 463 22.86 6.38 -22.86
CA ALA D 463 23.49 5.55 -21.84
C ALA D 463 24.38 6.34 -20.91
N LEU D 464 23.98 7.55 -20.52
CA LEU D 464 24.80 8.34 -19.60
C LEU D 464 24.63 7.87 -18.17
N ARG D 465 23.47 7.29 -17.84
CA ARG D 465 23.21 6.90 -16.46
C ARG D 465 23.81 5.53 -16.16
N GLU D 466 24.24 4.80 -17.19
CA GLU D 466 24.78 3.47 -16.98
C GLU D 466 26.20 3.52 -16.44
N THR D 467 26.60 2.47 -15.75
CA THR D 467 27.95 2.38 -15.23
C THR D 467 28.92 1.95 -16.32
N VAL D 468 30.15 2.43 -16.23
CA VAL D 468 31.17 2.24 -17.26
C VAL D 468 32.15 1.18 -16.79
N VAL D 469 32.23 0.09 -17.54
CA VAL D 469 33.16 -0.99 -17.26
C VAL D 469 34.13 -1.08 -18.43
N GLU D 470 35.36 -0.63 -18.22
CA GLU D 470 36.33 -0.58 -19.30
C GLU D 470 37.73 -0.56 -18.72
N VAL D 471 38.71 -0.84 -19.58
CA VAL D 471 40.12 -0.78 -19.18
C VAL D 471 40.56 0.67 -19.15
N PRO D 472 41.25 1.13 -18.10
CA PRO D 472 41.69 2.52 -18.06
C PRO D 472 42.83 2.77 -19.04
N GLN D 473 43.12 4.05 -19.26
CA GLN D 473 44.20 4.45 -20.15
C GLN D 473 45.35 5.12 -19.43
N VAL D 474 45.26 5.28 -18.11
CA VAL D 474 46.34 5.89 -17.35
C VAL D 474 47.46 4.86 -17.15
N THR D 475 48.69 5.26 -17.45
CA THR D 475 49.84 4.40 -17.27
C THR D 475 50.60 4.84 -16.03
N TRP D 476 51.75 4.20 -15.79
CA TRP D 476 52.54 4.54 -14.61
C TRP D 476 53.25 5.88 -14.77
N GLU D 477 53.39 6.36 -16.00
CA GLU D 477 54.20 7.55 -16.23
C GLU D 477 53.40 8.83 -16.00
N ASP D 478 52.10 8.70 -15.75
CA ASP D 478 51.33 9.87 -15.33
C ASP D 478 51.48 10.13 -13.84
N ILE D 479 52.09 9.20 -13.12
CA ILE D 479 52.22 9.31 -11.68
C ILE D 479 53.68 9.53 -11.31
N GLY D 480 53.92 10.52 -10.46
CA GLY D 480 55.27 10.92 -10.08
C GLY D 480 55.72 10.20 -8.81
N GLY D 481 56.73 9.35 -8.97
CA GLY D 481 57.35 8.73 -7.81
C GLY D 481 56.50 7.60 -7.28
N LEU D 482 56.50 7.48 -5.95
CA LEU D 482 55.78 6.43 -5.21
C LEU D 482 56.20 5.04 -5.69
N GLU D 483 57.48 4.71 -5.53
CA GLU D 483 58.01 3.51 -6.19
C GLU D 483 57.72 2.25 -5.37
N ASP D 484 57.90 2.32 -4.06
CA ASP D 484 57.61 1.15 -3.22
C ASP D 484 56.11 0.84 -3.18
N VAL D 485 55.27 1.87 -3.38
CA VAL D 485 53.84 1.64 -3.50
C VAL D 485 53.52 0.88 -4.79
N LYS D 486 54.22 1.22 -5.87
CA LYS D 486 54.07 0.48 -7.13
C LYS D 486 54.53 -0.96 -6.97
N ARG D 487 55.62 -1.16 -6.23
CA ARG D 487 56.13 -2.51 -6.01
C ARG D 487 55.16 -3.34 -5.17
N GLU D 488 54.58 -2.72 -4.14
CA GLU D 488 53.64 -3.44 -3.28
C GLU D 488 52.33 -3.74 -4.00
N LEU D 489 51.87 -2.83 -4.85
CA LEU D 489 50.66 -3.12 -5.62
C LEU D 489 50.90 -4.18 -6.69
N GLN D 490 52.09 -4.23 -7.27
CA GLN D 490 52.39 -5.33 -8.19
C GLN D 490 52.51 -6.65 -7.45
N GLU D 491 52.98 -6.64 -6.19
CA GLU D 491 52.98 -7.88 -5.41
C GLU D 491 51.58 -8.35 -5.09
N LEU D 492 50.67 -7.41 -4.77
CA LEU D 492 49.35 -7.82 -4.31
C LEU D 492 48.41 -8.18 -5.46
N VAL D 493 48.40 -7.39 -6.53
CA VAL D 493 47.42 -7.59 -7.60
C VAL D 493 47.91 -8.62 -8.61
N GLN D 494 49.16 -8.52 -9.03
CA GLN D 494 49.59 -9.17 -10.27
C GLN D 494 50.13 -10.58 -10.06
N TYR D 495 50.81 -10.85 -8.96
CA TYR D 495 51.38 -12.17 -8.71
C TYR D 495 50.37 -13.32 -8.57
N PRO D 496 49.18 -13.17 -7.95
CA PRO D 496 48.23 -14.28 -8.00
C PRO D 496 47.61 -14.53 -9.37
N VAL D 497 47.78 -13.62 -10.33
CA VAL D 497 47.25 -13.87 -11.67
C VAL D 497 48.29 -14.52 -12.57
N GLU D 498 49.51 -13.99 -12.59
CA GLU D 498 50.55 -14.53 -13.46
C GLU D 498 51.14 -15.83 -12.95
N HIS D 499 51.27 -16.01 -11.64
CA HIS D 499 51.92 -17.20 -11.09
C HIS D 499 51.03 -17.82 -10.00
N PRO D 500 49.97 -18.53 -10.39
CA PRO D 500 49.14 -19.22 -9.38
C PRO D 500 49.84 -20.43 -8.78
N ASP D 501 50.82 -21.00 -9.50
CA ASP D 501 51.44 -22.23 -9.07
C ASP D 501 52.30 -22.03 -7.84
N LYS D 502 52.87 -20.83 -7.69
CA LYS D 502 53.70 -20.56 -6.52
C LYS D 502 52.84 -20.48 -5.26
N PHE D 503 51.66 -19.87 -5.37
CA PHE D 503 50.73 -19.84 -4.25
C PHE D 503 50.14 -21.22 -3.98
N LEU D 504 50.02 -22.07 -5.01
CA LEU D 504 49.60 -23.45 -4.78
C LEU D 504 50.68 -24.24 -4.04
N LYS D 505 51.94 -24.10 -4.45
CA LYS D 505 53.01 -24.92 -3.87
C LYS D 505 53.34 -24.48 -2.45
N PHE D 506 53.54 -23.18 -2.23
CA PHE D 506 53.87 -22.73 -0.89
C PHE D 506 52.68 -22.74 0.06
N GLY D 507 51.47 -22.83 -0.47
CA GLY D 507 50.29 -22.97 0.37
C GLY D 507 49.91 -21.69 1.09
N MET D 508 49.57 -20.66 0.33
CA MET D 508 49.16 -19.38 0.88
C MET D 508 47.84 -18.96 0.26
N THR D 509 46.91 -18.49 1.09
CA THR D 509 45.71 -17.83 0.61
C THR D 509 46.05 -16.40 0.23
N PRO D 510 45.75 -15.95 -0.99
CA PRO D 510 46.10 -14.58 -1.37
C PRO D 510 45.18 -13.57 -0.70
N SER D 511 45.72 -12.40 -0.41
CA SER D 511 44.91 -11.34 0.17
C SER D 511 43.99 -10.74 -0.88
N LYS D 512 42.98 -10.02 -0.41
CA LYS D 512 41.83 -9.69 -1.25
C LYS D 512 41.56 -8.20 -1.31
N GLY D 513 42.03 -7.42 -0.34
CA GLY D 513 41.72 -6.01 -0.33
C GLY D 513 42.88 -5.15 0.13
N VAL D 514 42.79 -3.86 -0.23
CA VAL D 514 43.79 -2.84 0.12
C VAL D 514 43.01 -1.59 0.50
N LEU D 515 43.47 -0.91 1.56
CA LEU D 515 42.94 0.42 1.88
C LEU D 515 44.05 1.44 1.74
N PHE D 516 43.89 2.39 0.82
CA PHE D 516 44.78 3.54 0.72
C PHE D 516 44.25 4.59 1.69
N TYR D 517 45.15 5.39 2.26
CA TYR D 517 44.74 6.57 2.99
C TYR D 517 45.80 7.64 2.85
N GLY D 518 45.44 8.88 3.16
CA GLY D 518 46.35 9.99 3.02
C GLY D 518 45.63 11.30 2.83
N PRO D 519 46.39 12.34 2.50
CA PRO D 519 45.78 13.66 2.30
C PRO D 519 45.00 13.69 0.99
N PRO D 520 44.11 14.66 0.82
CA PRO D 520 43.36 14.75 -0.44
C PRO D 520 44.22 15.29 -1.57
N GLY D 521 43.93 14.79 -2.78
CA GLY D 521 44.63 15.26 -3.96
C GLY D 521 45.97 14.60 -4.22
N CYS D 522 46.30 13.54 -3.50
CA CYS D 522 47.63 12.94 -3.61
C CYS D 522 47.67 11.73 -4.54
N GLY D 523 46.67 11.55 -5.39
CA GLY D 523 46.78 10.55 -6.43
C GLY D 523 46.42 9.13 -6.04
N LYS D 524 45.24 8.91 -5.47
CA LYS D 524 44.83 7.54 -5.16
C LYS D 524 44.05 6.92 -6.30
N THR D 525 43.19 7.72 -6.96
CA THR D 525 42.43 7.25 -8.10
C THR D 525 43.36 6.93 -9.28
N LEU D 526 44.45 7.70 -9.41
CA LEU D 526 45.40 7.44 -10.47
C LEU D 526 46.16 6.15 -10.24
N LEU D 527 46.49 5.83 -8.98
CA LEU D 527 47.15 4.56 -8.70
C LEU D 527 46.22 3.39 -8.93
N ALA D 528 44.93 3.56 -8.60
CA ALA D 528 43.97 2.49 -8.87
C ALA D 528 43.80 2.24 -10.36
N LYS D 529 43.71 3.30 -11.16
CA LYS D 529 43.59 3.13 -12.60
C LYS D 529 44.87 2.59 -13.22
N ALA D 530 46.03 2.96 -12.66
CA ALA D 530 47.29 2.48 -13.20
C ALA D 530 47.49 1.01 -12.93
N ILE D 531 47.14 0.53 -11.73
CA ILE D 531 47.26 -0.89 -11.47
C ILE D 531 46.16 -1.69 -12.17
N ALA D 532 45.03 -1.07 -12.50
CA ALA D 532 44.10 -1.74 -13.38
C ALA D 532 44.59 -1.78 -14.83
N ASN D 533 45.46 -0.86 -15.22
CA ASN D 533 46.01 -0.85 -16.56
C ASN D 533 47.18 -1.81 -16.72
N GLU D 534 47.99 -1.97 -15.66
CA GLU D 534 49.17 -2.83 -15.75
C GLU D 534 48.79 -4.29 -15.91
N CYS D 535 47.72 -4.74 -15.26
CA CYS D 535 47.27 -6.12 -15.35
C CYS D 535 46.27 -6.35 -16.46
N GLN D 536 45.90 -5.29 -17.20
CA GLN D 536 44.89 -5.32 -18.27
C GLN D 536 43.56 -5.89 -17.78
N ALA D 537 43.07 -5.33 -16.68
CA ALA D 537 41.81 -5.74 -16.08
C ALA D 537 40.79 -4.62 -16.26
N ASN D 538 39.53 -4.94 -16.01
CA ASN D 538 38.50 -3.92 -16.04
C ASN D 538 38.56 -3.06 -14.79
N PHE D 539 37.74 -2.02 -14.76
CA PHE D 539 37.76 -1.06 -13.67
C PHE D 539 36.35 -0.51 -13.44
N ILE D 540 35.83 -0.71 -12.24
CA ILE D 540 34.53 -0.20 -11.85
C ILE D 540 34.75 0.77 -10.71
N SER D 541 34.27 2.01 -10.88
CA SER D 541 34.50 3.06 -9.91
C SER D 541 33.18 3.49 -9.29
N ILE D 542 33.17 3.64 -7.97
CA ILE D 542 31.96 3.96 -7.21
C ILE D 542 32.27 5.16 -6.32
N LYS D 543 31.59 6.26 -6.56
CA LYS D 543 31.91 7.49 -5.86
C LYS D 543 31.22 7.53 -4.50
N GLY D 544 31.49 8.62 -3.76
CA GLY D 544 30.83 8.91 -2.52
C GLY D 544 29.35 9.24 -2.58
N PRO D 545 28.91 10.10 -3.51
CA PRO D 545 27.47 10.30 -3.69
C PRO D 545 26.67 9.06 -4.08
N GLU D 546 27.28 8.05 -4.72
CA GLU D 546 26.52 6.84 -4.99
C GLU D 546 26.33 6.01 -3.72
N LEU D 547 27.15 6.24 -2.70
CA LEU D 547 26.92 5.59 -1.41
C LEU D 547 25.93 6.38 -0.58
N LEU D 548 26.00 7.71 -0.64
CA LEU D 548 25.05 8.51 0.13
C LEU D 548 23.64 8.44 -0.46
N THR D 549 23.52 8.16 -1.76
CA THR D 549 22.20 7.93 -2.33
C THR D 549 21.58 6.65 -1.77
N MET D 550 22.40 5.63 -1.55
CA MET D 550 21.90 4.41 -0.91
C MET D 550 21.63 4.65 0.57
N TRP D 551 22.32 5.62 1.17
CA TRP D 551 22.11 5.91 2.58
C TRP D 551 20.79 6.64 2.82
N PHE D 552 20.52 7.69 2.05
CA PHE D 552 19.31 8.47 2.30
C PHE D 552 18.07 7.75 1.79
N GLY D 553 18.07 7.36 0.53
CA GLY D 553 16.98 6.53 0.04
C GLY D 553 17.31 5.08 0.25
N GLU D 554 16.73 4.50 1.28
CA GLU D 554 17.21 3.25 1.86
C GLU D 554 17.02 2.09 0.90
N SER D 555 18.10 1.69 0.25
CA SER D 555 18.07 0.69 -0.81
C SER D 555 19.38 -0.08 -0.81
N GLU D 556 19.31 -1.41 -0.74
CA GLU D 556 20.52 -2.19 -0.47
C GLU D 556 20.69 -3.33 -1.47
N ALA D 557 19.73 -3.50 -2.38
CA ALA D 557 19.92 -4.49 -3.44
C ALA D 557 20.93 -4.01 -4.46
N ASN D 558 21.18 -2.70 -4.50
CA ASN D 558 22.10 -2.14 -5.46
C ASN D 558 23.54 -2.53 -5.14
N VAL D 559 23.84 -2.80 -3.86
CA VAL D 559 25.16 -3.27 -3.49
C VAL D 559 25.39 -4.69 -4.01
N ARG D 560 24.34 -5.51 -4.00
CA ARG D 560 24.45 -6.84 -4.57
C ARG D 560 24.58 -6.78 -6.09
N GLU D 561 23.90 -5.84 -6.73
CA GLU D 561 24.02 -5.70 -8.17
C GLU D 561 25.40 -5.22 -8.59
N ILE D 562 26.05 -4.41 -7.75
CA ILE D 562 27.43 -3.98 -7.99
C ILE D 562 28.39 -5.17 -8.01
N PHE D 563 28.30 -6.05 -7.02
CA PHE D 563 29.20 -7.20 -6.99
C PHE D 563 28.84 -8.22 -8.07
N ASP D 564 27.59 -8.23 -8.53
CA ASP D 564 27.27 -9.05 -9.70
C ASP D 564 27.93 -8.51 -10.96
N LYS D 565 27.90 -7.19 -11.17
CA LYS D 565 28.63 -6.59 -12.29
C LYS D 565 30.12 -6.84 -12.19
N ALA D 566 30.66 -6.86 -10.96
CA ALA D 566 32.08 -7.12 -10.78
C ALA D 566 32.45 -8.57 -11.04
N ARG D 567 31.56 -9.52 -10.77
CA ARG D 567 31.86 -10.91 -11.04
C ARG D 567 31.65 -11.30 -12.50
N GLN D 568 30.71 -10.67 -13.20
CA GLN D 568 30.52 -11.02 -14.60
C GLN D 568 31.63 -10.51 -15.51
N ALA D 569 32.47 -9.60 -15.04
CA ALA D 569 33.53 -9.02 -15.84
C ALA D 569 34.90 -9.25 -15.22
N ALA D 570 35.10 -10.39 -14.59
CA ALA D 570 36.36 -10.69 -13.94
C ALA D 570 37.41 -11.05 -15.00
N PRO D 571 38.70 -10.71 -14.77
CA PRO D 571 39.34 -10.02 -13.64
C PRO D 571 39.11 -8.52 -13.64
N CYS D 572 38.86 -7.95 -12.46
CA CYS D 572 38.60 -6.52 -12.36
C CYS D 572 39.06 -5.97 -11.03
N VAL D 573 39.21 -4.66 -11.02
CA VAL D 573 39.52 -3.89 -9.82
C VAL D 573 38.30 -3.06 -9.48
N LEU D 574 37.77 -3.23 -8.28
CA LEU D 574 36.57 -2.54 -7.83
C LEU D 574 36.98 -1.50 -6.81
N PHE D 575 36.75 -0.23 -7.13
CA PHE D 575 37.30 0.89 -6.38
C PHE D 575 36.20 1.65 -5.67
N PHE D 576 36.22 1.63 -4.34
CA PHE D 576 35.32 2.38 -3.50
C PHE D 576 35.99 3.65 -3.03
N ASP D 577 35.66 4.75 -3.68
CA ASP D 577 36.17 6.06 -3.30
C ASP D 577 35.34 6.59 -2.15
N GLU D 578 36.03 7.20 -1.16
CA GLU D 578 35.42 7.86 -0.01
C GLU D 578 34.53 6.92 0.81
N LEU D 579 35.17 5.94 1.46
CA LEU D 579 34.41 5.08 2.38
C LEU D 579 33.98 5.82 3.63
N ASP D 580 34.63 6.95 3.95
CA ASP D 580 34.28 7.68 5.16
C ASP D 580 33.13 8.66 4.96
N SER D 581 32.44 8.61 3.82
CA SER D 581 31.45 9.64 3.51
C SER D 581 30.20 9.51 4.36
N ILE D 582 29.73 8.28 4.60
CA ILE D 582 28.53 8.11 5.42
C ILE D 582 28.84 8.36 6.88
N ALA D 583 30.03 7.96 7.33
CA ALA D 583 30.41 8.19 8.72
C ALA D 583 30.76 9.64 8.97
N LYS D 584 31.01 10.40 7.91
CA LYS D 584 31.17 11.84 8.06
C LYS D 584 29.83 12.55 7.98
N ALA D 585 28.90 12.04 7.17
CA ALA D 585 27.60 12.67 7.02
C ALA D 585 26.72 12.43 8.23
N ARG D 586 26.97 11.34 8.95
CA ARG D 586 26.12 11.02 10.10
C ARG D 586 26.55 11.82 11.32
N GLY D 587 27.82 12.18 11.39
CA GLY D 587 28.32 12.97 12.49
C GLY D 587 29.81 13.17 12.34
N GLY D 588 30.39 13.90 13.29
CA GLY D 588 31.83 14.05 13.32
C GLY D 588 32.48 12.86 14.00
N ASN D 589 33.34 13.15 14.97
CA ASN D 589 33.92 12.13 15.86
C ASN D 589 32.76 11.52 16.65
N ILE D 590 31.80 12.29 17.13
CA ILE D 590 30.60 11.75 17.77
C ILE D 590 29.46 11.82 16.78
N GLY D 591 28.88 10.68 16.43
CA GLY D 591 27.79 10.67 15.48
C GLY D 591 26.46 11.02 16.14
N ASP D 592 25.39 10.42 15.62
CA ASP D 592 24.09 10.48 16.28
C ASP D 592 24.24 9.70 17.58
N GLY D 593 24.57 8.41 17.52
CA GLY D 593 24.94 7.66 18.70
C GLY D 593 25.70 6.41 18.35
N GLY D 594 26.86 6.18 18.97
CA GLY D 594 27.61 4.96 18.78
C GLY D 594 28.12 4.69 17.39
N GLY D 595 29.11 5.45 16.94
CA GLY D 595 29.55 5.40 15.55
C GLY D 595 30.22 4.12 15.09
N ALA D 596 29.47 3.02 15.18
CA ALA D 596 29.82 1.73 14.66
C ALA D 596 29.26 1.61 13.25
N ALA D 597 29.02 0.37 12.83
CA ALA D 597 28.57 0.07 11.48
C ALA D 597 27.24 0.73 11.13
N ASP D 598 27.17 1.21 9.89
CA ASP D 598 25.96 1.70 9.27
C ASP D 598 25.35 0.66 8.35
N ARG D 599 24.41 1.11 7.52
CA ARG D 599 23.59 0.18 6.75
C ARG D 599 24.30 -0.32 5.50
N VAL D 600 25.14 0.50 4.89
CA VAL D 600 25.64 0.20 3.55
C VAL D 600 26.97 -0.52 3.60
N ILE D 601 27.82 -0.15 4.55
CA ILE D 601 29.10 -0.85 4.73
C ILE D 601 28.84 -2.25 5.27
N ASN D 602 27.69 -2.45 5.91
CA ASN D 602 27.26 -3.79 6.33
C ASN D 602 27.03 -4.71 5.13
N GLN D 603 26.35 -4.21 4.10
CA GLN D 603 26.12 -5.02 2.91
C GLN D 603 27.41 -5.23 2.14
N ILE D 604 28.32 -4.25 2.19
CA ILE D 604 29.65 -4.44 1.59
C ILE D 604 30.41 -5.55 2.30
N LEU D 605 30.28 -5.64 3.63
CA LEU D 605 30.95 -6.70 4.37
C LEU D 605 30.37 -8.07 4.07
N THR D 606 29.04 -8.18 3.96
CA THR D 606 28.45 -9.48 3.63
C THR D 606 28.82 -9.92 2.23
N GLU D 607 28.90 -8.99 1.28
CA GLU D 607 29.27 -9.38 -0.07
C GLU D 607 30.75 -9.69 -0.19
N MET D 608 31.60 -9.07 0.64
CA MET D 608 33.00 -9.46 0.66
C MET D 608 33.18 -10.84 1.26
N ASP D 609 32.38 -11.17 2.28
CA ASP D 609 32.51 -12.50 2.87
C ASP D 609 31.94 -13.57 1.94
N GLY D 610 30.99 -13.21 1.10
CA GLY D 610 30.49 -14.16 0.12
C GLY D 610 31.25 -14.22 -1.18
N MET D 611 32.54 -13.89 -1.19
CA MET D 611 33.28 -13.76 -2.43
C MET D 611 34.10 -15.02 -2.70
N SER D 612 33.98 -15.54 -3.93
CA SER D 612 34.72 -16.72 -4.34
C SER D 612 36.18 -16.36 -4.57
N THR D 613 37.07 -17.31 -4.29
CA THR D 613 38.50 -17.02 -4.39
C THR D 613 39.03 -17.22 -5.80
N LYS D 614 38.31 -17.96 -6.64
CA LYS D 614 38.81 -18.27 -7.97
C LYS D 614 38.59 -17.13 -8.96
N LYS D 615 37.74 -16.17 -8.65
CA LYS D 615 37.31 -15.22 -9.67
C LYS D 615 38.34 -14.13 -9.95
N ASN D 616 39.22 -13.86 -8.99
CA ASN D 616 40.21 -12.77 -9.03
C ASN D 616 39.54 -11.41 -9.26
N VAL D 617 38.70 -11.03 -8.31
CA VAL D 617 38.15 -9.69 -8.20
C VAL D 617 38.85 -9.00 -7.04
N PHE D 618 39.48 -7.87 -7.32
CA PHE D 618 40.33 -7.22 -6.34
C PHE D 618 39.71 -5.91 -5.91
N ILE D 619 39.56 -5.72 -4.60
CA ILE D 619 38.78 -4.61 -4.05
C ILE D 619 39.73 -3.61 -3.41
N ILE D 620 39.59 -2.34 -3.79
CA ILE D 620 40.38 -1.25 -3.23
C ILE D 620 39.42 -0.23 -2.64
N GLY D 621 39.70 0.24 -1.43
CA GLY D 621 38.95 1.36 -0.88
C GLY D 621 39.85 2.56 -0.73
N ALA D 622 39.30 3.75 -0.51
CA ALA D 622 40.12 4.93 -0.31
C ALA D 622 39.44 5.88 0.67
N THR D 623 40.21 6.42 1.61
CA THR D 623 39.70 7.34 2.61
C THR D 623 40.62 8.54 2.75
N ASN D 624 40.13 9.56 3.45
CA ASN D 624 40.94 10.66 3.92
C ASN D 624 40.96 10.74 5.44
N ARG D 625 39.99 10.11 6.09
CA ARG D 625 39.81 10.16 7.54
C ARG D 625 39.88 8.74 8.06
N PRO D 626 41.09 8.22 8.32
CA PRO D 626 41.22 6.80 8.67
C PRO D 626 40.71 6.44 10.05
N ASP D 627 40.40 7.41 10.90
CA ASP D 627 40.07 7.15 12.28
C ASP D 627 38.57 6.99 12.55
N ILE D 628 37.71 7.42 11.63
CA ILE D 628 36.27 7.28 11.79
C ILE D 628 35.72 6.13 10.97
N ILE D 629 36.58 5.30 10.41
CA ILE D 629 36.11 4.18 9.60
C ILE D 629 35.70 3.02 10.51
N ASP D 630 34.80 2.18 10.00
CA ASP D 630 34.33 1.01 10.73
C ASP D 630 35.49 0.03 10.94
N PRO D 631 35.79 -0.33 12.19
CA PRO D 631 36.94 -1.23 12.42
C PRO D 631 36.69 -2.67 12.01
N ALA D 632 35.45 -3.02 11.65
CA ALA D 632 35.17 -4.39 11.24
C ALA D 632 35.61 -4.65 9.80
N ILE D 633 36.08 -3.61 9.11
CA ILE D 633 36.55 -3.79 7.74
C ILE D 633 38.00 -4.28 7.75
N LEU D 634 38.76 -3.87 8.76
CA LEU D 634 40.20 -4.09 8.75
C LEU D 634 40.58 -5.44 9.35
N ARG D 635 39.55 -6.26 9.64
CA ARG D 635 39.74 -7.64 10.17
C ARG D 635 40.30 -8.52 9.04
N PRO D 636 41.20 -9.50 9.31
CA PRO D 636 41.80 -10.30 8.25
C PRO D 636 40.78 -11.06 7.41
N GLY D 637 40.90 -10.93 6.11
CA GLY D 637 39.95 -11.48 5.18
C GLY D 637 39.11 -10.46 4.44
N ARG D 638 39.10 -9.20 4.87
CA ARG D 638 38.27 -8.22 4.18
C ARG D 638 39.09 -7.12 3.51
N LEU D 639 39.79 -6.31 4.30
CA LEU D 639 40.74 -5.33 3.77
C LEU D 639 41.88 -5.22 4.79
N ASP D 640 42.91 -6.04 4.63
CA ASP D 640 43.89 -6.14 5.70
C ASP D 640 45.13 -5.29 5.44
N GLN D 641 45.45 -5.04 4.18
CA GLN D 641 46.60 -4.21 3.87
C GLN D 641 46.24 -2.73 3.99
N LEU D 642 47.10 -1.96 4.64
CA LEU D 642 46.96 -0.51 4.73
C LEU D 642 48.15 0.14 4.05
N ILE D 643 47.90 1.14 3.21
CA ILE D 643 48.95 1.85 2.51
C ILE D 643 48.75 3.35 2.72
N TYR D 644 49.80 4.04 3.14
CA TYR D 644 49.79 5.49 3.33
C TYR D 644 50.46 6.16 2.14
N ILE D 645 49.76 7.10 1.53
CA ILE D 645 50.25 7.80 0.35
C ILE D 645 50.53 9.25 0.75
N PRO D 646 51.78 9.66 0.81
CA PRO D 646 52.09 10.99 1.36
C PRO D 646 52.05 12.08 0.31
N LEU D 647 52.29 13.32 0.74
CA LEU D 647 52.45 14.43 -0.19
C LEU D 647 53.68 14.19 -1.06
N PRO D 648 53.64 14.56 -2.34
CA PRO D 648 54.77 14.26 -3.22
C PRO D 648 55.98 15.11 -2.89
N ASP D 649 57.15 14.51 -3.09
CA ASP D 649 58.41 15.11 -2.69
C ASP D 649 58.99 15.94 -3.84
N GLU D 650 60.26 16.32 -3.72
CA GLU D 650 60.89 17.26 -4.64
C GLU D 650 61.12 16.66 -6.03
N LYS D 651 61.25 15.34 -6.13
CA LYS D 651 61.49 14.73 -7.43
C LYS D 651 60.19 14.39 -8.14
N SER D 652 59.10 14.23 -7.39
CA SER D 652 57.84 13.77 -7.98
C SER D 652 57.14 14.88 -8.75
N ARG D 653 57.34 16.13 -8.32
CA ARG D 653 56.53 17.23 -8.84
C ARG D 653 56.90 17.57 -10.28
N VAL D 654 58.12 17.24 -10.68
CA VAL D 654 58.53 17.40 -12.08
C VAL D 654 57.72 16.45 -12.96
N ALA D 655 57.56 15.19 -12.52
CA ALA D 655 56.79 14.23 -13.29
C ALA D 655 55.30 14.52 -13.20
N ILE D 656 54.87 15.24 -12.16
CA ILE D 656 53.49 15.73 -12.12
C ILE D 656 53.28 16.79 -13.19
N LEU D 657 54.17 17.79 -13.24
CA LEU D 657 53.99 18.92 -14.14
C LEU D 657 54.16 18.51 -15.60
N LYS D 658 55.07 17.57 -15.88
CA LYS D 658 55.23 17.09 -17.25
C LYS D 658 54.02 16.30 -17.71
N ALA D 659 53.36 15.59 -16.78
CA ALA D 659 52.17 14.83 -17.13
C ALA D 659 50.98 15.76 -17.32
N ASN D 660 50.92 16.86 -16.58
CA ASN D 660 49.81 17.78 -16.75
C ASN D 660 49.97 18.65 -18.00
N LEU D 661 51.18 19.09 -18.29
CA LEU D 661 51.44 20.03 -19.38
C LEU D 661 51.71 19.36 -20.72
N ARG D 662 51.40 18.07 -20.87
CA ARG D 662 51.81 17.35 -22.07
C ARG D 662 50.91 17.68 -23.25
N LYS D 663 49.78 18.34 -23.02
CA LYS D 663 48.90 18.68 -24.13
C LYS D 663 48.98 20.17 -24.46
N SER D 664 49.34 21.00 -23.49
CA SER D 664 49.45 22.43 -23.75
C SER D 664 50.83 22.74 -24.34
N PRO D 665 50.90 23.47 -25.45
CA PRO D 665 52.20 23.75 -26.09
C PRO D 665 53.05 24.78 -25.36
N VAL D 666 53.74 24.34 -24.33
CA VAL D 666 54.66 25.21 -23.60
C VAL D 666 55.98 25.25 -24.37
N ALA D 667 56.78 26.28 -24.11
CA ALA D 667 58.04 26.46 -24.81
C ALA D 667 58.97 27.35 -24.00
N LYS D 668 60.27 27.12 -24.20
CA LYS D 668 61.36 28.04 -23.81
C LYS D 668 61.43 28.28 -22.31
N ASP D 669 61.12 27.27 -21.51
CA ASP D 669 61.31 27.40 -20.07
C ASP D 669 62.79 27.40 -19.73
N VAL D 670 63.14 28.12 -18.68
CA VAL D 670 64.50 28.15 -18.14
C VAL D 670 64.71 26.98 -17.17
N ASP D 671 63.93 26.93 -16.09
CA ASP D 671 64.14 25.93 -15.05
C ASP D 671 62.77 25.49 -14.52
N LEU D 672 62.22 24.43 -15.11
CA LEU D 672 61.06 23.74 -14.56
C LEU D 672 61.37 23.06 -13.23
N GLU D 673 62.62 22.64 -13.05
CA GLU D 673 63.06 22.07 -11.78
C GLU D 673 63.02 23.10 -10.66
N PHE D 674 63.27 24.38 -10.97
CA PHE D 674 63.08 25.42 -9.97
C PHE D 674 61.60 25.62 -9.65
N LEU D 675 60.74 25.48 -10.66
CA LEU D 675 59.30 25.59 -10.44
C LEU D 675 58.81 24.49 -9.52
N ALA D 676 59.35 23.27 -9.68
CA ALA D 676 59.02 22.20 -8.74
C ALA D 676 59.74 22.35 -7.41
N LYS D 677 60.86 23.08 -7.39
CA LYS D 677 61.64 23.21 -6.16
C LYS D 677 61.04 24.23 -5.20
N MET D 678 60.49 25.32 -5.74
CA MET D 678 59.97 26.38 -4.88
C MET D 678 58.68 25.97 -4.18
N THR D 679 57.90 25.10 -4.80
CA THR D 679 56.61 24.69 -4.25
C THR D 679 56.82 23.56 -3.25
N ASN D 680 56.62 23.85 -1.96
CA ASN D 680 56.78 22.85 -0.91
C ASN D 680 55.48 22.76 -0.12
N GLY D 681 55.04 21.54 0.13
CA GLY D 681 53.74 21.32 0.76
C GLY D 681 52.57 21.46 -0.18
N PHE D 682 52.72 21.07 -1.44
CA PHE D 682 51.68 21.19 -2.45
C PHE D 682 51.30 19.81 -2.95
N SER D 683 50.00 19.53 -2.99
CA SER D 683 49.54 18.28 -3.56
C SER D 683 49.46 18.38 -5.08
N GLY D 684 48.98 17.30 -5.70
CA GLY D 684 48.92 17.28 -7.16
C GLY D 684 47.83 18.19 -7.71
N ALA D 685 46.76 18.38 -6.93
CA ALA D 685 45.66 19.23 -7.38
C ALA D 685 46.07 20.69 -7.43
N ASP D 686 47.00 21.10 -6.56
CA ASP D 686 47.45 22.48 -6.56
C ASP D 686 48.33 22.78 -7.77
N LEU D 687 49.16 21.82 -8.16
CA LEU D 687 49.99 21.99 -9.34
C LEU D 687 49.15 21.97 -10.61
N THR D 688 48.09 21.14 -10.61
CA THR D 688 47.14 21.16 -11.72
C THR D 688 46.41 22.49 -11.79
N GLU D 689 46.10 23.09 -10.63
CA GLU D 689 45.47 24.41 -10.59
C GLU D 689 46.37 25.49 -11.16
N ILE D 690 47.66 25.42 -10.84
CA ILE D 690 48.64 26.37 -11.38
C ILE D 690 48.73 26.27 -12.90
N CYS D 691 48.76 25.04 -13.43
CA CYS D 691 48.81 24.87 -14.88
C CYS D 691 47.54 25.36 -15.57
N GLN D 692 46.38 25.14 -14.95
CA GLN D 692 45.14 25.60 -15.55
C GLN D 692 45.02 27.11 -15.53
N ARG D 693 45.55 27.76 -14.48
CA ARG D 693 45.50 29.23 -14.45
C ARG D 693 46.46 29.83 -15.47
N ALA D 694 47.61 29.20 -15.69
CA ALA D 694 48.52 29.65 -16.74
C ALA D 694 47.88 29.52 -18.12
N CYS D 695 47.13 28.45 -18.35
CA CYS D 695 46.42 28.30 -19.62
C CYS D 695 45.31 29.35 -19.76
N LYS D 696 44.66 29.72 -18.65
CA LYS D 696 43.67 30.80 -18.67
C LYS D 696 44.27 32.11 -19.11
N LEU D 697 45.42 32.47 -18.53
CA LEU D 697 46.08 33.73 -18.89
C LEU D 697 46.52 33.73 -20.35
N ALA D 698 47.01 32.58 -20.84
CA ALA D 698 47.43 32.48 -22.22
C ALA D 698 46.26 32.65 -23.19
N ILE D 699 45.11 32.02 -22.90
CA ILE D 699 43.95 32.14 -23.77
C ILE D 699 43.41 33.57 -23.77
N ARG D 700 43.43 34.22 -22.60
CA ARG D 700 42.95 35.60 -22.52
C ARG D 700 43.83 36.56 -23.32
N GLU D 701 45.15 36.41 -23.22
CA GLU D 701 46.04 37.29 -23.98
C GLU D 701 45.94 37.02 -25.48
N SER D 702 45.82 35.75 -25.87
CA SER D 702 45.70 35.42 -27.28
C SER D 702 44.35 35.79 -27.88
N ILE D 703 43.33 36.05 -27.06
CA ILE D 703 42.10 36.60 -27.61
C ILE D 703 42.14 38.12 -27.66
N GLU D 704 42.75 38.75 -26.65
CA GLU D 704 42.91 40.22 -26.65
C GLU D 704 43.74 40.69 -27.84
N SER D 705 44.79 39.94 -28.20
CA SER D 705 45.62 40.34 -29.33
C SER D 705 44.85 40.26 -30.66
N GLU D 706 44.03 39.23 -30.83
CA GLU D 706 43.23 39.09 -32.05
C GLU D 706 42.19 40.20 -32.15
N ILE D 707 41.54 40.53 -31.03
CA ILE D 707 40.55 41.61 -31.02
C ILE D 707 41.21 42.95 -31.35
N ARG D 708 42.38 43.22 -30.76
CA ARG D 708 43.05 44.49 -31.00
C ARG D 708 43.56 44.61 -32.42
N ARG D 709 44.10 43.53 -32.98
CA ARG D 709 44.59 43.56 -34.35
C ARG D 709 43.44 43.70 -35.35
N GLU D 710 42.30 43.06 -35.08
CA GLU D 710 41.15 43.23 -35.96
C GLU D 710 40.59 44.63 -35.89
N ARG D 711 40.58 45.24 -34.70
CA ARG D 711 40.08 46.60 -34.56
C ARG D 711 40.99 47.61 -35.25
N GLU D 712 42.31 47.46 -35.08
CA GLU D 712 43.25 48.37 -35.73
C GLU D 712 43.29 48.13 -37.24
N ARG D 713 43.00 46.91 -37.68
CA ARG D 713 42.93 46.61 -39.11
C ARG D 713 41.69 47.21 -39.75
N GLN D 714 40.55 47.09 -39.08
CA GLN D 714 39.30 47.60 -39.65
C GLN D 714 39.20 49.11 -39.51
N THR D 715 39.95 49.71 -38.57
CA THR D 715 39.93 51.15 -38.41
C THR D 715 40.56 51.87 -39.61
N ASN D 716 41.58 51.26 -40.22
CA ASN D 716 42.17 51.76 -41.45
C ASN D 716 41.85 50.75 -42.55
N PRO D 717 40.76 50.93 -43.29
CA PRO D 717 40.36 49.94 -44.29
C PRO D 717 41.32 49.87 -45.46
N SER D 718 41.24 48.74 -46.17
CA SER D 718 42.20 48.32 -47.21
C SER D 718 43.64 48.33 -46.66
N ALA D 719 43.85 47.45 -45.69
CA ALA D 719 45.16 47.30 -45.10
C ALA D 719 46.14 46.72 -46.11
N MET D 720 47.24 47.44 -46.32
CA MET D 720 48.12 47.16 -47.45
C MET D 720 49.05 45.97 -47.22
N GLU D 721 49.36 45.63 -45.97
CA GLU D 721 50.30 44.55 -45.67
C GLU D 721 49.55 43.47 -44.90
N VAL D 722 48.95 42.53 -45.63
CA VAL D 722 48.21 41.42 -45.05
C VAL D 722 49.20 40.27 -44.92
N GLU D 723 49.85 40.19 -43.77
CA GLU D 723 50.87 39.17 -43.50
C GLU D 723 50.45 38.47 -42.21
N GLU D 724 49.79 37.32 -42.35
CA GLU D 724 49.20 36.65 -41.21
C GLU D 724 50.25 35.98 -40.33
N ASP D 725 50.02 36.02 -39.02
CA ASP D 725 50.95 35.49 -38.04
C ASP D 725 50.19 35.26 -36.74
N ASP D 726 50.61 34.25 -35.99
CA ASP D 726 50.03 33.98 -34.68
C ASP D 726 50.78 34.79 -33.63
N PRO D 727 50.11 35.65 -32.87
CA PRO D 727 50.84 36.44 -31.86
C PRO D 727 51.38 35.62 -30.71
N VAL D 728 50.54 34.82 -30.06
CA VAL D 728 50.97 33.98 -28.94
C VAL D 728 50.69 32.53 -29.30
N PRO D 729 51.67 31.81 -29.88
CA PRO D 729 51.44 30.38 -30.15
C PRO D 729 51.75 29.50 -28.94
N GLU D 730 52.68 29.94 -28.09
CA GLU D 730 53.13 29.12 -26.97
C GLU D 730 53.00 29.89 -25.67
N ILE D 731 53.09 29.16 -24.57
CA ILE D 731 52.96 29.74 -23.24
C ILE D 731 54.34 30.08 -22.71
N ARG D 732 54.55 31.31 -22.29
CA ARG D 732 55.86 31.79 -21.86
C ARG D 732 55.92 31.90 -20.35
N ARG D 733 57.08 32.35 -19.86
CA ARG D 733 57.34 32.35 -18.43
C ARG D 733 56.58 33.44 -17.71
N ASP D 734 56.07 34.43 -18.44
CA ASP D 734 55.29 35.51 -17.84
C ASP D 734 53.98 34.98 -17.28
N HIS D 735 53.37 34.01 -17.97
CA HIS D 735 52.11 33.44 -17.53
C HIS D 735 52.28 32.64 -16.25
N PHE D 736 53.34 31.83 -16.15
CA PHE D 736 53.61 31.09 -14.94
C PHE D 736 54.01 32.02 -13.80
N GLU D 737 54.75 33.08 -14.12
CA GLU D 737 55.20 34.01 -13.10
C GLU D 737 54.05 34.86 -12.58
N GLU D 738 53.00 35.01 -13.39
CA GLU D 738 51.79 35.67 -12.91
C GLU D 738 50.89 34.71 -12.15
N ALA D 739 50.78 33.46 -12.61
CA ALA D 739 49.85 32.51 -12.03
C ALA D 739 50.34 31.96 -10.71
N MET D 740 51.65 32.01 -10.45
CA MET D 740 52.19 31.55 -9.17
C MET D 740 51.79 32.47 -8.03
N ARG D 741 51.39 33.72 -8.34
CA ARG D 741 50.96 34.63 -7.31
C ARG D 741 49.62 34.21 -6.70
N PHE D 742 48.81 33.47 -7.45
CA PHE D 742 47.55 32.97 -6.95
C PHE D 742 47.62 31.56 -6.35
N ALA D 743 48.82 31.02 -6.16
CA ALA D 743 48.94 29.66 -5.63
C ALA D 743 48.65 29.63 -4.13
N ARG D 744 48.17 28.50 -3.65
CA ARG D 744 47.85 28.31 -2.25
C ARG D 744 48.08 26.86 -1.84
N ARG D 745 48.31 26.67 -0.54
CA ARG D 745 48.43 25.34 0.03
C ARG D 745 47.06 24.85 0.48
N SER D 746 46.71 23.63 0.09
CA SER D 746 45.40 23.10 0.46
C SER D 746 45.44 22.40 1.80
N VAL D 747 46.58 21.81 2.16
CA VAL D 747 46.71 20.98 3.35
C VAL D 747 47.52 21.75 4.38
N SER D 748 46.95 21.94 5.57
CA SER D 748 47.67 22.59 6.66
C SER D 748 48.66 21.61 7.29
N ASP D 749 49.47 22.14 8.22
CA ASP D 749 50.50 21.30 8.82
C ASP D 749 49.95 20.46 9.96
N ASN D 750 48.78 20.84 10.50
CA ASN D 750 48.14 20.03 11.53
C ASN D 750 47.61 18.73 10.94
N ASP D 751 47.11 18.79 9.71
CA ASP D 751 46.63 17.58 9.05
C ASP D 751 47.77 16.63 8.72
N ILE D 752 48.90 17.19 8.27
CA ILE D 752 50.09 16.39 8.00
C ILE D 752 50.61 15.77 9.30
N ARG D 753 50.54 16.53 10.39
CA ARG D 753 50.91 16.01 11.71
C ARG D 753 50.01 14.87 12.14
N LYS D 754 48.72 14.96 11.82
CA LYS D 754 47.79 13.89 12.18
C LYS D 754 48.03 12.63 11.36
N TYR D 755 48.31 12.77 10.06
CA TYR D 755 48.60 11.58 9.25
C TYR D 755 49.93 10.95 9.66
N GLU D 756 50.92 11.77 10.03
CA GLU D 756 52.19 11.22 10.50
C GLU D 756 52.02 10.50 11.83
N MET D 757 51.16 11.02 12.71
CA MET D 757 50.96 10.35 14.00
C MET D 757 50.17 9.05 13.83
N PHE D 758 49.22 9.01 12.89
CA PHE D 758 48.54 7.76 12.61
C PHE D 758 49.49 6.74 12.00
N ALA D 759 50.43 7.20 11.17
CA ALA D 759 51.39 6.28 10.57
C ALA D 759 52.41 5.78 11.58
N GLN D 760 52.77 6.62 12.56
CA GLN D 760 53.69 6.17 13.60
C GLN D 760 53.02 5.19 14.56
N THR D 761 51.83 5.54 15.06
CA THR D 761 51.19 4.68 16.04
C THR D 761 50.54 3.46 15.40
N LEU D 762 50.46 3.42 14.07
CA LEU D 762 50.04 2.21 13.39
C LEU D 762 51.14 1.15 13.42
N GLN D 763 52.39 1.58 13.30
CA GLN D 763 53.52 0.68 13.16
C GLN D 763 54.14 0.39 14.53
N GLN D 764 54.24 -0.91 14.85
CA GLN D 764 54.98 -1.38 16.02
C GLN D 764 55.91 -2.49 15.58
N SER D 765 57.07 -2.58 16.23
CA SER D 765 58.16 -3.44 15.78
C SER D 765 58.86 -4.08 16.97
N ARG D 766 59.37 -5.30 16.76
CA ARG D 766 60.23 -5.91 17.77
C ARG D 766 61.69 -5.56 17.50
N GLY D 767 62.13 -5.66 16.23
CA GLY D 767 63.47 -5.31 15.85
C GLY D 767 64.57 -6.19 16.41
N PHE D 768 64.22 -7.38 16.90
CA PHE D 768 65.18 -8.26 17.56
C PHE D 768 65.47 -9.43 16.65
N GLY D 769 66.76 -9.69 16.41
CA GLY D 769 67.20 -10.82 15.62
C GLY D 769 67.05 -12.10 16.43
N SER D 770 66.19 -12.99 15.93
CA SER D 770 65.98 -14.28 16.58
C SER D 770 67.22 -15.16 16.47
N PHE D 771 67.98 -14.99 15.40
CA PHE D 771 69.19 -15.75 15.20
C PHE D 771 70.36 -14.84 14.87
N ASN E 21 14.48 -71.49 6.99
CA ASN E 21 14.71 -72.93 6.92
C ASN E 21 16.15 -73.26 6.55
N ARG E 22 16.60 -72.72 5.41
CA ARG E 22 17.92 -73.03 4.90
C ARG E 22 18.83 -71.81 4.97
N PRO E 23 20.10 -71.98 5.37
CA PRO E 23 20.99 -70.83 5.57
C PRO E 23 21.52 -70.20 4.29
N ASN E 24 21.26 -70.79 3.12
CA ASN E 24 21.69 -70.19 1.86
C ASN E 24 20.68 -69.21 1.29
N ARG E 25 19.49 -69.11 1.87
CA ARG E 25 18.49 -68.15 1.41
C ARG E 25 18.88 -66.74 1.83
N LEU E 26 18.90 -65.81 0.86
CA LEU E 26 19.44 -64.48 1.10
C LEU E 26 18.51 -63.44 0.46
N ILE E 27 18.70 -62.18 0.88
CA ILE E 27 17.95 -61.04 0.39
C ILE E 27 18.95 -60.06 -0.22
N VAL E 28 18.54 -59.35 -1.28
CA VAL E 28 19.48 -58.54 -2.05
C VAL E 28 19.73 -57.20 -1.35
N ASP E 29 20.99 -56.84 -1.19
CA ASP E 29 21.40 -55.54 -0.68
C ASP E 29 22.07 -54.76 -1.81
N GLU E 30 22.51 -53.53 -1.52
CA GLU E 30 23.08 -52.64 -2.53
C GLU E 30 24.49 -53.09 -2.91
N ALA E 31 25.06 -52.45 -3.91
CA ALA E 31 26.39 -52.77 -4.42
C ALA E 31 27.39 -51.75 -3.92
N ILE E 32 28.57 -52.23 -3.50
CA ILE E 32 29.68 -51.38 -3.10
C ILE E 32 30.88 -51.59 -4.01
N ASN E 33 31.27 -52.84 -4.23
CA ASN E 33 32.32 -53.15 -5.17
C ASN E 33 31.79 -52.97 -6.59
N GLU E 34 32.41 -52.07 -7.34
CA GLU E 34 31.89 -51.61 -8.63
C GLU E 34 32.27 -52.49 -9.80
N ASP E 35 32.63 -53.75 -9.54
CA ASP E 35 32.86 -54.72 -10.60
C ASP E 35 31.55 -55.43 -10.92
N ASN E 36 31.39 -55.83 -12.18
CA ASN E 36 30.11 -56.35 -12.62
C ASN E 36 29.90 -57.78 -12.14
N SER E 37 30.91 -58.63 -12.29
CA SER E 37 30.78 -60.06 -12.00
C SER E 37 31.21 -60.42 -10.59
N VAL E 38 31.01 -59.53 -9.62
CA VAL E 38 31.43 -59.75 -8.24
C VAL E 38 30.22 -59.60 -7.33
N VAL E 39 29.92 -60.65 -6.58
CA VAL E 39 28.98 -60.59 -5.48
C VAL E 39 29.76 -60.55 -4.17
N SER E 40 29.06 -60.27 -3.08
CA SER E 40 29.72 -60.14 -1.79
C SER E 40 28.89 -60.82 -0.70
N LEU E 41 29.60 -61.35 0.30
CA LEU E 41 28.99 -61.95 1.46
C LEU E 41 29.76 -61.52 2.71
N SER E 42 29.18 -61.80 3.87
CA SER E 42 29.82 -61.46 5.12
C SER E 42 30.77 -62.58 5.56
N GLN E 43 31.51 -62.29 6.64
CA GLN E 43 32.51 -63.25 7.11
C GLN E 43 31.92 -64.50 7.77
N PRO E 44 30.99 -64.43 8.74
CA PRO E 44 30.49 -65.70 9.32
C PRO E 44 29.61 -66.50 8.38
N LYS E 45 28.96 -65.88 7.41
CA LYS E 45 28.20 -66.65 6.43
C LYS E 45 29.11 -67.43 5.50
N MET E 46 30.22 -66.82 5.06
CA MET E 46 31.19 -67.55 4.27
C MET E 46 31.93 -68.60 5.09
N ASP E 47 32.10 -68.37 6.39
CA ASP E 47 32.71 -69.39 7.23
C ASP E 47 31.71 -70.50 7.54
N GLU E 48 30.42 -70.21 7.44
CA GLU E 48 29.39 -71.23 7.63
C GLU E 48 29.21 -72.06 6.37
N LEU E 49 29.43 -71.46 5.21
CA LEU E 49 29.31 -72.17 3.94
C LEU E 49 30.65 -72.72 3.45
N GLN E 50 31.76 -72.32 4.09
CA GLN E 50 33.13 -72.75 3.78
C GLN E 50 33.53 -72.40 2.34
N LEU E 51 33.60 -71.10 2.09
CA LEU E 51 34.01 -70.59 0.78
C LEU E 51 35.40 -69.95 0.86
N PHE E 52 35.81 -69.33 -0.23
CA PHE E 52 37.12 -68.72 -0.35
C PHE E 52 36.97 -67.46 -1.22
N ARG E 53 37.98 -66.59 -1.16
CA ARG E 53 38.01 -65.33 -1.89
C ARG E 53 38.37 -65.48 -3.37
N GLY E 54 38.28 -66.67 -3.94
CA GLY E 54 38.46 -66.84 -5.38
C GLY E 54 37.53 -67.88 -5.97
N ASP E 55 36.43 -68.16 -5.28
CA ASP E 55 35.54 -69.25 -5.67
C ASP E 55 34.60 -68.79 -6.78
N THR E 56 33.61 -69.64 -7.09
CA THR E 56 32.65 -69.39 -8.15
C THR E 56 31.33 -70.02 -7.73
N VAL E 57 30.34 -69.20 -7.43
CA VAL E 57 29.05 -69.66 -6.95
C VAL E 57 27.99 -69.42 -8.02
N LEU E 58 26.78 -69.91 -7.76
CA LEU E 58 25.66 -69.76 -8.67
C LEU E 58 24.46 -69.28 -7.87
N LEU E 59 23.71 -68.34 -8.45
CA LEU E 59 22.57 -67.70 -7.81
C LEU E 59 21.32 -68.05 -8.59
N LYS E 60 20.30 -68.55 -7.90
CA LYS E 60 19.03 -68.85 -8.52
C LYS E 60 18.05 -67.71 -8.26
N GLY E 61 17.33 -67.30 -9.30
CA GLY E 61 16.39 -66.21 -9.17
C GLY E 61 15.01 -66.57 -9.66
N LYS E 62 14.23 -65.55 -10.04
CA LYS E 62 12.86 -65.77 -10.51
C LYS E 62 12.86 -66.03 -12.01
N LYS E 63 11.70 -66.52 -12.50
CA LYS E 63 11.43 -66.88 -13.89
C LYS E 63 12.41 -67.93 -14.41
N ARG E 64 12.85 -68.84 -13.52
CA ARG E 64 13.68 -70.01 -13.83
C ARG E 64 15.02 -69.62 -14.48
N ARG E 65 15.59 -68.52 -14.00
CA ARG E 65 16.84 -68.01 -14.54
C ARG E 65 17.87 -67.86 -13.43
N GLU E 66 19.13 -68.09 -13.78
CA GLU E 66 20.22 -68.13 -12.81
C GLU E 66 21.34 -67.20 -13.27
N ALA E 67 22.34 -67.03 -12.41
CA ALA E 67 23.49 -66.19 -12.75
C ALA E 67 24.73 -66.70 -12.02
N VAL E 68 25.85 -66.73 -12.75
CA VAL E 68 27.13 -67.18 -12.21
C VAL E 68 28.01 -65.95 -11.98
N CYS E 69 28.71 -65.93 -10.86
CA CYS E 69 29.50 -64.78 -10.46
C CYS E 69 30.78 -65.28 -9.77
N ILE E 70 31.47 -64.37 -9.11
CA ILE E 70 32.63 -64.66 -8.27
C ILE E 70 32.36 -64.12 -6.88
N VAL E 71 32.37 -64.98 -5.88
CA VAL E 71 32.08 -64.55 -4.52
C VAL E 71 33.34 -63.97 -3.88
N LEU E 72 33.18 -62.85 -3.18
CA LEU E 72 34.26 -62.28 -2.39
C LEU E 72 33.78 -62.05 -0.96
N SER E 73 34.60 -61.39 -0.15
CA SER E 73 34.27 -61.14 1.25
C SER E 73 34.04 -59.65 1.48
N ASP E 74 33.30 -59.34 2.53
CA ASP E 74 33.03 -57.97 2.93
C ASP E 74 32.70 -57.94 4.41
N ASP E 75 33.29 -56.97 5.11
CA ASP E 75 33.06 -56.81 6.54
C ASP E 75 31.87 -55.91 6.86
N THR E 76 31.51 -55.01 5.94
CA THR E 76 30.34 -54.15 6.16
C THR E 76 29.03 -54.83 5.77
N CYS E 77 29.08 -56.07 5.29
CA CYS E 77 27.87 -56.79 4.92
C CYS E 77 27.09 -57.18 6.17
N SER E 78 25.78 -57.35 5.99
CA SER E 78 24.89 -57.74 7.08
C SER E 78 24.87 -59.26 7.23
N ASP E 79 23.91 -59.76 8.01
CA ASP E 79 23.92 -61.17 8.38
C ASP E 79 23.34 -62.06 7.27
N GLU E 80 22.05 -61.88 6.95
CA GLU E 80 21.38 -62.74 5.99
C GLU E 80 21.12 -62.06 4.65
N LYS E 81 22.06 -61.27 4.15
CA LYS E 81 21.88 -60.60 2.86
C LYS E 81 23.10 -60.79 1.98
N ILE E 82 22.93 -60.40 0.70
CA ILE E 82 23.96 -60.51 -0.31
C ILE E 82 24.04 -59.19 -1.08
N ARG E 83 25.25 -58.78 -1.43
CA ARG E 83 25.50 -57.53 -2.14
C ARG E 83 25.87 -57.84 -3.59
N MET E 84 25.15 -57.22 -4.53
CA MET E 84 25.41 -57.49 -5.94
C MET E 84 25.10 -56.24 -6.76
N ASN E 85 25.69 -56.20 -7.95
CA ASN E 85 25.55 -55.10 -8.89
C ASN E 85 24.14 -55.11 -9.51
N ARG E 86 23.76 -53.99 -10.14
CA ARG E 86 22.48 -53.90 -10.82
C ARG E 86 22.43 -54.77 -12.07
N VAL E 87 23.59 -55.10 -12.66
CA VAL E 87 23.64 -55.98 -13.82
C VAL E 87 23.21 -57.39 -13.45
N VAL E 88 23.83 -57.96 -12.41
CA VAL E 88 23.47 -59.28 -11.91
C VAL E 88 22.05 -59.28 -11.38
N ARG E 89 21.63 -58.16 -10.77
CA ARG E 89 20.29 -58.04 -10.22
C ARG E 89 19.22 -58.06 -11.31
N ASN E 90 19.48 -57.39 -12.44
CA ASN E 90 18.52 -57.42 -13.54
C ASN E 90 18.61 -58.69 -14.37
N ASN E 91 19.74 -59.39 -14.35
CA ASN E 91 19.84 -60.67 -15.05
C ASN E 91 19.12 -61.81 -14.35
N LEU E 92 18.63 -61.60 -13.14
CA LEU E 92 17.95 -62.63 -12.36
C LEU E 92 16.44 -62.40 -12.26
N ARG E 93 15.92 -61.34 -12.88
CA ARG E 93 14.54 -60.86 -12.71
C ARG E 93 14.20 -60.65 -11.24
N VAL E 94 15.09 -59.93 -10.55
CA VAL E 94 15.04 -59.72 -9.11
C VAL E 94 15.14 -58.22 -8.84
N ARG E 95 14.35 -57.73 -7.89
CA ARG E 95 14.44 -56.35 -7.43
C ARG E 95 14.94 -56.33 -5.99
N LEU E 96 15.03 -55.13 -5.43
CA LEU E 96 15.55 -54.97 -4.06
C LEU E 96 14.53 -55.49 -3.07
N GLY E 97 14.92 -56.49 -2.27
CA GLY E 97 14.07 -57.07 -1.26
C GLY E 97 13.54 -58.45 -1.60
N ASP E 98 13.98 -59.05 -2.70
CA ASP E 98 13.53 -60.38 -3.08
C ASP E 98 14.36 -61.45 -2.37
N VAL E 99 14.21 -62.71 -2.79
CA VAL E 99 14.90 -63.83 -2.18
C VAL E 99 15.68 -64.59 -3.24
N ILE E 100 16.88 -65.05 -2.88
CA ILE E 100 17.78 -65.76 -3.78
C ILE E 100 18.43 -66.91 -3.03
N SER E 101 18.43 -68.10 -3.62
CA SER E 101 19.17 -69.25 -3.12
C SER E 101 20.51 -69.34 -3.84
N ILE E 102 21.57 -69.53 -3.06
CA ILE E 102 22.94 -69.62 -3.57
C ILE E 102 23.40 -71.06 -3.46
N GLN E 103 24.15 -71.54 -4.46
CA GLN E 103 24.74 -72.86 -4.39
C GLN E 103 26.15 -72.86 -4.96
N PRO E 104 27.04 -73.71 -4.44
CA PRO E 104 28.39 -73.78 -4.99
C PRO E 104 28.45 -74.58 -6.28
N CYS E 105 29.36 -74.17 -7.16
CA CYS E 105 29.59 -74.85 -8.43
C CYS E 105 31.08 -74.95 -8.70
N PRO E 106 31.70 -76.10 -8.37
CA PRO E 106 33.12 -76.29 -8.68
C PRO E 106 33.40 -76.67 -10.13
N ASP E 107 32.40 -76.66 -11.01
CA ASP E 107 32.57 -77.04 -12.41
C ASP E 107 33.28 -75.92 -13.16
N VAL E 108 34.61 -75.90 -13.02
CA VAL E 108 35.46 -74.90 -13.66
C VAL E 108 35.74 -75.40 -15.07
N LYS E 109 35.03 -74.85 -16.05
CA LYS E 109 35.19 -75.22 -17.44
C LYS E 109 35.66 -74.02 -18.25
N TYR E 110 36.75 -74.20 -18.98
CA TYR E 110 37.26 -73.13 -19.82
C TYR E 110 36.49 -73.10 -21.14
N GLY E 111 36.20 -71.88 -21.61
CA GLY E 111 35.45 -71.72 -22.83
C GLY E 111 36.27 -72.04 -24.07
N LYS E 112 35.58 -72.18 -25.18
CA LYS E 112 36.24 -72.39 -26.47
C LYS E 112 35.86 -71.33 -27.51
N ARG E 113 34.58 -71.06 -27.70
CA ARG E 113 34.10 -70.08 -28.66
C ARG E 113 33.00 -69.24 -28.01
N ILE E 114 33.12 -67.92 -28.13
CA ILE E 114 32.17 -66.99 -27.53
C ILE E 114 31.57 -66.15 -28.65
N HIS E 115 30.25 -66.28 -28.85
CA HIS E 115 29.53 -65.54 -29.87
C HIS E 115 28.60 -64.56 -29.17
N VAL E 116 28.89 -63.26 -29.32
CA VAL E 116 28.11 -62.20 -28.69
C VAL E 116 27.62 -61.24 -29.77
N LEU E 117 26.59 -60.46 -29.44
CA LEU E 117 25.99 -59.51 -30.36
C LEU E 117 25.74 -58.19 -29.63
N PRO E 118 25.95 -57.05 -30.27
CA PRO E 118 25.60 -55.77 -29.66
C PRO E 118 24.10 -55.49 -29.78
N ILE E 119 23.65 -54.47 -29.06
CA ILE E 119 22.26 -54.06 -29.06
C ILE E 119 22.17 -52.70 -29.76
N ASP E 120 21.13 -52.54 -30.59
CA ASP E 120 21.11 -51.48 -31.59
C ASP E 120 20.93 -50.09 -30.99
N ASP E 121 20.22 -49.98 -29.86
CA ASP E 121 19.97 -48.66 -29.30
C ASP E 121 21.17 -48.09 -28.54
N THR E 122 22.19 -48.91 -28.31
CA THR E 122 23.42 -48.46 -27.66
C THR E 122 24.62 -48.40 -28.59
N VAL E 123 24.46 -48.73 -29.87
CA VAL E 123 25.55 -48.66 -30.83
C VAL E 123 25.23 -47.69 -31.96
N GLU E 124 24.22 -46.84 -31.79
CA GLU E 124 23.72 -46.02 -32.89
C GLU E 124 24.60 -44.79 -33.18
N GLY E 125 25.79 -44.68 -32.59
CA GLY E 125 26.71 -43.61 -32.93
C GLY E 125 28.07 -44.12 -33.30
N ILE E 126 28.36 -45.38 -32.95
CA ILE E 126 29.66 -45.98 -33.15
C ILE E 126 29.55 -47.02 -34.26
N THR E 127 30.66 -47.24 -34.99
CA THR E 127 30.70 -48.23 -36.06
C THR E 127 32.13 -48.70 -36.24
N GLY E 128 32.29 -49.78 -36.99
CA GLY E 128 33.61 -50.29 -37.32
C GLY E 128 34.07 -51.37 -36.33
N ASN E 129 35.15 -51.06 -35.61
CA ASN E 129 35.75 -52.02 -34.69
C ASN E 129 35.18 -51.84 -33.28
N LEU E 130 34.88 -52.97 -32.64
CA LEU E 130 34.47 -52.98 -31.24
C LEU E 130 35.31 -53.91 -30.37
N PHE E 131 36.11 -54.80 -30.97
CA PHE E 131 36.84 -55.80 -30.21
C PHE E 131 38.03 -55.19 -29.49
N GLU E 132 38.75 -54.28 -30.15
CA GLU E 132 39.98 -53.75 -29.58
C GLU E 132 39.72 -52.71 -28.51
N VAL E 133 38.63 -51.95 -28.63
CA VAL E 133 38.37 -50.86 -27.70
C VAL E 133 37.63 -51.35 -26.46
N TYR E 134 36.47 -51.98 -26.67
CA TYR E 134 35.59 -52.34 -25.57
C TYR E 134 36.00 -53.65 -24.90
N LEU E 135 36.17 -54.71 -25.69
CA LEU E 135 36.27 -56.05 -25.16
C LEU E 135 37.71 -56.48 -24.85
N LYS E 136 38.70 -55.89 -25.51
CA LYS E 136 40.10 -56.30 -25.34
C LYS E 136 40.67 -56.00 -23.94
N PRO E 137 40.43 -54.85 -23.30
CA PRO E 137 40.80 -54.75 -21.88
C PRO E 137 39.73 -55.28 -20.93
N TYR E 138 38.60 -55.75 -21.44
CA TYR E 138 37.50 -56.20 -20.59
C TYR E 138 37.73 -57.60 -20.05
N PHE E 139 38.09 -58.54 -20.93
CA PHE E 139 38.34 -59.91 -20.51
C PHE E 139 39.78 -60.15 -20.08
N LEU E 140 40.69 -59.22 -20.38
CA LEU E 140 42.09 -59.39 -20.04
C LEU E 140 42.30 -59.19 -18.55
N GLU E 141 42.94 -60.17 -17.90
CA GLU E 141 43.20 -60.22 -16.45
C GLU E 141 41.89 -60.11 -15.67
N ALA E 142 40.85 -60.79 -16.18
CA ALA E 142 39.54 -60.77 -15.55
C ALA E 142 39.06 -62.17 -15.14
N TYR E 143 39.13 -63.15 -16.05
CA TYR E 143 38.59 -64.50 -15.87
C TYR E 143 37.12 -64.48 -15.45
N ARG E 144 36.31 -63.83 -16.29
CA ARG E 144 34.91 -63.60 -15.97
C ARG E 144 34.08 -64.84 -16.26
N PRO E 145 33.37 -65.40 -15.28
CA PRO E 145 32.46 -66.51 -15.58
C PRO E 145 31.19 -66.03 -16.28
N ILE E 146 31.05 -66.33 -17.56
CA ILE E 146 29.89 -65.92 -18.32
C ILE E 146 28.99 -67.13 -18.55
N ARG E 147 27.79 -66.86 -19.05
CA ARG E 147 26.78 -67.89 -19.25
C ARG E 147 25.83 -67.42 -20.34
N LYS E 148 25.29 -68.37 -21.11
CA LYS E 148 24.27 -68.05 -22.08
C LYS E 148 23.00 -67.57 -21.38
N GLY E 149 22.65 -66.31 -21.60
CA GLY E 149 21.51 -65.71 -20.93
C GLY E 149 21.90 -64.50 -20.11
N ASP E 150 23.13 -64.03 -20.31
CA ASP E 150 23.66 -62.88 -19.58
C ASP E 150 23.80 -61.70 -20.51
N ILE E 151 23.53 -60.51 -19.96
CA ILE E 151 23.80 -59.23 -20.62
C ILE E 151 24.75 -58.46 -19.74
N PHE E 152 25.89 -58.05 -20.30
CA PHE E 152 26.86 -57.29 -19.54
C PHE E 152 27.07 -55.92 -20.16
N LEU E 153 27.62 -55.02 -19.35
CA LEU E 153 27.72 -53.60 -19.66
C LEU E 153 29.18 -53.19 -19.69
N VAL E 154 29.60 -52.55 -20.78
CA VAL E 154 30.96 -52.07 -20.95
C VAL E 154 30.91 -50.56 -21.11
N ARG E 155 31.65 -49.85 -20.27
CA ARG E 155 31.76 -48.39 -20.36
C ARG E 155 33.13 -48.02 -20.90
N GLY E 156 33.18 -46.85 -21.54
CA GLY E 156 34.42 -46.37 -22.11
C GLY E 156 34.20 -45.70 -23.45
N GLY E 157 35.05 -44.75 -23.79
CA GLY E 157 34.85 -43.99 -25.01
C GLY E 157 33.66 -43.05 -24.97
N MET E 158 33.37 -42.51 -23.78
CA MET E 158 32.24 -41.59 -23.52
C MET E 158 30.90 -42.21 -23.91
N ARG E 159 30.78 -43.52 -23.67
CA ARG E 159 29.60 -44.27 -24.10
C ARG E 159 29.52 -45.56 -23.30
N ALA E 160 28.30 -45.93 -22.91
CA ALA E 160 28.01 -47.21 -22.27
C ALA E 160 27.30 -48.11 -23.28
N VAL E 161 27.74 -49.36 -23.38
CA VAL E 161 27.24 -50.27 -24.39
C VAL E 161 26.92 -51.61 -23.73
N GLU E 162 25.85 -52.27 -24.22
CA GLU E 162 25.37 -53.51 -23.65
C GLU E 162 25.59 -54.63 -24.65
N PHE E 163 26.24 -55.71 -24.20
CA PHE E 163 26.42 -56.90 -25.02
C PHE E 163 25.69 -58.07 -24.41
N LYS E 164 25.26 -59.01 -25.25
CA LYS E 164 24.57 -60.21 -24.82
C LYS E 164 25.35 -61.43 -25.25
N VAL E 165 25.61 -62.34 -24.32
CA VAL E 165 26.27 -63.61 -24.63
C VAL E 165 25.25 -64.49 -25.35
N VAL E 166 25.42 -64.67 -26.65
CA VAL E 166 24.46 -65.41 -27.46
C VAL E 166 24.77 -66.90 -27.48
N GLU E 167 26.03 -67.27 -27.68
CA GLU E 167 26.36 -68.68 -27.82
C GLU E 167 27.72 -68.99 -27.21
N THR E 168 27.76 -70.07 -26.41
CA THR E 168 28.99 -70.64 -25.90
C THR E 168 28.99 -72.14 -26.15
N ASP E 169 30.18 -72.71 -26.31
CA ASP E 169 30.32 -74.15 -26.52
C ASP E 169 30.24 -74.90 -25.18
N PRO E 170 30.91 -74.48 -24.06
CA PRO E 170 30.59 -75.14 -22.78
C PRO E 170 29.30 -74.62 -22.17
N SER E 171 28.17 -75.16 -22.60
CA SER E 171 26.89 -74.72 -22.06
C SER E 171 26.67 -75.31 -20.67
N PRO E 172 26.06 -74.56 -19.74
CA PRO E 172 25.60 -73.18 -19.90
C PRO E 172 26.66 -72.12 -19.59
N TYR E 173 27.53 -72.36 -18.61
CA TYR E 173 28.46 -71.35 -18.15
C TYR E 173 29.90 -71.80 -18.31
N CYS E 174 30.79 -70.82 -18.43
CA CYS E 174 32.21 -71.08 -18.65
C CYS E 174 33.01 -69.87 -18.21
N ILE E 175 34.24 -70.13 -17.77
CA ILE E 175 35.16 -69.06 -17.42
C ILE E 175 36.00 -68.71 -18.65
N VAL E 176 36.08 -67.42 -18.96
CA VAL E 176 36.79 -66.96 -20.15
C VAL E 176 38.29 -67.09 -19.93
N ALA E 177 38.94 -67.86 -20.79
CA ALA E 177 40.37 -68.14 -20.79
C ALA E 177 41.05 -67.41 -21.94
N PRO E 178 42.38 -67.27 -21.90
CA PRO E 178 43.11 -66.84 -23.11
C PRO E 178 43.05 -67.84 -24.26
N ASP E 179 42.65 -69.10 -24.00
CA ASP E 179 42.43 -70.07 -25.05
C ASP E 179 41.20 -69.75 -25.89
N THR E 180 40.30 -68.93 -25.39
CA THR E 180 39.02 -68.67 -26.06
C THR E 180 39.21 -67.78 -27.29
N VAL E 181 38.29 -67.93 -28.23
CA VAL E 181 38.16 -67.03 -29.37
C VAL E 181 36.76 -66.42 -29.33
N ILE E 182 36.68 -65.13 -29.65
CA ILE E 182 35.43 -64.37 -29.55
C ILE E 182 35.07 -63.92 -30.95
N HIS E 183 33.95 -64.43 -31.47
CA HIS E 183 33.46 -64.08 -32.80
C HIS E 183 32.46 -62.95 -32.64
N CYS E 184 32.95 -61.72 -32.72
CA CYS E 184 32.12 -60.54 -32.54
C CYS E 184 31.52 -60.03 -33.84
N GLU E 185 31.42 -60.89 -34.86
CA GLU E 185 30.72 -60.50 -36.08
C GLU E 185 29.21 -60.66 -35.89
N GLY E 186 28.46 -60.17 -36.87
CA GLY E 186 27.02 -60.30 -36.86
C GLY E 186 26.33 -58.95 -36.79
N GLU E 187 25.01 -59.00 -36.95
CA GLU E 187 24.17 -57.81 -36.94
C GLU E 187 23.64 -57.54 -35.53
N PRO E 188 23.47 -56.27 -35.17
CA PRO E 188 22.88 -55.96 -33.86
C PRO E 188 21.38 -56.23 -33.85
N ILE E 189 20.92 -56.84 -32.76
CA ILE E 189 19.51 -57.20 -32.62
C ILE E 189 18.86 -56.27 -31.61
N LYS E 190 17.54 -56.37 -31.51
CA LYS E 190 16.76 -55.51 -30.63
C LYS E 190 16.73 -56.09 -29.23
N ARG E 191 15.90 -55.51 -28.37
CA ARG E 191 15.75 -55.95 -26.99
C ARG E 191 14.54 -56.85 -26.85
N GLU E 192 14.65 -57.83 -25.97
CA GLU E 192 13.49 -58.60 -25.54
C GLU E 192 12.52 -57.68 -24.82
N ASP E 193 11.20 -57.98 -24.95
CA ASP E 193 10.16 -57.07 -24.50
C ASP E 193 10.15 -56.88 -22.98
N GLU E 194 10.75 -57.79 -22.23
CA GLU E 194 10.76 -57.72 -20.78
C GLU E 194 12.10 -57.30 -20.20
N GLU E 195 13.15 -57.19 -21.02
CA GLU E 195 14.48 -56.82 -20.53
C GLU E 195 14.53 -55.31 -20.32
N GLU E 196 14.66 -54.91 -19.05
CA GLU E 196 14.75 -53.49 -18.73
C GLU E 196 16.10 -52.93 -19.11
N SER E 197 16.14 -51.63 -19.36
CA SER E 197 17.34 -50.96 -19.83
C SER E 197 18.18 -50.47 -18.67
N LEU E 198 19.50 -50.52 -18.86
CA LEU E 198 20.46 -49.95 -17.92
C LEU E 198 20.74 -48.48 -18.23
N ASN E 199 20.06 -47.91 -19.22
CA ASN E 199 20.08 -46.47 -19.42
C ASN E 199 19.22 -45.75 -18.40
N GLU E 200 18.16 -46.38 -17.91
CA GLU E 200 17.26 -45.75 -16.98
C GLU E 200 17.88 -45.74 -15.57
N VAL E 201 17.21 -45.06 -14.65
CA VAL E 201 17.82 -44.57 -13.42
C VAL E 201 17.56 -45.57 -12.30
N GLY E 202 18.62 -45.89 -11.55
CA GLY E 202 18.51 -46.69 -10.36
C GLY E 202 19.09 -45.95 -9.17
N TYR E 203 19.47 -46.64 -8.10
CA TYR E 203 20.03 -45.94 -6.95
C TYR E 203 21.48 -45.55 -7.18
N ASP E 204 22.11 -46.08 -8.23
CA ASP E 204 23.53 -45.82 -8.44
C ASP E 204 23.78 -44.41 -8.98
N ASP E 205 22.78 -43.84 -9.66
CA ASP E 205 22.98 -42.54 -10.28
C ASP E 205 22.83 -41.40 -9.28
N ILE E 206 22.39 -41.71 -8.06
CA ILE E 206 22.20 -40.69 -7.05
C ILE E 206 23.38 -40.66 -6.10
N GLY E 207 23.96 -39.48 -5.90
CA GLY E 207 25.06 -39.34 -4.97
C GLY E 207 24.87 -38.16 -4.05
N GLY E 208 25.46 -38.27 -2.86
CA GLY E 208 25.53 -37.16 -1.94
C GLY E 208 24.38 -37.02 -0.97
N CYS E 209 23.32 -37.81 -1.11
CA CYS E 209 22.15 -37.71 -0.24
C CYS E 209 21.74 -39.12 0.19
N ARG E 210 22.71 -39.85 0.75
CA ARG E 210 22.49 -41.21 1.23
C ARG E 210 21.47 -41.28 2.36
N LYS E 211 21.48 -40.30 3.26
CA LYS E 211 20.59 -40.34 4.41
C LYS E 211 19.13 -40.09 4.02
N GLN E 212 18.90 -39.10 3.15
CA GLN E 212 17.54 -38.80 2.72
C GLN E 212 16.99 -39.91 1.84
N LEU E 213 17.85 -40.53 1.04
CA LEU E 213 17.41 -41.65 0.22
C LEU E 213 17.07 -42.86 1.08
N ALA E 214 17.82 -43.07 2.17
CA ALA E 214 17.50 -44.14 3.11
C ALA E 214 16.20 -43.87 3.84
N GLN E 215 15.94 -42.60 4.18
CA GLN E 215 14.71 -42.22 4.85
C GLN E 215 13.49 -42.42 3.94
N ILE E 216 13.62 -42.05 2.66
CA ILE E 216 12.54 -42.28 1.71
C ILE E 216 12.31 -43.77 1.49
N LYS E 217 13.39 -44.58 1.47
CA LYS E 217 13.21 -46.03 1.35
C LYS E 217 12.50 -46.62 2.56
N GLU E 218 12.84 -46.15 3.76
CA GLU E 218 12.15 -46.61 4.97
C GLU E 218 10.68 -46.20 4.98
N MET E 219 10.36 -45.04 4.39
CA MET E 219 8.95 -44.64 4.34
C MET E 219 8.17 -45.46 3.32
N VAL E 220 8.73 -45.68 2.14
CA VAL E 220 7.93 -46.07 0.99
C VAL E 220 8.08 -47.53 0.60
N GLU E 221 9.21 -48.18 0.89
CA GLU E 221 9.48 -49.51 0.36
C GLU E 221 8.56 -50.58 0.95
N LEU E 222 8.15 -50.44 2.19
CA LEU E 222 7.30 -51.46 2.80
C LEU E 222 5.83 -51.40 2.34
N PRO E 223 5.18 -50.24 2.13
CA PRO E 223 3.84 -50.30 1.53
C PRO E 223 3.81 -50.59 0.03
N LEU E 224 4.96 -50.71 -0.63
CA LEU E 224 4.96 -51.07 -2.05
C LEU E 224 5.32 -52.53 -2.28
N ARG E 225 6.34 -53.04 -1.59
CA ARG E 225 6.79 -54.41 -1.84
C ARG E 225 5.83 -55.42 -1.24
N HIS E 226 5.14 -55.04 -0.15
CA HIS E 226 4.19 -55.93 0.52
C HIS E 226 2.85 -55.23 0.68
N PRO E 227 2.07 -55.10 -0.41
CA PRO E 227 0.78 -54.39 -0.31
C PRO E 227 -0.27 -55.10 0.55
N ALA E 228 -0.55 -56.37 0.22
CA ALA E 228 -1.62 -57.09 0.91
C ALA E 228 -1.22 -57.52 2.30
N LEU E 229 0.07 -57.78 2.53
CA LEU E 229 0.54 -58.07 3.88
C LEU E 229 0.44 -56.85 4.78
N PHE E 230 0.58 -55.65 4.22
CA PHE E 230 0.40 -54.43 5.01
C PHE E 230 -1.08 -54.07 5.15
N LYS E 231 -1.90 -54.52 4.20
CA LYS E 231 -3.34 -54.24 4.24
C LYS E 231 -3.99 -54.90 5.45
N ALA E 232 -3.50 -56.08 5.85
CA ALA E 232 -4.11 -56.84 6.94
C ALA E 232 -3.55 -56.47 8.31
N ILE E 233 -2.80 -55.38 8.43
CA ILE E 233 -2.20 -55.05 9.73
C ILE E 233 -3.16 -54.20 10.56
N GLY E 234 -3.52 -53.03 10.06
CA GLY E 234 -4.29 -52.08 10.83
C GLY E 234 -3.51 -50.79 11.07
N VAL E 235 -2.44 -50.62 10.31
CA VAL E 235 -1.58 -49.45 10.37
C VAL E 235 -1.82 -48.60 9.14
N LYS E 236 -2.06 -47.29 9.35
CA LYS E 236 -2.20 -46.46 8.15
C LYS E 236 -0.82 -46.11 7.58
N PRO E 237 -0.66 -46.14 6.27
CA PRO E 237 0.59 -45.74 5.65
C PRO E 237 0.64 -44.23 5.48
N PRO E 238 1.79 -43.67 5.11
CA PRO E 238 1.78 -42.30 4.59
C PRO E 238 1.13 -42.24 3.22
N ARG E 239 0.60 -41.06 2.90
CA ARG E 239 -0.11 -40.89 1.64
C ARG E 239 0.26 -39.60 0.93
N GLY E 240 1.31 -38.91 1.37
CA GLY E 240 1.80 -37.75 0.65
C GLY E 240 3.13 -37.31 1.20
N ILE E 241 4.13 -37.15 0.33
CA ILE E 241 5.48 -36.79 0.74
C ILE E 241 5.89 -35.56 -0.05
N LEU E 242 6.49 -34.59 0.63
CA LEU E 242 6.86 -33.32 0.02
C LEU E 242 8.38 -33.20 0.06
N LEU E 243 9.01 -33.32 -1.10
CA LEU E 243 10.44 -33.10 -1.24
C LEU E 243 10.69 -31.62 -1.48
N TYR E 244 11.69 -31.06 -0.81
CA TYR E 244 12.02 -29.68 -1.10
C TYR E 244 13.51 -29.44 -1.00
N GLY E 245 13.97 -28.41 -1.69
CA GLY E 245 15.36 -28.06 -1.74
C GLY E 245 15.60 -27.00 -2.78
N PRO E 246 16.85 -26.57 -2.95
CA PRO E 246 17.15 -25.57 -3.97
C PRO E 246 17.02 -26.19 -5.37
N PRO E 247 16.88 -25.36 -6.41
CA PRO E 247 16.77 -25.91 -7.75
C PRO E 247 18.07 -26.53 -8.23
N GLY E 248 17.96 -27.74 -8.78
CA GLY E 248 19.10 -28.45 -9.30
C GLY E 248 19.63 -29.56 -8.43
N THR E 249 19.02 -29.82 -7.29
CA THR E 249 19.53 -30.81 -6.35
C THR E 249 19.02 -32.22 -6.64
N GLY E 250 18.38 -32.45 -7.78
CA GLY E 250 17.99 -33.80 -8.14
C GLY E 250 16.83 -34.36 -7.35
N LYS E 251 15.63 -33.80 -7.54
CA LYS E 251 14.45 -34.34 -6.87
C LYS E 251 13.66 -35.24 -7.81
N THR E 252 13.58 -34.85 -9.08
CA THR E 252 12.95 -35.70 -10.10
C THR E 252 13.74 -37.00 -10.27
N LEU E 253 15.05 -36.91 -10.13
CA LEU E 253 15.93 -38.08 -10.18
C LEU E 253 15.62 -39.06 -9.07
N ILE E 254 15.47 -38.56 -7.84
CA ILE E 254 15.18 -39.41 -6.68
C ILE E 254 13.80 -40.05 -6.82
N ALA E 255 12.82 -39.27 -7.28
CA ALA E 255 11.48 -39.81 -7.47
C ALA E 255 11.46 -40.92 -8.52
N ARG E 256 12.14 -40.70 -9.64
CA ARG E 256 12.17 -41.70 -10.70
C ARG E 256 12.96 -42.94 -10.30
N ALA E 257 14.01 -42.78 -9.51
CA ALA E 257 14.80 -43.93 -9.09
C ALA E 257 14.06 -44.78 -8.06
N VAL E 258 13.35 -44.14 -7.12
CA VAL E 258 12.53 -44.91 -6.19
C VAL E 258 11.34 -45.55 -6.91
N ALA E 259 10.88 -44.93 -8.01
CA ALA E 259 9.84 -45.54 -8.82
C ALA E 259 10.32 -46.81 -9.52
N ASN E 260 11.42 -46.71 -10.28
CA ASN E 260 11.84 -47.83 -11.11
C ASN E 260 12.41 -49.00 -10.31
N GLU E 261 13.02 -48.75 -9.17
CA GLU E 261 13.65 -49.81 -8.40
C GLU E 261 12.69 -50.51 -7.44
N THR E 262 11.38 -50.28 -7.58
CA THR E 262 10.39 -51.02 -6.84
C THR E 262 9.30 -51.63 -7.72
N GLY E 263 9.30 -51.35 -9.02
CA GLY E 263 8.31 -51.91 -9.90
C GLY E 263 6.95 -51.26 -9.83
N ALA E 264 6.84 -50.12 -9.18
CA ALA E 264 5.56 -49.44 -9.06
C ALA E 264 5.25 -48.68 -10.33
N PHE E 265 3.96 -48.63 -10.67
CA PHE E 265 3.51 -47.85 -11.82
C PHE E 265 3.67 -46.37 -11.54
N PHE E 266 4.49 -45.70 -12.35
CA PHE E 266 4.87 -44.32 -12.11
C PHE E 266 4.16 -43.41 -13.11
N PHE E 267 3.32 -42.52 -12.61
CA PHE E 267 2.66 -41.52 -13.44
C PHE E 267 3.26 -40.16 -13.12
N LEU E 268 3.47 -39.34 -14.14
CA LEU E 268 4.07 -38.03 -13.97
C LEU E 268 3.05 -36.95 -14.25
N ILE E 269 2.97 -35.97 -13.36
CA ILE E 269 2.19 -34.76 -13.55
C ILE E 269 3.16 -33.59 -13.54
N ASN E 270 3.12 -32.79 -14.60
CA ASN E 270 3.97 -31.62 -14.73
C ASN E 270 3.09 -30.38 -14.55
N GLY E 271 3.56 -29.44 -13.72
CA GLY E 271 2.80 -28.25 -13.39
C GLY E 271 2.44 -27.34 -14.53
N PRO E 272 3.42 -26.82 -15.29
CA PRO E 272 3.07 -25.97 -16.45
C PRO E 272 2.31 -26.68 -17.55
N GLU E 273 2.41 -28.01 -17.65
CA GLU E 273 1.64 -28.72 -18.66
C GLU E 273 0.15 -28.69 -18.35
N ILE E 274 -0.20 -28.66 -17.06
CA ILE E 274 -1.60 -28.54 -16.69
C ILE E 274 -2.03 -27.08 -16.70
N MET E 275 -1.16 -26.18 -16.25
CA MET E 275 -1.56 -24.77 -16.19
C MET E 275 -1.50 -24.10 -17.56
N SER E 276 -1.00 -24.80 -18.58
CA SER E 276 -0.99 -24.24 -19.93
C SER E 276 -2.25 -24.59 -20.70
N LYS E 277 -3.08 -25.48 -20.18
CA LYS E 277 -4.30 -25.89 -20.86
C LYS E 277 -5.39 -24.84 -20.69
N LEU E 278 -6.57 -25.15 -21.22
CA LEU E 278 -7.69 -24.23 -21.12
C LEU E 278 -8.32 -24.25 -19.74
N ALA E 279 -9.48 -23.60 -19.62
CA ALA E 279 -10.15 -23.44 -18.34
C ALA E 279 -10.73 -24.74 -17.82
N GLY E 280 -11.27 -25.57 -18.71
CA GLY E 280 -11.95 -26.78 -18.30
C GLY E 280 -11.19 -28.05 -18.59
N GLU E 281 -10.01 -27.92 -19.19
CA GLU E 281 -9.22 -29.09 -19.55
C GLU E 281 -8.18 -29.44 -18.48
N SER E 282 -8.01 -28.59 -17.47
CA SER E 282 -7.04 -28.87 -16.42
C SER E 282 -7.59 -29.87 -15.41
N GLU E 283 -8.82 -29.64 -14.95
CA GLU E 283 -9.41 -30.50 -13.93
C GLU E 283 -9.71 -31.88 -14.48
N SER E 284 -10.03 -31.97 -15.78
CA SER E 284 -10.24 -33.28 -16.39
C SER E 284 -8.94 -34.08 -16.44
N ASN E 285 -7.82 -33.40 -16.65
CA ASN E 285 -6.54 -34.11 -16.69
C ASN E 285 -6.11 -34.56 -15.31
N LEU E 286 -6.38 -33.74 -14.28
CA LEU E 286 -6.14 -34.18 -12.90
C LEU E 286 -6.99 -35.40 -12.52
N ARG E 287 -8.28 -35.37 -12.91
CA ARG E 287 -9.15 -36.50 -12.61
C ARG E 287 -8.71 -37.75 -13.36
N LYS E 288 -8.27 -37.61 -14.61
CA LYS E 288 -7.77 -38.75 -15.36
C LYS E 288 -6.50 -39.30 -14.74
N ALA E 289 -5.65 -38.43 -14.19
CA ALA E 289 -4.42 -38.88 -13.55
C ALA E 289 -4.71 -39.73 -12.31
N PHE E 290 -5.55 -39.23 -11.41
CA PHE E 290 -5.85 -39.98 -10.20
C PHE E 290 -6.67 -41.23 -10.48
N GLU E 291 -7.62 -41.17 -11.42
CA GLU E 291 -8.41 -42.36 -11.74
C GLU E 291 -7.59 -43.41 -12.47
N GLU E 292 -6.63 -43.00 -13.28
CA GLU E 292 -5.77 -43.97 -13.94
C GLU E 292 -4.78 -44.59 -12.96
N ALA E 293 -4.30 -43.83 -11.98
CA ALA E 293 -3.43 -44.43 -10.99
C ALA E 293 -4.20 -45.24 -9.94
N GLU E 294 -5.53 -45.15 -9.90
CA GLU E 294 -6.30 -46.11 -9.12
C GLU E 294 -6.12 -47.54 -9.62
N LYS E 295 -6.25 -47.75 -10.94
CA LYS E 295 -6.39 -49.09 -11.49
C LYS E 295 -5.09 -49.88 -11.49
N ASN E 296 -3.95 -49.23 -11.28
CA ASN E 296 -2.66 -49.88 -11.30
C ASN E 296 -2.01 -49.86 -9.92
N ALA E 297 -2.79 -50.13 -8.88
CA ALA E 297 -2.26 -50.15 -7.52
C ALA E 297 -1.34 -51.34 -7.33
N PRO E 298 -0.14 -51.16 -6.75
CA PRO E 298 0.42 -49.91 -6.21
C PRO E 298 1.01 -48.96 -7.25
N ALA E 299 0.76 -47.66 -7.07
CA ALA E 299 1.18 -46.64 -8.01
C ALA E 299 1.85 -45.51 -7.27
N ILE E 300 2.55 -44.66 -8.01
CA ILE E 300 3.19 -43.47 -7.48
C ILE E 300 2.83 -42.31 -8.40
N ILE E 301 2.27 -41.25 -7.83
CA ILE E 301 1.95 -40.04 -8.57
C ILE E 301 2.94 -38.97 -8.15
N PHE E 302 3.71 -38.45 -9.10
CA PHE E 302 4.68 -37.42 -8.82
C PHE E 302 4.22 -36.12 -9.46
N ILE E 303 3.86 -35.15 -8.63
CA ILE E 303 3.43 -33.84 -9.07
C ILE E 303 4.64 -32.92 -9.03
N ASP E 304 5.15 -32.57 -10.20
CA ASP E 304 6.36 -31.78 -10.32
C ASP E 304 5.99 -30.31 -10.35
N GLU E 305 6.78 -29.50 -9.62
CA GLU E 305 6.58 -28.05 -9.49
C GLU E 305 5.19 -27.72 -8.94
N LEU E 306 4.99 -28.06 -7.66
CA LEU E 306 3.72 -27.78 -6.99
C LEU E 306 3.52 -26.29 -6.73
N ASP E 307 4.57 -25.49 -6.87
CA ASP E 307 4.43 -24.04 -6.74
C ASP E 307 3.62 -23.45 -7.88
N ALA E 308 3.63 -24.12 -9.04
CA ALA E 308 2.90 -23.60 -10.20
C ALA E 308 1.42 -23.87 -10.07
N ILE E 309 1.04 -25.05 -9.56
CA ILE E 309 -0.37 -25.42 -9.52
C ILE E 309 -1.09 -24.70 -8.38
N ALA E 310 -0.59 -24.85 -7.16
CA ALA E 310 -1.27 -24.35 -5.97
C ALA E 310 -0.37 -23.42 -5.16
N PRO E 311 -0.25 -22.16 -5.56
CA PRO E 311 0.52 -21.20 -4.77
C PRO E 311 -0.28 -20.68 -3.58
N LYS E 312 0.27 -19.65 -2.94
CA LYS E 312 -0.42 -18.97 -1.85
C LYS E 312 -1.74 -18.36 -2.32
N ARG E 313 -2.67 -18.17 -1.38
CA ARG E 313 -4.01 -17.73 -1.76
C ARG E 313 -4.01 -16.27 -2.21
N GLU E 314 -3.11 -15.46 -1.66
CA GLU E 314 -3.05 -14.06 -2.08
C GLU E 314 -2.41 -13.93 -3.47
N LYS E 315 -1.66 -14.94 -3.89
CA LYS E 315 -1.03 -14.86 -5.21
C LYS E 315 -1.94 -15.45 -6.28
N THR E 316 -3.06 -16.02 -5.88
CA THR E 316 -4.06 -16.45 -6.84
C THR E 316 -5.07 -15.34 -7.08
N HIS E 317 -5.06 -14.79 -8.29
CA HIS E 317 -6.07 -13.85 -8.73
C HIS E 317 -6.87 -14.50 -9.84
N GLY E 318 -8.17 -14.63 -9.62
CA GLY E 318 -9.02 -15.35 -10.54
C GLY E 318 -9.81 -16.46 -9.86
N GLU E 319 -10.57 -17.19 -10.67
CA GLU E 319 -11.41 -18.25 -10.13
C GLU E 319 -10.96 -19.61 -10.63
N VAL E 320 -10.30 -19.65 -11.79
CA VAL E 320 -9.84 -20.91 -12.35
C VAL E 320 -8.74 -21.51 -11.51
N GLU E 321 -7.83 -20.67 -11.02
CA GLU E 321 -6.73 -21.14 -10.18
C GLU E 321 -7.25 -21.67 -8.85
N ARG E 322 -8.26 -21.02 -8.28
CA ARG E 322 -8.82 -21.51 -7.02
C ARG E 322 -9.64 -22.77 -7.22
N ARG E 323 -10.25 -22.95 -8.40
CA ARG E 323 -10.93 -24.21 -8.68
C ARG E 323 -9.93 -25.35 -8.84
N ILE E 324 -8.75 -25.06 -9.40
CA ILE E 324 -7.73 -26.11 -9.52
C ILE E 324 -7.19 -26.50 -8.15
N VAL E 325 -6.98 -25.51 -7.27
CA VAL E 325 -6.50 -25.82 -5.91
C VAL E 325 -7.54 -26.62 -5.13
N SER E 326 -8.81 -26.25 -5.24
CA SER E 326 -9.86 -26.99 -4.52
C SER E 326 -10.06 -28.39 -5.09
N GLN E 327 -9.84 -28.55 -6.40
CA GLN E 327 -9.92 -29.88 -7.01
C GLN E 327 -8.80 -30.79 -6.50
N LEU E 328 -7.59 -30.24 -6.36
CA LEU E 328 -6.49 -31.03 -5.82
C LEU E 328 -6.72 -31.41 -4.37
N LEU E 329 -7.28 -30.48 -3.57
CA LEU E 329 -7.62 -30.79 -2.18
C LEU E 329 -8.67 -31.91 -2.08
N THR E 330 -9.67 -31.86 -2.95
CA THR E 330 -10.73 -32.88 -2.94
C THR E 330 -10.17 -34.25 -3.31
N LEU E 331 -9.28 -34.31 -4.30
CA LEU E 331 -8.70 -35.60 -4.67
C LEU E 331 -7.77 -36.14 -3.58
N MET E 332 -7.00 -35.27 -2.94
CA MET E 332 -6.11 -35.72 -1.86
C MET E 332 -6.89 -36.21 -0.65
N ASP E 333 -8.10 -35.66 -0.43
CA ASP E 333 -8.98 -36.24 0.58
C ASP E 333 -9.60 -37.54 0.09
N GLY E 334 -9.83 -37.66 -1.21
CA GLY E 334 -10.39 -38.89 -1.75
C GLY E 334 -9.43 -40.05 -1.80
N LEU E 335 -8.13 -39.80 -1.58
CA LEU E 335 -7.18 -40.91 -1.47
C LEU E 335 -7.43 -41.80 -0.26
N LYS E 336 -8.07 -41.27 0.79
CA LYS E 336 -8.21 -42.04 2.02
C LYS E 336 -9.16 -43.22 1.84
N GLN E 337 -10.13 -43.09 0.93
CA GLN E 337 -10.99 -44.20 0.58
C GLN E 337 -10.36 -45.14 -0.45
N ARG E 338 -9.18 -44.82 -0.95
CA ARG E 338 -8.50 -45.61 -1.96
C ARG E 338 -7.49 -46.55 -1.31
N ALA E 339 -6.76 -47.28 -2.15
CA ALA E 339 -5.84 -48.30 -1.64
C ALA E 339 -4.57 -48.29 -2.47
N HIS E 340 -3.43 -48.17 -1.77
CA HIS E 340 -2.08 -48.32 -2.31
C HIS E 340 -1.78 -47.30 -3.41
N VAL E 341 -1.88 -46.02 -3.05
CA VAL E 341 -1.48 -44.91 -3.92
C VAL E 341 -0.67 -43.95 -3.07
N ILE E 342 0.56 -43.69 -3.49
CA ILE E 342 1.44 -42.75 -2.80
C ILE E 342 1.62 -41.54 -3.69
N VAL E 343 1.47 -40.35 -3.12
CA VAL E 343 1.58 -39.11 -3.86
C VAL E 343 2.82 -38.36 -3.37
N MET E 344 3.74 -38.09 -4.29
CA MET E 344 4.94 -37.31 -3.99
C MET E 344 4.84 -35.97 -4.70
N ALA E 345 5.51 -34.97 -4.13
CA ALA E 345 5.52 -33.66 -4.76
C ALA E 345 6.86 -33.02 -4.47
N ALA E 346 7.21 -32.02 -5.27
CA ALA E 346 8.52 -31.40 -5.19
C ALA E 346 8.37 -29.90 -5.33
N THR E 347 8.90 -29.16 -4.37
CA THR E 347 8.85 -27.71 -4.39
C THR E 347 10.26 -27.16 -4.36
N ASN E 348 10.36 -25.84 -4.22
CA ASN E 348 11.66 -25.18 -4.05
C ASN E 348 11.85 -24.62 -2.65
N ARG E 349 10.77 -24.35 -1.93
CA ARG E 349 10.79 -23.98 -0.52
C ARG E 349 9.40 -24.25 0.04
N PRO E 350 9.27 -24.51 1.34
CA PRO E 350 7.94 -24.82 1.88
C PRO E 350 6.99 -23.65 1.88
N ASN E 351 7.48 -22.42 2.01
CA ASN E 351 6.65 -21.27 2.30
C ASN E 351 5.94 -20.70 1.09
N SER E 352 5.98 -21.39 -0.06
CA SER E 352 5.27 -20.94 -1.25
C SER E 352 4.05 -21.80 -1.55
N ILE E 353 3.66 -22.67 -0.63
CA ILE E 353 2.55 -23.59 -0.80
C ILE E 353 1.38 -23.09 0.02
N ASP E 354 0.17 -23.19 -0.54
CA ASP E 354 -1.07 -23.02 0.18
C ASP E 354 -1.07 -23.91 1.44
N PRO E 355 -1.20 -23.33 2.64
CA PRO E 355 -1.03 -24.12 3.87
C PRO E 355 -2.13 -25.13 4.14
N ALA E 356 -3.18 -25.18 3.31
CA ALA E 356 -4.16 -26.24 3.46
C ALA E 356 -3.64 -27.56 2.90
N LEU E 357 -2.56 -27.51 2.12
CA LEU E 357 -1.97 -28.72 1.56
C LEU E 357 -0.95 -29.34 2.50
N ARG E 358 -0.89 -28.88 3.73
CA ARG E 358 0.14 -29.37 4.63
C ARG E 358 -0.46 -30.02 5.88
N ARG E 359 -1.78 -30.01 6.00
CA ARG E 359 -2.42 -30.57 7.17
C ARG E 359 -2.43 -32.09 7.11
N PHE E 360 -3.04 -32.70 8.11
CA PHE E 360 -2.99 -34.14 8.25
C PHE E 360 -3.87 -34.82 7.22
N GLY E 361 -3.30 -35.78 6.51
CA GLY E 361 -3.96 -36.40 5.38
C GLY E 361 -3.59 -35.83 4.04
N ARG E 362 -2.85 -34.72 3.99
CA ARG E 362 -2.41 -34.10 2.75
C ARG E 362 -0.97 -33.64 2.97
N PHE E 363 0.00 -34.42 2.49
CA PHE E 363 1.43 -34.07 2.49
C PHE E 363 1.94 -33.76 3.90
N ASP E 364 1.76 -34.71 4.80
CA ASP E 364 2.16 -34.50 6.19
C ASP E 364 3.64 -34.72 6.40
N ARG E 365 4.29 -35.47 5.52
CA ARG E 365 5.71 -35.77 5.66
C ARG E 365 6.55 -34.92 4.72
N GLU E 366 7.62 -34.35 5.24
CA GLU E 366 8.47 -33.44 4.49
C GLU E 366 9.91 -33.91 4.54
N VAL E 367 10.57 -33.94 3.38
CA VAL E 367 11.96 -34.34 3.26
C VAL E 367 12.74 -33.17 2.68
N ASP E 368 13.90 -32.89 3.27
CA ASP E 368 14.75 -31.78 2.87
C ASP E 368 15.97 -32.33 2.15
N ILE E 369 16.18 -31.88 0.92
CA ILE E 369 17.34 -32.29 0.15
C ILE E 369 18.25 -31.09 -0.06
N GLY E 370 19.24 -30.93 0.81
CA GLY E 370 20.09 -29.75 0.78
C GLY E 370 21.20 -29.87 -0.25
N ILE E 371 22.06 -28.86 -0.25
CA ILE E 371 23.21 -28.80 -1.14
C ILE E 371 24.25 -29.80 -0.65
N PRO E 372 25.07 -30.40 -1.51
CA PRO E 372 25.95 -31.48 -1.06
C PRO E 372 27.17 -30.95 -0.33
N ASP E 373 27.84 -31.83 0.40
CA ASP E 373 29.14 -31.58 0.99
C ASP E 373 30.26 -32.14 0.10
N ALA E 374 31.48 -32.13 0.63
CA ALA E 374 32.66 -32.44 -0.19
C ALA E 374 32.70 -33.91 -0.57
N THR E 375 32.33 -34.80 0.35
CA THR E 375 32.18 -36.21 0.01
C THR E 375 31.06 -36.39 -1.00
N GLY E 376 29.97 -35.64 -0.84
CA GLY E 376 28.89 -35.67 -1.80
C GLY E 376 29.31 -35.18 -3.17
N ARG E 377 30.05 -34.07 -3.23
CA ARG E 377 30.48 -33.53 -4.52
C ARG E 377 31.48 -34.45 -5.20
N LEU E 378 32.33 -35.13 -4.43
CA LEU E 378 33.21 -36.14 -5.00
C LEU E 378 32.41 -37.30 -5.59
N GLU E 379 31.32 -37.69 -4.91
CA GLU E 379 30.50 -38.77 -5.43
C GLU E 379 29.75 -38.34 -6.70
N ILE E 380 29.34 -37.07 -6.78
CA ILE E 380 28.71 -36.56 -8.01
C ILE E 380 29.71 -36.59 -9.17
N LEU E 381 30.93 -36.11 -8.92
CA LEU E 381 31.94 -36.07 -9.97
C LEU E 381 32.36 -37.48 -10.41
N GLN E 382 32.32 -38.44 -9.50
CA GLN E 382 32.59 -39.81 -9.91
C GLN E 382 31.45 -40.40 -10.72
N ILE E 383 30.21 -39.99 -10.44
CA ILE E 383 29.08 -40.50 -11.21
C ILE E 383 29.08 -39.94 -12.63
N HIS E 384 29.36 -38.64 -12.78
CA HIS E 384 29.22 -38.05 -14.11
C HIS E 384 30.42 -38.34 -15.01
N THR E 385 31.52 -38.82 -14.43
CA THR E 385 32.69 -39.20 -15.22
C THR E 385 32.85 -40.70 -15.33
N LYS E 386 31.76 -41.46 -15.42
CA LYS E 386 31.87 -42.90 -15.66
C LYS E 386 32.36 -43.17 -17.07
N ASN E 387 31.68 -42.59 -18.06
CA ASN E 387 31.96 -42.94 -19.44
C ASN E 387 33.18 -42.19 -19.97
N MET E 388 33.45 -41.00 -19.45
CA MET E 388 34.59 -40.23 -19.92
C MET E 388 35.90 -40.86 -19.46
N LYS E 389 36.95 -40.58 -20.21
CA LYS E 389 38.26 -41.19 -20.02
C LYS E 389 39.23 -40.11 -19.58
N LEU E 390 39.62 -40.14 -18.31
CA LEU E 390 40.45 -39.09 -17.75
C LEU E 390 41.93 -39.40 -17.98
N ALA E 391 42.74 -38.36 -17.89
CA ALA E 391 44.19 -38.52 -17.97
C ALA E 391 44.75 -38.92 -16.60
N ASP E 392 46.08 -38.86 -16.50
CA ASP E 392 46.74 -39.42 -15.32
C ASP E 392 46.83 -38.40 -14.19
N ASP E 393 46.86 -37.12 -14.53
CA ASP E 393 47.06 -36.10 -13.50
C ASP E 393 45.75 -35.64 -12.88
N VAL E 394 44.62 -36.08 -13.44
CA VAL E 394 43.33 -35.60 -12.98
C VAL E 394 42.99 -36.21 -11.64
N ASP E 395 42.90 -35.37 -10.62
CA ASP E 395 42.57 -35.78 -9.26
C ASP E 395 41.23 -35.17 -8.91
N LEU E 396 40.19 -36.00 -8.83
CA LEU E 396 38.84 -35.48 -8.62
C LEU E 396 38.63 -35.00 -7.19
N GLU E 397 39.51 -35.40 -6.26
CA GLU E 397 39.35 -34.99 -4.87
C GLU E 397 39.67 -33.51 -4.70
N GLN E 398 40.64 -32.99 -5.45
CA GLN E 398 40.93 -31.56 -5.36
C GLN E 398 39.84 -30.73 -6.03
N VAL E 399 39.26 -31.26 -7.12
CA VAL E 399 38.15 -30.56 -7.77
C VAL E 399 36.93 -30.53 -6.86
N ALA E 400 36.67 -31.64 -6.16
CA ALA E 400 35.58 -31.68 -5.20
C ALA E 400 35.83 -30.78 -4.00
N ASN E 401 37.10 -30.64 -3.57
CA ASN E 401 37.40 -29.74 -2.48
C ASN E 401 37.33 -28.27 -2.92
N GLU E 402 37.48 -27.99 -4.20
CA GLU E 402 37.48 -26.62 -4.67
C GLU E 402 36.09 -26.05 -4.89
N THR E 403 35.20 -26.86 -5.49
CA THR E 403 33.82 -26.46 -5.77
C THR E 403 33.07 -26.22 -4.48
N HIS E 404 32.67 -24.98 -4.24
CA HIS E 404 31.90 -24.60 -3.05
C HIS E 404 30.71 -23.78 -3.51
N GLY E 405 29.51 -24.23 -3.16
CA GLY E 405 28.29 -23.60 -3.61
C GLY E 405 27.68 -24.26 -4.82
N HIS E 406 28.26 -25.35 -5.31
CA HIS E 406 27.74 -26.02 -6.50
C HIS E 406 26.76 -27.11 -6.12
N VAL E 407 25.56 -27.05 -6.70
CA VAL E 407 24.61 -28.15 -6.68
C VAL E 407 24.97 -29.12 -7.79
N GLY E 408 24.28 -30.27 -7.84
CA GLY E 408 24.70 -31.34 -8.74
C GLY E 408 24.60 -31.00 -10.21
N ALA E 409 23.65 -30.14 -10.58
CA ALA E 409 23.52 -29.74 -11.98
C ALA E 409 24.69 -28.86 -12.41
N ASP E 410 25.22 -28.06 -11.48
CA ASP E 410 26.43 -27.30 -11.76
C ASP E 410 27.63 -28.20 -11.99
N LEU E 411 27.70 -29.33 -11.26
CA LEU E 411 28.82 -30.24 -11.44
C LEU E 411 28.70 -31.00 -12.75
N ALA E 412 27.48 -31.34 -13.15
CA ALA E 412 27.28 -31.95 -14.46
C ALA E 412 27.65 -30.99 -15.59
N ALA E 413 27.30 -29.72 -15.43
CA ALA E 413 27.66 -28.72 -16.43
C ALA E 413 29.16 -28.48 -16.46
N LEU E 414 29.82 -28.57 -15.30
CA LEU E 414 31.28 -28.42 -15.23
C LEU E 414 32.00 -29.55 -15.97
N CYS E 415 31.56 -30.79 -15.74
CA CYS E 415 32.15 -31.93 -16.44
C CYS E 415 31.94 -31.84 -17.95
N SER E 416 30.72 -31.48 -18.38
CA SER E 416 30.45 -31.37 -19.81
C SER E 416 31.23 -30.23 -20.46
N GLU E 417 31.43 -29.14 -19.72
CA GLU E 417 32.12 -27.99 -20.29
C GLU E 417 33.62 -28.24 -20.40
N ALA E 418 34.19 -28.97 -19.43
CA ALA E 418 35.60 -29.35 -19.52
C ALA E 418 35.83 -30.36 -20.64
N ALA E 419 34.87 -31.26 -20.86
CA ALA E 419 35.00 -32.20 -21.98
C ALA E 419 34.90 -31.48 -23.32
N LEU E 420 34.08 -30.43 -23.40
CA LEU E 420 34.01 -29.67 -24.64
C LEU E 420 35.28 -28.86 -24.88
N GLN E 421 35.94 -28.38 -23.81
CA GLN E 421 37.23 -27.73 -24.04
C GLN E 421 38.28 -28.73 -24.51
N ALA E 422 38.25 -29.95 -23.95
CA ALA E 422 39.19 -30.98 -24.38
C ALA E 422 38.97 -31.39 -25.83
N ILE E 423 37.72 -31.33 -26.30
CA ILE E 423 37.47 -31.55 -27.72
C ILE E 423 37.95 -30.35 -28.54
N ARG E 424 37.70 -29.13 -28.07
CA ARG E 424 38.02 -27.96 -28.89
C ARG E 424 39.49 -27.55 -28.77
N LYS E 425 40.31 -28.33 -28.05
CA LYS E 425 41.75 -28.12 -28.15
C LYS E 425 42.31 -28.73 -29.42
N LYS E 426 41.81 -29.91 -29.80
CA LYS E 426 42.23 -30.58 -31.03
C LYS E 426 41.05 -30.79 -31.97
N MET E 427 40.94 -29.93 -32.99
CA MET E 427 39.94 -30.08 -34.05
C MET E 427 40.74 -30.27 -35.35
N ASP E 428 41.77 -31.11 -35.26
CA ASP E 428 42.66 -31.38 -36.38
C ASP E 428 42.50 -32.80 -36.89
N LEU E 429 42.63 -33.80 -36.01
CA LEU E 429 42.44 -35.18 -36.42
C LEU E 429 40.97 -35.59 -36.31
N ILE E 430 40.18 -34.80 -35.58
CA ILE E 430 38.77 -35.11 -35.41
C ILE E 430 38.01 -34.85 -36.70
N ASP E 431 38.30 -33.72 -37.36
CA ASP E 431 37.46 -33.23 -38.44
C ASP E 431 37.66 -34.03 -39.72
N LEU E 432 38.86 -34.59 -39.91
CA LEU E 432 39.17 -35.24 -41.18
C LEU E 432 38.45 -36.57 -41.33
N GLU E 433 38.06 -37.19 -40.21
CA GLU E 433 37.18 -38.36 -40.25
C GLU E 433 35.74 -37.93 -39.94
N ASP E 434 35.04 -37.56 -41.01
CA ASP E 434 33.79 -36.81 -40.85
C ASP E 434 32.58 -37.73 -40.89
N GLU E 435 32.61 -38.77 -41.72
CA GLU E 435 31.41 -39.56 -41.97
C GLU E 435 31.14 -40.53 -40.83
N THR E 436 32.15 -41.31 -40.43
CA THR E 436 32.03 -42.28 -39.36
C THR E 436 32.88 -41.83 -38.19
N ILE E 437 32.56 -42.33 -37.00
CA ILE E 437 33.40 -42.09 -35.82
C ILE E 437 33.91 -43.43 -35.30
N ASP E 438 35.24 -43.57 -35.23
CA ASP E 438 35.88 -44.74 -34.65
C ASP E 438 36.17 -44.45 -33.19
N ALA E 439 36.19 -45.52 -32.38
CA ALA E 439 36.31 -45.33 -30.94
C ALA E 439 37.73 -45.01 -30.52
N GLU E 440 38.72 -45.38 -31.35
CA GLU E 440 40.11 -45.09 -31.03
C GLU E 440 40.40 -43.60 -31.13
N VAL E 441 39.71 -42.91 -32.03
CA VAL E 441 39.88 -41.47 -32.19
C VAL E 441 39.39 -40.73 -30.94
N MET E 442 38.33 -41.25 -30.31
CA MET E 442 37.89 -40.67 -29.05
C MET E 442 38.66 -41.24 -27.87
N ASN E 443 39.42 -42.32 -28.10
CA ASN E 443 40.36 -42.77 -27.07
C ASN E 443 41.61 -41.91 -27.06
N SER E 444 41.92 -41.27 -28.19
CA SER E 444 42.96 -40.25 -28.20
C SER E 444 42.53 -39.03 -27.40
N LEU E 445 41.22 -38.78 -27.33
CA LEU E 445 40.69 -37.73 -26.49
C LEU E 445 40.82 -38.11 -25.02
N ALA E 446 41.59 -37.33 -24.28
CA ALA E 446 41.76 -37.52 -22.84
C ALA E 446 41.72 -36.16 -22.17
N VAL E 447 40.93 -36.06 -21.10
CA VAL E 447 40.71 -34.79 -20.44
C VAL E 447 41.80 -34.56 -19.40
N THR E 448 42.40 -33.37 -19.40
CA THR E 448 43.50 -33.07 -18.51
C THR E 448 43.02 -32.21 -17.35
N MET E 449 43.95 -31.88 -16.46
CA MET E 449 43.60 -31.10 -15.27
C MET E 449 43.43 -29.62 -15.61
N ASP E 450 44.03 -29.18 -16.71
CA ASP E 450 43.88 -27.79 -17.13
C ASP E 450 42.48 -27.52 -17.64
N ASP E 451 41.83 -28.55 -18.19
CA ASP E 451 40.43 -28.43 -18.60
C ASP E 451 39.53 -28.17 -17.40
N PHE E 452 39.70 -28.94 -16.32
CA PHE E 452 38.92 -28.71 -15.12
C PHE E 452 39.30 -27.41 -14.44
N ARG E 453 40.56 -26.97 -14.60
CA ARG E 453 40.97 -25.68 -14.06
C ARG E 453 40.27 -24.52 -14.75
N TRP E 454 40.18 -24.58 -16.09
CA TRP E 454 39.47 -23.54 -16.81
C TRP E 454 37.98 -23.60 -16.55
N ALA E 455 37.44 -24.82 -16.40
CA ALA E 455 36.01 -24.95 -16.12
C ALA E 455 35.67 -24.44 -14.72
N LEU E 456 36.60 -24.57 -13.77
CA LEU E 456 36.42 -23.94 -12.48
C LEU E 456 36.53 -22.43 -12.58
N SER E 457 37.38 -21.94 -13.47
CA SER E 457 37.58 -20.49 -13.55
C SER E 457 36.43 -19.81 -14.27
N GLN E 458 35.68 -20.56 -15.08
CA GLN E 458 34.60 -19.93 -15.85
C GLN E 458 33.25 -20.05 -15.14
N SER E 459 33.02 -21.14 -14.41
CA SER E 459 31.68 -21.42 -13.91
C SER E 459 31.34 -20.54 -12.73
N ASN E 460 30.05 -20.26 -12.59
CA ASN E 460 29.51 -19.51 -11.45
C ASN E 460 28.43 -20.32 -10.76
N PRO E 461 28.61 -20.70 -9.50
CA PRO E 461 27.60 -21.52 -8.82
C PRO E 461 26.36 -20.72 -8.49
N SER E 462 25.31 -21.43 -8.07
CA SER E 462 24.02 -20.83 -7.84
C SER E 462 23.58 -20.85 -6.39
N ALA E 463 24.25 -21.61 -5.53
CA ALA E 463 23.87 -21.73 -4.14
C ALA E 463 24.86 -21.07 -3.20
N LEU E 464 25.39 -19.90 -3.57
CA LEU E 464 26.32 -19.20 -2.69
C LEU E 464 25.59 -18.48 -1.57
N ARG E 465 24.34 -18.07 -1.81
CA ARG E 465 23.62 -17.29 -0.82
C ARG E 465 22.98 -18.19 0.23
N GLU E 466 22.92 -19.49 -0.02
CA GLU E 466 22.28 -20.41 0.90
C GLU E 466 23.17 -20.69 2.11
N THR E 467 22.53 -21.05 3.22
CA THR E 467 23.27 -21.39 4.42
C THR E 467 23.82 -22.80 4.34
N VAL E 468 24.97 -23.03 4.96
CA VAL E 468 25.70 -24.28 4.87
C VAL E 468 25.51 -25.06 6.15
N VAL E 469 24.92 -26.26 6.03
CA VAL E 469 24.70 -27.15 7.15
C VAL E 469 25.51 -28.41 6.90
N GLU E 470 26.62 -28.57 7.62
CA GLU E 470 27.51 -29.69 7.38
C GLU E 470 28.35 -29.95 8.62
N VAL E 471 28.96 -31.12 8.65
CA VAL E 471 29.86 -31.48 9.76
C VAL E 471 31.20 -30.80 9.54
N PRO E 472 31.78 -30.15 10.56
CA PRO E 472 33.08 -29.49 10.36
C PRO E 472 34.19 -30.50 10.23
N GLN E 473 35.36 -30.01 9.80
CA GLN E 473 36.54 -30.85 9.64
C GLN E 473 37.65 -30.52 10.62
N VAL E 474 37.45 -29.52 11.47
CA VAL E 474 38.44 -29.15 12.46
C VAL E 474 38.42 -30.15 13.61
N THR E 475 39.58 -30.68 13.98
CA THR E 475 39.69 -31.61 15.09
C THR E 475 40.28 -30.89 16.28
N TRP E 476 40.54 -31.64 17.35
CA TRP E 476 41.07 -31.04 18.57
C TRP E 476 42.53 -30.66 18.41
N GLU E 477 43.22 -31.23 17.42
CA GLU E 477 44.66 -31.04 17.32
C GLU E 477 45.01 -29.76 16.58
N ASP E 478 44.01 -29.06 16.04
CA ASP E 478 44.25 -27.73 15.49
C ASP E 478 44.25 -26.67 16.58
N ILE E 479 43.84 -27.06 17.80
CA ILE E 479 43.73 -26.09 18.88
C ILE E 479 44.79 -26.40 19.93
N GLY E 480 45.50 -25.36 20.36
CA GLY E 480 46.60 -25.50 21.30
C GLY E 480 46.14 -25.31 22.73
N GLY E 481 46.23 -26.39 23.50
CA GLY E 481 45.97 -26.29 24.93
C GLY E 481 44.49 -26.24 25.21
N LEU E 482 44.13 -25.44 26.22
CA LEU E 482 42.76 -25.26 26.71
C LEU E 482 42.13 -26.60 27.08
N GLU E 483 42.72 -27.29 28.06
CA GLU E 483 42.33 -28.68 28.30
C GLU E 483 41.08 -28.77 29.15
N ASP E 484 40.99 -27.96 30.21
CA ASP E 484 39.79 -27.98 31.05
C ASP E 484 38.57 -27.45 30.31
N VAL E 485 38.78 -26.58 29.32
CA VAL E 485 37.69 -26.13 28.46
C VAL E 485 37.18 -27.28 27.60
N LYS E 486 38.10 -28.11 27.09
CA LYS E 486 37.71 -29.30 26.34
C LYS E 486 36.96 -30.28 27.22
N ARG E 487 37.39 -30.43 28.48
CA ARG E 487 36.71 -31.32 29.40
C ARG E 487 35.30 -30.82 29.73
N GLU E 488 35.16 -29.52 29.93
CA GLU E 488 33.86 -28.95 30.26
C GLU E 488 32.90 -29.01 29.08
N LEU E 489 33.41 -28.80 27.86
CA LEU E 489 32.56 -28.91 26.68
C LEU E 489 32.15 -30.36 26.41
N GLN E 490 33.03 -31.32 26.70
CA GLN E 490 32.61 -32.71 26.59
C GLN E 490 31.59 -33.08 27.65
N GLU E 491 31.67 -32.47 28.84
CA GLU E 491 30.63 -32.71 29.84
C GLU E 491 29.29 -32.13 29.41
N LEU E 492 29.30 -30.95 28.79
CA LEU E 492 28.04 -30.28 28.49
C LEU E 492 27.39 -30.82 27.22
N VAL E 493 28.15 -31.03 26.16
CA VAL E 493 27.56 -31.40 24.88
C VAL E 493 27.34 -32.89 24.78
N GLN E 494 28.33 -33.69 25.16
CA GLN E 494 28.39 -35.09 24.74
C GLN E 494 27.69 -36.05 25.69
N TYR E 495 27.73 -35.81 26.99
CA TYR E 495 27.11 -36.71 27.96
C TYR E 495 25.58 -36.84 27.87
N PRO E 496 24.79 -35.80 27.57
CA PRO E 496 23.35 -36.06 27.36
C PRO E 496 23.03 -36.81 26.07
N VAL E 497 23.98 -36.98 25.16
CA VAL E 497 23.72 -37.76 23.94
C VAL E 497 24.11 -39.21 24.12
N GLU E 498 25.30 -39.47 24.65
CA GLU E 498 25.77 -40.83 24.80
C GLU E 498 25.14 -41.56 25.97
N HIS E 499 24.85 -40.88 27.07
CA HIS E 499 24.30 -41.53 28.27
C HIS E 499 23.06 -40.79 28.75
N PRO E 500 21.91 -40.98 28.08
CA PRO E 500 20.67 -40.35 28.58
C PRO E 500 20.14 -41.01 29.85
N ASP E 501 20.52 -42.26 30.09
CA ASP E 501 19.97 -43.03 31.20
C ASP E 501 20.45 -42.51 32.54
N LYS E 502 21.66 -41.93 32.56
CA LYS E 502 22.18 -41.39 33.82
C LYS E 502 21.42 -40.13 34.21
N PHE E 503 21.09 -39.28 33.22
CA PHE E 503 20.28 -38.11 33.48
C PHE E 503 18.84 -38.50 33.81
N LEU E 504 18.35 -39.63 33.28
CA LEU E 504 17.03 -40.10 33.68
C LEU E 504 17.03 -40.60 35.13
N LYS E 505 18.06 -41.37 35.52
CA LYS E 505 18.06 -41.98 36.85
C LYS E 505 18.33 -40.94 37.94
N PHE E 506 19.35 -40.11 37.77
CA PHE E 506 19.64 -39.11 38.79
C PHE E 506 18.66 -37.95 38.79
N GLY E 507 17.88 -37.79 37.73
CA GLY E 507 16.84 -36.79 37.69
C GLY E 507 17.35 -35.37 37.57
N MET E 508 18.02 -35.08 36.45
CA MET E 508 18.57 -33.77 36.17
C MET E 508 18.11 -33.32 34.79
N THR E 509 17.67 -32.06 34.70
CA THR E 509 17.44 -31.41 33.41
C THR E 509 18.77 -30.96 32.84
N PRO E 510 19.14 -31.35 31.62
CA PRO E 510 20.43 -30.94 31.08
C PRO E 510 20.42 -29.47 30.67
N SER E 511 21.57 -28.82 30.80
CA SER E 511 21.68 -27.43 30.39
C SER E 511 21.69 -27.33 28.87
N LYS E 512 21.45 -26.13 28.37
CA LYS E 512 21.09 -25.94 26.97
C LYS E 512 22.00 -24.95 26.25
N GLY E 513 22.68 -24.08 26.97
CA GLY E 513 23.50 -23.07 26.31
C GLY E 513 24.80 -22.79 27.02
N VAL E 514 25.74 -22.21 26.28
CA VAL E 514 27.06 -21.83 26.77
C VAL E 514 27.38 -20.48 26.16
N LEU E 515 27.97 -19.57 26.96
CA LEU E 515 28.51 -18.33 26.43
C LEU E 515 30.01 -18.31 26.63
N PHE E 516 30.77 -18.28 25.55
CA PHE E 516 32.20 -18.05 25.59
C PHE E 516 32.43 -16.56 25.63
N TYR E 517 33.49 -16.12 26.31
CA TYR E 517 33.92 -14.74 26.18
C TYR E 517 35.43 -14.66 26.33
N GLY E 518 36.02 -13.56 25.93
CA GLY E 518 37.45 -13.40 25.98
C GLY E 518 37.96 -12.41 24.96
N PRO E 519 39.28 -12.34 24.81
CA PRO E 519 39.86 -11.40 23.85
C PRO E 519 39.62 -11.88 22.43
N PRO E 520 39.76 -10.99 21.44
CA PRO E 520 39.57 -11.41 20.05
C PRO E 520 40.74 -12.23 19.54
N GLY E 521 40.43 -13.18 18.66
CA GLY E 521 41.45 -13.99 18.04
C GLY E 521 41.93 -15.17 18.85
N CYS E 522 41.26 -15.49 19.95
CA CYS E 522 41.71 -16.53 20.85
C CYS E 522 41.06 -17.89 20.62
N GLY E 523 40.42 -18.09 19.47
CA GLY E 523 39.98 -19.42 19.11
C GLY E 523 38.64 -19.85 19.67
N LYS E 524 37.58 -19.07 19.48
CA LYS E 524 36.27 -19.51 19.93
C LYS E 524 35.52 -20.26 18.84
N THR E 525 35.65 -19.81 17.59
CA THR E 525 35.04 -20.50 16.47
C THR E 525 35.66 -21.88 16.26
N LEU E 526 36.95 -22.01 16.54
CA LEU E 526 37.61 -23.30 16.41
C LEU E 526 37.13 -24.28 17.48
N LEU E 527 36.89 -23.80 18.70
CA LEU E 527 36.35 -24.68 19.72
C LEU E 527 34.93 -25.10 19.41
N ALA E 528 34.13 -24.20 18.84
CA ALA E 528 32.77 -24.57 18.44
C ALA E 528 32.78 -25.61 17.34
N LYS E 529 33.64 -25.45 16.33
CA LYS E 529 33.71 -26.43 15.26
C LYS E 529 34.29 -27.76 15.76
N ALA E 530 35.22 -27.71 16.71
CA ALA E 530 35.83 -28.93 17.23
C ALA E 530 34.83 -29.74 18.06
N ILE E 531 34.02 -29.07 18.88
CA ILE E 531 33.04 -29.82 19.64
C ILE E 531 31.86 -30.25 18.76
N ALA E 532 31.62 -29.57 17.64
CA ALA E 532 30.69 -30.12 16.67
C ALA E 532 31.27 -31.30 15.91
N ASN E 533 32.59 -31.41 15.82
CA ASN E 533 33.22 -32.54 15.16
C ASN E 533 33.35 -33.75 16.06
N GLU E 534 33.56 -33.54 17.36
CA GLU E 534 33.74 -34.66 18.29
C GLU E 534 32.46 -35.47 18.45
N CYS E 535 31.31 -34.81 18.45
CA CYS E 535 30.03 -35.49 18.59
C CYS E 535 29.42 -35.90 17.27
N GLN E 536 30.07 -35.57 16.16
CA GLN E 536 29.59 -35.82 14.79
C GLN E 536 28.20 -35.23 14.56
N ALA E 537 28.05 -33.95 14.89
CA ALA E 537 26.82 -33.23 14.72
C ALA E 537 26.98 -32.21 13.62
N ASN E 538 25.86 -31.64 13.17
CA ASN E 538 25.90 -30.57 12.19
C ASN E 538 26.33 -29.27 12.85
N PHE E 539 26.52 -28.24 12.03
CA PHE E 539 27.01 -26.96 12.51
C PHE E 539 26.44 -25.85 11.66
N ILE E 540 25.71 -24.94 12.31
CA ILE E 540 25.14 -23.78 11.65
C ILE E 540 25.77 -22.55 12.27
N SER E 541 26.36 -21.69 11.45
CA SER E 541 27.09 -20.53 11.94
C SER E 541 26.39 -19.27 11.47
N ILE E 542 26.23 -18.31 12.37
CA ILE E 542 25.53 -17.06 12.11
C ILE E 542 26.42 -15.90 12.53
N LYS E 543 26.81 -15.08 11.58
CA LYS E 543 27.77 -14.03 11.86
C LYS E 543 27.08 -12.80 12.44
N GLY E 544 27.90 -11.79 12.76
CA GLY E 544 27.42 -10.50 13.19
C GLY E 544 26.69 -9.68 12.16
N PRO E 545 27.20 -9.55 10.92
CA PRO E 545 26.42 -8.88 9.87
C PRO E 545 25.07 -9.51 9.55
N GLU E 546 24.87 -10.82 9.78
CA GLU E 546 23.54 -11.37 9.56
C GLU E 546 22.57 -10.95 10.66
N LEU E 547 23.09 -10.53 11.80
CA LEU E 547 22.22 -9.97 12.84
C LEU E 547 21.97 -8.50 12.59
N LEU E 548 22.98 -7.77 12.14
CA LEU E 548 22.78 -6.35 11.86
C LEU E 548 21.90 -6.13 10.64
N THR E 549 21.87 -7.08 9.70
CA THR E 549 20.94 -6.98 8.59
C THR E 549 19.50 -7.10 9.08
N MET E 550 19.26 -7.95 10.07
CA MET E 550 17.93 -8.04 10.67
C MET E 550 17.63 -6.81 11.51
N TRP E 551 18.68 -6.16 12.03
CA TRP E 551 18.47 -4.96 12.84
C TRP E 551 18.07 -3.76 11.98
N PHE E 552 18.80 -3.50 10.90
CA PHE E 552 18.51 -2.31 10.10
C PHE E 552 17.26 -2.51 9.26
N GLY E 553 17.22 -3.56 8.47
CA GLY E 553 16.01 -3.88 7.75
C GLY E 553 15.13 -4.77 8.59
N GLU E 554 14.12 -4.18 9.21
CA GLU E 554 13.43 -4.77 10.35
C GLU E 554 12.65 -6.01 9.94
N SER E 555 13.21 -7.17 10.23
CA SER E 555 12.67 -8.45 9.78
C SER E 555 13.00 -9.52 10.80
N GLU E 556 11.98 -10.24 11.28
CA GLU E 556 12.17 -11.09 12.45
C GLU E 556 11.65 -12.50 12.21
N ALA E 557 11.07 -12.76 11.04
CA ALA E 557 10.68 -14.13 10.72
C ALA E 557 11.90 -14.98 10.39
N ASN E 558 13.02 -14.33 10.07
CA ASN E 558 14.23 -15.04 9.71
C ASN E 558 14.84 -15.74 10.92
N VAL E 559 14.60 -15.19 12.12
CA VAL E 559 15.06 -15.85 13.34
C VAL E 559 14.30 -17.15 13.57
N ARG E 560 13.00 -17.15 13.24
CA ARG E 560 12.22 -18.37 13.35
C ARG E 560 12.65 -19.40 12.31
N GLU E 561 13.00 -18.93 11.11
CA GLU E 561 13.46 -19.84 10.06
C GLU E 561 14.82 -20.46 10.40
N ILE E 562 15.66 -19.72 11.13
CA ILE E 562 16.93 -20.26 11.61
C ILE E 562 16.73 -21.43 12.56
N PHE E 563 15.83 -21.28 13.55
CA PHE E 563 15.60 -22.36 14.49
C PHE E 563 14.84 -23.51 13.84
N ASP E 564 14.08 -23.24 12.78
CA ASP E 564 13.51 -24.34 12.01
C ASP E 564 14.58 -25.15 11.29
N LYS E 565 15.56 -24.48 10.66
CA LYS E 565 16.69 -25.19 10.06
C LYS E 565 17.48 -25.96 11.11
N ALA E 566 17.59 -25.42 12.33
CA ALA E 566 18.30 -26.11 13.38
C ALA E 566 17.56 -27.32 13.91
N ARG E 567 16.23 -27.31 13.90
CA ARG E 567 15.48 -28.47 14.36
C ARG E 567 15.34 -29.55 13.30
N GLN E 568 15.31 -29.19 12.02
CA GLN E 568 15.20 -30.23 11.00
C GLN E 568 16.49 -31.02 10.81
N ALA E 569 17.61 -30.56 11.34
CA ALA E 569 18.89 -31.22 11.17
C ALA E 569 19.52 -31.59 12.51
N ALA E 570 18.70 -31.95 13.48
CA ALA E 570 19.21 -32.30 14.79
C ALA E 570 19.84 -33.68 14.76
N PRO E 571 20.90 -33.92 15.57
CA PRO E 571 21.60 -33.07 16.54
C PRO E 571 22.53 -32.06 15.89
N CYS E 572 22.55 -30.83 16.41
CA CYS E 572 23.40 -29.79 15.84
C CYS E 572 23.83 -28.80 16.90
N VAL E 573 24.88 -28.08 16.54
CA VAL E 573 25.40 -26.97 17.34
C VAL E 573 25.12 -25.69 16.58
N LEU E 574 24.41 -24.77 17.21
CA LEU E 574 24.02 -23.51 16.61
C LEU E 574 24.85 -22.40 17.22
N PHE E 575 25.67 -21.74 16.42
CA PHE E 575 26.70 -20.84 16.91
C PHE E 575 26.37 -19.40 16.52
N PHE E 576 26.12 -18.57 17.52
CA PHE E 576 25.89 -17.14 17.34
C PHE E 576 27.16 -16.38 17.64
N ASP E 577 27.87 -15.99 16.60
CA ASP E 577 29.08 -15.20 16.73
C ASP E 577 28.69 -13.74 16.90
N GLU E 578 29.39 -13.06 17.82
CA GLU E 578 29.24 -11.62 18.08
C GLU E 578 27.81 -11.24 18.48
N LEU E 579 27.40 -11.69 19.66
CA LEU E 579 26.10 -11.27 20.19
C LEU E 579 26.10 -9.80 20.60
N ASP E 580 27.28 -9.22 20.83
CA ASP E 580 27.35 -7.84 21.26
C ASP E 580 27.32 -6.84 20.10
N SER E 581 27.05 -7.29 18.87
CA SER E 581 27.20 -6.42 17.71
C SER E 581 26.10 -5.37 17.65
N ILE E 582 24.86 -5.73 17.97
CA ILE E 582 23.78 -4.75 17.92
C ILE E 582 23.88 -3.78 19.09
N ALA E 583 24.30 -4.28 20.25
CA ALA E 583 24.44 -3.41 21.42
C ALA E 583 25.67 -2.54 21.31
N LYS E 584 26.59 -2.89 20.41
CA LYS E 584 27.71 -1.99 20.13
C LYS E 584 27.34 -1.00 19.03
N ALA E 585 26.52 -1.42 18.07
CA ALA E 585 26.14 -0.53 16.98
C ALA E 585 25.14 0.52 17.44
N ARG E 586 24.37 0.22 18.49
CA ARG E 586 23.36 1.16 18.94
C ARG E 586 23.98 2.24 19.81
N GLY E 587 25.07 1.92 20.48
CA GLY E 587 25.77 2.88 21.31
C GLY E 587 26.93 2.22 22.00
N GLY E 588 27.65 3.01 22.79
CA GLY E 588 28.72 2.45 23.61
C GLY E 588 28.16 1.88 24.90
N ASN E 589 28.75 2.29 26.02
CA ASN E 589 28.23 1.99 27.36
C ASN E 589 26.86 2.67 27.47
N ILE E 590 26.69 3.90 26.98
CA ILE E 590 25.38 4.54 26.93
C ILE E 590 24.86 4.47 25.51
N GLY E 591 23.72 3.82 25.31
CA GLY E 591 23.17 3.69 23.98
C GLY E 591 22.42 4.94 23.57
N ASP E 592 21.38 4.74 22.76
CA ASP E 592 20.42 5.81 22.46
C ASP E 592 19.70 6.11 23.78
N GLY E 593 19.00 5.15 24.37
CA GLY E 593 18.48 5.30 25.71
C GLY E 593 18.15 3.96 26.33
N GLY E 594 18.64 3.70 27.54
CA GLY E 594 18.29 2.49 28.27
C GLY E 594 18.71 1.19 27.63
N GLY E 595 20.01 0.89 27.62
CA GLY E 595 20.53 -0.25 26.89
C GLY E 595 20.14 -1.63 27.38
N ALA E 596 18.84 -1.88 27.38
CA ALA E 596 18.24 -3.16 27.65
C ALA E 596 18.06 -3.89 26.32
N ALA E 597 17.08 -4.80 26.31
CA ALA E 597 16.83 -5.65 25.15
C ALA E 597 16.49 -4.87 23.89
N ASP E 598 17.02 -5.36 22.79
CA ASP E 598 16.70 -4.91 21.44
C ASP E 598 15.72 -5.85 20.77
N ARG E 599 15.58 -5.69 19.46
CA ARG E 599 14.52 -6.37 18.72
C ARG E 599 14.87 -7.82 18.41
N VAL E 600 16.14 -8.11 18.17
CA VAL E 600 16.51 -9.40 17.58
C VAL E 600 16.87 -10.41 18.65
N ILE E 601 17.52 -9.96 19.72
CA ILE E 601 17.83 -10.84 20.84
C ILE E 601 16.54 -11.22 21.56
N ASN E 602 15.50 -10.39 21.43
CA ASN E 602 14.18 -10.73 21.94
C ASN E 602 13.60 -11.96 21.25
N GLN E 603 13.70 -12.01 19.92
CA GLN E 603 13.19 -13.18 19.20
C GLN E 603 14.05 -14.40 19.45
N ILE E 604 15.35 -14.19 19.69
CA ILE E 604 16.22 -15.30 20.09
C ILE E 604 15.78 -15.87 21.45
N LEU E 605 15.39 -14.99 22.37
CA LEU E 605 14.92 -15.46 23.68
C LEU E 605 13.60 -16.22 23.59
N THR E 606 12.65 -15.73 22.76
CA THR E 606 11.39 -16.46 22.62
C THR E 606 11.59 -17.82 21.97
N GLU E 607 12.50 -17.91 21.00
CA GLU E 607 12.73 -19.19 20.35
C GLU E 607 13.52 -20.15 21.24
N MET E 608 14.36 -19.62 22.13
CA MET E 608 15.01 -20.48 23.11
C MET E 608 14.02 -21.00 24.13
N ASP E 609 13.05 -20.17 24.53
CA ASP E 609 12.06 -20.64 25.48
C ASP E 609 11.09 -21.63 24.84
N GLY E 610 10.88 -21.52 23.54
CA GLY E 610 10.06 -22.51 22.86
C GLY E 610 10.78 -23.75 22.37
N MET E 611 11.87 -24.13 23.01
CA MET E 611 12.70 -25.22 22.49
C MET E 611 12.39 -26.53 23.20
N SER E 612 12.17 -27.58 22.41
CA SER E 612 11.90 -28.91 22.95
C SER E 612 13.18 -29.52 23.52
N THR E 613 13.03 -30.32 24.57
CA THR E 613 14.21 -30.86 25.24
C THR E 613 14.69 -32.15 24.58
N LYS E 614 13.83 -32.80 23.80
CA LYS E 614 14.21 -34.09 23.23
C LYS E 614 15.07 -33.95 21.98
N LYS E 615 15.13 -32.78 21.37
CA LYS E 615 15.74 -32.67 20.04
C LYS E 615 17.26 -32.68 20.07
N ASN E 616 17.86 -32.30 21.20
CA ASN E 616 19.31 -32.12 21.37
C ASN E 616 19.88 -31.14 20.35
N VAL E 617 19.41 -29.91 20.43
CA VAL E 617 19.99 -28.77 19.72
C VAL E 617 20.72 -27.93 20.74
N PHE E 618 22.02 -27.72 20.52
CA PHE E 618 22.87 -27.09 21.51
C PHE E 618 23.31 -25.73 21.01
N ILE E 619 23.10 -24.68 21.81
CA ILE E 619 23.27 -23.31 21.38
C ILE E 619 24.50 -22.72 22.05
N ILE E 620 25.39 -22.13 21.26
CA ILE E 620 26.60 -21.49 21.76
C ILE E 620 26.58 -20.04 21.27
N GLY E 621 26.87 -19.10 22.16
CA GLY E 621 27.06 -17.73 21.75
C GLY E 621 28.50 -17.32 21.97
N ALA E 622 28.95 -16.21 21.40
CA ALA E 622 30.31 -15.74 21.61
C ALA E 622 30.35 -14.22 21.62
N THR E 623 31.07 -13.64 22.57
CA THR E 623 31.19 -12.19 22.69
C THR E 623 32.65 -11.80 22.91
N ASN E 624 32.92 -10.51 22.79
CA ASN E 624 34.16 -9.91 23.24
C ASN E 624 33.94 -8.88 24.32
N ARG E 625 32.71 -8.40 24.46
CA ARG E 625 32.35 -7.34 25.39
C ARG E 625 31.27 -7.89 26.31
N PRO E 626 31.65 -8.59 27.38
CA PRO E 626 30.64 -9.27 28.21
C PRO E 626 29.77 -8.36 29.04
N ASP E 627 30.10 -7.07 29.14
CA ASP E 627 29.42 -6.16 30.06
C ASP E 627 28.27 -5.40 29.42
N ILE E 628 28.19 -5.35 28.10
CA ILE E 628 27.09 -4.66 27.42
C ILE E 628 26.05 -5.63 26.89
N ILE E 629 26.14 -6.91 27.28
CA ILE E 629 25.18 -7.89 26.78
C ILE E 629 23.90 -7.80 27.62
N ASP E 630 22.79 -8.22 27.00
CA ASP E 630 21.49 -8.24 27.67
C ASP E 630 21.51 -9.22 28.84
N PRO E 631 21.21 -8.76 30.05
CA PRO E 631 21.28 -9.69 31.20
C PRO E 631 20.15 -10.70 31.26
N ALA E 632 19.14 -10.58 30.38
CA ALA E 632 18.05 -11.53 30.38
C ALA E 632 18.44 -12.84 29.69
N ILE E 633 19.64 -12.88 29.09
CA ILE E 633 20.08 -14.10 28.43
C ILE E 633 20.69 -15.05 29.45
N LEU E 634 21.29 -14.49 30.50
CA LEU E 634 22.10 -15.30 31.41
C LEU E 634 21.26 -15.89 32.54
N ARG E 635 19.93 -15.73 32.43
CA ARG E 635 18.96 -16.30 33.41
C ARG E 635 18.92 -17.82 33.21
N PRO E 636 18.75 -18.65 34.27
CA PRO E 636 18.79 -20.11 34.12
C PRO E 636 17.72 -20.63 33.17
N GLY E 637 18.16 -21.46 32.24
CA GLY E 637 17.30 -21.96 31.19
C GLY E 637 17.62 -21.44 29.80
N ARG E 638 18.44 -20.39 29.68
CA ARG E 638 18.72 -19.88 28.36
C ARG E 638 20.19 -20.03 27.96
N LEU E 639 21.10 -19.35 28.67
CA LEU E 639 22.54 -19.54 28.51
C LEU E 639 23.18 -19.34 29.88
N ASP E 640 23.30 -20.41 30.65
CA ASP E 640 23.67 -20.22 32.05
C ASP E 640 25.16 -20.46 32.30
N GLN E 641 25.80 -21.28 31.47
CA GLN E 641 27.23 -21.51 31.63
C GLN E 641 28.03 -20.37 31.00
N LEU E 642 29.02 -19.88 31.72
CA LEU E 642 29.96 -18.90 31.20
C LEU E 642 31.35 -19.49 31.19
N ILE E 643 32.06 -19.31 30.08
CA ILE E 643 33.41 -19.83 29.93
C ILE E 643 34.32 -18.70 29.45
N TYR E 644 35.44 -18.50 30.13
CA TYR E 644 36.43 -17.49 29.78
C TYR E 644 37.60 -18.18 29.07
N ILE E 645 37.92 -17.70 27.88
CA ILE E 645 38.99 -18.26 27.06
C ILE E 645 40.14 -17.26 27.02
N PRO E 646 41.26 -17.54 27.66
CA PRO E 646 42.32 -16.53 27.79
C PRO E 646 43.28 -16.54 26.62
N LEU E 647 44.24 -15.62 26.65
CA LEU E 647 45.33 -15.64 25.68
C LEU E 647 46.15 -16.91 25.85
N PRO E 648 46.63 -17.51 24.76
CA PRO E 648 47.35 -18.78 24.87
C PRO E 648 48.70 -18.62 25.53
N ASP E 649 49.08 -19.65 26.28
CA ASP E 649 50.28 -19.60 27.10
C ASP E 649 51.49 -20.13 26.32
N GLU E 650 52.58 -20.40 27.03
CA GLU E 650 53.85 -20.73 26.40
C GLU E 650 53.85 -22.10 25.72
N LYS E 651 53.00 -23.02 26.18
CA LYS E 651 52.97 -24.35 25.58
C LYS E 651 52.01 -24.41 24.40
N SER E 652 51.02 -23.52 24.37
CA SER E 652 49.96 -23.60 23.36
C SER E 652 50.45 -23.11 22.00
N ARG E 653 51.40 -22.18 22.00
CA ARG E 653 51.75 -21.47 20.77
C ARG E 653 52.52 -22.37 19.81
N VAL E 654 53.18 -23.41 20.34
CA VAL E 654 53.83 -24.40 19.50
C VAL E 654 52.78 -25.18 18.72
N ALA E 655 51.68 -25.57 19.37
CA ALA E 655 50.63 -26.29 18.69
C ALA E 655 49.83 -25.37 17.77
N ILE E 656 49.85 -24.07 18.05
CA ILE E 656 49.29 -23.11 17.10
C ILE E 656 50.11 -23.07 15.82
N LEU E 657 51.44 -22.92 15.97
CA LEU E 657 52.31 -22.75 14.81
C LEU E 657 52.41 -24.02 13.98
N LYS E 658 52.40 -25.18 14.63
CA LYS E 658 52.42 -26.44 13.90
C LYS E 658 51.12 -26.65 13.12
N ALA E 659 50.01 -26.17 13.65
CA ALA E 659 48.73 -26.31 12.96
C ALA E 659 48.64 -25.33 11.80
N ASN E 660 49.26 -24.16 11.93
CA ASN E 660 49.21 -23.19 10.83
C ASN E 660 50.18 -23.56 9.72
N LEU E 661 51.37 -24.05 10.06
CA LEU E 661 52.43 -24.31 9.09
C LEU E 661 52.39 -25.70 8.50
N ARG E 662 51.28 -26.44 8.66
CA ARG E 662 51.27 -27.84 8.26
C ARG E 662 51.13 -28.01 6.76
N LYS E 663 50.81 -26.93 6.03
CA LYS E 663 50.69 -27.05 4.59
C LYS E 663 51.88 -26.41 3.88
N SER E 664 52.53 -25.44 4.51
CA SER E 664 53.70 -24.80 3.90
C SER E 664 54.94 -25.64 4.17
N PRO E 665 55.74 -25.95 3.14
CA PRO E 665 56.92 -26.81 3.34
C PRO E 665 58.09 -26.09 4.02
N VAL E 666 58.03 -26.00 5.33
CA VAL E 666 59.13 -25.44 6.11
C VAL E 666 60.19 -26.52 6.30
N ALA E 667 61.41 -26.10 6.61
CA ALA E 667 62.52 -27.03 6.77
C ALA E 667 63.61 -26.39 7.61
N LYS E 668 64.36 -27.27 8.30
CA LYS E 668 65.66 -26.96 8.90
C LYS E 668 65.59 -25.86 9.97
N ASP E 669 64.50 -25.81 10.72
CA ASP E 669 64.45 -24.88 11.84
C ASP E 669 65.36 -25.34 12.96
N VAL E 670 65.91 -24.37 13.69
CA VAL E 670 66.72 -24.64 14.88
C VAL E 670 65.84 -24.81 16.11
N ASP E 671 65.07 -23.79 16.47
CA ASP E 671 64.28 -23.80 17.69
C ASP E 671 62.96 -23.09 17.43
N LEU E 672 61.95 -23.86 17.04
CA LEU E 672 60.57 -23.37 16.99
C LEU E 672 60.02 -23.07 18.38
N GLU E 673 60.53 -23.77 19.39
CA GLU E 673 60.16 -23.49 20.78
C GLU E 673 60.65 -22.12 21.23
N PHE E 674 61.80 -21.67 20.70
CA PHE E 674 62.23 -20.30 20.97
C PHE E 674 61.33 -19.29 20.27
N LEU E 675 60.85 -19.64 19.07
CA LEU E 675 59.93 -18.77 18.35
C LEU E 675 58.62 -18.60 19.12
N ALA E 676 58.14 -19.68 19.73
CA ALA E 676 56.97 -19.56 20.59
C ALA E 676 57.30 -18.94 21.94
N LYS E 677 58.57 -19.00 22.36
CA LYS E 677 58.94 -18.48 23.67
C LYS E 677 59.09 -16.97 23.67
N MET E 678 59.61 -16.41 22.58
CA MET E 678 59.87 -14.97 22.54
C MET E 678 58.57 -14.17 22.45
N THR E 679 57.54 -14.74 21.83
CA THR E 679 56.29 -14.03 21.61
C THR E 679 55.42 -14.15 22.86
N ASN E 680 55.24 -13.05 23.59
CA ASN E 680 54.43 -13.03 24.79
C ASN E 680 53.35 -11.98 24.64
N GLY E 681 52.11 -12.35 24.98
CA GLY E 681 50.98 -11.47 24.76
C GLY E 681 50.48 -11.45 23.34
N PHE E 682 50.54 -12.58 22.63
CA PHE E 682 50.14 -12.69 21.24
C PHE E 682 48.99 -13.67 21.12
N SER E 683 47.93 -13.26 20.43
CA SER E 683 46.83 -14.18 20.17
C SER E 683 47.15 -15.07 18.98
N GLY E 684 46.17 -15.91 18.62
CA GLY E 684 46.39 -16.83 17.52
C GLY E 684 46.44 -16.15 16.16
N ALA E 685 45.71 -15.03 16.03
CA ALA E 685 45.67 -14.31 14.77
C ALA E 685 47.02 -13.64 14.47
N ASP E 686 47.76 -13.26 15.51
CA ASP E 686 49.06 -12.64 15.30
C ASP E 686 50.08 -13.65 14.82
N LEU E 687 50.02 -14.87 15.36
CA LEU E 687 50.93 -15.92 14.92
C LEU E 687 50.59 -16.36 13.50
N THR E 688 49.30 -16.38 13.17
CA THR E 688 48.89 -16.65 11.79
C THR E 688 49.39 -15.56 10.85
N GLU E 689 49.38 -14.31 11.32
CA GLU E 689 49.90 -13.19 10.53
C GLU E 689 51.39 -13.33 10.26
N ILE E 690 52.15 -13.76 11.28
CA ILE E 690 53.59 -13.99 11.13
C ILE E 690 53.87 -15.08 10.11
N CYS E 691 53.10 -16.18 10.16
CA CYS E 691 53.29 -17.26 9.18
C CYS E 691 52.93 -16.82 7.77
N GLN E 692 51.88 -16.01 7.61
CA GLN E 692 51.50 -15.55 6.29
C GLN E 692 52.52 -14.59 5.71
N ARG E 693 53.14 -13.76 6.56
CA ARG E 693 54.15 -12.83 6.06
C ARG E 693 55.42 -13.57 5.66
N ALA E 694 55.78 -14.63 6.39
CA ALA E 694 56.91 -15.46 6.00
C ALA E 694 56.65 -16.13 4.65
N CYS E 695 55.42 -16.59 4.42
CA CYS E 695 55.10 -17.17 3.12
C CYS E 695 55.14 -16.12 2.01
N LYS E 696 54.76 -14.88 2.32
CA LYS E 696 54.89 -13.79 1.34
C LYS E 696 56.32 -13.56 0.92
N LEU E 697 57.23 -13.49 1.89
CA LEU E 697 58.64 -13.28 1.59
C LEU E 697 59.22 -14.43 0.78
N ALA E 698 58.81 -15.66 1.11
CA ALA E 698 59.29 -16.83 0.37
C ALA E 698 58.82 -16.82 -1.08
N ILE E 699 57.55 -16.47 -1.33
CA ILE E 699 57.04 -16.43 -2.70
C ILE E 699 57.70 -15.33 -3.50
N ARG E 700 57.96 -14.18 -2.85
CA ARG E 700 58.62 -13.08 -3.54
C ARG E 700 60.04 -13.43 -3.95
N GLU E 701 60.80 -14.06 -3.05
CA GLU E 701 62.17 -14.44 -3.38
C GLU E 701 62.20 -15.53 -4.45
N SER E 702 61.28 -16.49 -4.37
CA SER E 702 61.24 -17.55 -5.37
C SER E 702 60.72 -17.10 -6.72
N ILE E 703 60.07 -15.94 -6.81
CA ILE E 703 59.75 -15.40 -8.12
C ILE E 703 60.89 -14.53 -8.66
N GLU E 704 61.56 -13.78 -7.78
CA GLU E 704 62.72 -12.98 -8.18
C GLU E 704 63.84 -13.85 -8.73
N SER E 705 64.07 -15.02 -8.13
CA SER E 705 65.14 -15.90 -8.61
C SER E 705 64.82 -16.45 -10.00
N GLU E 706 63.56 -16.81 -10.25
CA GLU E 706 63.17 -17.32 -11.57
C GLU E 706 63.29 -16.24 -12.64
N ILE E 707 62.88 -15.01 -12.31
CA ILE E 707 63.00 -13.90 -13.25
C ILE E 707 64.47 -13.61 -13.58
N ARG E 708 65.33 -13.60 -12.55
CA ARG E 708 66.73 -13.29 -12.76
C ARG E 708 67.45 -14.39 -13.55
N ARG E 709 67.13 -15.66 -13.26
CA ARG E 709 67.75 -16.75 -14.00
C ARG E 709 67.27 -16.79 -15.45
N GLU E 710 66.00 -16.47 -15.70
CA GLU E 710 65.53 -16.42 -17.08
C GLU E 710 66.15 -15.26 -17.84
N ARG E 711 66.35 -14.12 -17.18
CA ARG E 711 66.98 -12.98 -17.85
C ARG E 711 68.44 -13.25 -18.16
N GLU E 712 69.18 -13.83 -17.21
CA GLU E 712 70.59 -14.14 -17.46
C GLU E 712 70.73 -15.28 -18.46
N ARG E 713 69.74 -16.17 -18.53
CA ARG E 713 69.76 -17.26 -19.51
C ARG E 713 69.49 -16.74 -20.91
N GLN E 714 68.52 -15.84 -21.05
CA GLN E 714 68.16 -15.34 -22.37
C GLN E 714 69.17 -14.30 -22.85
N THR E 715 69.91 -13.67 -21.93
CA THR E 715 70.90 -12.68 -22.32
C THR E 715 72.07 -13.32 -23.07
N ASN E 716 72.42 -14.56 -22.71
CA ASN E 716 73.43 -15.34 -23.44
C ASN E 716 72.70 -16.51 -24.09
N PRO E 717 72.25 -16.38 -25.34
CA PRO E 717 71.45 -17.44 -25.96
C PRO E 717 72.27 -18.70 -26.23
N SER E 718 71.55 -19.80 -26.41
CA SER E 718 72.08 -21.17 -26.46
C SER E 718 72.94 -21.46 -25.23
N ALA E 719 72.26 -21.47 -24.08
CA ALA E 719 72.91 -21.78 -22.82
C ALA E 719 73.34 -23.24 -22.79
N MET E 720 74.63 -23.46 -22.55
CA MET E 720 75.24 -24.77 -22.77
C MET E 720 74.95 -25.76 -21.64
N GLU E 721 74.67 -25.29 -20.43
CA GLU E 721 74.46 -26.17 -19.29
C GLU E 721 73.03 -25.98 -18.78
N VAL E 722 72.10 -26.75 -19.35
CA VAL E 722 70.69 -26.69 -18.98
C VAL E 722 70.49 -27.75 -17.91
N GLU E 723 70.64 -27.36 -16.65
CA GLU E 723 70.53 -28.26 -15.51
C GLU E 723 69.50 -27.64 -14.56
N GLU E 724 68.26 -28.12 -14.66
CA GLU E 724 67.16 -27.51 -13.94
C GLU E 724 67.21 -27.82 -12.44
N ASP E 725 66.83 -26.84 -11.64
CA ASP E 725 66.87 -26.94 -10.19
C ASP E 725 65.94 -25.89 -9.60
N ASP E 726 65.36 -26.20 -8.46
CA ASP E 726 64.53 -25.25 -7.75
C ASP E 726 65.40 -24.42 -6.82
N PRO E 727 65.43 -23.09 -6.95
CA PRO E 727 66.28 -22.29 -6.06
C PRO E 727 65.82 -22.29 -4.61
N VAL E 728 64.56 -21.97 -4.35
CA VAL E 728 64.03 -21.93 -2.99
C VAL E 728 62.87 -22.92 -2.91
N PRO E 729 63.11 -24.17 -2.52
CA PRO E 729 61.98 -25.10 -2.36
C PRO E 729 61.33 -24.99 -0.99
N GLU E 730 62.09 -24.61 0.03
CA GLU E 730 61.59 -24.58 1.39
C GLU E 730 61.80 -23.20 2.00
N ILE E 731 61.12 -22.96 3.12
CA ILE E 731 61.19 -21.68 3.81
C ILE E 731 62.24 -21.78 4.91
N ARG E 732 63.20 -20.85 4.90
CA ARG E 732 64.33 -20.89 5.81
C ARG E 732 64.16 -19.87 6.93
N ARG E 733 65.15 -19.81 7.81
CA ARG E 733 65.05 -19.01 9.02
C ARG E 733 65.19 -17.52 8.72
N ASP E 734 65.71 -17.17 7.54
CA ASP E 734 65.85 -15.77 7.16
C ASP E 734 64.49 -15.11 6.98
N HIS E 735 63.52 -15.87 6.44
CA HIS E 735 62.19 -15.35 6.23
C HIS E 735 61.47 -15.07 7.54
N PHE E 736 61.58 -15.99 8.51
CA PHE E 736 60.98 -15.76 9.82
C PHE E 736 61.70 -14.64 10.57
N GLU E 737 63.02 -14.55 10.40
CA GLU E 737 63.79 -13.54 11.09
C GLU E 737 63.53 -12.16 10.51
N GLU E 738 63.09 -12.11 9.24
CA GLU E 738 62.68 -10.84 8.65
C GLU E 738 61.24 -10.51 9.02
N ALA E 739 60.36 -11.52 9.04
CA ALA E 739 58.93 -11.27 9.25
C ALA E 739 58.61 -10.97 10.70
N MET E 740 59.48 -11.37 11.63
CA MET E 740 59.25 -11.07 13.05
C MET E 740 59.42 -9.59 13.34
N ARG E 741 60.11 -8.86 12.45
CA ARG E 741 60.29 -7.43 12.63
C ARG E 741 58.97 -6.67 12.44
N PHE E 742 58.05 -7.24 11.67
CA PHE E 742 56.74 -6.62 11.47
C PHE E 742 55.67 -7.11 12.43
N ALA E 743 56.04 -7.88 13.46
CA ALA E 743 55.04 -8.40 14.39
C ALA E 743 54.53 -7.31 15.32
N ARG E 744 53.30 -7.46 15.79
CA ARG E 744 52.68 -6.50 16.69
C ARG E 744 51.71 -7.22 17.62
N ARG E 745 51.47 -6.59 18.77
CA ARG E 745 50.48 -7.08 19.72
C ARG E 745 49.14 -6.45 19.42
N SER E 746 48.09 -7.27 19.35
CA SER E 746 46.78 -6.75 19.03
C SER E 746 46.02 -6.31 20.28
N VAL E 747 46.30 -6.95 21.41
CA VAL E 747 45.56 -6.74 22.64
C VAL E 747 46.45 -5.98 23.62
N SER E 748 45.97 -4.83 24.09
CA SER E 748 46.71 -4.06 25.08
C SER E 748 46.54 -4.69 26.46
N ASP E 749 47.27 -4.15 27.44
CA ASP E 749 47.24 -4.73 28.78
C ASP E 749 46.04 -4.23 29.57
N ASN E 750 45.45 -3.12 29.15
CA ASN E 750 44.23 -2.64 29.81
C ASN E 750 43.06 -3.55 29.52
N ASP E 751 43.00 -4.10 28.30
CA ASP E 751 41.93 -5.03 27.95
C ASP E 751 42.08 -6.34 28.70
N ILE E 752 43.32 -6.82 28.85
CA ILE E 752 43.59 -8.03 29.62
C ILE E 752 43.23 -7.80 31.09
N ARG E 753 43.53 -6.60 31.59
CA ARG E 753 43.15 -6.22 32.94
C ARG E 753 41.64 -6.22 33.13
N LYS E 754 40.90 -5.77 32.11
CA LYS E 754 39.44 -5.75 32.20
C LYS E 754 38.85 -7.15 32.17
N TYR E 755 39.39 -8.05 31.34
CA TYR E 755 38.89 -9.42 31.32
C TYR E 755 39.24 -10.14 32.62
N GLU E 756 40.42 -9.87 33.18
CA GLU E 756 40.77 -10.48 34.46
C GLU E 756 39.88 -9.96 35.59
N MET E 757 39.51 -8.68 35.55
CA MET E 757 38.64 -8.16 36.60
C MET E 757 37.22 -8.68 36.46
N PHE E 758 36.75 -8.88 35.23
CA PHE E 758 35.43 -9.49 35.06
C PHE E 758 35.45 -10.95 35.52
N ALA E 759 36.57 -11.65 35.30
CA ALA E 759 36.67 -13.03 35.74
C ALA E 759 36.79 -13.15 37.26
N GLN E 760 37.44 -12.18 37.90
CA GLN E 760 37.53 -12.20 39.36
C GLN E 760 36.19 -11.84 40.00
N THR E 761 35.55 -10.77 39.55
CA THR E 761 34.31 -10.34 40.19
C THR E 761 33.12 -11.20 39.76
N LEU E 762 33.31 -12.05 38.74
CA LEU E 762 32.28 -13.02 38.42
C LEU E 762 32.25 -14.14 39.45
N GLN E 763 33.42 -14.54 39.95
CA GLN E 763 33.54 -15.70 40.83
C GLN E 763 33.48 -15.27 42.29
N GLN E 764 32.56 -15.89 43.03
CA GLN E 764 32.48 -15.75 44.48
C GLN E 764 32.38 -17.14 45.08
N SER E 765 32.96 -17.30 46.27
CA SER E 765 33.15 -18.61 46.88
C SER E 765 32.93 -18.54 48.38
N ARG E 766 32.42 -19.65 48.95
CA ARG E 766 32.38 -19.76 50.40
C ARG E 766 33.64 -20.40 50.94
N GLY E 767 34.10 -21.48 50.30
CA GLY E 767 35.33 -22.15 50.69
C GLY E 767 35.31 -22.80 52.05
N PHE E 768 34.13 -23.05 52.62
CA PHE E 768 34.00 -23.60 53.97
C PHE E 768 33.53 -25.03 53.88
N GLY E 769 34.24 -25.93 54.54
CA GLY E 769 33.88 -27.33 54.61
C GLY E 769 32.70 -27.51 55.56
N SER E 770 31.59 -27.96 54.99
CA SER E 770 30.39 -28.22 55.79
C SER E 770 30.60 -29.39 56.74
N PHE E 771 31.44 -30.34 56.34
CA PHE E 771 31.73 -31.49 57.17
C PHE E 771 33.24 -31.70 57.30
N ASN F 21 -43.25 -45.14 38.23
CA ASN F 21 -44.12 -46.16 38.80
C ASN F 21 -43.32 -47.27 39.49
N ARG F 22 -42.42 -47.89 38.73
CA ARG F 22 -41.66 -49.02 39.25
C ARG F 22 -40.19 -48.65 39.41
N PRO F 23 -39.55 -49.08 40.50
CA PRO F 23 -38.17 -48.67 40.78
C PRO F 23 -37.11 -49.38 39.93
N ASN F 24 -37.49 -50.37 39.13
CA ASN F 24 -36.52 -51.03 38.25
C ASN F 24 -36.37 -50.34 36.90
N ARG F 25 -37.20 -49.35 36.59
CA ARG F 25 -37.09 -48.62 35.34
C ARG F 25 -35.89 -47.68 35.40
N LEU F 26 -35.03 -47.75 34.38
CA LEU F 26 -33.75 -47.05 34.40
C LEU F 26 -33.49 -46.42 33.03
N ILE F 27 -32.55 -45.47 33.03
CA ILE F 27 -32.13 -44.75 31.83
C ILE F 27 -30.64 -45.02 31.63
N VAL F 28 -30.19 -45.10 30.38
CA VAL F 28 -28.83 -45.55 30.08
C VAL F 28 -27.85 -44.39 30.28
N ASP F 29 -26.77 -44.66 31.01
CA ASP F 29 -25.65 -43.74 31.18
C ASP F 29 -24.43 -44.32 30.47
N GLU F 30 -23.31 -43.58 30.52
CA GLU F 30 -22.10 -43.97 29.82
C GLU F 30 -21.41 -45.14 30.52
N ALA F 31 -20.36 -45.67 29.89
CA ALA F 31 -19.62 -46.81 30.41
C ALA F 31 -18.31 -46.33 31.01
N ILE F 32 -17.96 -46.88 32.18
CA ILE F 32 -16.68 -46.63 32.82
C ILE F 32 -15.85 -47.90 32.94
N ASN F 33 -16.46 -48.97 33.44
CA ASN F 33 -15.80 -50.27 33.48
C ASN F 33 -15.74 -50.84 32.06
N GLU F 34 -14.53 -51.08 31.56
CA GLU F 34 -14.31 -51.38 30.15
C GLU F 34 -14.46 -52.87 29.83
N ASP F 35 -15.17 -53.63 30.66
CA ASP F 35 -15.50 -55.00 30.35
C ASP F 35 -16.83 -55.02 29.59
N ASN F 36 -16.98 -56.01 28.71
CA ASN F 36 -18.13 -56.03 27.82
C ASN F 36 -19.39 -56.48 28.54
N SER F 37 -19.31 -57.55 29.32
CA SER F 37 -20.47 -58.17 29.94
C SER F 37 -20.72 -57.65 31.35
N VAL F 38 -20.40 -56.40 31.63
CA VAL F 38 -20.54 -55.82 32.96
C VAL F 38 -21.42 -54.58 32.88
N VAL F 39 -22.53 -54.59 33.62
CA VAL F 39 -23.32 -53.40 33.84
C VAL F 39 -23.03 -52.89 35.25
N SER F 40 -23.51 -51.68 35.55
CA SER F 40 -23.22 -51.06 36.83
C SER F 40 -24.47 -50.38 37.37
N LEU F 41 -24.58 -50.38 38.70
CA LEU F 41 -25.65 -49.70 39.41
C LEU F 41 -25.06 -48.97 40.62
N SER F 42 -25.88 -48.13 41.23
CA SER F 42 -25.45 -47.40 42.41
C SER F 42 -25.71 -48.22 43.67
N GLN F 43 -25.22 -47.69 44.80
CA GLN F 43 -25.33 -48.42 46.06
C GLN F 43 -26.76 -48.47 46.62
N PRO F 44 -27.52 -47.37 46.77
CA PRO F 44 -28.87 -47.52 47.34
C PRO F 44 -29.86 -48.21 46.41
N LYS F 45 -29.65 -48.17 45.10
CA LYS F 45 -30.53 -48.92 44.20
C LYS F 45 -30.30 -50.42 44.33
N MET F 46 -29.04 -50.85 44.44
CA MET F 46 -28.75 -52.26 44.68
C MET F 46 -29.19 -52.69 46.08
N ASP F 47 -29.16 -51.78 47.05
CA ASP F 47 -29.66 -52.13 48.38
C ASP F 47 -31.18 -52.14 48.41
N GLU F 48 -31.82 -51.42 47.47
CA GLU F 48 -33.27 -51.44 47.36
C GLU F 48 -33.75 -52.69 46.62
N LEU F 49 -32.94 -53.18 45.68
CA LEU F 49 -33.28 -54.38 44.94
C LEU F 49 -32.68 -55.65 45.55
N GLN F 50 -31.78 -55.50 46.52
CA GLN F 50 -31.12 -56.59 47.26
C GLN F 50 -30.33 -57.50 46.31
N LEU F 51 -29.29 -56.93 45.72
CA LEU F 51 -28.40 -57.65 44.83
C LEU F 51 -27.03 -57.86 45.48
N PHE F 52 -26.09 -58.39 44.71
CA PHE F 52 -24.76 -58.70 45.18
C PHE F 52 -23.79 -58.44 44.03
N ARG F 53 -22.50 -58.35 44.36
CA ARG F 53 -21.42 -58.08 43.40
C ARG F 53 -21.01 -59.30 42.59
N GLY F 54 -21.82 -60.35 42.53
CA GLY F 54 -21.54 -61.47 41.64
C GLY F 54 -22.79 -62.05 41.02
N ASP F 55 -23.86 -61.27 40.97
CA ASP F 55 -25.16 -61.77 40.54
C ASP F 55 -25.24 -61.77 39.01
N THR F 56 -26.45 -62.03 38.50
CA THR F 56 -26.71 -62.13 37.07
C THR F 56 -28.13 -61.63 36.82
N VAL F 57 -28.24 -60.48 36.17
CA VAL F 57 -29.52 -59.85 35.93
C VAL F 57 -29.85 -59.91 34.44
N LEU F 58 -31.06 -59.48 34.09
CA LEU F 58 -31.52 -59.47 32.72
C LEU F 58 -32.13 -58.10 32.43
N LEU F 59 -31.83 -57.57 31.24
CA LEU F 59 -32.26 -56.24 30.83
C LEU F 59 -33.20 -56.38 29.64
N LYS F 60 -34.37 -55.77 29.72
CA LYS F 60 -35.30 -55.76 28.62
C LYS F 60 -35.19 -54.45 27.84
N GLY F 61 -35.17 -54.56 26.52
CA GLY F 61 -35.03 -53.38 25.68
C GLY F 61 -36.11 -53.28 24.63
N LYS F 62 -35.83 -52.55 23.56
CA LYS F 62 -36.80 -52.36 22.49
C LYS F 62 -36.70 -53.49 21.47
N LYS F 63 -37.73 -53.57 20.60
CA LYS F 63 -37.91 -54.57 19.55
C LYS F 63 -37.90 -56.00 20.11
N ARG F 64 -38.43 -56.16 21.32
CA ARG F 64 -38.67 -57.46 21.98
C ARG F 64 -37.38 -58.26 22.17
N ARG F 65 -36.29 -57.55 22.47
CA ARG F 65 -34.99 -58.17 22.63
C ARG F 65 -34.41 -57.83 24.00
N GLU F 66 -33.67 -58.78 24.56
CA GLU F 66 -33.16 -58.68 25.92
C GLU F 66 -31.65 -58.93 25.92
N ALA F 67 -31.03 -58.74 27.09
CA ALA F 67 -29.60 -58.98 27.23
C ALA F 67 -29.28 -59.39 28.66
N VAL F 68 -28.43 -60.39 28.80
CA VAL F 68 -28.00 -60.90 30.09
C VAL F 68 -26.57 -60.41 30.35
N CYS F 69 -26.31 -59.99 31.59
CA CYS F 69 -25.03 -59.41 31.95
C CYS F 69 -24.67 -59.85 33.37
N ILE F 70 -23.68 -59.18 33.95
CA ILE F 70 -23.28 -59.36 35.35
C ILE F 70 -23.33 -57.99 36.01
N VAL F 71 -24.15 -57.87 37.05
CA VAL F 71 -24.30 -56.59 37.74
C VAL F 71 -23.16 -56.40 38.74
N LEU F 72 -22.60 -55.20 38.77
CA LEU F 72 -21.63 -54.84 39.80
C LEU F 72 -22.06 -53.55 40.48
N SER F 73 -21.20 -53.00 41.32
CA SER F 73 -21.50 -51.78 42.07
C SER F 73 -20.63 -50.64 41.59
N ASP F 74 -21.11 -49.42 41.83
CA ASP F 74 -20.37 -48.21 41.47
C ASP F 74 -20.85 -47.08 42.37
N ASP F 75 -19.90 -46.31 42.89
CA ASP F 75 -20.21 -45.17 43.74
C ASP F 75 -20.42 -43.88 42.98
N THR F 76 -19.84 -43.76 41.78
CA THR F 76 -20.04 -42.57 40.95
C THR F 76 -21.32 -42.63 40.14
N CYS F 77 -22.09 -43.71 40.24
CA CYS F 77 -23.34 -43.82 39.51
C CYS F 77 -24.40 -42.88 40.10
N SER F 78 -25.35 -42.50 39.26
CA SER F 78 -26.43 -41.60 39.67
C SER F 78 -27.56 -42.42 40.29
N ASP F 79 -28.71 -41.77 40.47
CA ASP F 79 -29.80 -42.38 41.23
C ASP F 79 -30.61 -43.37 40.38
N GLU F 80 -31.27 -42.89 39.33
CA GLU F 80 -32.15 -43.71 38.53
C GLU F 80 -31.58 -44.06 37.16
N LYS F 81 -30.28 -44.34 37.07
CA LYS F 81 -29.67 -44.70 35.80
C LYS F 81 -28.82 -45.95 35.92
N ILE F 82 -28.41 -46.46 34.76
CA ILE F 82 -27.61 -47.67 34.66
C ILE F 82 -26.46 -47.41 33.69
N ARG F 83 -25.28 -47.96 34.00
CA ARG F 83 -24.08 -47.78 33.20
C ARG F 83 -23.78 -49.07 32.46
N MET F 84 -23.63 -48.99 31.14
CA MET F 84 -23.37 -50.18 30.35
C MET F 84 -22.51 -49.83 29.13
N ASN F 85 -21.86 -50.86 28.59
CA ASN F 85 -20.99 -50.73 27.44
C ASN F 85 -21.81 -50.50 26.17
N ARG F 86 -21.14 -50.06 25.10
CA ARG F 86 -21.78 -49.86 23.81
C ARG F 86 -22.21 -51.18 23.17
N VAL F 87 -21.57 -52.29 23.54
CA VAL F 87 -21.94 -53.60 23.01
C VAL F 87 -23.31 -54.01 23.53
N VAL F 88 -23.50 -53.96 24.84
CA VAL F 88 -24.79 -54.27 25.45
C VAL F 88 -25.85 -53.26 25.00
N ARG F 89 -25.43 -52.00 24.82
CA ARG F 89 -26.35 -50.95 24.39
C ARG F 89 -26.86 -51.18 22.97
N ASN F 90 -25.99 -51.63 22.07
CA ASN F 90 -26.42 -51.93 20.71
C ASN F 90 -27.12 -53.27 20.59
N ASN F 91 -26.88 -54.20 21.52
CA ASN F 91 -27.59 -55.47 21.49
C ASN F 91 -29.04 -55.37 21.98
N LEU F 92 -29.45 -54.23 22.51
CA LEU F 92 -30.79 -54.03 23.03
C LEU F 92 -31.66 -53.13 22.15
N ARG F 93 -31.12 -52.65 21.02
CA ARG F 93 -31.72 -51.61 20.17
C ARG F 93 -32.08 -50.38 20.98
N VAL F 94 -31.10 -49.90 21.75
CA VAL F 94 -31.26 -48.82 22.70
C VAL F 94 -30.17 -47.79 22.45
N ARG F 95 -30.52 -46.52 22.51
CA ARG F 95 -29.56 -45.42 22.42
C ARG F 95 -29.49 -44.70 23.77
N LEU F 96 -28.67 -43.65 23.81
CA LEU F 96 -28.48 -42.89 25.06
C LEU F 96 -29.74 -42.09 25.38
N GLY F 97 -30.34 -42.36 26.54
CA GLY F 97 -31.53 -41.65 26.97
C GLY F 97 -32.81 -42.46 26.90
N ASP F 98 -32.73 -43.74 26.55
CA ASP F 98 -33.92 -44.59 26.47
C ASP F 98 -34.27 -45.15 27.84
N VAL F 99 -35.19 -46.11 27.87
CA VAL F 99 -35.66 -46.70 29.12
C VAL F 99 -35.49 -48.21 29.06
N ILE F 100 -35.09 -48.80 30.19
CA ILE F 100 -34.83 -50.24 30.30
C ILE F 100 -35.37 -50.74 31.63
N SER F 101 -36.11 -51.84 31.61
CA SER F 101 -36.55 -52.54 32.80
C SER F 101 -35.58 -53.69 33.09
N ILE F 102 -35.17 -53.79 34.35
CA ILE F 102 -34.22 -54.80 34.81
C ILE F 102 -34.98 -55.81 35.66
N GLN F 103 -34.63 -57.10 35.52
CA GLN F 103 -35.20 -58.12 36.37
C GLN F 103 -34.15 -59.14 36.79
N PRO F 104 -34.27 -59.72 37.99
CA PRO F 104 -33.31 -60.75 38.40
C PRO F 104 -33.59 -62.09 37.75
N CYS F 105 -32.53 -62.84 37.51
CA CYS F 105 -32.62 -64.19 36.95
C CYS F 105 -31.65 -65.11 37.67
N PRO F 106 -32.13 -65.87 38.66
CA PRO F 106 -31.26 -66.85 39.34
C PRO F 106 -31.07 -68.15 38.57
N ASP F 107 -31.56 -68.25 37.33
CA ASP F 107 -31.45 -69.48 36.54
C ASP F 107 -30.02 -69.61 36.02
N VAL F 108 -29.15 -70.12 36.89
CA VAL F 108 -27.74 -70.33 36.57
C VAL F 108 -27.63 -71.68 35.88
N LYS F 109 -27.52 -71.66 34.56
CA LYS F 109 -27.41 -72.87 33.76
C LYS F 109 -26.08 -72.89 33.03
N TYR F 110 -25.33 -73.98 33.19
CA TYR F 110 -24.06 -74.12 32.51
C TYR F 110 -24.29 -74.60 31.07
N GLY F 111 -23.52 -74.04 30.15
CA GLY F 111 -23.67 -74.40 28.76
C GLY F 111 -23.11 -75.77 28.44
N LYS F 112 -23.45 -76.27 27.26
CA LYS F 112 -22.92 -77.53 26.78
C LYS F 112 -22.21 -77.40 25.44
N ARG F 113 -22.82 -76.76 24.45
CA ARG F 113 -22.25 -76.58 23.13
C ARG F 113 -22.50 -75.16 22.67
N ILE F 114 -21.44 -74.49 22.19
CA ILE F 114 -21.53 -73.10 21.76
C ILE F 114 -21.11 -73.05 20.30
N HIS F 115 -22.03 -72.66 19.42
CA HIS F 115 -21.78 -72.54 17.99
C HIS F 115 -21.83 -71.06 17.63
N VAL F 116 -20.67 -70.51 17.24
CA VAL F 116 -20.54 -69.10 16.88
C VAL F 116 -19.97 -69.00 15.47
N LEU F 117 -20.16 -67.84 14.84
CA LEU F 117 -19.70 -67.58 13.48
C LEU F 117 -19.06 -66.20 13.42
N PRO F 118 -17.96 -66.04 12.68
CA PRO F 118 -17.40 -64.71 12.48
C PRO F 118 -18.17 -63.93 11.41
N ILE F 119 -17.87 -62.64 11.34
CA ILE F 119 -18.50 -61.75 10.37
C ILE F 119 -17.46 -61.35 9.34
N ASP F 120 -17.86 -61.31 8.06
CA ASP F 120 -16.91 -61.31 6.95
C ASP F 120 -16.15 -60.00 6.81
N ASP F 121 -16.76 -58.87 7.18
CA ASP F 121 -16.09 -57.58 6.99
C ASP F 121 -15.02 -57.32 8.06
N THR F 122 -14.98 -58.13 9.11
CA THR F 122 -13.97 -57.99 10.15
C THR F 122 -12.94 -59.12 10.16
N VAL F 123 -13.05 -60.08 9.24
CA VAL F 123 -12.08 -61.17 9.15
C VAL F 123 -11.38 -61.18 7.80
N GLU F 124 -11.46 -60.09 7.03
CA GLU F 124 -10.98 -60.07 5.65
C GLU F 124 -9.46 -59.93 5.53
N GLY F 125 -8.71 -60.03 6.62
CA GLY F 125 -7.26 -60.03 6.55
C GLY F 125 -6.64 -61.22 7.25
N ILE F 126 -7.43 -61.87 8.11
CA ILE F 126 -6.96 -62.97 8.94
C ILE F 126 -7.57 -64.27 8.42
N THR F 127 -6.84 -65.38 8.60
CA THR F 127 -7.32 -66.69 8.19
C THR F 127 -6.67 -67.75 9.06
N GLY F 128 -7.20 -68.96 8.97
CA GLY F 128 -6.63 -70.11 9.68
C GLY F 128 -7.28 -70.32 11.05
N ASN F 129 -6.50 -70.15 12.11
CA ASN F 129 -6.97 -70.40 13.46
C ASN F 129 -7.49 -69.12 14.09
N LEU F 130 -8.62 -69.24 14.78
CA LEU F 130 -9.18 -68.15 15.57
C LEU F 130 -9.45 -68.53 17.02
N PHE F 131 -9.45 -69.82 17.36
CA PHE F 131 -9.84 -70.26 18.69
C PHE F 131 -8.74 -69.98 19.70
N GLU F 132 -7.48 -70.20 19.32
CA GLU F 132 -6.38 -70.08 20.28
C GLU F 132 -6.01 -68.63 20.56
N VAL F 133 -6.18 -67.75 19.57
CA VAL F 133 -5.74 -66.37 19.72
C VAL F 133 -6.82 -65.52 20.37
N TYR F 134 -8.01 -65.48 19.75
CA TYR F 134 -9.07 -64.59 20.17
C TYR F 134 -9.87 -65.13 21.35
N LEU F 135 -10.36 -66.36 21.23
CA LEU F 135 -11.38 -66.87 22.14
C LEU F 135 -10.78 -67.58 23.35
N LYS F 136 -9.58 -68.12 23.25
CA LYS F 136 -8.98 -68.89 24.34
C LYS F 136 -8.65 -68.07 25.60
N PRO F 137 -8.10 -66.85 25.53
CA PRO F 137 -8.07 -66.03 26.76
C PRO F 137 -9.33 -65.24 27.01
N TYR F 138 -10.33 -65.33 26.13
CA TYR F 138 -11.55 -64.54 26.26
C TYR F 138 -12.51 -65.15 27.28
N PHE F 139 -12.78 -66.45 27.16
CA PHE F 139 -13.68 -67.11 28.09
C PHE F 139 -12.98 -67.64 29.33
N LEU F 140 -11.64 -67.69 29.32
CA LEU F 140 -10.90 -68.22 30.46
C LEU F 140 -10.91 -67.22 31.60
N GLU F 141 -11.32 -67.69 32.79
CA GLU F 141 -11.46 -66.89 34.02
C GLU F 141 -12.41 -65.71 33.79
N ALA F 142 -13.49 -65.98 33.05
CA ALA F 142 -14.47 -64.95 32.73
C ALA F 142 -15.87 -65.30 33.23
N TYR F 143 -16.36 -66.52 32.93
CA TYR F 143 -17.73 -66.96 33.21
C TYR F 143 -18.76 -65.99 32.65
N ARG F 144 -18.68 -65.78 31.34
CA ARG F 144 -19.50 -64.79 30.67
C ARG F 144 -20.90 -65.34 30.40
N PRO F 145 -21.95 -64.71 30.89
CA PRO F 145 -23.31 -65.15 30.52
C PRO F 145 -23.68 -64.73 29.10
N ILE F 146 -23.74 -65.69 28.18
CA ILE F 146 -24.06 -65.41 26.81
C ILE F 146 -25.49 -65.86 26.52
N ARG F 147 -26.00 -65.47 25.36
CA ARG F 147 -27.38 -65.75 24.98
C ARG F 147 -27.45 -65.75 23.45
N LYS F 148 -28.34 -66.57 22.91
CA LYS F 148 -28.61 -66.53 21.48
C LYS F 148 -29.24 -65.20 21.09
N GLY F 149 -28.52 -64.43 20.28
CA GLY F 149 -28.98 -63.11 19.90
C GLY F 149 -28.01 -62.03 20.31
N ASP F 150 -26.82 -62.44 20.74
CA ASP F 150 -25.77 -61.52 21.18
C ASP F 150 -24.64 -61.47 20.17
N ILE F 151 -24.08 -60.28 20.00
CA ILE F 151 -22.85 -60.07 19.24
C ILE F 151 -21.82 -59.47 20.18
N PHE F 152 -20.67 -60.11 20.30
CA PHE F 152 -19.61 -59.61 21.16
C PHE F 152 -18.37 -59.28 20.35
N LEU F 153 -17.51 -58.47 20.96
CA LEU F 153 -16.36 -57.86 20.31
C LEU F 153 -15.09 -58.31 21.00
N VAL F 154 -14.14 -58.83 20.23
CA VAL F 154 -12.85 -59.27 20.74
C VAL F 154 -11.77 -58.45 20.07
N ARG F 155 -10.93 -57.81 20.87
CA ARG F 155 -9.79 -57.04 20.38
C ARG F 155 -8.50 -57.80 20.65
N GLY F 156 -7.50 -57.54 19.82
CA GLY F 156 -6.22 -58.20 19.96
C GLY F 156 -5.62 -58.56 18.61
N GLY F 157 -4.31 -58.60 18.53
CA GLY F 157 -3.65 -58.85 17.26
C GLY F 157 -3.77 -57.72 16.28
N MET F 158 -3.81 -56.48 16.78
CA MET F 158 -3.94 -55.24 16.00
C MET F 158 -5.22 -55.25 15.15
N ARG F 159 -6.29 -55.82 15.69
CA ARG F 159 -7.52 -56.01 14.95
C ARG F 159 -8.67 -56.22 15.93
N ALA F 160 -9.82 -55.63 15.63
CA ALA F 160 -11.06 -55.86 16.36
C ALA F 160 -11.98 -56.72 15.52
N VAL F 161 -12.57 -57.75 16.13
CA VAL F 161 -13.37 -58.71 15.41
C VAL F 161 -14.68 -58.95 16.17
N GLU F 162 -15.75 -59.17 15.41
CA GLU F 162 -17.09 -59.32 15.97
C GLU F 162 -17.56 -60.75 15.76
N PHE F 163 -17.98 -61.41 16.83
CA PHE F 163 -18.57 -62.75 16.76
C PHE F 163 -20.02 -62.70 17.18
N LYS F 164 -20.81 -63.62 16.63
CA LYS F 164 -22.23 -63.74 16.96
C LYS F 164 -22.50 -65.13 17.51
N VAL F 165 -23.16 -65.19 18.67
CA VAL F 165 -23.57 -66.45 19.25
C VAL F 165 -24.75 -66.97 18.43
N VAL F 166 -24.51 -68.02 17.65
CA VAL F 166 -25.54 -68.54 16.74
C VAL F 166 -26.40 -69.60 17.42
N GLU F 167 -25.79 -70.54 18.14
CA GLU F 167 -26.55 -71.63 18.72
C GLU F 167 -25.99 -72.04 20.07
N THR F 168 -26.89 -72.19 21.05
CA THR F 168 -26.59 -72.77 22.34
C THR F 168 -27.62 -73.83 22.67
N ASP F 169 -27.21 -74.83 23.45
CA ASP F 169 -28.11 -75.89 23.87
C ASP F 169 -28.97 -75.44 25.08
N PRO F 170 -28.43 -74.77 26.14
CA PRO F 170 -29.37 -74.18 27.11
C PRO F 170 -29.98 -72.87 26.63
N SER F 171 -31.03 -72.95 25.83
CA SER F 171 -31.67 -71.75 25.32
C SER F 171 -32.51 -71.10 26.43
N PRO F 172 -32.57 -69.75 26.49
CA PRO F 172 -31.84 -68.82 25.63
C PRO F 172 -30.43 -68.46 26.11
N TYR F 173 -30.21 -68.38 27.42
CA TYR F 173 -28.96 -67.89 27.96
C TYR F 173 -28.30 -68.94 28.84
N CYS F 174 -26.97 -68.84 28.94
CA CYS F 174 -26.18 -69.79 29.70
C CYS F 174 -24.85 -69.14 30.07
N ILE F 175 -24.30 -69.58 31.21
CA ILE F 175 -22.99 -69.14 31.64
C ILE F 175 -21.95 -70.11 31.11
N VAL F 176 -20.90 -69.57 30.49
CA VAL F 176 -19.87 -70.40 29.87
C VAL F 176 -19.00 -71.03 30.96
N ALA F 177 -18.95 -72.35 30.98
CA ALA F 177 -18.21 -73.18 31.91
C ALA F 177 -17.01 -73.80 31.21
N PRO F 178 -16.03 -74.31 31.98
CA PRO F 178 -15.00 -75.17 31.37
C PRO F 178 -15.54 -76.50 30.84
N ASP F 179 -16.76 -76.89 31.22
CA ASP F 179 -17.40 -78.07 30.67
C ASP F 179 -17.82 -77.87 29.21
N THR F 180 -17.93 -76.61 28.76
CA THR F 180 -18.47 -76.32 27.44
C THR F 180 -17.46 -76.67 26.34
N VAL F 181 -18.00 -76.94 25.16
CA VAL F 181 -17.21 -77.09 23.94
C VAL F 181 -17.71 -76.05 22.94
N ILE F 182 -16.78 -75.44 22.22
CA ILE F 182 -17.08 -74.35 21.30
C ILE F 182 -16.72 -74.82 19.89
N HIS F 183 -17.73 -74.96 19.03
CA HIS F 183 -17.54 -75.38 17.65
C HIS F 183 -17.43 -74.13 16.79
N CYS F 184 -16.19 -73.67 16.60
CA CYS F 184 -15.94 -72.46 15.84
C CYS F 184 -15.71 -72.73 14.35
N GLU F 185 -16.20 -73.86 13.84
CA GLU F 185 -16.15 -74.10 12.41
C GLU F 185 -17.31 -73.37 11.72
N GLY F 186 -17.27 -73.38 10.39
CA GLY F 186 -18.32 -72.78 9.59
C GLY F 186 -17.82 -71.60 8.77
N GLU F 187 -18.69 -71.13 7.90
CA GLU F 187 -18.40 -70.02 7.01
C GLU F 187 -18.84 -68.69 7.64
N PRO F 188 -18.11 -67.61 7.36
CA PRO F 188 -18.53 -66.30 7.87
C PRO F 188 -19.72 -65.77 7.10
N ILE F 189 -20.67 -65.21 7.83
CA ILE F 189 -21.90 -64.69 7.24
C ILE F 189 -21.86 -63.17 7.27
N LYS F 190 -22.83 -62.56 6.60
CA LYS F 190 -22.90 -61.11 6.49
C LYS F 190 -23.62 -60.53 7.71
N ARG F 191 -23.92 -59.23 7.65
CA ARG F 191 -24.60 -58.52 8.71
C ARG F 191 -26.08 -58.42 8.41
N GLU F 192 -26.89 -58.49 9.47
CA GLU F 192 -28.30 -58.14 9.37
C GLU F 192 -28.42 -56.66 9.00
N ASP F 193 -29.48 -56.33 8.25
CA ASP F 193 -29.61 -55.00 7.65
C ASP F 193 -29.77 -53.89 8.68
N GLU F 194 -30.18 -54.24 9.91
CA GLU F 194 -30.40 -53.25 10.95
C GLU F 194 -29.32 -53.24 12.02
N GLU F 195 -28.38 -54.19 11.99
CA GLU F 195 -27.33 -54.26 13.01
C GLU F 195 -26.25 -53.23 12.67
N GLU F 196 -26.11 -52.22 13.53
CA GLU F 196 -25.10 -51.19 13.33
C GLU F 196 -23.71 -51.74 13.66
N SER F 197 -22.71 -51.13 13.05
CA SER F 197 -21.34 -51.59 13.19
C SER F 197 -20.64 -50.93 14.36
N LEU F 198 -19.77 -51.70 15.01
CA LEU F 198 -18.90 -51.18 16.06
C LEU F 198 -17.60 -50.62 15.50
N ASN F 199 -17.45 -50.61 14.18
CA ASN F 199 -16.35 -49.89 13.54
C ASN F 199 -16.60 -48.39 13.54
N GLU F 200 -17.86 -47.97 13.50
CA GLU F 200 -18.20 -46.56 13.44
C GLU F 200 -18.05 -45.93 14.83
N VAL F 201 -18.18 -44.60 14.87
CA VAL F 201 -17.66 -43.79 15.96
C VAL F 201 -18.77 -43.54 16.98
N GLY F 202 -18.44 -43.74 18.26
CA GLY F 202 -19.33 -43.40 19.35
C GLY F 202 -18.64 -42.43 20.30
N TYR F 203 -19.09 -42.33 21.54
CA TYR F 203 -18.43 -41.42 22.48
C TYR F 203 -17.14 -42.01 23.03
N ASP F 204 -16.90 -43.30 22.81
CA ASP F 204 -15.73 -43.93 23.40
C ASP F 204 -14.44 -43.55 22.66
N ASP F 205 -14.56 -43.19 21.38
CA ASP F 205 -13.36 -42.90 20.59
C ASP F 205 -12.84 -41.50 20.85
N ILE F 206 -13.60 -40.69 21.60
CA ILE F 206 -13.18 -39.33 21.87
C ILE F 206 -12.56 -39.24 23.25
N GLY F 207 -11.37 -38.66 23.33
CA GLY F 207 -10.71 -38.48 24.60
C GLY F 207 -10.18 -37.08 24.77
N GLY F 208 -10.09 -36.64 26.02
CA GLY F 208 -9.42 -35.40 26.35
C GLY F 208 -10.27 -34.16 26.34
N CYS F 209 -11.52 -34.23 25.89
CA CYS F 209 -12.39 -33.07 25.80
C CYS F 209 -13.77 -33.44 26.37
N ARG F 210 -13.76 -33.96 27.60
CA ARG F 210 -14.97 -34.37 28.28
C ARG F 210 -15.93 -33.21 28.53
N LYS F 211 -15.39 -32.03 28.87
CA LYS F 211 -16.23 -30.89 29.20
C LYS F 211 -16.94 -30.33 27.97
N GLN F 212 -16.22 -30.19 26.86
CA GLN F 212 -16.82 -29.67 25.64
C GLN F 212 -17.82 -30.66 25.06
N LEU F 213 -17.54 -31.94 25.19
CA LEU F 213 -18.49 -32.95 24.72
C LEU F 213 -19.75 -32.96 25.57
N ALA F 214 -19.60 -32.73 26.88
CA ALA F 214 -20.77 -32.62 27.74
C ALA F 214 -21.58 -31.37 27.41
N GLN F 215 -20.90 -30.27 27.08
CA GLN F 215 -21.59 -29.03 26.72
C GLN F 215 -22.36 -29.18 25.41
N ILE F 216 -21.77 -29.86 24.43
CA ILE F 216 -22.47 -30.12 23.17
C ILE F 216 -23.65 -31.05 23.39
N LYS F 217 -23.51 -32.04 24.28
CA LYS F 217 -24.65 -32.91 24.58
C LYS F 217 -25.78 -32.15 25.25
N GLU F 218 -25.45 -31.23 26.17
CA GLU F 218 -26.47 -30.41 26.81
C GLU F 218 -27.15 -29.48 25.81
N MET F 219 -26.42 -29.02 24.80
CA MET F 219 -27.05 -28.17 23.79
C MET F 219 -27.97 -28.96 22.87
N VAL F 220 -27.53 -30.12 22.41
CA VAL F 220 -28.12 -30.73 21.23
C VAL F 220 -29.00 -31.93 21.54
N GLU F 221 -28.77 -32.66 22.64
CA GLU F 221 -29.45 -33.94 22.87
C GLU F 221 -30.94 -33.77 23.13
N LEU F 222 -31.35 -32.68 23.75
CA LEU F 222 -32.77 -32.51 24.04
C LEU F 222 -33.62 -32.10 22.82
N PRO F 223 -33.18 -31.23 21.90
CA PRO F 223 -34.00 -31.04 20.69
C PRO F 223 -33.93 -32.18 19.67
N LEU F 224 -33.13 -33.22 19.90
CA LEU F 224 -33.11 -34.35 18.98
C LEU F 224 -33.88 -35.55 19.52
N ARG F 225 -33.70 -35.88 20.80
CA ARG F 225 -34.34 -37.07 21.36
C ARG F 225 -35.82 -36.84 21.59
N HIS F 226 -36.22 -35.60 21.85
CA HIS F 226 -37.62 -35.25 22.09
C HIS F 226 -38.04 -34.10 21.18
N PRO F 227 -38.26 -34.38 19.88
CA PRO F 227 -38.62 -33.29 18.95
C PRO F 227 -40.00 -32.68 19.21
N ALA F 228 -41.04 -33.52 19.24
CA ALA F 228 -42.40 -33.02 19.36
C ALA F 228 -42.72 -32.54 20.77
N LEU F 229 -42.09 -33.15 21.78
CA LEU F 229 -42.24 -32.67 23.14
C LEU F 229 -41.60 -31.30 23.33
N PHE F 230 -40.54 -31.00 22.59
CA PHE F 230 -39.95 -29.67 22.64
C PHE F 230 -40.69 -28.68 21.75
N LYS F 231 -41.37 -29.18 20.73
CA LYS F 231 -42.14 -28.33 19.81
C LYS F 231 -43.29 -27.64 20.54
N ALA F 232 -43.89 -28.31 21.53
CA ALA F 232 -45.04 -27.79 22.23
C ALA F 232 -44.68 -26.93 23.44
N ILE F 233 -43.42 -26.54 23.60
CA ILE F 233 -43.03 -25.76 24.78
C ILE F 233 -43.22 -24.28 24.55
N GLY F 234 -42.51 -23.73 23.56
CA GLY F 234 -42.49 -22.30 23.34
C GLY F 234 -41.10 -21.73 23.54
N VAL F 235 -40.11 -22.61 23.54
CA VAL F 235 -38.71 -22.26 23.69
C VAL F 235 -38.01 -22.44 22.35
N LYS F 236 -37.27 -21.42 21.92
CA LYS F 236 -36.54 -21.63 20.68
C LYS F 236 -35.26 -22.42 20.95
N PRO F 237 -34.92 -23.37 20.09
CA PRO F 237 -33.67 -24.11 20.23
C PRO F 237 -32.52 -23.34 19.61
N PRO F 238 -31.28 -23.77 19.82
CA PRO F 238 -30.20 -23.28 18.96
C PRO F 238 -30.32 -23.83 17.56
N ARG F 239 -29.76 -23.10 16.61
CA ARG F 239 -29.86 -23.49 15.21
C ARG F 239 -28.55 -23.34 14.46
N GLY F 240 -27.44 -23.13 15.16
CA GLY F 240 -26.14 -23.12 14.53
C GLY F 240 -25.04 -23.11 15.56
N ILE F 241 -24.10 -24.04 15.45
CA ILE F 241 -23.01 -24.18 16.42
C ILE F 241 -21.71 -24.15 15.66
N LEU F 242 -20.74 -23.39 16.18
CA LEU F 242 -19.45 -23.20 15.52
C LEU F 242 -18.37 -23.80 16.39
N LEU F 243 -17.80 -24.92 15.95
CA LEU F 243 -16.67 -25.55 16.61
C LEU F 243 -15.39 -24.92 16.07
N TYR F 244 -14.46 -24.61 16.95
CA TYR F 244 -13.17 -24.13 16.46
C TYR F 244 -12.03 -24.60 17.33
N GLY F 245 -10.85 -24.64 16.74
CA GLY F 245 -9.66 -25.10 17.40
C GLY F 245 -8.54 -25.26 16.41
N PRO F 246 -7.36 -25.68 16.87
CA PRO F 246 -6.24 -25.89 15.95
C PRO F 246 -6.50 -27.11 15.07
N PRO F 247 -5.80 -27.23 13.94
CA PRO F 247 -6.01 -28.39 13.08
C PRO F 247 -5.50 -29.67 13.70
N GLY F 248 -6.34 -30.70 13.65
CA GLY F 248 -5.98 -31.99 14.18
C GLY F 248 -6.60 -32.34 15.51
N THR F 249 -7.42 -31.46 16.08
CA THR F 249 -7.98 -31.69 17.40
C THR F 249 -9.27 -32.50 17.39
N GLY F 250 -9.65 -33.07 16.25
CA GLY F 250 -10.81 -33.95 16.23
C GLY F 250 -12.14 -33.23 16.31
N LYS F 251 -12.49 -32.46 15.29
CA LYS F 251 -13.80 -31.81 15.27
C LYS F 251 -14.79 -32.59 14.42
N THR F 252 -14.32 -33.16 13.31
CA THR F 252 -15.15 -34.04 12.49
C THR F 252 -15.54 -35.29 13.27
N LEU F 253 -14.61 -35.77 14.11
CA LEU F 253 -14.87 -36.91 14.99
C LEU F 253 -16.00 -36.62 15.96
N ILE F 254 -15.98 -35.45 16.60
CA ILE F 254 -17.01 -35.07 17.58
C ILE F 254 -18.35 -34.91 16.89
N ALA F 255 -18.36 -34.29 15.71
CA ALA F 255 -19.61 -34.12 14.97
C ALA F 255 -20.21 -35.46 14.57
N ARG F 256 -19.38 -36.38 14.07
CA ARG F 256 -19.88 -37.68 13.65
C ARG F 256 -20.32 -38.54 14.84
N ALA F 257 -19.66 -38.40 15.98
CA ALA F 257 -20.05 -39.19 17.15
C ALA F 257 -21.36 -38.69 17.75
N VAL F 258 -21.55 -37.36 17.81
CA VAL F 258 -22.83 -36.84 18.27
C VAL F 258 -23.94 -37.15 17.27
N ALA F 259 -23.59 -37.28 15.98
CA ALA F 259 -24.57 -37.69 14.98
C ALA F 259 -25.02 -39.13 15.19
N ASN F 260 -24.07 -40.07 15.25
CA ASN F 260 -24.44 -41.49 15.27
C ASN F 260 -25.05 -41.94 16.59
N GLU F 261 -24.69 -41.32 17.70
CA GLU F 261 -25.19 -41.74 19.00
C GLU F 261 -26.51 -41.10 19.38
N THR F 262 -27.19 -40.45 18.43
CA THR F 262 -28.53 -39.95 18.64
C THR F 262 -29.52 -40.39 17.57
N GLY F 263 -29.06 -41.07 16.52
CA GLY F 263 -29.96 -41.52 15.48
C GLY F 263 -30.41 -40.46 14.52
N ALA F 264 -29.79 -39.30 14.54
CA ALA F 264 -30.18 -38.22 13.64
C ALA F 264 -29.58 -38.44 12.26
N PHE F 265 -30.33 -38.04 11.24
CA PHE F 265 -29.85 -38.12 9.87
C PHE F 265 -28.73 -37.11 9.65
N PHE F 266 -27.55 -37.62 9.32
CA PHE F 266 -26.35 -36.80 9.23
C PHE F 266 -25.97 -36.59 7.77
N PHE F 267 -25.98 -35.35 7.34
CA PHE F 267 -25.54 -34.98 6.00
C PHE F 267 -24.23 -34.22 6.12
N LEU F 268 -23.29 -34.49 5.22
CA LEU F 268 -21.98 -33.88 5.24
C LEU F 268 -21.82 -32.93 4.06
N ILE F 269 -21.36 -31.73 4.33
CA ILE F 269 -20.96 -30.76 3.32
C ILE F 269 -19.47 -30.50 3.49
N ASN F 270 -18.72 -30.69 2.41
CA ASN F 270 -17.28 -30.46 2.41
C ASN F 270 -17.01 -29.19 1.61
N GLY F 271 -16.18 -28.31 2.17
CA GLY F 271 -15.90 -27.02 1.56
C GLY F 271 -15.26 -27.06 0.20
N PRO F 272 -14.08 -27.68 0.02
CA PRO F 272 -13.48 -27.76 -1.32
C PRO F 272 -14.28 -28.57 -2.33
N GLU F 273 -15.16 -29.46 -1.89
CA GLU F 273 -15.98 -30.21 -2.83
C GLU F 273 -17.01 -29.30 -3.48
N ILE F 274 -17.47 -28.27 -2.76
CA ILE F 274 -18.39 -27.31 -3.36
C ILE F 274 -17.62 -26.24 -4.11
N MET F 275 -16.48 -25.81 -3.58
CA MET F 275 -15.74 -24.74 -4.25
C MET F 275 -14.95 -25.26 -5.45
N SER F 276 -14.93 -26.58 -5.67
CA SER F 276 -14.25 -27.12 -6.85
C SER F 276 -15.20 -27.26 -8.03
N LYS F 277 -16.50 -27.07 -7.82
CA LYS F 277 -17.47 -27.19 -8.90
C LYS F 277 -17.47 -25.95 -9.78
N LEU F 278 -18.38 -25.93 -10.75
CA LEU F 278 -18.47 -24.80 -11.66
C LEU F 278 -19.18 -23.62 -11.00
N ALA F 279 -19.50 -22.62 -11.82
CA ALA F 279 -20.09 -21.38 -11.33
C ALA F 279 -21.52 -21.55 -10.84
N GLY F 280 -22.29 -22.39 -11.53
CA GLY F 280 -23.70 -22.53 -11.20
C GLY F 280 -24.05 -23.84 -10.54
N GLU F 281 -23.06 -24.69 -10.33
CA GLU F 281 -23.30 -26.00 -9.73
C GLU F 281 -23.07 -25.99 -8.22
N SER F 282 -22.54 -24.90 -7.67
CA SER F 282 -22.30 -24.83 -6.23
C SER F 282 -23.58 -24.52 -5.47
N GLU F 283 -24.32 -23.51 -5.94
CA GLU F 283 -25.54 -23.09 -5.24
C GLU F 283 -26.62 -24.14 -5.34
N SER F 284 -26.65 -24.90 -6.44
CA SER F 284 -27.61 -25.98 -6.57
C SER F 284 -27.32 -27.10 -5.57
N ASN F 285 -26.03 -27.35 -5.30
CA ASN F 285 -25.69 -28.39 -4.33
C ASN F 285 -26.00 -27.96 -2.91
N LEU F 286 -25.80 -26.66 -2.60
CA LEU F 286 -26.22 -26.15 -1.29
C LEU F 286 -27.73 -26.24 -1.11
N ARG F 287 -28.49 -25.88 -2.15
CA ARG F 287 -29.94 -25.97 -2.06
C ARG F 287 -30.41 -27.41 -1.91
N LYS F 288 -29.77 -28.34 -2.62
CA LYS F 288 -30.12 -29.75 -2.48
C LYS F 288 -29.78 -30.26 -1.09
N ALA F 289 -28.70 -29.76 -0.49
CA ALA F 289 -28.33 -30.19 0.86
C ALA F 289 -29.37 -29.76 1.89
N PHE F 290 -29.74 -28.48 1.87
CA PHE F 290 -30.72 -28.01 2.85
C PHE F 290 -32.11 -28.57 2.60
N GLU F 291 -32.52 -28.70 1.33
CA GLU F 291 -33.84 -29.26 1.04
C GLU F 291 -33.92 -30.74 1.35
N GLU F 292 -32.81 -31.48 1.18
CA GLU F 292 -32.82 -32.88 1.53
C GLU F 292 -32.79 -33.07 3.04
N ALA F 293 -32.11 -32.20 3.78
CA ALA F 293 -32.18 -32.31 5.23
C ALA F 293 -33.46 -31.77 5.82
N GLU F 294 -34.30 -31.07 5.04
CA GLU F 294 -35.66 -30.78 5.50
C GLU F 294 -36.46 -32.06 5.72
N LYS F 295 -36.45 -32.98 4.75
CA LYS F 295 -37.39 -34.08 4.72
C LYS F 295 -37.10 -35.16 5.76
N ASN F 296 -35.91 -35.15 6.35
CA ASN F 296 -35.53 -36.16 7.34
C ASN F 296 -35.35 -35.54 8.72
N ALA F 297 -36.26 -34.67 9.11
CA ALA F 297 -36.19 -34.03 10.42
C ALA F 297 -36.47 -35.06 11.52
N PRO F 298 -35.65 -35.12 12.57
CA PRO F 298 -34.49 -34.27 12.88
C PRO F 298 -33.21 -34.65 12.12
N ALA F 299 -32.47 -33.64 11.67
CA ALA F 299 -31.27 -33.84 10.88
C ALA F 299 -30.15 -32.98 11.42
N ILE F 300 -28.94 -33.27 11.00
CA ILE F 300 -27.75 -32.50 11.35
C ILE F 300 -26.98 -32.24 10.07
N ILE F 301 -26.70 -30.97 9.79
CA ILE F 301 -25.90 -30.57 8.64
C ILE F 301 -24.55 -30.12 9.17
N PHE F 302 -23.48 -30.79 8.74
CA PHE F 302 -22.13 -30.43 9.16
C PHE F 302 -21.38 -29.85 7.98
N ILE F 303 -21.09 -28.56 8.04
CA ILE F 303 -20.34 -27.85 7.01
C ILE F 303 -18.88 -27.84 7.43
N ASP F 304 -18.07 -28.62 6.76
CA ASP F 304 -16.67 -28.78 7.11
C ASP F 304 -15.84 -27.75 6.36
N GLU F 305 -14.88 -27.15 7.08
CA GLU F 305 -14.00 -26.10 6.56
C GLU F 305 -14.79 -24.90 6.04
N LEU F 306 -15.41 -24.18 6.97
CA LEU F 306 -16.19 -22.99 6.62
C LEU F 306 -15.30 -21.83 6.18
N ASP F 307 -13.99 -21.93 6.42
CA ASP F 307 -13.07 -20.90 5.94
C ASP F 307 -12.96 -20.92 4.42
N ALA F 308 -13.21 -22.08 3.81
CA ALA F 308 -13.10 -22.19 2.36
C ALA F 308 -14.30 -21.58 1.66
N ILE F 309 -15.51 -21.78 2.22
CA ILE F 309 -16.72 -21.33 1.56
C ILE F 309 -16.90 -19.82 1.72
N ALA F 310 -16.92 -19.35 2.96
CA ALA F 310 -17.23 -17.96 3.26
C ALA F 310 -16.12 -17.29 4.07
N PRO F 311 -15.06 -16.84 3.40
CA PRO F 311 -14.00 -16.11 4.10
C PRO F 311 -14.40 -14.65 4.33
N LYS F 312 -13.41 -13.87 4.77
CA LYS F 312 -13.59 -12.42 4.93
C LYS F 312 -13.94 -11.76 3.60
N ARG F 313 -14.60 -10.61 3.67
CA ARG F 313 -15.11 -9.97 2.46
C ARG F 313 -13.97 -9.38 1.63
N GLU F 314 -12.89 -8.94 2.27
CA GLU F 314 -11.75 -8.42 1.52
C GLU F 314 -10.97 -9.52 0.84
N LYS F 315 -11.11 -10.76 1.31
CA LYS F 315 -10.38 -11.86 0.70
C LYS F 315 -11.20 -12.50 -0.42
N THR F 316 -12.44 -12.06 -0.59
CA THR F 316 -13.23 -12.48 -1.74
C THR F 316 -13.05 -11.51 -2.88
N HIS F 317 -12.41 -11.97 -3.95
CA HIS F 317 -12.32 -11.22 -5.20
C HIS F 317 -13.11 -11.97 -6.25
N GLY F 318 -14.11 -11.31 -6.81
CA GLY F 318 -15.02 -11.94 -7.74
C GLY F 318 -16.47 -11.81 -7.32
N GLU F 319 -17.34 -12.43 -8.11
CA GLU F 319 -18.78 -12.32 -7.84
C GLU F 319 -19.37 -13.67 -7.47
N VAL F 320 -18.73 -14.76 -7.92
CA VAL F 320 -19.22 -16.10 -7.63
C VAL F 320 -19.09 -16.42 -6.15
N GLU F 321 -17.96 -16.01 -5.56
CA GLU F 321 -17.74 -16.25 -4.13
C GLU F 321 -18.73 -15.47 -3.28
N ARG F 322 -19.04 -14.24 -3.68
CA ARG F 322 -20.01 -13.45 -2.92
C ARG F 322 -21.42 -13.97 -3.11
N ARG F 323 -21.72 -14.56 -4.28
CA ARG F 323 -23.03 -15.18 -4.44
C ARG F 323 -23.16 -16.43 -3.58
N ILE F 324 -22.07 -17.17 -3.40
CA ILE F 324 -22.11 -18.35 -2.53
C ILE F 324 -22.30 -17.94 -1.07
N VAL F 325 -21.63 -16.87 -0.64
CA VAL F 325 -21.78 -16.38 0.74
C VAL F 325 -23.21 -15.89 0.98
N SER F 326 -23.77 -15.15 0.03
CA SER F 326 -25.13 -14.65 0.20
C SER F 326 -26.16 -15.77 0.13
N GLN F 327 -25.89 -16.81 -0.64
CA GLN F 327 -26.77 -17.97 -0.67
C GLN F 327 -26.79 -18.70 0.67
N LEU F 328 -25.61 -18.84 1.30
CA LEU F 328 -25.54 -19.47 2.60
C LEU F 328 -26.27 -18.65 3.67
N LEU F 329 -26.13 -17.31 3.60
CA LEU F 329 -26.85 -16.44 4.54
C LEU F 329 -28.36 -16.56 4.37
N THR F 330 -28.83 -16.62 3.13
CA THR F 330 -30.26 -16.75 2.86
C THR F 330 -30.81 -18.06 3.39
N LEU F 331 -30.07 -19.17 3.22
CA LEU F 331 -30.54 -20.45 3.73
C LEU F 331 -30.52 -20.50 5.26
N MET F 332 -29.50 -19.91 5.88
CA MET F 332 -29.45 -19.89 7.35
C MET F 332 -30.56 -19.02 7.94
N ASP F 333 -31.00 -18.00 7.21
CA ASP F 333 -32.21 -17.30 7.63
C ASP F 333 -33.47 -18.11 7.36
N GLY F 334 -33.44 -18.92 6.31
CA GLY F 334 -34.60 -19.75 6.00
C GLY F 334 -34.79 -20.93 6.93
N LEU F 335 -33.80 -21.22 7.77
CA LEU F 335 -33.97 -22.26 8.78
C LEU F 335 -35.01 -21.90 9.83
N LYS F 336 -35.26 -20.60 10.05
CA LYS F 336 -36.16 -20.18 11.13
C LYS F 336 -37.60 -20.57 10.84
N GLN F 337 -37.98 -20.65 9.57
CA GLN F 337 -39.29 -21.15 9.19
C GLN F 337 -39.34 -22.68 9.13
N ARG F 338 -38.23 -23.36 9.34
CA ARG F 338 -38.15 -24.80 9.27
C ARG F 338 -38.28 -25.41 10.67
N ALA F 339 -38.16 -26.73 10.73
CA ALA F 339 -38.37 -27.44 11.99
C ALA F 339 -37.36 -28.56 12.13
N HIS F 340 -36.65 -28.55 13.26
CA HIS F 340 -35.75 -29.63 13.72
C HIS F 340 -34.61 -29.86 12.73
N VAL F 341 -33.83 -28.81 12.50
CA VAL F 341 -32.60 -28.89 11.72
C VAL F 341 -31.53 -28.14 12.48
N ILE F 342 -30.43 -28.82 12.80
CA ILE F 342 -29.31 -28.22 13.51
C ILE F 342 -28.14 -28.16 12.55
N VAL F 343 -27.50 -27.00 12.47
CA VAL F 343 -26.38 -26.78 11.56
C VAL F 343 -25.12 -26.59 12.39
N MET F 344 -24.13 -27.44 12.16
CA MET F 344 -22.83 -27.33 12.81
C MET F 344 -21.79 -26.94 11.78
N ALA F 345 -20.74 -26.28 12.25
CA ALA F 345 -19.67 -25.90 11.34
C ALA F 345 -18.37 -25.94 12.12
N ALA F 346 -17.26 -26.03 11.39
CA ALA F 346 -15.96 -26.20 12.00
C ALA F 346 -14.94 -25.33 11.30
N THR F 347 -14.25 -24.50 12.06
CA THR F 347 -13.23 -23.62 11.51
C THR F 347 -11.90 -23.91 12.16
N ASN F 348 -10.90 -23.08 11.88
CA ASN F 348 -9.61 -23.16 12.54
C ASN F 348 -9.35 -22.01 13.49
N ARG F 349 -10.01 -20.88 13.28
CA ARG F 349 -10.01 -19.75 14.21
C ARG F 349 -11.23 -18.90 13.89
N PRO F 350 -11.76 -18.15 14.86
CA PRO F 350 -12.97 -17.37 14.58
C PRO F 350 -12.76 -16.23 13.62
N ASN F 351 -11.57 -15.64 13.58
CA ASN F 351 -11.35 -14.37 12.91
C ASN F 351 -11.18 -14.48 11.41
N SER F 352 -11.42 -15.66 10.82
CA SER F 352 -11.34 -15.84 9.38
C SER F 352 -12.71 -16.00 8.74
N ILE F 353 -13.78 -15.73 9.49
CA ILE F 353 -15.15 -15.89 9.03
C ILE F 353 -15.73 -14.51 8.77
N ASP F 354 -16.49 -14.39 7.68
CA ASP F 354 -17.35 -13.24 7.43
C ASP F 354 -18.22 -12.96 8.65
N PRO F 355 -18.13 -11.76 9.25
CA PRO F 355 -18.82 -11.52 10.53
C PRO F 355 -20.34 -11.43 10.43
N ALA F 356 -20.91 -11.53 9.23
CA ALA F 356 -22.35 -11.61 9.13
C ALA F 356 -22.85 -13.02 9.48
N LEU F 357 -21.94 -13.99 9.52
CA LEU F 357 -22.32 -15.35 9.87
C LEU F 357 -22.26 -15.59 11.37
N ARG F 358 -22.13 -14.53 12.15
CA ARG F 358 -21.98 -14.72 13.59
C ARG F 358 -23.08 -14.02 14.36
N ARG F 359 -23.98 -13.33 13.68
CA ARG F 359 -25.04 -12.60 14.36
C ARG F 359 -26.12 -13.56 14.84
N PHE F 360 -27.17 -12.99 15.41
CA PHE F 360 -28.20 -13.79 16.05
C PHE F 360 -29.08 -14.45 15.00
N GLY F 361 -29.25 -15.77 15.15
CA GLY F 361 -29.92 -16.56 14.14
C GLY F 361 -28.99 -17.27 13.19
N ARG F 362 -27.70 -16.98 13.21
CA ARG F 362 -26.71 -17.61 12.34
C ARG F 362 -25.46 -17.86 13.18
N PHE F 363 -25.29 -19.09 13.67
CA PHE F 363 -24.09 -19.54 14.39
C PHE F 363 -23.80 -18.67 15.61
N ASP F 364 -24.78 -18.58 16.51
CA ASP F 364 -24.63 -17.72 17.67
C ASP F 364 -23.85 -18.40 18.79
N ARG F 365 -23.79 -19.73 18.78
CA ARG F 365 -23.08 -20.47 19.81
C ARG F 365 -21.73 -20.95 19.32
N GLU F 366 -20.70 -20.77 20.12
CA GLU F 366 -19.33 -21.10 19.77
C GLU F 366 -18.72 -22.02 20.81
N VAL F 367 -18.09 -23.09 20.36
CA VAL F 367 -17.42 -24.06 21.23
C VAL F 367 -15.95 -24.09 20.86
N ASP F 368 -15.09 -24.07 21.88
CA ASP F 368 -13.65 -24.05 21.70
C ASP F 368 -13.09 -25.41 22.07
N ILE F 369 -12.38 -26.05 21.14
CA ILE F 369 -11.77 -27.33 21.39
C ILE F 369 -10.26 -27.16 21.37
N GLY F 370 -9.65 -26.97 22.53
CA GLY F 370 -8.23 -26.66 22.60
C GLY F 370 -7.38 -27.91 22.54
N ILE F 371 -6.08 -27.70 22.70
CA ILE F 371 -5.10 -28.79 22.70
C ILE F 371 -5.22 -29.54 24.02
N PRO F 372 -4.94 -30.84 24.07
CA PRO F 372 -5.21 -31.60 25.28
C PRO F 372 -4.15 -31.37 26.35
N ASP F 373 -4.50 -31.74 27.59
CA ASP F 373 -3.56 -31.80 28.69
C ASP F 373 -3.05 -33.22 28.89
N ALA F 374 -2.33 -33.45 30.00
CA ALA F 374 -1.61 -34.70 30.19
C ALA F 374 -2.56 -35.86 30.44
N THR F 375 -3.64 -35.62 31.20
CA THR F 375 -4.68 -36.62 31.36
C THR F 375 -5.37 -36.88 30.02
N GLY F 376 -5.58 -35.82 29.24
CA GLY F 376 -6.13 -35.97 27.91
C GLY F 376 -5.23 -36.75 26.98
N ARG F 377 -3.93 -36.48 27.00
CA ARG F 377 -3.00 -37.19 26.12
C ARG F 377 -2.87 -38.64 26.51
N LEU F 378 -2.95 -38.94 27.82
CA LEU F 378 -2.98 -40.33 28.27
C LEU F 378 -4.23 -41.04 27.77
N GLU F 379 -5.37 -40.33 27.76
CA GLU F 379 -6.59 -40.94 27.26
C GLU F 379 -6.54 -41.17 25.75
N ILE F 380 -5.88 -40.27 25.01
CA ILE F 380 -5.69 -40.47 23.56
C ILE F 380 -4.82 -41.70 23.31
N LEU F 381 -3.71 -41.82 24.05
CA LEU F 381 -2.81 -42.95 23.85
C LEU F 381 -3.45 -44.27 24.26
N GLN F 382 -4.36 -44.23 25.24
CA GLN F 382 -5.09 -45.45 25.57
C GLN F 382 -6.11 -45.80 24.50
N ILE F 383 -6.69 -44.80 23.84
CA ILE F 383 -7.66 -45.09 22.79
C ILE F 383 -6.98 -45.68 21.56
N HIS F 384 -5.83 -45.13 21.16
CA HIS F 384 -5.24 -45.57 19.90
C HIS F 384 -4.47 -46.89 20.05
N THR F 385 -4.20 -47.30 21.28
CA THR F 385 -3.55 -48.58 21.52
C THR F 385 -4.50 -49.64 22.06
N LYS F 386 -5.75 -49.65 21.61
CA LYS F 386 -6.67 -50.73 21.99
C LYS F 386 -6.27 -52.03 21.33
N ASN F 387 -6.11 -52.02 20.02
CA ASN F 387 -5.90 -53.26 19.29
C ASN F 387 -4.45 -53.71 19.36
N MET F 388 -3.51 -52.78 19.49
CA MET F 388 -2.11 -53.15 19.54
C MET F 388 -1.78 -53.83 20.86
N LYS F 389 -0.73 -54.64 20.84
CA LYS F 389 -0.34 -55.48 21.95
C LYS F 389 1.00 -54.99 22.48
N LEU F 390 0.99 -54.38 23.65
CA LEU F 390 2.18 -53.76 24.19
C LEU F 390 3.00 -54.77 24.99
N ALA F 391 4.27 -54.46 25.17
CA ALA F 391 5.12 -55.28 26.03
C ALA F 391 4.96 -54.89 27.49
N ASP F 392 5.86 -55.39 28.33
CA ASP F 392 5.66 -55.27 29.77
C ASP F 392 6.24 -53.97 30.30
N ASP F 393 7.25 -53.42 29.63
CA ASP F 393 7.92 -52.24 30.15
C ASP F 393 7.26 -50.95 29.67
N VAL F 394 6.30 -51.06 28.75
CA VAL F 394 5.70 -49.87 28.17
C VAL F 394 4.77 -49.21 29.17
N ASP F 395 5.12 -47.99 29.56
CA ASP F 395 4.34 -47.21 30.51
C ASP F 395 3.82 -45.98 29.77
N LEU F 396 2.51 -45.95 29.51
CA LEU F 396 1.94 -44.89 28.69
C LEU F 396 1.87 -43.57 29.45
N GLU F 397 1.99 -43.61 30.78
CA GLU F 397 1.91 -42.39 31.57
C GLU F 397 3.15 -41.52 31.37
N GLN F 398 4.32 -42.15 31.21
CA GLN F 398 5.53 -41.37 30.95
C GLN F 398 5.53 -40.81 29.54
N VAL F 399 4.98 -41.56 28.58
CA VAL F 399 4.87 -41.06 27.22
C VAL F 399 3.90 -39.89 27.16
N ALA F 400 2.80 -39.97 27.89
CA ALA F 400 1.85 -38.87 27.97
C ALA F 400 2.44 -37.66 28.69
N ASN F 401 3.29 -37.88 29.70
CA ASN F 401 3.95 -36.76 30.36
C ASN F 401 5.03 -36.14 29.50
N GLU F 402 5.58 -36.88 28.55
CA GLU F 402 6.67 -36.35 27.73
C GLU F 402 6.18 -35.52 26.56
N THR F 403 5.13 -35.97 25.88
CA THR F 403 4.55 -35.29 24.72
C THR F 403 3.98 -33.96 25.15
N HIS F 404 4.56 -32.86 24.67
CA HIS F 404 4.09 -31.52 24.95
C HIS F 404 3.98 -30.76 23.64
N GLY F 405 2.79 -30.26 23.34
CA GLY F 405 2.52 -29.60 22.08
C GLY F 405 1.87 -30.51 21.06
N HIS F 406 1.56 -31.75 21.42
CA HIS F 406 0.97 -32.70 20.48
C HIS F 406 -0.54 -32.65 20.55
N VAL F 407 -1.19 -32.44 19.40
CA VAL F 407 -2.62 -32.64 19.22
C VAL F 407 -2.86 -34.12 18.97
N GLY F 408 -4.13 -34.53 18.93
CA GLY F 408 -4.46 -35.95 18.88
C GLY F 408 -4.00 -36.66 17.62
N ALA F 409 -3.93 -35.94 16.49
CA ALA F 409 -3.46 -36.56 15.26
C ALA F 409 -1.96 -36.85 15.34
N ASP F 410 -1.21 -36.01 16.05
CA ASP F 410 0.20 -36.28 16.29
C ASP F 410 0.38 -37.54 17.14
N LEU F 411 -0.52 -37.77 18.09
CA LEU F 411 -0.39 -38.95 18.94
C LEU F 411 -0.76 -40.21 18.17
N ALA F 412 -1.74 -40.11 17.27
CA ALA F 412 -2.06 -41.24 16.41
C ALA F 412 -0.91 -41.57 15.47
N ALA F 413 -0.26 -40.53 14.94
CA ALA F 413 0.90 -40.75 14.08
C ALA F 413 2.08 -41.33 14.86
N LEU F 414 2.23 -40.93 16.12
CA LEU F 414 3.29 -41.46 16.97
C LEU F 414 3.10 -42.95 17.24
N CYS F 415 1.86 -43.35 17.58
CA CYS F 415 1.57 -44.76 17.81
C CYS F 415 1.79 -45.60 16.55
N SER F 416 1.32 -45.10 15.40
CA SER F 416 1.51 -45.84 14.15
C SER F 416 2.97 -45.94 13.74
N GLU F 417 3.75 -44.90 14.02
CA GLU F 417 5.15 -44.89 13.61
C GLU F 417 5.98 -45.81 14.50
N ALA F 418 5.64 -45.87 15.80
CA ALA F 418 6.33 -46.81 16.69
C ALA F 418 5.98 -48.26 16.34
N ALA F 419 4.73 -48.49 15.94
CA ALA F 419 4.35 -49.84 15.51
C ALA F 419 5.06 -50.24 14.22
N LEU F 420 5.29 -49.28 13.32
CA LEU F 420 6.04 -49.61 12.11
C LEU F 420 7.51 -49.86 12.40
N GLN F 421 8.09 -49.19 13.41
CA GLN F 421 9.46 -49.53 13.78
C GLN F 421 9.53 -50.93 14.40
N ALA F 422 8.52 -51.28 15.20
CA ALA F 422 8.48 -52.62 15.80
C ALA F 422 8.32 -53.70 14.74
N ILE F 423 7.62 -53.40 13.65
CA ILE F 423 7.58 -54.34 12.54
C ILE F 423 8.92 -54.38 11.80
N ARG F 424 9.55 -53.23 11.58
CA ARG F 424 10.77 -53.20 10.77
C ARG F 424 12.01 -53.55 11.58
N LYS F 425 11.85 -53.93 12.85
CA LYS F 425 12.99 -54.53 13.54
C LYS F 425 13.16 -55.99 13.16
N LYS F 426 12.05 -56.72 12.99
CA LYS F 426 12.09 -58.11 12.57
C LYS F 426 11.33 -58.30 11.26
N MET F 427 12.08 -58.40 10.15
CA MET F 427 11.51 -58.73 8.84
C MET F 427 12.16 -60.05 8.43
N ASP F 428 12.22 -60.97 9.37
CA ASP F 428 12.84 -62.28 9.18
C ASP F 428 11.81 -63.39 9.20
N LEU F 429 11.00 -63.48 10.26
CA LEU F 429 9.96 -64.49 10.32
C LEU F 429 8.67 -63.99 9.69
N ILE F 430 8.57 -62.68 9.49
CA ILE F 430 7.37 -62.09 8.88
C ILE F 430 7.31 -62.43 7.40
N ASP F 431 8.44 -62.32 6.71
CA ASP F 431 8.44 -62.33 5.25
C ASP F 431 8.24 -63.74 4.71
N LEU F 432 8.69 -64.76 5.46
CA LEU F 432 8.68 -66.13 4.94
C LEU F 432 7.26 -66.69 4.87
N GLU F 433 6.34 -66.15 5.66
CA GLU F 433 4.92 -66.47 5.52
C GLU F 433 4.21 -65.35 4.76
N ASP F 434 4.21 -65.50 3.43
CA ASP F 434 3.89 -64.37 2.56
C ASP F 434 2.43 -64.39 2.14
N GLU F 435 1.86 -65.57 1.91
CA GLU F 435 0.55 -65.66 1.30
C GLU F 435 -0.56 -65.37 2.31
N THR F 436 -0.52 -66.05 3.45
CA THR F 436 -1.50 -65.88 4.51
C THR F 436 -0.85 -65.24 5.71
N ILE F 437 -1.65 -64.61 6.57
CA ILE F 437 -1.15 -64.09 7.83
C ILE F 437 -1.87 -64.79 8.98
N ASP F 438 -1.11 -65.44 9.86
CA ASP F 438 -1.64 -66.07 11.06
C ASP F 438 -1.52 -65.08 12.21
N ALA F 439 -2.43 -65.19 13.17
CA ALA F 439 -2.50 -64.20 14.24
C ALA F 439 -1.40 -64.39 15.27
N GLU F 440 -0.85 -65.60 15.36
CA GLU F 440 0.22 -65.88 16.32
C GLU F 440 1.51 -65.18 15.91
N VAL F 441 1.72 -65.02 14.59
CA VAL F 441 2.90 -64.34 14.09
C VAL F 441 2.87 -62.86 14.46
N MET F 442 1.67 -62.26 14.47
CA MET F 442 1.54 -60.89 14.94
C MET F 442 1.42 -60.83 16.47
N ASN F 443 1.19 -61.98 17.11
CA ASN F 443 1.29 -62.01 18.57
C ASN F 443 2.74 -62.05 19.01
N SER F 444 3.63 -62.54 18.14
CA SER F 444 5.06 -62.43 18.39
C SER F 444 5.49 -60.97 18.31
N LEU F 445 4.79 -60.17 17.51
CA LEU F 445 5.03 -58.74 17.45
C LEU F 445 4.56 -58.07 18.74
N ALA F 446 5.49 -57.48 19.47
CA ALA F 446 5.18 -56.73 20.68
C ALA F 446 6.00 -55.45 20.68
N VAL F 447 5.34 -54.34 20.97
CA VAL F 447 5.99 -53.04 20.89
C VAL F 447 6.67 -52.72 22.21
N THR F 448 7.94 -52.29 22.15
CA THR F 448 8.71 -52.03 23.34
C THR F 448 8.78 -50.53 23.62
N MET F 449 9.46 -50.19 24.71
CA MET F 449 9.56 -48.78 25.10
C MET F 449 10.58 -48.04 24.25
N ASP F 450 11.51 -48.77 23.63
CA ASP F 450 12.50 -48.14 22.77
C ASP F 450 11.87 -47.66 21.47
N ASP F 451 10.79 -48.34 21.04
CA ASP F 451 10.03 -47.89 19.88
C ASP F 451 9.38 -46.53 20.14
N PHE F 452 8.74 -46.37 21.30
CA PHE F 452 8.15 -45.08 21.63
C PHE F 452 9.21 -44.03 21.91
N ARG F 453 10.39 -44.46 22.37
CA ARG F 453 11.49 -43.52 22.58
C ARG F 453 11.99 -42.95 21.26
N TRP F 454 12.15 -43.81 20.25
CA TRP F 454 12.57 -43.34 18.95
C TRP F 454 11.48 -42.51 18.28
N ALA F 455 10.22 -42.89 18.49
CA ALA F 455 9.11 -42.14 17.91
C ALA F 455 8.98 -40.76 18.56
N LEU F 456 9.32 -40.65 19.84
CA LEU F 456 9.41 -39.33 20.46
C LEU F 456 10.59 -38.55 19.93
N SER F 457 11.68 -39.23 19.62
CA SER F 457 12.87 -38.50 19.18
C SER F 457 12.74 -38.03 17.73
N GLN F 458 11.86 -38.67 16.96
CA GLN F 458 11.73 -38.29 15.55
C GLN F 458 10.62 -37.28 15.32
N SER F 459 9.55 -37.35 16.09
CA SER F 459 8.35 -36.59 15.77
C SER F 459 8.53 -35.12 16.13
N ASN F 460 7.84 -34.26 15.38
CA ASN F 460 7.80 -32.82 15.64
C ASN F 460 6.37 -32.36 15.79
N PRO F 461 5.96 -31.84 16.95
CA PRO F 461 4.57 -31.43 17.14
C PRO F 461 4.26 -30.16 16.38
N SER F 462 2.97 -29.84 16.32
CA SER F 462 2.49 -28.73 15.52
C SER F 462 1.91 -27.59 16.34
N ALA F 463 1.63 -27.80 17.62
CA ALA F 463 1.03 -26.78 18.46
C ALA F 463 1.98 -26.23 19.50
N LEU F 464 3.25 -26.01 19.14
CA LEU F 464 4.19 -25.44 20.09
C LEU F 464 4.01 -23.94 20.23
N ARG F 465 3.53 -23.29 19.18
CA ARG F 465 3.41 -21.84 19.21
C ARG F 465 2.13 -21.39 19.91
N GLU F 466 1.21 -22.33 20.15
CA GLU F 466 -0.06 -21.97 20.77
C GLU F 466 0.10 -21.76 22.26
N THR F 467 -0.80 -20.96 22.83
CA THR F 467 -0.79 -20.72 24.26
C THR F 467 -1.43 -21.88 25.01
N VAL F 468 -0.94 -22.14 26.22
CA VAL F 468 -1.34 -23.30 27.01
C VAL F 468 -2.29 -22.84 28.11
N VAL F 469 -3.51 -23.37 28.08
CA VAL F 469 -4.52 -23.07 29.09
C VAL F 469 -4.84 -24.37 29.81
N GLU F 470 -4.36 -24.51 31.04
CA GLU F 470 -4.53 -25.75 31.77
C GLU F 470 -4.40 -25.48 33.26
N VAL F 471 -4.84 -26.45 34.05
CA VAL F 471 -4.72 -26.35 35.51
C VAL F 471 -3.29 -26.70 35.90
N PRO F 472 -2.64 -25.92 36.76
CA PRO F 472 -1.26 -26.25 37.15
C PRO F 472 -1.21 -27.46 38.06
N GLN F 473 -0.01 -27.98 38.26
CA GLN F 473 0.20 -29.13 39.12
C GLN F 473 0.99 -28.81 40.38
N VAL F 474 1.42 -27.55 40.54
CA VAL F 474 2.15 -27.16 41.73
C VAL F 474 1.19 -26.99 42.89
N THR F 475 1.51 -27.60 44.03
CA THR F 475 0.70 -27.50 45.23
C THR F 475 1.37 -26.55 46.20
N TRP F 476 0.79 -26.43 47.41
CA TRP F 476 1.35 -25.51 48.39
C TRP F 476 2.62 -26.07 49.01
N GLU F 477 2.86 -27.38 48.88
CA GLU F 477 3.98 -27.99 49.59
C GLU F 477 5.28 -27.86 48.80
N ASP F 478 5.22 -27.33 47.58
CA ASP F 478 6.45 -27.00 46.87
C ASP F 478 6.99 -25.65 47.30
N ILE F 479 6.21 -24.90 48.08
CA ILE F 479 6.62 -23.57 48.48
C ILE F 479 6.90 -23.55 49.98
N GLY F 480 8.03 -22.97 50.36
CA GLY F 480 8.49 -22.95 51.73
C GLY F 480 8.04 -21.70 52.46
N GLY F 481 7.17 -21.88 53.44
CA GLY F 481 6.80 -20.78 54.30
C GLY F 481 5.79 -19.87 53.61
N LEU F 482 5.93 -18.57 53.88
CA LEU F 482 5.05 -17.52 53.37
C LEU F 482 3.60 -17.79 53.73
N GLU F 483 3.30 -17.83 55.03
CA GLU F 483 2.00 -18.33 55.45
C GLU F 483 0.93 -17.25 55.38
N ASP F 484 1.24 -16.03 55.82
CA ASP F 484 0.27 -14.95 55.74
C ASP F 484 -0.01 -14.55 54.30
N VAL F 485 0.95 -14.77 53.39
CA VAL F 485 0.71 -14.55 51.97
C VAL F 485 -0.29 -15.57 51.44
N LYS F 486 -0.17 -16.82 51.89
CA LYS F 486 -1.15 -17.86 51.52
C LYS F 486 -2.53 -17.52 52.06
N ARG F 487 -2.59 -16.99 53.29
CA ARG F 487 -3.86 -16.61 53.87
C ARG F 487 -4.50 -15.45 53.12
N GLU F 488 -3.70 -14.47 52.73
CA GLU F 488 -4.22 -13.30 52.01
C GLU F 488 -4.66 -13.68 50.60
N LEU F 489 -3.93 -14.58 49.94
CA LEU F 489 -4.37 -15.01 48.61
C LEU F 489 -5.62 -15.87 48.67
N GLN F 490 -5.78 -16.67 49.73
CA GLN F 490 -7.05 -17.39 49.88
C GLN F 490 -8.20 -16.46 50.19
N GLU F 491 -7.94 -15.34 50.89
CA GLU F 491 -9.00 -14.36 51.10
C GLU F 491 -9.39 -13.67 49.81
N LEU F 492 -8.40 -13.37 48.95
CA LEU F 492 -8.70 -12.59 47.76
C LEU F 492 -9.28 -13.43 46.62
N VAL F 493 -8.72 -14.60 46.37
CA VAL F 493 -9.13 -15.39 45.21
C VAL F 493 -10.33 -16.25 45.52
N GLN F 494 -10.33 -16.94 46.66
CA GLN F 494 -11.21 -18.08 46.87
C GLN F 494 -12.55 -17.72 47.49
N TYR F 495 -12.60 -16.75 48.38
CA TYR F 495 -13.85 -16.37 49.03
C TYR F 495 -14.95 -15.80 48.12
N PRO F 496 -14.67 -14.99 47.08
CA PRO F 496 -15.77 -14.63 46.16
C PRO F 496 -16.28 -15.78 45.30
N VAL F 497 -15.59 -16.91 45.25
CA VAL F 497 -16.08 -18.05 44.46
C VAL F 497 -16.91 -18.98 45.32
N GLU F 498 -16.39 -19.35 46.50
CA GLU F 498 -17.10 -20.29 47.36
C GLU F 498 -18.27 -19.68 48.09
N HIS F 499 -18.20 -18.41 48.49
CA HIS F 499 -19.26 -17.76 49.27
C HIS F 499 -19.65 -16.44 48.64
N PRO F 500 -20.42 -16.45 47.54
CA PRO F 500 -20.88 -15.18 46.97
C PRO F 500 -21.95 -14.52 47.81
N ASP F 501 -22.65 -15.28 48.64
CA ASP F 501 -23.79 -14.76 49.39
C ASP F 501 -23.35 -13.79 50.47
N LYS F 502 -22.14 -13.99 51.01
CA LYS F 502 -21.65 -13.08 52.04
C LYS F 502 -21.31 -11.72 51.45
N PHE F 503 -20.74 -11.71 50.25
CA PHE F 503 -20.48 -10.45 49.55
C PHE F 503 -21.78 -9.81 49.08
N LEU F 504 -22.82 -10.62 48.80
CA LEU F 504 -24.12 -10.03 48.48
C LEU F 504 -24.76 -9.39 49.71
N LYS F 505 -24.71 -10.06 50.87
CA LYS F 505 -25.40 -9.56 52.05
C LYS F 505 -24.69 -8.35 52.65
N PHE F 506 -23.37 -8.44 52.84
CA PHE F 506 -22.66 -7.30 53.41
C PHE F 506 -22.48 -6.16 52.44
N GLY F 507 -22.67 -6.39 51.14
CA GLY F 507 -22.64 -5.32 50.16
C GLY F 507 -21.24 -4.80 49.88
N MET F 508 -20.38 -5.66 49.37
CA MET F 508 -19.01 -5.30 49.03
C MET F 508 -18.72 -5.72 47.59
N THR F 509 -18.09 -4.82 46.84
CA THR F 509 -17.54 -5.17 45.54
C THR F 509 -16.21 -5.88 45.74
N PRO F 510 -16.01 -7.07 45.19
CA PRO F 510 -14.74 -7.78 45.41
C PRO F 510 -13.62 -7.15 44.61
N SER F 511 -12.41 -7.21 45.15
CA SER F 511 -11.25 -6.69 44.43
C SER F 511 -10.87 -7.63 43.30
N LYS F 512 -10.07 -7.12 42.38
CA LYS F 512 -9.91 -7.76 41.07
C LYS F 512 -8.45 -8.04 40.74
N GLY F 513 -7.50 -7.36 41.36
CA GLY F 513 -6.10 -7.57 41.01
C GLY F 513 -5.18 -7.53 42.20
N VAL F 514 -3.99 -8.10 42.01
CA VAL F 514 -2.93 -8.16 43.01
C VAL F 514 -1.63 -7.89 42.29
N LEU F 515 -0.74 -7.10 42.91
CA LEU F 515 0.62 -6.95 42.41
C LEU F 515 1.59 -7.50 43.44
N PHE F 516 2.34 -8.54 43.07
CA PHE F 516 3.44 -9.03 43.87
C PHE F 516 4.66 -8.21 43.51
N TYR F 517 5.56 -8.00 44.48
CA TYR F 517 6.87 -7.44 44.16
C TYR F 517 7.89 -8.00 45.14
N GLY F 518 9.15 -7.87 44.81
CA GLY F 518 10.21 -8.40 45.64
C GLY F 518 11.46 -8.70 44.85
N PRO F 519 12.42 -9.38 45.48
CA PRO F 519 13.67 -9.70 44.79
C PRO F 519 13.45 -10.80 43.77
N PRO F 520 14.37 -10.97 42.83
CA PRO F 520 14.20 -12.05 41.85
C PRO F 520 14.50 -13.42 42.44
N GLY F 521 13.78 -14.42 41.94
CA GLY F 521 13.99 -15.79 42.37
C GLY F 521 13.30 -16.17 43.65
N CYS F 522 12.40 -15.35 44.17
CA CYS F 522 11.79 -15.60 45.46
C CYS F 522 10.42 -16.26 45.36
N GLY F 523 10.07 -16.84 44.22
CA GLY F 523 8.89 -17.67 44.15
C GLY F 523 7.58 -16.95 43.93
N LYS F 524 7.48 -16.12 42.90
CA LYS F 524 6.20 -15.47 42.60
C LYS F 524 5.37 -16.30 41.64
N THR F 525 6.02 -16.90 40.64
CA THR F 525 5.33 -17.76 39.69
C THR F 525 4.80 -19.01 40.37
N LEU F 526 5.51 -19.51 41.38
CA LEU F 526 5.05 -20.67 42.12
C LEU F 526 3.82 -20.35 42.96
N LEU F 527 3.77 -19.15 43.54
CA LEU F 527 2.57 -18.76 44.28
C LEU F 527 1.38 -18.56 43.36
N ALA F 528 1.61 -18.02 42.16
CA ALA F 528 0.51 -17.87 41.20
C ALA F 528 -0.02 -19.22 40.76
N LYS F 529 0.86 -20.18 40.47
CA LYS F 529 0.41 -21.51 40.08
C LYS F 529 -0.26 -22.25 41.23
N ALA F 530 0.22 -22.02 42.45
CA ALA F 530 -0.36 -22.71 43.61
C ALA F 530 -1.76 -22.19 43.91
N ILE F 531 -1.98 -20.88 43.81
CA ILE F 531 -3.32 -20.37 44.04
C ILE F 531 -4.24 -20.67 42.86
N ALA F 532 -3.70 -20.88 41.66
CA ALA F 532 -4.52 -21.41 40.59
C ALA F 532 -4.85 -22.88 40.79
N ASN F 533 -4.03 -23.61 41.53
CA ASN F 533 -4.29 -25.02 41.80
C ASN F 533 -5.26 -25.22 42.96
N GLU F 534 -5.22 -24.33 43.96
CA GLU F 534 -6.08 -24.50 45.13
C GLU F 534 -7.55 -24.29 44.78
N CYS F 535 -7.85 -23.36 43.88
CA CYS F 535 -9.21 -23.08 43.46
C CYS F 535 -9.66 -23.91 42.29
N GLN F 536 -8.77 -24.74 41.73
CA GLN F 536 -9.00 -25.56 40.53
C GLN F 536 -9.46 -24.71 39.35
N ALA F 537 -8.70 -23.67 39.07
CA ALA F 537 -8.97 -22.76 37.97
C ALA F 537 -7.91 -22.94 36.90
N ASN F 538 -8.17 -22.38 35.72
CA ASN F 538 -7.17 -22.40 34.66
C ASN F 538 -6.08 -21.38 34.94
N PHE F 539 -5.05 -21.38 34.10
CA PHE F 539 -3.89 -20.53 34.30
C PHE F 539 -3.31 -20.14 32.96
N ILE F 540 -3.26 -18.84 32.69
CA ILE F 540 -2.68 -18.31 31.48
C ILE F 540 -1.50 -17.45 31.88
N SER F 541 -0.32 -17.74 31.33
CA SER F 541 0.91 -17.07 31.71
C SER F 541 1.45 -16.29 30.52
N ILE F 542 1.86 -15.05 30.76
CA ILE F 542 2.33 -14.14 29.73
C ILE F 542 3.68 -13.59 30.17
N LYS F 543 4.72 -13.89 29.40
CA LYS F 543 6.06 -13.52 29.81
C LYS F 543 6.37 -12.09 29.41
N GLY F 544 7.58 -11.65 29.78
CA GLY F 544 8.12 -10.37 29.37
C GLY F 544 8.43 -10.21 27.90
N PRO F 545 9.10 -11.17 27.25
CA PRO F 545 9.26 -11.10 25.79
C PRO F 545 7.97 -11.06 24.98
N GLU F 546 6.86 -11.60 25.48
CA GLU F 546 5.60 -11.47 24.74
C GLU F 546 5.05 -10.05 24.83
N LEU F 547 5.48 -9.29 25.82
CA LEU F 547 5.10 -7.88 25.89
C LEU F 547 6.04 -7.03 25.04
N LEU F 548 7.34 -7.37 25.05
CA LEU F 548 8.28 -6.59 24.25
C LEU F 548 8.09 -6.85 22.76
N THR F 549 7.56 -8.02 22.38
CA THR F 549 7.23 -8.26 20.99
C THR F 549 6.09 -7.35 20.54
N MET F 550 5.12 -7.10 21.43
CA MET F 550 4.06 -6.16 21.11
C MET F 550 4.58 -4.73 21.13
N TRP F 551 5.65 -4.47 21.89
CA TRP F 551 6.22 -3.13 21.94
C TRP F 551 6.98 -2.78 20.68
N PHE F 552 7.87 -3.67 20.23
CA PHE F 552 8.68 -3.34 19.06
C PHE F 552 7.88 -3.44 17.78
N GLY F 553 7.25 -4.57 17.54
CA GLY F 553 6.35 -4.67 16.40
C GLY F 553 4.96 -4.25 16.82
N GLU F 554 4.59 -3.02 16.48
CA GLU F 554 3.48 -2.32 17.11
C GLU F 554 2.16 -2.97 16.77
N SER F 555 1.63 -3.75 17.73
CA SER F 555 0.45 -4.56 17.51
C SER F 555 -0.31 -4.68 18.82
N GLU F 556 -1.61 -4.34 18.82
CA GLU F 556 -2.31 -4.17 20.08
C GLU F 556 -3.63 -4.94 20.09
N ALA F 557 -3.98 -5.59 18.98
CA ALA F 557 -5.16 -6.45 18.98
C ALA F 557 -4.89 -7.73 19.76
N ASN F 558 -3.62 -8.06 19.95
CA ASN F 558 -3.26 -9.29 20.64
C ASN F 558 -3.60 -9.19 22.12
N VAL F 559 -3.60 -7.98 22.68
CA VAL F 559 -4.00 -7.79 24.07
C VAL F 559 -5.48 -8.06 24.24
N ARG F 560 -6.28 -7.69 23.25
CA ARG F 560 -7.70 -7.99 23.28
C ARG F 560 -7.95 -9.48 23.11
N GLU F 561 -7.15 -10.14 22.28
CA GLU F 561 -7.30 -11.58 22.11
C GLU F 561 -6.91 -12.36 23.36
N ILE F 562 -5.96 -11.83 24.13
CA ILE F 562 -5.59 -12.43 25.41
C ILE F 562 -6.76 -12.41 26.40
N PHE F 563 -7.43 -11.28 26.54
CA PHE F 563 -8.56 -11.20 27.47
C PHE F 563 -9.76 -11.98 26.95
N ASP F 564 -9.86 -12.16 25.63
CA ASP F 564 -10.89 -13.04 25.10
C ASP F 564 -10.62 -14.50 25.49
N LYS F 565 -9.36 -14.95 25.37
CA LYS F 565 -9.00 -16.29 25.84
C LYS F 565 -9.23 -16.44 27.33
N ALA F 566 -9.01 -15.38 28.10
CA ALA F 566 -9.24 -15.43 29.54
C ALA F 566 -10.71 -15.48 29.90
N ARG F 567 -11.59 -14.86 29.11
CA ARG F 567 -13.01 -14.91 29.41
C ARG F 567 -13.67 -16.18 28.92
N GLN F 568 -13.18 -16.79 27.84
CA GLN F 568 -13.81 -18.03 27.39
C GLN F 568 -13.49 -19.22 28.27
N ALA F 569 -12.51 -19.12 29.16
CA ALA F 569 -12.10 -20.22 30.01
C ALA F 569 -12.21 -19.87 31.50
N ALA F 570 -13.21 -19.06 31.86
CA ALA F 570 -13.38 -18.65 33.23
C ALA F 570 -13.94 -19.80 34.06
N PRO F 571 -13.56 -19.91 35.35
CA PRO F 571 -12.67 -19.09 36.18
C PRO F 571 -11.21 -19.32 35.90
N CYS F 572 -10.41 -18.26 35.88
CA CYS F 572 -8.99 -18.40 35.59
C CYS F 572 -8.19 -17.31 36.28
N VAL F 573 -6.89 -17.58 36.38
CA VAL F 573 -5.91 -16.64 36.89
C VAL F 573 -5.02 -16.24 35.73
N LEU F 574 -4.96 -14.94 35.46
CA LEU F 574 -4.19 -14.40 34.36
C LEU F 574 -2.95 -13.71 34.91
N PHE F 575 -1.78 -14.22 34.58
CA PHE F 575 -0.55 -13.83 35.23
C PHE F 575 0.35 -13.07 34.27
N PHE F 576 0.59 -11.80 34.56
CA PHE F 576 1.50 -10.95 33.80
C PHE F 576 2.84 -10.89 34.51
N ASP F 577 3.79 -11.66 34.02
CA ASP F 577 5.14 -11.66 34.56
C ASP F 577 5.90 -10.48 33.95
N GLU F 578 6.68 -9.79 34.80
CA GLU F 578 7.57 -8.69 34.41
C GLU F 578 6.81 -7.55 33.73
N LEU F 579 5.98 -6.85 34.52
CA LEU F 579 5.31 -5.65 33.99
C LEU F 579 6.30 -4.51 33.78
N ASP F 580 7.45 -4.55 34.45
CA ASP F 580 8.42 -3.47 34.33
C ASP F 580 9.34 -3.61 33.12
N SER F 581 9.07 -4.56 32.21
CA SER F 581 10.02 -4.86 31.15
C SER F 581 10.07 -3.76 30.10
N ILE F 582 8.92 -3.20 29.72
CA ILE F 582 8.91 -2.14 28.72
C ILE F 582 9.46 -0.85 29.30
N ALA F 583 9.14 -0.58 30.58
CA ALA F 583 9.63 0.64 31.22
C ALA F 583 11.11 0.53 31.56
N LYS F 584 11.64 -0.69 31.56
CA LYS F 584 13.09 -0.86 31.70
C LYS F 584 13.77 -0.80 30.34
N ALA F 585 13.10 -1.30 29.30
CA ALA F 585 13.70 -1.30 27.97
C ALA F 585 13.70 0.08 27.36
N ARG F 586 12.78 0.95 27.78
CA ARG F 586 12.70 2.27 27.19
C ARG F 586 13.72 3.20 27.82
N GLY F 587 14.09 2.94 29.06
CA GLY F 587 15.08 3.74 29.75
C GLY F 587 15.24 3.26 31.17
N GLY F 588 16.14 3.91 31.90
CA GLY F 588 16.29 3.61 33.31
C GLY F 588 15.26 4.37 34.12
N ASN F 589 15.72 5.08 35.15
CA ASN F 589 14.90 6.02 35.93
C ASN F 589 14.46 7.13 34.98
N ILE F 590 15.33 7.63 34.10
CA ILE F 590 14.91 8.58 33.08
C ILE F 590 14.81 7.85 31.75
N GLY F 591 13.61 7.85 31.16
CA GLY F 591 13.41 7.17 29.90
C GLY F 591 13.90 8.00 28.72
N ASP F 592 13.22 7.84 27.59
CA ASP F 592 13.41 8.73 26.44
C ASP F 592 12.89 10.10 26.88
N GLY F 593 11.62 10.22 27.24
CA GLY F 593 11.12 11.43 27.86
C GLY F 593 9.81 11.18 28.59
N GLY F 594 9.72 11.58 29.85
CA GLY F 594 8.48 11.50 30.59
C GLY F 594 7.94 10.10 30.82
N GLY F 595 8.59 9.32 31.69
CA GLY F 595 8.26 7.91 31.84
C GLY F 595 6.91 7.58 32.45
N ALA F 596 5.86 8.03 31.77
CA ALA F 596 4.48 7.71 32.06
C ALA F 596 4.09 6.49 31.23
N ALA F 597 2.79 6.39 30.96
CA ALA F 597 2.24 5.23 30.25
C ALA F 597 2.82 5.04 28.87
N ASP F 598 3.04 3.78 28.53
CA ASP F 598 3.41 3.33 27.20
C ASP F 598 2.21 2.77 26.46
N ARG F 599 2.49 2.07 25.37
CA ARG F 599 1.43 1.68 24.43
C ARG F 599 0.68 0.44 24.91
N VAL F 600 1.36 -0.48 25.58
CA VAL F 600 0.79 -1.81 25.81
C VAL F 600 0.10 -1.89 27.15
N ILE F 601 0.65 -1.22 28.16
CA ILE F 601 -0.01 -1.16 29.47
C ILE F 601 -1.28 -0.32 29.37
N ASN F 602 -1.34 0.57 28.38
CA ASN F 602 -2.56 1.31 28.09
C ASN F 602 -3.70 0.38 27.67
N GLN F 603 -3.42 -0.56 26.77
CA GLN F 603 -4.45 -1.50 26.34
C GLN F 603 -4.81 -2.47 27.46
N ILE F 604 -3.84 -2.79 28.33
CA ILE F 604 -4.14 -3.59 29.51
C ILE F 604 -5.10 -2.85 30.44
N LEU F 605 -4.92 -1.53 30.59
CA LEU F 605 -5.82 -0.75 31.42
C LEU F 605 -7.22 -0.66 30.85
N THR F 606 -7.34 -0.47 29.53
CA THR F 606 -8.68 -0.41 28.93
C THR F 606 -9.40 -1.74 29.03
N GLU F 607 -8.67 -2.86 28.89
CA GLU F 607 -9.32 -4.15 28.99
C GLU F 607 -9.65 -4.50 30.43
N MET F 608 -8.89 -4.00 31.40
CA MET F 608 -9.27 -4.19 32.80
C MET F 608 -10.50 -3.38 33.14
N ASP F 609 -10.62 -2.17 32.58
CA ASP F 609 -11.81 -1.37 32.86
C ASP F 609 -13.04 -1.94 32.16
N GLY F 610 -12.85 -2.63 31.05
CA GLY F 610 -13.97 -3.28 30.40
C GLY F 610 -14.29 -4.67 30.89
N MET F 611 -13.96 -5.00 32.14
CA MET F 611 -14.10 -6.37 32.61
C MET F 611 -15.39 -6.55 33.41
N SER F 612 -16.14 -7.59 33.06
CA SER F 612 -17.38 -7.92 33.75
C SER F 612 -17.08 -8.51 35.13
N THR F 613 -17.96 -8.24 36.08
CA THR F 613 -17.70 -8.67 37.46
C THR F 613 -18.18 -10.10 37.71
N LYS F 614 -19.06 -10.61 36.86
CA LYS F 614 -19.63 -11.92 37.09
C LYS F 614 -18.72 -13.05 36.64
N LYS F 615 -17.71 -12.77 35.83
CA LYS F 615 -16.97 -13.85 35.17
C LYS F 615 -15.97 -14.54 36.09
N ASN F 616 -15.51 -13.85 37.13
CA ASN F 616 -14.45 -14.30 38.05
C ASN F 616 -13.17 -14.65 37.30
N VAL F 617 -12.61 -13.63 36.65
CA VAL F 617 -11.27 -13.68 36.09
C VAL F 617 -10.36 -12.84 36.97
N PHE F 618 -9.31 -13.46 37.50
CA PHE F 618 -8.49 -12.82 38.51
C PHE F 618 -7.11 -12.54 37.94
N ILE F 619 -6.66 -11.29 38.04
CA ILE F 619 -5.47 -10.82 37.35
C ILE F 619 -4.36 -10.59 38.36
N ILE F 620 -3.19 -11.17 38.11
CA ILE F 620 -2.02 -11.01 38.95
C ILE F 620 -0.89 -10.45 38.09
N GLY F 621 -0.20 -9.44 38.59
CA GLY F 621 1.01 -8.97 37.92
C GLY F 621 2.21 -9.25 38.79
N ALA F 622 3.42 -9.16 38.25
CA ALA F 622 4.62 -9.36 39.05
C ALA F 622 5.75 -8.46 38.55
N THR F 623 6.46 -7.82 39.47
CA THR F 623 7.56 -6.93 39.13
C THR F 623 8.76 -7.22 40.02
N ASN F 624 9.90 -6.66 39.64
CA ASN F 624 11.08 -6.58 40.49
C ASN F 624 11.46 -5.14 40.80
N ARG F 625 10.96 -4.20 40.01
CA ARG F 625 11.30 -2.78 40.12
C ARG F 625 10.01 -2.01 40.35
N PRO F 626 9.54 -1.91 41.60
CA PRO F 626 8.22 -1.33 41.85
C PRO F 626 8.15 0.17 41.63
N ASP F 627 9.27 0.86 41.46
CA ASP F 627 9.30 2.31 41.42
C ASP F 627 9.20 2.89 40.02
N ILE F 628 9.43 2.11 38.98
CA ILE F 628 9.33 2.58 37.60
C ILE F 628 8.05 2.12 36.94
N ILE F 629 7.11 1.58 37.71
CA ILE F 629 5.86 1.10 37.12
C ILE F 629 4.91 2.30 36.95
N ASP F 630 3.98 2.14 36.00
CA ASP F 630 2.98 3.17 35.72
C ASP F 630 2.06 3.34 36.93
N PRO F 631 1.95 4.55 37.49
CA PRO F 631 1.11 4.71 38.69
C PRO F 631 -0.38 4.65 38.42
N ALA F 632 -0.79 4.61 37.14
CA ALA F 632 -2.21 4.54 36.84
C ALA F 632 -2.76 3.13 37.00
N ILE F 633 -1.88 2.16 37.27
CA ILE F 633 -2.33 0.79 37.48
C ILE F 633 -2.80 0.60 38.91
N LEU F 634 -2.20 1.34 39.83
CA LEU F 634 -2.43 1.08 41.26
C LEU F 634 -3.63 1.84 41.79
N ARG F 635 -4.38 2.49 40.88
CA ARG F 635 -5.63 3.22 41.21
C ARG F 635 -6.71 2.21 41.57
N PRO F 636 -7.63 2.47 42.54
CA PRO F 636 -8.62 1.48 42.95
C PRO F 636 -9.52 1.05 41.81
N GLY F 637 -9.65 -0.27 41.67
CA GLY F 637 -10.37 -0.86 40.57
C GLY F 637 -9.52 -1.60 39.56
N ARG F 638 -8.20 -1.42 39.59
CA ARG F 638 -7.38 -2.12 38.61
C ARG F 638 -6.43 -3.14 39.24
N LEU F 639 -5.48 -2.68 40.05
CA LEU F 639 -4.63 -3.57 40.84
C LEU F 639 -4.33 -2.84 42.16
N ASP F 640 -5.17 -3.04 43.17
CA ASP F 640 -5.05 -2.19 44.34
C ASP F 640 -4.28 -2.86 45.47
N GLN F 641 -4.28 -4.18 45.53
CA GLN F 641 -3.53 -4.88 46.56
C GLN F 641 -2.06 -4.98 46.18
N LEU F 642 -1.19 -4.67 47.13
CA LEU F 642 0.25 -4.84 46.95
C LEU F 642 0.76 -5.86 47.96
N ILE F 643 1.57 -6.80 47.50
CA ILE F 643 2.13 -7.83 48.37
C ILE F 643 3.63 -7.88 48.17
N TYR F 644 4.39 -7.83 49.25
CA TYR F 644 5.85 -7.92 49.23
C TYR F 644 6.27 -9.33 49.62
N ILE F 645 7.06 -9.97 48.78
CA ILE F 645 7.53 -11.33 48.99
C ILE F 645 9.02 -11.29 49.30
N PRO F 646 9.43 -11.56 50.52
CA PRO F 646 10.84 -11.35 50.89
C PRO F 646 11.70 -12.56 50.60
N LEU F 647 13.00 -12.44 50.87
CA LEU F 647 13.90 -13.57 50.81
C LEU F 647 13.49 -14.61 51.85
N PRO F 648 13.60 -15.90 51.55
CA PRO F 648 13.13 -16.93 52.48
C PRO F 648 14.01 -17.02 53.70
N ASP F 649 13.39 -17.33 54.83
CA ASP F 649 14.06 -17.32 56.12
C ASP F 649 14.63 -18.70 56.43
N GLU F 650 15.03 -18.91 57.69
CA GLU F 650 15.76 -20.11 58.08
C GLU F 650 14.90 -21.36 58.05
N LYS F 651 13.58 -21.23 58.21
CA LYS F 651 12.72 -22.41 58.21
C LYS F 651 12.27 -22.77 56.81
N SER F 652 12.26 -21.79 55.90
CA SER F 652 11.69 -22.02 54.57
C SER F 652 12.63 -22.83 53.69
N ARG F 653 13.94 -22.70 53.92
CA ARG F 653 14.92 -23.25 52.99
C ARG F 653 14.96 -24.77 53.04
N VAL F 654 14.56 -25.34 54.17
CA VAL F 654 14.43 -26.80 54.29
C VAL F 654 13.33 -27.30 53.36
N ALA F 655 12.20 -26.60 53.33
CA ALA F 655 11.10 -26.99 52.46
C ALA F 655 11.41 -26.67 51.01
N ILE F 656 12.32 -25.72 50.77
CA ILE F 656 12.81 -25.49 49.41
C ILE F 656 13.64 -26.68 48.95
N LEU F 657 14.60 -27.11 49.78
CA LEU F 657 15.53 -28.16 49.38
C LEU F 657 14.85 -29.51 49.27
N LYS F 658 13.87 -29.79 50.15
CA LYS F 658 13.12 -31.03 50.05
C LYS F 658 12.26 -31.07 48.79
N ALA F 659 11.76 -29.92 48.36
CA ALA F 659 10.95 -29.86 47.15
C ALA F 659 11.82 -29.99 45.91
N ASN F 660 13.05 -29.48 45.96
CA ASN F 660 13.93 -29.60 44.80
C ASN F 660 14.52 -31.00 44.69
N LEU F 661 14.89 -31.61 45.80
CA LEU F 661 15.60 -32.88 45.80
C LEU F 661 14.68 -34.09 45.82
N ARG F 662 13.38 -33.92 45.54
CA ARG F 662 12.44 -35.02 45.72
C ARG F 662 12.52 -36.03 44.60
N LYS F 663 13.23 -35.71 43.51
CA LYS F 663 13.35 -36.67 42.41
C LYS F 663 14.73 -37.30 42.38
N SER F 664 15.74 -36.60 42.89
CA SER F 664 17.09 -37.15 42.90
C SER F 664 17.28 -38.05 44.12
N PRO F 665 17.77 -39.28 43.94
CA PRO F 665 17.90 -40.21 45.08
C PRO F 665 19.07 -39.87 46.01
N VAL F 666 18.84 -38.94 46.91
CA VAL F 666 19.82 -38.60 47.94
C VAL F 666 19.71 -39.62 49.07
N ALA F 667 20.76 -39.72 49.86
CA ALA F 667 20.80 -40.69 50.95
C ALA F 667 21.82 -40.27 52.00
N LYS F 668 21.56 -40.68 53.24
CA LYS F 668 22.53 -40.70 54.34
C LYS F 668 23.07 -39.32 54.70
N ASP F 669 22.23 -38.30 54.61
CA ASP F 669 22.65 -36.98 55.06
C ASP F 669 22.70 -36.96 56.58
N VAL F 670 23.62 -36.15 57.10
CA VAL F 670 23.75 -35.90 58.54
C VAL F 670 22.80 -34.80 58.99
N ASP F 671 22.96 -33.60 58.44
CA ASP F 671 22.18 -32.44 58.89
C ASP F 671 21.87 -31.57 57.67
N LEU F 672 20.70 -31.82 57.06
CA LEU F 672 20.16 -30.92 56.04
C LEU F 672 19.74 -29.59 56.64
N GLU F 673 19.36 -29.58 57.92
CA GLU F 673 19.06 -28.34 58.62
C GLU F 673 20.29 -27.46 58.77
N PHE F 674 21.47 -28.05 58.90
CA PHE F 674 22.70 -27.26 58.88
C PHE F 674 22.96 -26.69 57.49
N LEU F 675 22.63 -27.45 56.45
CA LEU F 675 22.78 -26.98 55.08
C LEU F 675 21.89 -25.77 54.82
N ALA F 676 20.67 -25.80 55.35
CA ALA F 676 19.80 -24.63 55.26
C ALA F 676 20.21 -23.53 56.23
N LYS F 677 20.93 -23.87 57.30
CA LYS F 677 21.29 -22.88 58.30
C LYS F 677 22.49 -22.04 57.87
N MET F 678 23.45 -22.65 57.18
CA MET F 678 24.66 -21.92 56.81
C MET F 678 24.40 -20.91 55.70
N THR F 679 23.43 -21.18 54.84
CA THR F 679 23.14 -20.32 53.70
C THR F 679 22.23 -19.18 54.15
N ASN F 680 22.77 -17.96 54.20
CA ASN F 680 22.01 -16.79 54.60
C ASN F 680 22.07 -15.75 53.49
N GLY F 681 20.92 -15.18 53.15
CA GLY F 681 20.84 -14.28 52.02
C GLY F 681 20.80 -14.96 50.67
N PHE F 682 20.17 -16.12 50.58
CA PHE F 682 20.10 -16.92 49.36
C PHE F 682 18.64 -17.05 48.93
N SER F 683 18.37 -16.77 47.66
CA SER F 683 17.02 -16.98 47.14
C SER F 683 16.82 -18.44 46.77
N GLY F 684 15.64 -18.74 46.22
CA GLY F 684 15.33 -20.11 45.86
C GLY F 684 16.12 -20.60 44.65
N ALA F 685 16.47 -19.67 43.75
CA ALA F 685 17.21 -20.05 42.55
C ALA F 685 18.64 -20.46 42.89
N ASP F 686 19.21 -19.89 43.96
CA ASP F 686 20.56 -20.26 44.35
C ASP F 686 20.61 -21.65 44.95
N LEU F 687 19.58 -22.01 45.73
CA LEU F 687 19.51 -23.34 46.31
C LEU F 687 19.25 -24.38 45.22
N THR F 688 18.44 -24.01 44.22
CA THR F 688 18.24 -24.89 43.07
C THR F 688 19.54 -25.06 42.29
N GLU F 689 20.35 -24.01 42.20
CA GLU F 689 21.65 -24.09 41.54
C GLU F 689 22.59 -25.04 42.27
N ILE F 690 22.60 -24.98 43.60
CA ILE F 690 23.41 -25.88 44.42
C ILE F 690 23.01 -27.34 44.21
N CYS F 691 21.70 -27.61 44.18
CA CYS F 691 21.23 -28.98 43.95
C CYS F 691 21.58 -29.48 42.55
N GLN F 692 21.50 -28.60 41.54
CA GLN F 692 21.84 -29.03 40.19
C GLN F 692 23.33 -29.29 40.03
N ARG F 693 24.17 -28.51 40.73
CA ARG F 693 25.61 -28.74 40.63
C ARG F 693 25.99 -30.04 41.34
N ALA F 694 25.33 -30.36 42.45
CA ALA F 694 25.56 -31.64 43.12
C ALA F 694 25.17 -32.81 42.21
N CYS F 695 24.06 -32.67 41.48
CA CYS F 695 23.68 -33.71 40.53
C CYS F 695 24.68 -33.83 39.39
N LYS F 696 25.27 -32.71 38.96
CA LYS F 696 26.32 -32.74 37.94
C LYS F 696 27.52 -33.55 38.40
N LEU F 697 27.99 -33.29 39.62
CA LEU F 697 29.15 -34.01 40.15
C LEU F 697 28.85 -35.49 40.30
N ALA F 698 27.62 -35.83 40.72
CA ALA F 698 27.25 -37.24 40.86
C ALA F 698 27.23 -37.96 39.51
N ILE F 699 26.68 -37.33 38.47
CA ILE F 699 26.63 -37.96 37.16
C ILE F 699 28.02 -38.12 36.57
N ARG F 700 28.90 -37.13 36.80
CA ARG F 700 30.27 -37.22 36.30
C ARG F 700 31.05 -38.35 36.96
N GLU F 701 30.91 -38.50 38.29
CA GLU F 701 31.62 -39.58 38.98
C GLU F 701 31.06 -40.94 38.59
N SER F 702 29.74 -41.04 38.44
CA SER F 702 29.14 -42.32 38.06
C SER F 702 29.38 -42.69 36.60
N ILE F 703 29.81 -41.75 35.76
CA ILE F 703 30.24 -42.13 34.42
C ILE F 703 31.72 -42.49 34.39
N GLU F 704 32.54 -41.76 35.17
CA GLU F 704 33.97 -42.08 35.28
C GLU F 704 34.20 -43.48 35.83
N SER F 705 33.39 -43.89 36.81
CA SER F 705 33.55 -45.22 37.39
C SER F 705 33.22 -46.32 36.38
N GLU F 706 32.17 -46.12 35.57
CA GLU F 706 31.80 -47.11 34.55
C GLU F 706 32.87 -47.21 33.47
N ILE F 707 33.42 -46.07 33.05
CA ILE F 707 34.49 -46.07 32.04
C ILE F 707 35.73 -46.78 32.57
N ARG F 708 36.10 -46.50 33.82
CA ARG F 708 37.30 -47.11 34.39
C ARG F 708 37.13 -48.60 34.61
N ARG F 709 35.96 -49.03 35.07
CA ARG F 709 35.72 -50.46 35.27
C ARG F 709 35.66 -51.21 33.94
N GLU F 710 35.10 -50.60 32.90
CA GLU F 710 35.09 -51.25 31.59
C GLU F 710 36.49 -51.34 31.00
N ARG F 711 37.31 -50.31 31.21
CA ARG F 711 38.67 -50.34 30.70
C ARG F 711 39.52 -51.39 31.42
N GLU F 712 39.41 -51.45 32.75
CA GLU F 712 40.17 -52.45 33.50
C GLU F 712 39.64 -53.87 33.25
N ARG F 713 38.35 -53.98 32.92
CA ARG F 713 37.77 -55.29 32.58
C ARG F 713 38.24 -55.76 31.22
N GLN F 714 38.26 -54.86 30.23
CA GLN F 714 38.65 -55.26 28.89
C GLN F 714 40.16 -55.41 28.76
N THR F 715 40.92 -54.77 29.66
CA THR F 715 42.37 -54.89 29.61
C THR F 715 42.84 -56.31 29.97
N ASN F 716 42.12 -56.99 30.87
CA ASN F 716 42.36 -58.39 31.20
C ASN F 716 41.14 -59.17 30.70
N PRO F 717 41.19 -59.70 29.47
CA PRO F 717 40.02 -60.38 28.91
C PRO F 717 39.71 -61.69 29.63
N SER F 718 38.46 -62.14 29.45
CA SER F 718 37.85 -63.25 30.20
C SER F 718 37.96 -63.01 31.71
N ALA F 719 37.29 -61.95 32.15
CA ALA F 719 37.25 -61.62 33.56
C ALA F 719 36.48 -62.68 34.34
N MET F 720 37.13 -63.25 35.35
CA MET F 720 36.64 -64.45 35.99
C MET F 720 35.52 -64.19 36.99
N GLU F 721 35.42 -62.98 37.56
CA GLU F 721 34.43 -62.67 38.57
C GLU F 721 33.52 -61.57 38.03
N VAL F 722 32.46 -61.98 37.34
CA VAL F 722 31.49 -61.04 36.76
C VAL F 722 30.38 -60.89 37.80
N GLU F 723 30.53 -59.91 38.67
CA GLU F 723 29.58 -59.65 39.75
C GLU F 723 29.15 -58.19 39.63
N GLU F 724 28.01 -57.97 39.00
CA GLU F 724 27.57 -56.62 38.66
C GLU F 724 27.10 -55.87 39.90
N ASP F 725 27.38 -54.57 39.93
CA ASP F 725 27.06 -53.71 41.05
C ASP F 725 27.09 -52.26 40.57
N ASP F 726 26.24 -51.44 41.18
CA ASP F 726 26.25 -50.01 40.88
C ASP F 726 27.24 -49.31 41.79
N PRO F 727 28.24 -48.60 41.25
CA PRO F 727 29.21 -47.94 42.13
C PRO F 727 28.63 -46.80 42.92
N VAL F 728 27.98 -45.84 42.26
CA VAL F 728 27.38 -44.69 42.94
C VAL F 728 25.88 -44.70 42.65
N PRO F 729 25.06 -45.30 43.51
CA PRO F 729 23.61 -45.23 43.28
C PRO F 729 22.99 -43.98 43.86
N GLU F 730 23.58 -43.43 44.93
CA GLU F 730 22.99 -42.29 45.62
C GLU F 730 24.01 -41.16 45.72
N ILE F 731 23.51 -39.97 46.06
CA ILE F 731 24.35 -38.79 46.17
C ILE F 731 24.77 -38.62 47.62
N ARG F 732 26.07 -38.50 47.85
CA ARG F 732 26.61 -38.45 49.21
C ARG F 732 27.03 -37.03 49.56
N ARG F 733 27.55 -36.89 50.78
CA ARG F 733 27.84 -35.57 51.32
C ARG F 733 29.06 -34.94 50.68
N ASP F 734 29.88 -35.73 50.00
CA ASP F 734 31.06 -35.19 49.32
C ASP F 734 30.66 -34.29 48.16
N HIS F 735 29.58 -34.65 47.47
CA HIS F 735 29.10 -33.86 46.35
C HIS F 735 28.57 -32.51 46.79
N PHE F 736 27.80 -32.48 47.88
CA PHE F 736 27.31 -31.21 48.41
C PHE F 736 28.44 -30.38 49.00
N GLU F 737 29.42 -31.05 49.62
CA GLU F 737 30.53 -30.35 50.23
C GLU F 737 31.47 -29.77 49.17
N GLU F 738 31.46 -30.37 47.97
CA GLU F 738 32.21 -29.79 46.86
C GLU F 738 31.42 -28.69 46.17
N ALA F 739 30.11 -28.88 46.01
CA ALA F 739 29.30 -27.95 45.25
C ALA F 739 29.01 -26.66 46.02
N MET F 740 29.12 -26.70 47.35
CA MET F 740 28.91 -25.48 48.14
C MET F 740 30.04 -24.48 47.94
N ARG F 741 31.19 -24.94 47.46
CA ARG F 741 32.30 -24.05 47.20
C ARG F 741 32.01 -23.12 46.03
N PHE F 742 31.14 -23.53 45.11
CA PHE F 742 30.75 -22.69 43.99
C PHE F 742 29.50 -21.86 44.23
N ALA F 743 28.99 -21.81 45.47
CA ALA F 743 27.78 -21.06 45.73
C ALA F 743 28.04 -19.56 45.75
N ARG F 744 27.02 -18.78 45.42
CA ARG F 744 27.12 -17.33 45.38
C ARG F 744 25.78 -16.70 45.75
N ARG F 745 25.85 -15.47 46.23
CA ARG F 745 24.65 -14.68 46.52
C ARG F 745 24.28 -13.89 45.28
N SER F 746 23.00 -13.94 44.90
CA SER F 746 22.56 -13.23 43.72
C SER F 746 22.14 -11.81 44.04
N VAL F 747 21.64 -11.58 45.26
CA VAL F 747 21.06 -10.31 45.65
C VAL F 747 22.00 -9.62 46.63
N SER F 748 22.43 -8.41 46.29
CA SER F 748 23.28 -7.64 47.20
C SER F 748 22.44 -7.03 48.32
N ASP F 749 23.13 -6.42 49.28
CA ASP F 749 22.43 -5.88 50.44
C ASP F 749 21.84 -4.50 50.15
N ASN F 750 22.33 -3.83 49.10
CA ASN F 750 21.74 -2.56 48.72
C ASN F 750 20.35 -2.75 48.12
N ASP F 751 20.15 -3.85 47.39
CA ASP F 751 18.85 -4.15 46.83
C ASP F 751 17.85 -4.51 47.92
N ILE F 752 18.30 -5.28 48.92
CA ILE F 752 17.46 -5.63 50.05
C ILE F 752 17.10 -4.37 50.84
N ARG F 753 18.07 -3.45 50.96
CA ARG F 753 17.82 -2.17 51.61
C ARG F 753 16.78 -1.34 50.86
N LYS F 754 16.82 -1.40 49.52
CA LYS F 754 15.84 -0.66 48.72
C LYS F 754 14.44 -1.25 48.84
N TYR F 755 14.33 -2.58 48.85
CA TYR F 755 13.00 -3.19 49.02
C TYR F 755 12.46 -2.94 50.43
N GLU F 756 13.33 -2.94 51.44
CA GLU F 756 12.88 -2.64 52.79
C GLU F 756 12.44 -1.19 52.92
N MET F 757 13.12 -0.27 52.23
CA MET F 757 12.72 1.13 52.31
C MET F 757 11.42 1.38 51.55
N PHE F 758 11.20 0.68 50.44
CA PHE F 758 9.92 0.80 49.76
C PHE F 758 8.79 0.22 50.61
N ALA F 759 9.08 -0.86 51.35
CA ALA F 759 8.06 -1.46 52.21
C ALA F 759 7.76 -0.59 53.42
N GLN F 760 8.76 0.11 53.94
CA GLN F 760 8.53 1.02 55.06
C GLN F 760 7.77 2.26 54.63
N THR F 761 8.21 2.91 53.56
CA THR F 761 7.57 4.15 53.14
C THR F 761 6.24 3.90 52.44
N LEU F 762 5.95 2.64 52.09
CA LEU F 762 4.63 2.32 51.59
C LEU F 762 3.60 2.33 52.70
N GLN F 763 3.99 1.88 53.89
CA GLN F 763 3.07 1.70 55.01
C GLN F 763 3.05 2.94 55.89
N GLN F 764 1.84 3.48 56.11
CA GLN F 764 1.62 4.55 57.07
C GLN F 764 0.43 4.15 57.94
N SER F 765 0.47 4.55 59.21
CA SER F 765 -0.47 4.08 60.22
C SER F 765 -0.86 5.20 61.16
N ARG F 766 -2.10 5.14 61.66
CA ARG F 766 -2.50 6.04 62.74
C ARG F 766 -2.22 5.42 64.10
N GLY F 767 -2.57 4.15 64.27
CA GLY F 767 -2.31 3.42 65.51
C GLY F 767 -3.06 3.92 66.72
N PHE F 768 -4.13 4.69 66.53
CA PHE F 768 -4.87 5.31 67.62
C PHE F 768 -6.20 4.60 67.78
N GLY F 769 -6.50 4.16 68.99
CA GLY F 769 -7.77 3.54 69.32
C GLY F 769 -8.86 4.59 69.37
N SER F 770 -9.82 4.46 68.46
CA SER F 770 -10.96 5.38 68.43
C SER F 770 -11.85 5.19 69.66
N PHE F 771 -11.90 3.97 70.18
CA PHE F 771 -12.69 3.69 71.36
C PHE F 771 -11.87 2.95 72.41
PG AGS G . -29.88 -7.68 12.89
S1G AGS G . -29.06 -9.44 12.76
O2G AGS G . -30.95 -7.51 11.76
O3G AGS G . -28.78 -6.60 12.70
PB AGS G . -31.93 -6.73 14.37
O1B AGS G . -31.70 -5.29 14.50
O2B AGS G . -32.75 -7.10 13.13
O3B AGS G . -30.56 -7.51 14.27
PA AGS G . -33.95 -8.29 15.34
O1A AGS G . -33.45 -9.50 14.67
O2A AGS G . -35.03 -7.53 14.58
O3A AGS G . -32.78 -7.27 15.60
O5' AGS G . -34.45 -8.72 16.76
C5' AGS G . -33.95 -9.92 17.36
C4' AGS G . -35.00 -10.46 18.31
O4' AGS G . -34.67 -10.06 19.67
C3' AGS G . -36.41 -9.95 18.07
O3' AGS G . -37.10 -10.77 17.15
C2' AGS G . -37.02 -10.05 19.48
O2' AGS G . -37.43 -11.38 19.77
C1' AGS G . -35.83 -9.64 20.34
N9 AGS G . -35.73 -8.22 20.59
C8 AGS G . -34.73 -7.39 20.18
N7 AGS G . -34.89 -6.14 20.54
C5 AGS G . -36.09 -6.14 21.23
C6 AGS G . -36.82 -5.13 21.87
N6 AGS G . -36.43 -3.85 21.91
N1 AGS G . -37.99 -5.47 22.46
C2 AGS G . -38.36 -6.75 22.42
N3 AGS G . -37.77 -7.80 21.85
C4 AGS G . -36.62 -7.42 21.27
MG MG H . -32.91 -7.34 10.95
PB ADP I . -11.34 12.26 41.39
O1B ADP I . -10.12 12.30 42.27
O2B ADP I . -12.07 13.58 41.37
O3B ADP I . -11.06 11.73 40.01
PA ADP I . -13.85 10.74 41.74
O1A ADP I . -14.79 11.81 42.15
O2A ADP I . -13.88 10.27 40.32
O3A ADP I . -12.35 11.21 42.07
O5' ADP I . -14.00 9.48 42.71
C5' ADP I . -14.00 9.71 44.15
C4' ADP I . -14.19 8.40 44.86
O4' ADP I . -14.32 8.66 46.28
C3' ADP I . -15.51 7.67 44.56
O3' ADP I . -15.47 6.37 45.14
C2' ADP I . -16.49 8.56 45.33
O2' ADP I . -17.72 7.95 45.67
C1' ADP I . -15.67 9.01 46.54
N9 ADP I . -15.73 10.44 46.80
C8 ADP I . -14.81 11.38 46.42
N7 ADP I . -15.11 12.60 46.78
C5 ADP I . -16.33 12.46 47.44
C6 ADP I . -17.18 13.39 48.05
N6 ADP I . -16.93 14.70 48.11
N1 ADP I . -18.31 12.92 48.63
C2 ADP I . -18.56 11.61 48.57
N3 ADP I . -17.83 10.64 48.01
C4 ADP I . -16.72 11.13 47.46
PG AGS J . -27.92 17.57 -5.46
S1G AGS J . -28.62 16.04 -4.46
O2G AGS J . -28.29 17.42 -6.96
O3G AGS J . -26.38 17.59 -5.32
PB AGS J . -28.90 20.06 -5.89
O1B AGS J . -27.72 20.89 -6.15
O2B AGS J . -29.46 19.39 -7.15
O3B AGS J . -28.52 18.89 -4.90
PA AGS J . -31.54 20.67 -5.83
O1A AGS J . -31.97 19.28 -5.61
O2A AGS J . -31.57 21.14 -7.29
O3A AGS J . -30.08 20.91 -5.31
O5' AGS J . -32.46 21.57 -4.93
C5' AGS J . -33.12 21.01 -3.79
C4' AGS J . -34.38 21.79 -3.52
O4' AGS J . -34.14 22.75 -2.47
C3' AGS J . -34.91 22.59 -4.70
O3' AGS J . -35.79 21.82 -5.50
C2' AGS J . -35.66 23.73 -4.00
O2' AGS J . -36.94 23.31 -3.56
C1' AGS J . -34.75 23.99 -2.80
N9 AGS J . -33.70 24.97 -3.05
C8 AGS J . -32.36 24.74 -3.05
N7 AGS J . -31.63 25.80 -3.31
C5 AGS J . -32.57 26.79 -3.50
C6 AGS J . -32.44 28.15 -3.82
N6 AGS J . -31.28 28.78 -4.00
N1 AGS J . -33.58 28.88 -3.95
C2 AGS J . -34.76 28.26 -3.76
N3 AGS J . -35.00 26.98 -3.47
C4 AGS J . -33.85 26.29 -3.35
MG MG K . -29.32 17.91 -8.77
PB ADP L . -6.88 39.25 19.16
O1B ADP L . -6.19 38.65 20.35
O2B ADP L . -6.20 40.49 18.65
O3B ADP L . -7.15 38.24 18.07
PA ADP L . -9.60 40.39 18.93
O1A ADP L . -9.25 41.78 18.51
O2A ADP L . -10.10 39.42 17.90
O3A ADP L . -8.34 39.74 19.68
O5' ADP L . -10.66 40.45 20.15
C5' ADP L . -12.01 40.87 19.84
C4' ADP L . -12.87 40.75 21.08
O4' ADP L . -12.43 41.73 22.06
C3' ADP L . -14.34 41.13 20.89
O3' ADP L . -15.08 40.78 22.06
C2' ADP L . -14.21 42.65 20.79
O2' ADP L . -15.40 43.37 21.02
C1' ADP L . -13.11 42.94 21.81
N9 ADP L . -12.13 43.94 21.38
C8 ADP L . -10.82 43.73 21.07
N7 ADP L . -10.19 44.82 20.71
C5 ADP L . -11.15 45.81 20.78
C6 ADP L . -11.10 47.20 20.52
N6 ADP L . -10.01 47.83 20.11
N1 ADP L . -12.25 47.90 20.67
C2 ADP L . -13.35 47.25 21.08
N3 ADP L . -13.50 45.96 21.36
C4 ADP L . -12.36 45.28 21.18
PG AGS M . -4.86 19.90 -26.43
S1G AGS M . -6.61 19.96 -25.59
O2G AGS M . -4.92 19.00 -27.70
O3G AGS M . -3.84 19.29 -25.43
PB AGS M . -3.63 21.56 -28.18
O1B AGS M . -2.19 21.35 -27.97
O2B AGS M . -4.24 20.60 -29.20
O3B AGS M . -4.41 21.33 -26.83
PA AGS M . -4.95 23.19 -29.90
O1A AGS M . -6.28 22.69 -29.51
O2A AGS M . -4.35 22.52 -31.14
O3A AGS M . -3.90 23.00 -28.74
O5' AGS M . -5.09 24.75 -30.10
C5' AGS M . -6.15 25.45 -29.45
C4' AGS M . -6.49 26.68 -30.26
O4' AGS M . -5.83 27.83 -29.68
C3' AGS M . -6.03 26.64 -31.71
O3' AGS M . -7.02 26.05 -32.54
C2' AGS M . -5.85 28.12 -32.03
O2' AGS M . -7.09 28.74 -32.32
C1' AGS M . -5.29 28.65 -30.70
N9 AGS M . -3.84 28.58 -30.61
C8 AGS M . -3.11 27.82 -29.74
N7 AGS M . -1.81 27.95 -29.87
C5 AGS M . -1.68 28.86 -30.90
C6 AGS M . -0.55 29.42 -31.53
N6 AGS M . 0.71 29.14 -31.19
N1 AGS M . -0.76 30.29 -32.54
C2 AGS M . -2.02 30.58 -32.88
N3 AGS M . -3.17 30.12 -32.36
C4 AGS M . -2.92 29.25 -31.38
MG MG N . -4.90 18.59 -29.79
PB ADP O . 20.00 39.74 -3.45
O1B ADP O . 20.24 40.29 -2.07
O2B ADP O . 21.27 39.31 -4.13
O3B ADP O . 18.93 38.68 -3.47
PA ADP O . 18.97 41.11 -5.85
O1A ADP O . 20.20 41.11 -6.70
O2A ADP O . 17.92 40.10 -6.13
O3A ADP O . 19.41 40.97 -4.31
O5' ADP O . 18.32 42.57 -5.85
C5' ADP O . 17.29 42.88 -4.88
C4' ADP O . 16.76 44.27 -5.11
O4' ADP O . 17.87 45.20 -4.96
C3' ADP O . 16.24 44.53 -6.53
O3' ADP O . 15.45 45.71 -6.54
C2' ADP O . 17.57 44.80 -7.25
O2' ADP O . 17.42 45.40 -8.52
C1' ADP O . 18.22 45.72 -6.23
N9 ADP O . 19.67 45.77 -6.33
C8 ADP O . 20.57 45.06 -5.57
N7 ADP O . 21.82 45.30 -5.87
C5 ADP O . 21.74 46.24 -6.90
C6 ADP O . 22.74 46.89 -7.64
N6 ADP O . 24.05 46.71 -7.48
N1 ADP O . 22.33 47.77 -8.60
C2 ADP O . 21.02 47.96 -8.76
N3 ADP O . 19.99 47.40 -8.11
C4 ADP O . 20.43 46.54 -7.18
PG AGS P . 16.24 -3.01 -29.07
S1G AGS P . 14.95 -1.63 -29.50
O2G AGS P . 15.80 -4.36 -29.73
O3G AGS P . 16.28 -3.20 -27.53
PB AGS P . 18.60 -3.73 -30.20
O1B AGS P . 19.37 -4.38 -29.13
O2B AGS P . 17.70 -4.69 -30.98
O3B AGS P . 17.65 -2.62 -29.59
PA AGS P . 19.23 -3.25 -32.81
O1A AGS P . 17.91 -2.69 -33.12
O2A AGS P . 19.39 -4.73 -33.14
O3A AGS P . 19.57 -3.09 -31.28
O5' AGS P . 20.29 -2.39 -33.56
C5' AGS P . 19.97 -1.05 -33.95
C4' AGS P . 20.79 -0.68 -35.16
O4' AGS P . 21.95 0.09 -34.76
C3' AGS P . 21.35 -1.86 -35.95
O3' AGS P . 20.43 -2.30 -36.93
C2' AGS P . 22.60 -1.26 -36.59
O2' AGS P . 22.28 -0.50 -37.74
C1' AGS P . 23.09 -0.35 -35.46
N9 AGS P . 23.99 -0.99 -34.52
C8 AGS P . 23.76 -1.22 -33.19
N7 AGS P . 24.75 -1.82 -32.57
C5 AGS P . 25.69 -2.01 -33.56
C6 AGS P . 26.97 -2.60 -33.56
N6 AGS P . 27.53 -3.13 -32.47
N1 AGS P . 27.65 -2.64 -34.73
C2 AGS P . 27.08 -2.10 -35.81
N3 AGS P . 25.89 -1.52 -35.95
C4 AGS P . 25.24 -1.51 -34.77
MG MG Q . 15.93 -5.98 -31.10
PB ADP R . 42.71 12.35 -4.20
O1B ADP R . 43.00 13.51 -3.29
O2B ADP R . 43.61 11.15 -3.96
O3B ADP R . 41.25 11.98 -4.21
PA ADP R . 43.03 12.14 -7.13
O1A ADP R . 44.24 11.27 -7.23
O2A ADP R . 41.69 11.53 -7.34
O3A ADP R . 43.04 12.86 -5.69
O5' ADP R . 43.20 13.40 -8.10
C5' ADP R . 44.44 14.15 -8.07
C4' ADP R . 44.39 15.27 -9.07
O4' ADP R . 45.68 15.90 -9.12
C3' ADP R . 44.22 14.82 -10.53
O3' ADP R . 43.99 15.96 -11.35
C2' ADP R . 45.61 14.26 -10.81
O2' ADP R . 45.98 14.18 -12.18
C1' ADP R . 46.52 15.17 -9.98
N9 ADP R . 47.49 14.44 -9.16
C8 ADP R . 47.37 14.13 -7.83
N7 ADP R . 48.39 13.48 -7.35
C5 ADP R . 49.25 13.34 -8.44
C6 ADP R . 50.51 12.73 -8.58
N6 ADP R . 51.15 12.12 -7.59
N1 ADP R . 51.09 12.77 -9.81
C2 ADP R . 50.44 13.38 -10.80
N3 ADP R . 49.26 13.99 -10.78
C4 ADP R . 48.70 13.93 -9.57
PG AGS S . 14.28 -28.26 -10.73
S1G AGS S . 14.51 -27.11 -12.29
O2G AGS S . 13.15 -29.30 -11.01
O3G AGS S . 13.88 -27.39 -9.51
PB AGS S . 15.56 -30.52 -9.93
O1B AGS S . 15.39 -30.56 -8.47
O2B AGS S . 14.42 -31.19 -10.70
O3B AGS S . 15.61 -29.02 -10.43
PA AGS S . 16.82 -32.22 -11.64
O1A AGS S . 16.42 -31.48 -12.84
O2A AGS S . 15.93 -33.40 -11.27
O3A AGS S . 16.87 -31.28 -10.37
O5' AGS S . 18.31 -32.67 -11.86
C5' AGS S . 19.14 -31.98 -12.80
C4' AGS S . 20.18 -32.93 -13.33
O4' AGS S . 21.42 -32.73 -12.62
C3' AGS S . 19.85 -34.41 -13.18
O3' AGS S . 19.11 -34.89 -14.29
C2' AGS S . 21.24 -35.04 -13.11
O2' AGS S . 21.80 -35.18 -14.41
C1' AGS S . 22.01 -33.98 -12.32
N9 AGS S . 21.96 -34.17 -10.88
C8 AGS S . 21.39 -33.34 -9.96
N7 AGS S . 21.49 -33.75 -8.72
C5 AGS S . 22.17 -34.95 -8.83
C6 AGS S . 22.59 -35.88 -7.87
N6 AGS S . 22.38 -35.76 -6.56
N1 AGS S . 23.25 -36.98 -8.31
C2 AGS S . 23.48 -37.11 -9.63
N3 AGS S . 23.12 -36.30 -10.62
C4 AGS S . 22.47 -35.22 -10.16
MG MG T . 12.33 -31.23 -11.39
PB ADP U . 37.79 -15.16 17.53
O1B ADP U . 38.33 -13.78 17.73
O2B ADP U . 37.78 -15.99 18.78
O3B ADP U . 36.45 -15.16 16.83
PA ADP U . 38.81 -17.34 15.82
O1A ADP U . 39.10 -18.37 16.85
O2A ADP U . 37.54 -17.48 15.03
O3A ADP U . 38.80 -15.90 16.51
O5' ADP U . 40.04 -17.20 14.81
C5' ADP U . 41.38 -17.21 15.37
C4' ADP U . 42.39 -17.15 14.25
O4' ADP U . 43.70 -17.40 14.79
C3' ADP U . 42.27 -18.27 13.20
O3' ADP U . 43.15 -17.98 12.11
C2' ADP U . 42.82 -19.44 14.02
O2' ADP U . 43.29 -20.53 13.25
C1' ADP U . 43.89 -18.79 14.88
N9 ADP U . 43.83 -19.18 16.29
C8 ADP U . 43.24 -18.46 17.31
N7 ADP U . 43.33 -19.05 18.47
C5 ADP U . 44.02 -20.23 18.21
C6 ADP U . 44.44 -21.28 19.04
N6 ADP U . 44.20 -21.32 20.35
N1 ADP U . 45.10 -22.31 18.46
C2 ADP U . 45.33 -22.26 17.15
N3 ADP U . 44.99 -21.32 16.27
C4 ADP U . 44.33 -20.32 16.87
PG AGS V . -8.78 -30.59 10.24
S1G AGS V . -7.50 -31.02 8.85
O2G AGS V . -10.22 -30.88 9.73
O3G AGS V . -8.66 -29.09 10.60
PB AGS V . -9.71 -32.02 12.35
O1B AGS V . -10.14 -31.02 13.34
O2B AGS V . -10.80 -32.40 11.36
O3B AGS V . -8.51 -31.45 11.51
PA AGS V . -9.76 -34.74 12.44
O1A AGS V . -9.26 -34.89 11.06
O2A AGS V . -11.28 -34.79 12.58
O3A AGS V . -9.31 -33.36 13.07
O5' AGS V . -9.06 -35.84 13.29
C5' AGS V . -7.83 -36.42 12.86
C4' AGS V . -7.72 -37.82 13.41
O4' AGS V . -6.88 -37.81 14.59
C3' AGS V . -9.03 -38.45 13.84
O3' AGS V . -9.65 -39.13 12.76
C2' AGS V . -8.57 -39.43 14.92
O2' AGS V . -8.06 -40.62 14.35
C1' AGS V . -7.45 -38.64 15.59
N9 AGS V . -7.90 -37.79 16.68
C8 AGS V . -7.86 -36.42 16.72
N7 AGS V . -8.33 -35.90 17.83
C5 AGS V . -8.71 -37.02 18.57
C6 AGS V . -9.30 -37.15 19.84
N6 AGS V . -9.61 -36.12 20.63
N1 AGS V . -9.57 -38.40 20.28
C2 AGS V . -9.26 -39.43 19.49
N3 AGS V . -8.71 -39.43 18.27
C4 AGS V . -8.47 -38.18 17.87
MG MG W . -12.09 -31.91 9.64
PB ADP X . 11.09 -15.13 40.39
O1B ADP X . 12.44 -14.51 40.61
O2B ADP X . 10.11 -14.79 41.48
O3B ADP X . 10.54 -14.85 39.01
PA ADP X . 10.30 -17.97 40.32
O1A ADP X . 9.46 -18.04 41.56
O2A ADP X . 9.61 -17.88 39.00
O3A ADP X . 11.30 -16.72 40.45
O5' ADP X . 11.33 -19.19 40.30
C5' ADP X . 12.06 -19.50 41.51
C4' ADP X . 12.94 -20.71 41.26
O4' ADP X . 13.56 -21.09 42.52
C3' ADP X . 12.20 -21.99 40.89
O3' ADP X . 13.13 -22.99 40.50
C2' ADP X . 11.58 -22.35 42.24
O2' ADP X . 11.21 -23.71 42.39
C1' ADP X . 12.64 -21.89 43.24
N9 ADP X . 12.11 -21.09 44.33
C8 ADP X . 12.09 -19.73 44.43
N7 ADP X . 11.54 -19.29 45.53
C5 ADP X . 11.16 -20.44 46.21
C6 ADP X . 10.52 -20.63 47.45
N6 ADP X . 10.14 -19.65 48.25
N1 ADP X . 10.28 -21.91 47.83
C2 ADP X . 10.67 -22.90 47.02
N3 ADP X . 11.28 -22.84 45.83
C4 ADP X . 11.49 -21.56 45.48
#